data_9FF7
#
_entry.id   9FF7
#
_cell.length_a   1.00
_cell.length_b   1.00
_cell.length_c   1.00
_cell.angle_alpha   90.00
_cell.angle_beta   90.00
_cell.angle_gamma   90.00
#
_symmetry.space_group_name_H-M   'P 1'
#
loop_
_entity.id
_entity.type
_entity.pdbx_description
1 polymer 'Transcription termination factor Rho'
2 non-polymer "1,1'-ethane-1,2-diylbis(1H-pyrrole-2,5-dione)"
3 non-polymer 'MAGNESIUM ION'
#
_entity_poly.entity_id   1
_entity_poly.type   'polypeptide(L)'
_entity_poly.pdbx_seq_one_letter_code
;MNLTELKNTPVSELITLGENMGLENLARMRKQDIIFAILKQHAKSGEDIFGDGVLEILQDGFGFLRSADSSYLAGPDDIY
VSPCQIRRFNLRTGDTISGKIRPPKEGERYFALLKVNEVNFDKPENARNKILFENLTPLHANSRLRMERGNGSTEDLTAR
VLDLASPIGRGQRGLIVAPPKAGKTMLLQNIAQSIAYNHPDCVLMVLLIDERPEEVTEMQRLVKGEVVASTFDEPASRHV
QVAEMVIEKAKRLVEHKKDVIILLDSITRLARAYNTVVPASGKVLTGGVDANALHRPKRFFGAARNVEEGGSLTIIATAL
IDTGSKMDEVIYEEFKGTGNMELHLSRKIAEKRVFPAIDYNRSGTRKEELLTTQEELQKMWILRKIIHPMGEIDAMEFLI
NKLACTKTNDDFFEMMKR
;
_entity_poly.pdbx_strand_id   A,B,C,D,E,F,G,H,I,J,K,L
#
loop_
_chem_comp.id
_chem_comp.type
_chem_comp.name
_chem_comp.formula
ME7 non-polymer 1,1'-ethane-1,2-diylbis(1H-pyrrole-2,5-dione) 'C10 H8 N2 O4'
MG non-polymer 'MAGNESIUM ION' 'Mg 2'
#
# COMPACT_ATOMS: atom_id res chain seq x y z
N MET A 1 34.69 -6.61 50.57
CA MET A 1 35.33 -5.34 50.28
C MET A 1 35.04 -4.88 48.85
N ASN A 2 34.85 -5.86 47.96
CA ASN A 2 34.57 -5.61 46.56
C ASN A 2 33.15 -6.07 46.24
N LEU A 3 32.43 -5.25 45.46
CA LEU A 3 31.05 -5.59 45.11
C LEU A 3 30.99 -6.88 44.30
N THR A 4 31.89 -7.04 43.34
CA THR A 4 31.92 -8.28 42.56
C THR A 4 32.34 -9.47 43.42
N GLU A 5 33.21 -9.23 44.41
CA GLU A 5 33.59 -10.31 45.32
C GLU A 5 32.40 -10.82 46.13
N LEU A 6 31.53 -9.91 46.59
CA LEU A 6 30.35 -10.32 47.32
C LEU A 6 29.37 -11.10 46.47
N LYS A 7 29.39 -10.90 45.14
CA LYS A 7 28.49 -11.64 44.26
C LYS A 7 28.80 -13.14 44.26
N ASN A 8 30.08 -13.49 44.24
CA ASN A 8 30.50 -14.88 44.27
C ASN A 8 30.66 -15.43 45.69
N THR A 9 30.55 -14.58 46.69
CA THR A 9 30.66 -15.04 48.07
C THR A 9 29.48 -15.95 48.41
N PRO A 10 29.70 -17.11 49.01
CA PRO A 10 28.59 -17.98 49.37
C PRO A 10 27.63 -17.29 50.34
N VAL A 11 26.35 -17.61 50.18
CA VAL A 11 25.31 -16.96 50.97
C VAL A 11 25.47 -17.25 52.46
N SER A 12 26.07 -18.38 52.82
CA SER A 12 26.30 -18.69 54.23
C SER A 12 27.23 -17.68 54.87
N GLU A 13 28.31 -17.30 54.18
CA GLU A 13 29.22 -16.29 54.70
C GLU A 13 28.66 -14.88 54.56
N LEU A 14 27.75 -14.65 53.62
CA LEU A 14 27.18 -13.32 53.43
C LEU A 14 26.41 -12.87 54.66
N ILE A 15 25.62 -13.77 55.25
CA ILE A 15 24.85 -13.42 56.44
C ILE A 15 25.78 -13.11 57.60
N THR A 16 26.82 -13.93 57.79
CA THR A 16 27.76 -13.71 58.89
C THR A 16 28.48 -12.39 58.75
N LEU A 17 28.93 -12.04 57.54
CA LEU A 17 29.57 -10.76 57.32
C LEU A 17 28.61 -9.61 57.58
N GLY A 18 27.37 -9.72 57.10
CA GLY A 18 26.39 -8.68 57.35
C GLY A 18 26.01 -8.55 58.81
N GLU A 19 25.83 -9.69 59.49
CA GLU A 19 25.47 -9.66 60.90
C GLU A 19 26.58 -9.10 61.77
N ASN A 20 27.84 -9.19 61.33
CA ASN A 20 28.94 -8.60 62.10
C ASN A 20 28.80 -7.08 62.18
N MET A 21 28.39 -6.44 61.08
CA MET A 21 28.14 -5.00 61.12
C MET A 21 26.95 -4.68 62.01
N GLY A 22 25.93 -5.54 62.01
CA GLY A 22 24.74 -5.28 62.80
C GLY A 22 23.45 -5.38 61.99
N LEU A 23 23.51 -6.05 60.85
CA LEU A 23 22.32 -6.25 60.04
C LEU A 23 21.36 -7.21 60.74
N GLU A 24 20.18 -7.38 60.14
CA GLU A 24 19.12 -8.18 60.73
C GLU A 24 18.34 -8.92 59.65
N ASN A 25 17.74 -10.03 60.06
CA ASN A 25 16.91 -10.91 59.22
C ASN A 25 17.49 -11.10 57.81
N LEU A 26 18.80 -11.32 57.73
CA LEU A 26 19.43 -11.55 56.43
C LEU A 26 19.05 -12.90 55.84
N ALA A 27 18.74 -13.90 56.67
CA ALA A 27 18.40 -15.22 56.17
C ALA A 27 17.12 -15.20 55.34
N ARG A 28 16.13 -14.41 55.77
CA ARG A 28 14.87 -14.34 55.03
C ARG A 28 15.01 -13.57 53.72
N MET A 29 15.90 -12.57 53.68
CA MET A 29 16.03 -11.74 52.50
C MET A 29 16.77 -12.49 51.38
N ARG A 30 16.64 -11.96 50.17
CA ARG A 30 17.29 -12.55 49.02
C ARG A 30 18.79 -12.25 49.03
N LYS A 31 19.54 -13.01 48.23
CA LYS A 31 20.98 -12.82 48.16
C LYS A 31 21.34 -11.43 47.64
N GLN A 32 20.60 -10.94 46.64
CA GLN A 32 20.83 -9.59 46.14
C GLN A 32 20.55 -8.55 47.22
N ASP A 33 19.50 -8.76 48.01
CA ASP A 33 19.21 -7.86 49.13
C ASP A 33 20.34 -7.86 50.15
N ILE A 34 20.89 -9.04 50.46
CA ILE A 34 22.03 -9.11 51.37
C ILE A 34 23.21 -8.33 50.81
N ILE A 35 23.49 -8.51 49.51
CA ILE A 35 24.57 -7.75 48.87
C ILE A 35 24.26 -6.26 48.91
N PHE A 36 23.03 -5.89 48.59
CA PHE A 36 22.64 -4.48 48.65
C PHE A 36 22.69 -3.93 50.07
N ALA A 37 22.31 -4.75 51.06
CA ALA A 37 22.35 -4.30 52.45
C ALA A 37 23.77 -3.97 52.89
N ILE A 38 24.75 -4.80 52.49
CA ILE A 38 26.14 -4.49 52.81
C ILE A 38 26.58 -3.20 52.12
N LEU A 39 26.11 -2.97 50.89
CA LEU A 39 26.36 -1.68 50.25
C LEU A 39 25.70 -0.55 51.03
N LYS A 40 24.49 -0.76 51.53
CA LYS A 40 23.83 0.25 52.34
C LYS A 40 24.56 0.48 53.66
N GLN A 41 25.07 -0.59 54.28
CA GLN A 41 25.73 -0.47 55.57
C GLN A 41 27.06 0.28 55.49
N HIS A 42 27.67 0.37 54.30
CA HIS A 42 28.89 1.14 54.11
C HIS A 42 28.64 2.51 53.50
N ALA A 43 27.52 2.70 52.81
CA ALA A 43 27.21 4.01 52.26
C ALA A 43 26.94 5.03 53.37
N LYS A 44 26.19 4.63 54.40
CA LYS A 44 25.91 5.54 55.50
C LYS A 44 27.15 5.81 56.35
N SER A 45 27.98 4.80 56.58
CA SER A 45 29.18 4.95 57.38
C SER A 45 30.35 5.53 56.60
N GLY A 46 30.21 5.73 55.29
CA GLY A 46 31.27 6.29 54.49
C GLY A 46 32.38 5.33 54.12
N GLU A 47 32.22 4.04 54.40
CA GLU A 47 33.24 3.07 54.07
C GLU A 47 33.24 2.81 52.56
N ASP A 48 34.43 2.87 51.95
CA ASP A 48 34.54 2.66 50.51
C ASP A 48 34.31 1.18 50.17
N ILE A 49 33.69 0.96 49.01
CA ILE A 49 33.41 -0.37 48.51
C ILE A 49 33.99 -0.50 47.12
N PHE A 50 34.69 -1.60 46.87
CA PHE A 50 35.33 -1.84 45.59
C PHE A 50 34.37 -2.53 44.62
N GLY A 51 34.78 -2.56 43.36
CA GLY A 51 33.97 -3.20 42.33
C GLY A 51 34.54 -2.92 40.97
N ASP A 52 34.04 -3.66 39.99
CA ASP A 52 34.50 -3.52 38.61
C ASP A 52 33.42 -4.03 37.67
N GLY A 53 33.59 -3.70 36.40
CA GLY A 53 32.64 -4.12 35.38
C GLY A 53 33.13 -3.73 34.01
N VAL A 54 32.36 -4.16 33.00
CA VAL A 54 32.68 -3.89 31.60
C VAL A 54 31.77 -2.77 31.11
N LEU A 55 32.38 -1.75 30.50
CA LEU A 55 31.62 -0.58 30.08
C LEU A 55 30.62 -0.94 29.00
N GLU A 56 29.41 -0.39 29.12
CA GLU A 56 28.34 -0.58 28.15
C GLU A 56 27.73 0.80 27.90
N ILE A 57 28.26 1.48 26.88
CA ILE A 57 27.87 2.87 26.65
C ILE A 57 26.48 2.94 26.02
N LEU A 58 25.82 4.08 26.24
CA LEU A 58 24.52 4.35 25.64
C LEU A 58 24.57 5.63 24.80
N GLN A 59 23.41 6.08 24.33
CA GLN A 59 23.35 7.19 23.39
C GLN A 59 23.43 8.55 24.04
N ASP A 60 23.40 8.64 25.37
CA ASP A 60 23.39 9.92 26.06
C ASP A 60 24.65 10.15 26.89
N GLY A 61 25.72 9.38 26.64
CA GLY A 61 26.96 9.52 27.39
C GLY A 61 27.01 8.74 28.68
N PHE A 62 25.85 8.30 29.19
CA PHE A 62 25.82 7.45 30.36
C PHE A 62 25.99 5.98 29.97
N GLY A 63 26.47 5.20 30.93
CA GLY A 63 26.73 3.79 30.68
C GLY A 63 26.55 2.96 31.92
N PHE A 64 26.74 1.66 31.77
CA PHE A 64 26.65 0.72 32.88
C PHE A 64 27.80 -0.27 32.80
N LEU A 65 28.18 -0.80 33.96
CA LEU A 65 29.25 -1.79 34.06
C LEU A 65 28.61 -3.17 34.14
N ARG A 66 28.38 -3.77 32.97
CA ARG A 66 27.79 -5.09 32.93
C ARG A 66 28.76 -6.13 33.48
N SER A 67 28.20 -7.22 34.00
CA SER A 67 28.98 -8.29 34.59
C SER A 67 29.09 -9.46 33.62
N ALA A 68 30.28 -10.05 33.55
CA ALA A 68 30.50 -11.20 32.68
C ALA A 68 29.63 -12.39 33.09
N ASP A 69 29.51 -12.65 34.40
CA ASP A 69 28.66 -13.72 34.87
C ASP A 69 27.19 -13.47 34.60
N SER A 70 26.80 -12.22 34.35
CA SER A 70 25.42 -11.87 34.05
C SER A 70 25.12 -11.87 32.56
N SER A 71 26.07 -12.29 31.73
CA SER A 71 25.91 -12.29 30.27
C SER A 71 25.61 -10.89 29.74
N TYR A 72 26.20 -9.88 30.39
CA TYR A 72 26.04 -8.48 30.00
C TYR A 72 24.57 -8.07 29.97
N LEU A 73 23.80 -8.58 30.92
CA LEU A 73 22.38 -8.27 31.01
C LEU A 73 22.17 -7.07 31.92
N ALA A 74 21.28 -6.17 31.50
CA ALA A 74 20.99 -4.98 32.29
C ALA A 74 20.29 -5.37 33.59
N GLY A 75 20.71 -4.74 34.69
CA GLY A 75 20.15 -5.00 35.99
C GLY A 75 20.53 -3.96 37.02
N PRO A 76 19.90 -4.02 38.20
CA PRO A 76 20.22 -3.05 39.25
C PRO A 76 21.67 -3.11 39.73
N ASP A 77 22.30 -4.27 39.68
CA ASP A 77 23.66 -4.43 40.18
C ASP A 77 24.71 -3.76 39.29
N ASP A 78 24.35 -3.36 38.08
CA ASP A 78 25.30 -2.73 37.18
C ASP A 78 25.69 -1.35 37.71
N ILE A 79 26.97 -1.02 37.60
CA ILE A 79 27.48 0.26 38.07
C ILE A 79 27.20 1.32 37.03
N TYR A 80 26.40 2.31 37.40
CA TYR A 80 26.04 3.38 36.47
C TYR A 80 27.25 4.25 36.17
N VAL A 81 27.35 4.69 34.91
CA VAL A 81 28.42 5.57 34.47
C VAL A 81 27.79 6.86 33.96
N SER A 82 28.52 7.96 34.07
CA SER A 82 28.05 9.29 33.71
C SER A 82 28.83 9.85 32.54
N PRO A 83 28.24 10.76 31.77
CA PRO A 83 28.99 11.41 30.68
C PRO A 83 30.21 12.17 31.15
N CYS A 84 30.21 12.67 32.40
CA CYS A 84 31.38 13.35 32.93
C CYS A 84 32.58 12.43 33.02
N GLN A 85 32.35 11.14 33.32
CA GLN A 85 33.45 10.19 33.40
C GLN A 85 34.18 10.04 32.08
N ILE A 86 33.50 10.27 30.96
CA ILE A 86 34.20 10.27 29.67
C ILE A 86 35.13 11.47 29.56
N ARG A 87 34.71 12.62 30.10
CA ARG A 87 35.59 13.80 30.09
C ARG A 87 36.82 13.57 30.96
N ARG A 88 36.65 12.97 32.14
CA ARG A 88 37.79 12.70 33.01
C ARG A 88 38.76 11.72 32.36
N PHE A 89 38.24 10.62 31.83
CA PHE A 89 39.04 9.61 31.15
C PHE A 89 38.30 9.15 29.90
N ASN A 90 39.03 9.01 28.81
CA ASN A 90 38.43 8.58 27.55
C ASN A 90 37.81 7.19 27.73
N LEU A 91 36.53 7.08 27.42
CA LEU A 91 35.77 5.87 27.67
C LEU A 91 35.35 5.23 26.35
N ARG A 92 35.56 3.92 26.23
CA ARG A 92 35.15 3.14 25.08
C ARG A 92 34.38 1.91 25.54
N THR A 93 33.49 1.43 24.68
CA THR A 93 32.72 0.25 24.98
C THR A 93 33.62 -0.96 25.12
N GLY A 94 33.32 -1.82 26.08
CA GLY A 94 34.13 -2.99 26.35
C GLY A 94 35.30 -2.75 27.29
N ASP A 95 35.48 -1.52 27.77
CA ASP A 95 36.58 -1.23 28.69
C ASP A 95 36.35 -1.90 30.04
N THR A 96 37.44 -2.38 30.64
CA THR A 96 37.40 -2.93 31.99
C THR A 96 37.67 -1.81 32.97
N ILE A 97 36.64 -1.40 33.71
CA ILE A 97 36.71 -0.24 34.59
C ILE A 97 36.64 -0.73 36.03
N SER A 98 37.61 -0.30 36.84
CA SER A 98 37.67 -0.65 38.25
C SER A 98 37.93 0.60 39.08
N GLY A 99 37.34 0.63 40.27
CA GLY A 99 37.54 1.77 41.16
C GLY A 99 36.56 1.71 42.32
N LYS A 100 36.74 2.65 43.23
CA LYS A 100 35.87 2.75 44.39
C LYS A 100 34.47 3.18 43.97
N ILE A 101 33.46 2.53 44.56
CA ILE A 101 32.06 2.75 44.21
C ILE A 101 31.47 3.73 45.21
N ARG A 102 30.96 4.85 44.72
CA ARG A 102 30.31 5.84 45.57
C ARG A 102 28.84 5.49 45.79
N PRO A 103 28.25 5.96 46.90
CA PRO A 103 26.83 5.73 47.11
C PRO A 103 26.02 6.44 46.04
N PRO A 104 24.87 5.88 45.67
CA PRO A 104 24.04 6.52 44.64
C PRO A 104 23.33 7.75 45.19
N LYS A 105 23.01 8.65 44.26
CA LYS A 105 22.26 9.85 44.62
C LYS A 105 20.77 9.53 44.71
N GLU A 106 19.97 10.56 44.98
CA GLU A 106 18.53 10.37 45.09
C GLU A 106 17.93 10.09 43.73
N GLY A 107 17.06 9.08 43.66
CA GLY A 107 16.45 8.68 42.41
C GLY A 107 17.26 7.73 41.56
N GLU A 108 18.47 7.38 41.98
CA GLU A 108 19.33 6.46 41.24
C GLU A 108 19.30 5.10 41.93
N ARG A 109 18.88 4.08 41.19
CA ARG A 109 18.83 2.72 41.70
C ARG A 109 20.11 1.94 41.47
N TYR A 110 21.14 2.57 40.90
CA TYR A 110 22.41 1.94 40.62
C TYR A 110 23.52 2.69 41.32
N PHE A 111 24.43 1.96 41.95
CA PHE A 111 25.56 2.58 42.64
C PHE A 111 26.53 3.15 41.61
N ALA A 112 26.91 4.41 41.79
CA ALA A 112 27.81 5.08 40.87
C ALA A 112 29.26 4.96 41.34
N LEU A 113 30.18 5.29 40.45
CA LEU A 113 31.61 5.22 40.74
C LEU A 113 32.16 6.62 40.98
N LEU A 114 32.75 6.82 42.16
CA LEU A 114 33.33 8.12 42.47
C LEU A 114 34.54 8.42 41.58
N LYS A 115 35.38 7.43 41.33
CA LYS A 115 36.56 7.62 40.50
C LYS A 115 37.01 6.26 39.98
N VAL A 116 37.75 6.29 38.88
CA VAL A 116 38.24 5.07 38.25
C VAL A 116 39.68 4.83 38.68
N ASN A 117 39.96 3.62 39.15
CA ASN A 117 41.30 3.24 39.59
C ASN A 117 42.07 2.43 38.55
N GLU A 118 41.38 1.56 37.82
CA GLU A 118 42.01 0.74 36.79
C GLU A 118 41.18 0.75 35.53
N VAL A 119 41.85 0.89 34.39
CA VAL A 119 41.20 0.82 33.08
C VAL A 119 41.88 -0.27 32.28
N ASN A 120 41.09 -1.26 31.85
CA ASN A 120 41.59 -2.39 31.05
C ASN A 120 42.76 -3.08 31.76
N PHE A 121 42.59 -3.35 33.05
CA PHE A 121 43.60 -3.98 33.88
C PHE A 121 44.90 -3.17 33.89
N ASP A 122 44.76 -1.85 33.87
CA ASP A 122 45.92 -0.96 33.88
C ASP A 122 45.48 0.41 34.36
N LYS A 123 46.47 1.25 34.65
CA LYS A 123 46.18 2.60 35.14
C LYS A 123 45.50 3.43 34.06
N PRO A 124 44.58 4.31 34.45
CA PRO A 124 43.88 5.14 33.46
C PRO A 124 44.80 6.03 32.64
N GLU A 125 45.86 6.55 33.25
CA GLU A 125 46.78 7.42 32.52
C GLU A 125 47.59 6.67 31.47
N ASN A 126 47.79 5.36 31.66
CA ASN A 126 48.50 4.54 30.69
C ASN A 126 47.57 3.84 29.71
N ALA A 127 46.36 3.49 30.15
CA ALA A 127 45.40 2.86 29.25
C ALA A 127 44.82 3.84 28.25
N ARG A 128 44.85 5.14 28.54
CA ARG A 128 44.38 6.16 27.61
C ARG A 128 45.41 6.49 26.54
N ASN A 129 46.61 5.94 26.63
CA ASN A 129 47.66 6.15 25.64
C ASN A 129 47.81 4.97 24.68
N LYS A 130 46.87 4.04 24.69
CA LYS A 130 46.93 2.89 23.81
C LYS A 130 46.40 3.24 22.43
N ILE A 131 47.08 2.74 21.40
CA ILE A 131 46.67 2.99 20.03
C ILE A 131 45.37 2.26 19.73
N LEU A 132 44.52 2.87 18.92
CA LEU A 132 43.24 2.27 18.57
C LEU A 132 43.43 1.01 17.73
N PHE A 133 42.51 0.07 17.90
CA PHE A 133 42.57 -1.18 17.15
C PHE A 133 42.37 -0.96 15.66
N GLU A 134 41.45 -0.07 15.30
CA GLU A 134 41.14 0.15 13.89
C GLU A 134 42.31 0.75 13.13
N ASN A 135 43.14 1.54 13.80
CA ASN A 135 44.30 2.17 13.17
C ASN A 135 45.51 1.25 13.13
N LEU A 136 45.40 0.03 13.67
CA LEU A 136 46.51 -0.90 13.65
C LEU A 136 46.71 -1.46 12.24
N THR A 137 47.85 -2.10 12.03
CA THR A 137 48.20 -2.68 10.74
C THR A 137 48.09 -4.20 10.82
N PRO A 138 47.08 -4.81 10.21
CA PRO A 138 46.96 -6.28 10.26
C PRO A 138 48.10 -6.96 9.51
N LEU A 139 48.42 -8.16 9.96
CA LEU A 139 49.47 -8.97 9.35
C LEU A 139 49.01 -10.43 9.34
N HIS A 140 49.56 -11.19 8.40
CA HIS A 140 49.17 -12.59 8.26
C HIS A 140 49.52 -13.38 9.51
N ALA A 141 48.69 -14.37 9.81
CA ALA A 141 48.93 -15.22 10.98
C ALA A 141 50.23 -15.97 10.80
N ASN A 142 51.15 -15.81 11.76
CA ASN A 142 52.46 -16.42 11.70
C ASN A 142 52.77 -17.29 12.91
N SER A 143 52.35 -16.89 14.11
CA SER A 143 52.59 -17.68 15.31
C SER A 143 51.56 -18.80 15.36
N ARG A 144 52.01 -20.04 15.13
CA ARG A 144 51.11 -21.18 15.09
C ARG A 144 50.56 -21.46 16.49
N LEU A 145 49.24 -21.65 16.57
CA LEU A 145 48.60 -22.03 17.83
C LEU A 145 48.68 -23.55 17.96
N ARG A 146 49.65 -24.01 18.74
CA ARG A 146 49.82 -25.45 18.93
C ARG A 146 48.63 -26.01 19.70
N MET A 147 48.09 -27.14 19.22
CA MET A 147 46.90 -27.73 19.80
C MET A 147 47.09 -29.17 20.26
N GLU A 148 48.19 -29.82 19.89
CA GLU A 148 48.41 -31.23 20.22
C GLU A 148 48.59 -31.38 21.72
N ARG A 149 47.62 -32.01 22.39
CA ARG A 149 47.74 -32.27 23.82
C ARG A 149 48.77 -33.35 24.11
N GLY A 150 48.82 -34.38 23.26
CA GLY A 150 49.74 -35.47 23.47
C GLY A 150 49.32 -36.46 24.53
N ASN A 151 48.07 -36.41 24.99
CA ASN A 151 47.61 -37.32 26.02
C ASN A 151 47.46 -38.75 25.52
N GLY A 152 47.32 -38.94 24.21
CA GLY A 152 47.15 -40.26 23.64
C GLY A 152 45.74 -40.80 23.67
N SER A 153 44.79 -40.05 24.22
CA SER A 153 43.40 -40.50 24.27
C SER A 153 42.72 -40.23 22.94
N THR A 154 41.48 -40.73 22.81
CA THR A 154 40.71 -40.50 21.59
C THR A 154 40.44 -39.02 21.37
N GLU A 155 40.07 -38.30 22.43
CA GLU A 155 39.89 -36.85 22.32
C GLU A 155 41.21 -36.13 22.08
N ASP A 156 42.33 -36.69 22.54
CA ASP A 156 43.63 -36.11 22.26
C ASP A 156 43.93 -36.14 20.77
N LEU A 157 43.57 -37.24 20.09
CA LEU A 157 43.75 -37.33 18.65
C LEU A 157 42.95 -36.27 17.90
N THR A 158 41.82 -35.83 18.46
CA THR A 158 41.02 -34.81 17.80
C THR A 158 41.80 -33.50 17.67
N ALA A 159 42.47 -33.07 18.74
CA ALA A 159 43.28 -31.87 18.64
C ALA A 159 44.49 -32.07 17.73
N ARG A 160 45.01 -33.29 17.67
CA ARG A 160 46.12 -33.58 16.77
C ARG A 160 45.69 -33.47 15.31
N VAL A 161 44.53 -34.02 14.96
CA VAL A 161 44.11 -34.06 13.56
C VAL A 161 43.66 -32.70 13.05
N LEU A 162 43.13 -31.83 13.91
CA LEU A 162 42.81 -30.47 13.47
C LEU A 162 44.05 -29.70 13.07
N ASP A 163 45.17 -29.89 13.78
CA ASP A 163 46.42 -29.29 13.35
C ASP A 163 46.86 -29.83 11.99
N LEU A 164 46.69 -31.13 11.76
CA LEU A 164 47.06 -31.73 10.49
C LEU A 164 46.11 -31.31 9.37
N ALA A 165 44.82 -31.15 9.67
CA ALA A 165 43.86 -30.79 8.63
C ALA A 165 44.03 -29.33 8.22
N SER A 166 43.87 -28.41 9.16
CA SER A 166 44.05 -26.99 8.89
C SER A 166 44.73 -26.32 10.08
N PRO A 167 46.01 -26.00 9.96
CA PRO A 167 46.70 -25.34 11.08
C PRO A 167 46.07 -24.00 11.41
N ILE A 168 46.02 -23.69 12.70
CA ILE A 168 45.42 -22.46 13.21
C ILE A 168 46.50 -21.66 13.90
N GLY A 169 46.59 -20.38 13.56
CA GLY A 169 47.54 -19.47 14.16
C GLY A 169 46.83 -18.31 14.85
N ARG A 170 47.63 -17.54 15.59
CA ARG A 170 47.09 -16.38 16.29
C ARG A 170 46.62 -15.34 15.28
N GLY A 171 45.42 -14.80 15.51
CA GLY A 171 44.87 -13.80 14.62
C GLY A 171 44.31 -14.33 13.32
N GLN A 172 44.14 -15.65 13.20
CA GLN A 172 43.62 -16.24 11.97
C GLN A 172 42.10 -16.26 12.02
N ARG A 173 41.47 -15.55 11.09
CA ARG A 173 40.01 -15.48 11.00
C ARG A 173 39.51 -16.78 10.40
N GLY A 174 39.36 -17.80 11.25
CA GLY A 174 38.91 -19.10 10.78
C GLY A 174 37.41 -19.18 10.62
N LEU A 175 36.96 -20.29 10.02
CA LEU A 175 35.55 -20.54 9.82
C LEU A 175 35.37 -22.03 9.51
N ILE A 176 34.32 -22.61 10.06
CA ILE A 176 34.07 -24.04 9.91
C ILE A 176 32.66 -24.23 9.35
N VAL A 177 32.47 -25.35 8.65
CA VAL A 177 31.19 -25.71 8.04
C VAL A 177 30.62 -26.88 8.84
N ALA A 178 29.42 -26.69 9.39
CA ALA A 178 28.83 -27.67 10.29
C ALA A 178 27.51 -28.20 9.75
N PRO A 179 27.48 -29.40 9.18
CA PRO A 179 26.20 -30.05 8.88
C PRO A 179 25.53 -30.52 10.16
N PRO A 180 24.21 -30.71 10.14
CA PRO A 180 23.52 -31.15 11.37
C PRO A 180 24.03 -32.52 11.83
N LYS A 181 24.12 -32.67 13.15
CA LYS A 181 24.59 -33.90 13.79
C LYS A 181 25.98 -34.29 13.28
N ALA A 182 26.94 -33.40 13.55
CA ALA A 182 28.33 -33.61 13.18
C ALA A 182 29.25 -33.64 14.40
N GLY A 183 28.70 -33.57 15.61
CA GLY A 183 29.51 -33.58 16.81
C GLY A 183 30.32 -32.32 17.02
N LYS A 184 29.87 -31.19 16.46
CA LYS A 184 30.62 -29.95 16.53
C LYS A 184 30.86 -29.49 17.97
N THR A 185 29.93 -29.78 18.88
CA THR A 185 30.07 -29.33 20.27
C THR A 185 31.26 -29.98 20.96
N MET A 186 31.47 -31.29 20.73
CA MET A 186 32.53 -31.99 21.45
C MET A 186 33.91 -31.46 21.08
N LEU A 187 34.15 -31.21 19.79
CA LEU A 187 35.46 -30.73 19.37
C LEU A 187 35.76 -29.33 19.93
N LEU A 188 34.75 -28.47 20.01
CA LEU A 188 34.97 -27.12 20.52
C LEU A 188 35.46 -27.14 21.97
N GLN A 189 34.86 -27.98 22.80
CA GLN A 189 35.34 -28.12 24.17
C GLN A 189 36.75 -28.68 24.20
N ASN A 190 37.04 -29.68 23.35
CA ASN A 190 38.39 -30.21 23.28
C ASN A 190 39.39 -29.17 22.80
N ILE A 191 39.00 -28.33 21.83
CA ILE A 191 39.88 -27.28 21.34
C ILE A 191 40.14 -26.26 22.45
N ALA A 192 39.09 -25.86 23.16
CA ALA A 192 39.23 -24.85 24.20
C ALA A 192 40.14 -25.33 25.33
N GLN A 193 40.03 -26.61 25.71
CA GLN A 193 40.89 -27.14 26.76
C GLN A 193 42.37 -27.07 26.35
N SER A 194 42.66 -27.40 25.08
CA SER A 194 44.03 -27.27 24.60
C SER A 194 44.46 -25.80 24.53
N ILE A 195 43.53 -24.90 24.25
CA ILE A 195 43.86 -23.47 24.23
C ILE A 195 44.30 -23.00 25.61
N ALA A 196 43.55 -23.36 26.64
CA ALA A 196 43.95 -23.01 28.00
C ALA A 196 45.22 -23.73 28.42
N TYR A 197 45.41 -24.96 27.94
CA TYR A 197 46.61 -25.73 28.28
C TYR A 197 47.83 -25.19 27.57
N ASN A 198 47.79 -25.12 26.24
CA ASN A 198 48.96 -24.70 25.47
C ASN A 198 49.27 -23.23 25.68
N HIS A 199 48.24 -22.38 25.69
CA HIS A 199 48.40 -20.92 25.78
C HIS A 199 47.51 -20.39 26.90
N PRO A 200 47.89 -20.58 28.16
CA PRO A 200 47.13 -19.99 29.26
C PRO A 200 47.13 -18.48 29.26
N ASP A 201 48.14 -17.84 28.64
CA ASP A 201 48.23 -16.39 28.65
C ASP A 201 47.10 -15.74 27.87
N CYS A 202 46.70 -16.34 26.75
CA CYS A 202 45.67 -15.76 25.92
C CYS A 202 44.32 -15.74 26.63
N VAL A 203 43.52 -14.73 26.32
CA VAL A 203 42.19 -14.56 26.95
C VAL A 203 41.22 -15.35 26.09
N LEU A 204 41.12 -16.65 26.37
CA LEU A 204 40.19 -17.50 25.64
C LEU A 204 38.76 -17.16 26.05
N MET A 205 37.91 -16.90 25.06
CA MET A 205 36.52 -16.57 25.30
C MET A 205 35.64 -17.41 24.38
N VAL A 206 34.45 -17.75 24.88
CA VAL A 206 33.47 -18.53 24.13
C VAL A 206 32.17 -17.74 24.06
N LEU A 207 31.65 -17.58 22.85
CA LEU A 207 30.39 -16.88 22.63
C LEU A 207 29.39 -17.82 22.00
N LEU A 208 28.21 -17.92 22.62
CA LEU A 208 27.13 -18.78 22.13
C LEU A 208 25.90 -17.92 21.85
N ILE A 209 25.34 -18.06 20.66
CA ILE A 209 24.17 -17.30 20.24
C ILE A 209 23.06 -18.29 19.87
N ASP A 210 21.89 -18.10 20.47
CA ASP A 210 20.72 -18.95 20.23
C ASP A 210 21.06 -20.42 20.49
N GLU A 211 21.44 -20.71 21.73
CA GLU A 211 21.85 -22.04 22.13
C GLU A 211 21.05 -22.48 23.35
N ARG A 212 20.83 -23.79 23.46
CA ARG A 212 20.08 -24.33 24.58
C ARG A 212 20.89 -24.18 25.87
N PRO A 213 20.21 -23.92 27.00
CA PRO A 213 20.94 -23.69 28.27
C PRO A 213 21.76 -24.88 28.75
N GLU A 214 21.43 -26.11 28.34
CA GLU A 214 22.18 -27.27 28.81
C GLU A 214 23.64 -27.20 28.35
N GLU A 215 23.87 -26.82 27.09
CA GLU A 215 25.23 -26.64 26.62
C GLU A 215 25.88 -25.41 27.21
N VAL A 216 25.09 -24.39 27.55
CA VAL A 216 25.63 -23.18 28.16
C VAL A 216 26.29 -23.51 29.50
N THR A 217 25.62 -24.30 30.33
CA THR A 217 26.22 -24.75 31.58
C THR A 217 27.41 -25.67 31.31
N GLU A 218 27.31 -26.53 30.29
CA GLU A 218 28.42 -27.40 29.94
C GLU A 218 29.64 -26.61 29.49
N MET A 219 29.44 -25.54 28.71
CA MET A 219 30.56 -24.73 28.24
C MET A 219 31.28 -24.07 29.41
N GLN A 220 30.53 -23.56 30.40
CA GLN A 220 31.15 -22.83 31.50
C GLN A 220 32.10 -23.72 32.30
N ARG A 221 31.68 -24.95 32.60
CA ARG A 221 32.52 -25.84 33.40
C ARG A 221 33.68 -26.41 32.57
N LEU A 222 33.41 -26.78 31.32
CA LEU A 222 34.44 -27.43 30.51
C LEU A 222 35.53 -26.45 30.08
N VAL A 223 35.16 -25.22 29.71
CA VAL A 223 36.12 -24.25 29.23
C VAL A 223 36.79 -23.57 30.42
N LYS A 224 38.13 -23.61 30.44
CA LYS A 224 38.90 -22.98 31.52
C LYS A 224 39.12 -21.50 31.17
N GLY A 225 38.02 -20.75 31.26
CA GLY A 225 38.06 -19.34 30.97
C GLY A 225 36.68 -18.75 30.99
N GLU A 226 36.60 -17.48 30.63
CA GLU A 226 35.32 -16.77 30.60
C GLU A 226 34.44 -17.36 29.51
N VAL A 227 33.17 -17.62 29.84
CA VAL A 227 32.19 -18.13 28.90
C VAL A 227 30.95 -17.24 28.99
N VAL A 228 30.51 -16.73 27.85
CA VAL A 228 29.30 -15.92 27.77
C VAL A 228 28.40 -16.51 26.70
N ALA A 229 27.10 -16.32 26.86
CA ALA A 229 26.12 -16.90 25.95
C ALA A 229 24.83 -16.12 26.00
N SER A 230 24.00 -16.33 24.97
CA SER A 230 22.67 -15.76 24.91
C SER A 230 21.67 -16.91 24.79
N THR A 231 20.66 -16.89 25.65
CA THR A 231 19.71 -18.00 25.70
C THR A 231 18.89 -18.07 24.41
N PHE A 232 18.48 -19.29 24.06
CA PHE A 232 17.68 -19.49 22.86
C PHE A 232 16.31 -18.86 22.97
N ASP A 233 15.79 -18.66 24.20
CA ASP A 233 14.53 -17.97 24.39
C ASP A 233 14.67 -16.45 24.34
N GLU A 234 15.90 -15.94 24.40
CA GLU A 234 16.10 -14.50 24.35
C GLU A 234 15.74 -13.96 22.96
N PRO A 235 15.22 -12.73 22.89
CA PRO A 235 14.90 -12.14 21.59
C PRO A 235 16.17 -11.82 20.80
N ALA A 236 15.97 -11.58 19.51
CA ALA A 236 17.09 -11.25 18.64
C ALA A 236 17.81 -9.98 19.06
N SER A 237 17.11 -9.06 19.73
CA SER A 237 17.77 -7.85 20.21
C SER A 237 18.86 -8.18 21.24
N ARG A 238 18.61 -9.16 22.12
CA ARG A 238 19.64 -9.59 23.06
C ARG A 238 20.82 -10.22 22.34
N HIS A 239 20.56 -11.01 21.29
CA HIS A 239 21.65 -11.68 20.60
C HIS A 239 22.61 -10.68 19.96
N VAL A 240 22.09 -9.68 19.26
CA VAL A 240 22.96 -8.70 18.64
C VAL A 240 23.63 -7.83 19.69
N GLN A 241 22.92 -7.49 20.78
CA GLN A 241 23.52 -6.68 21.84
C GLN A 241 24.63 -7.43 22.56
N VAL A 242 24.46 -8.73 22.78
CA VAL A 242 25.50 -9.51 23.45
C VAL A 242 26.74 -9.61 22.58
N ALA A 243 26.57 -9.97 21.31
CA ALA A 243 27.70 -10.19 20.42
C ALA A 243 28.47 -8.90 20.12
N GLU A 244 27.75 -7.78 19.95
CA GLU A 244 28.42 -6.54 19.60
C GLU A 244 29.36 -6.07 20.69
N MET A 245 28.94 -6.19 21.95
CA MET A 245 29.77 -5.75 23.07
C MET A 245 30.81 -6.78 23.49
N VAL A 246 30.69 -8.03 23.02
CA VAL A 246 31.73 -9.01 23.31
C VAL A 246 33.02 -8.64 22.57
N ILE A 247 32.91 -8.29 21.30
CA ILE A 247 34.09 -7.89 20.53
C ILE A 247 34.68 -6.60 21.04
N GLU A 248 33.87 -5.74 21.68
CA GLU A 248 34.40 -4.54 22.30
C GLU A 248 35.37 -4.88 23.42
N LYS A 249 35.03 -5.87 24.24
CA LYS A 249 35.96 -6.37 25.24
C LYS A 249 37.21 -6.95 24.59
N ALA A 250 37.03 -7.70 23.51
CA ALA A 250 38.16 -8.32 22.82
C ALA A 250 39.08 -7.27 22.22
N LYS A 251 38.51 -6.23 21.61
CA LYS A 251 39.32 -5.24 20.91
C LYS A 251 40.22 -4.47 21.86
N ARG A 252 39.72 -4.12 23.05
CA ARG A 252 40.54 -3.38 24.01
C ARG A 252 41.75 -4.18 24.45
N LEU A 253 41.60 -5.48 24.65
CA LEU A 253 42.75 -6.32 24.96
C LEU A 253 43.75 -6.35 23.80
N VAL A 254 43.25 -6.35 22.57
CA VAL A 254 44.14 -6.23 21.42
C VAL A 254 44.88 -4.91 21.46
N GLU A 255 44.18 -3.82 21.81
CA GLU A 255 44.83 -2.53 22.00
C GLU A 255 45.87 -2.58 23.12
N HIS A 256 45.77 -3.55 24.02
CA HIS A 256 46.74 -3.76 25.08
C HIS A 256 47.69 -4.92 24.79
N LYS A 257 47.81 -5.30 23.52
CA LYS A 257 48.75 -6.34 23.08
C LYS A 257 48.47 -7.67 23.77
N LYS A 258 47.20 -7.99 23.94
CA LYS A 258 46.77 -9.25 24.55
C LYS A 258 46.13 -10.13 23.49
N ASP A 259 46.58 -11.39 23.43
CA ASP A 259 46.00 -12.34 22.49
C ASP A 259 44.60 -12.71 22.92
N VAL A 260 43.65 -12.66 21.98
CA VAL A 260 42.25 -12.94 22.25
C VAL A 260 41.77 -14.00 21.27
N ILE A 261 41.09 -15.01 21.78
CA ILE A 261 40.49 -16.06 20.98
C ILE A 261 39.01 -16.14 21.32
N ILE A 262 38.16 -16.00 20.31
CA ILE A 262 36.71 -16.02 20.48
C ILE A 262 36.15 -17.21 19.70
N LEU A 263 35.40 -18.06 20.37
CA LEU A 263 34.73 -19.19 19.74
C LEU A 263 33.25 -18.84 19.60
N LEU A 264 32.75 -18.85 18.37
CA LEU A 264 31.40 -18.40 18.06
C LEU A 264 30.58 -19.57 17.54
N ASP A 265 29.36 -19.71 18.03
CA ASP A 265 28.45 -20.77 17.58
C ASP A 265 27.03 -20.25 17.80
N SER A 266 26.37 -19.84 16.72
CA SER A 266 26.90 -19.87 15.36
C SER A 266 26.75 -18.51 14.67
N ILE A 267 27.62 -18.23 13.71
CA ILE A 267 27.53 -16.98 12.97
C ILE A 267 26.26 -16.95 12.14
N THR A 268 25.76 -18.11 11.71
CA THR A 268 24.51 -18.15 10.95
C THR A 268 23.35 -17.61 11.79
N ARG A 269 23.28 -18.02 13.07
CA ARG A 269 22.28 -17.46 13.96
C ARG A 269 22.52 -15.99 14.22
N LEU A 270 23.79 -15.60 14.41
CA LEU A 270 24.10 -14.19 14.64
C LEU A 270 23.71 -13.33 13.45
N ALA A 271 24.00 -13.79 12.24
CA ALA A 271 23.54 -13.07 11.06
C ALA A 271 22.02 -13.04 10.98
N ARG A 272 21.36 -14.15 11.33
CA ARG A 272 19.91 -14.19 11.33
C ARG A 272 19.34 -13.18 12.32
N ALA A 273 19.93 -13.09 13.51
CA ALA A 273 19.49 -12.10 14.48
C ALA A 273 19.72 -10.68 13.97
N TYR A 274 20.89 -10.44 13.36
CA TYR A 274 21.17 -9.11 12.82
C TYR A 274 20.24 -8.75 11.69
N ASN A 275 19.86 -9.73 10.86
CA ASN A 275 18.94 -9.46 9.77
C ASN A 275 17.58 -8.99 10.29
N THR A 276 17.10 -9.60 11.37
CA THR A 276 15.79 -9.27 11.92
C THR A 276 15.81 -8.00 12.76
N VAL A 277 17.00 -7.50 13.13
CA VAL A 277 17.09 -6.34 14.00
C VAL A 277 17.14 -5.04 13.20
N VAL A 278 17.98 -4.97 12.17
CA VAL A 278 18.18 -3.76 11.38
C VAL A 278 16.92 -3.46 10.58
N PRO A 279 16.61 -2.19 10.33
CA PRO A 279 15.44 -1.87 9.50
C PRO A 279 15.66 -2.30 8.05
N ALA A 280 14.54 -2.58 7.38
CA ALA A 280 14.59 -3.03 6.00
C ALA A 280 15.11 -1.93 5.09
N SER A 281 15.96 -2.32 4.14
CA SER A 281 16.55 -1.39 3.18
C SER A 281 15.72 -1.23 1.91
N GLY A 282 14.68 -2.03 1.73
CA GLY A 282 13.86 -1.99 0.54
C GLY A 282 14.27 -2.96 -0.55
N LYS A 283 15.51 -3.45 -0.51
CA LYS A 283 16.00 -4.44 -1.46
C LYS A 283 16.31 -5.72 -0.69
N VAL A 284 15.67 -6.81 -1.09
CA VAL A 284 15.83 -8.09 -0.41
C VAL A 284 16.67 -9.01 -1.28
N LEU A 285 17.35 -9.95 -0.62
CA LEU A 285 18.14 -10.97 -1.30
C LEU A 285 17.34 -12.27 -1.35
N THR A 286 17.87 -13.25 -2.09
CA THR A 286 17.22 -14.54 -2.17
C THR A 286 17.25 -15.21 -0.79
N GLY A 287 16.16 -15.90 -0.47
CA GLY A 287 15.99 -16.47 0.86
C GLY A 287 15.48 -15.52 1.91
N GLY A 288 15.19 -14.26 1.54
CA GLY A 288 14.67 -13.29 2.49
C GLY A 288 15.73 -12.65 3.35
N VAL A 289 16.73 -12.03 2.72
CA VAL A 289 17.84 -11.40 3.41
C VAL A 289 17.87 -9.93 3.04
N ASP A 290 17.96 -9.07 4.05
CA ASP A 290 18.07 -7.63 3.80
C ASP A 290 19.42 -7.30 3.19
N ALA A 291 19.44 -6.24 2.37
CA ALA A 291 20.66 -5.90 1.64
C ALA A 291 21.76 -5.44 2.58
N ASN A 292 21.45 -4.52 3.49
CA ASN A 292 22.44 -3.99 4.42
C ASN A 292 22.59 -4.84 5.68
N ALA A 293 21.81 -5.91 5.80
CA ALA A 293 21.91 -6.77 6.98
C ALA A 293 23.26 -7.49 7.05
N LEU A 294 23.83 -7.87 5.91
CA LEU A 294 25.11 -8.56 5.90
C LEU A 294 26.27 -7.65 6.27
N HIS A 295 26.08 -6.33 6.21
CA HIS A 295 27.17 -5.40 6.50
C HIS A 295 27.61 -5.49 7.95
N ARG A 296 26.66 -5.62 8.89
CA ARG A 296 27.03 -5.63 10.31
C ARG A 296 27.90 -6.82 10.68
N PRO A 297 27.56 -8.07 10.35
CA PRO A 297 28.44 -9.19 10.73
C PRO A 297 29.81 -9.12 10.08
N LYS A 298 29.94 -8.49 8.92
CA LYS A 298 31.25 -8.37 8.28
C LYS A 298 32.21 -7.56 9.15
N ARG A 299 31.72 -6.48 9.75
CA ARG A 299 32.56 -5.72 10.69
C ARG A 299 32.95 -6.56 11.89
N PHE A 300 32.00 -7.34 12.42
CA PHE A 300 32.31 -8.21 13.54
C PHE A 300 33.28 -9.32 13.15
N PHE A 301 33.00 -10.00 12.04
CA PHE A 301 33.83 -11.12 11.63
C PHE A 301 35.15 -10.66 11.02
N GLY A 302 35.16 -9.52 10.33
CA GLY A 302 36.37 -9.06 9.67
C GLY A 302 37.42 -8.49 10.59
N ALA A 303 37.06 -8.21 11.85
CA ALA A 303 38.02 -7.66 12.80
C ALA A 303 39.09 -8.66 13.21
N ALA A 304 38.85 -9.96 13.04
CA ALA A 304 39.81 -10.99 13.44
C ALA A 304 41.07 -10.84 12.60
N ARG A 305 42.20 -10.55 13.24
CA ARG A 305 43.45 -10.32 12.54
C ARG A 305 44.61 -10.56 13.48
N ASN A 306 45.78 -10.80 12.89
CA ASN A 306 47.03 -10.88 13.64
C ASN A 306 47.74 -9.54 13.50
N VAL A 307 47.64 -8.72 14.53
CA VAL A 307 48.16 -7.35 14.48
C VAL A 307 49.68 -7.40 14.40
N GLU A 308 50.24 -6.66 13.44
CA GLU A 308 51.69 -6.61 13.29
C GLU A 308 52.36 -5.96 14.50
N GLU A 309 51.75 -4.90 15.04
CA GLU A 309 52.33 -4.21 16.18
C GLU A 309 52.43 -5.12 17.41
N GLY A 310 51.42 -5.95 17.63
CA GLY A 310 51.43 -6.84 18.78
C GLY A 310 50.06 -7.40 19.09
N GLY A 311 50.01 -8.60 19.68
CA GLY A 311 48.76 -9.24 19.99
C GLY A 311 48.12 -9.85 18.77
N SER A 312 46.91 -10.38 18.97
CA SER A 312 46.17 -11.01 17.90
C SER A 312 44.70 -11.06 18.28
N LEU A 313 43.87 -11.40 17.29
CA LEU A 313 42.43 -11.54 17.50
C LEU A 313 41.95 -12.67 16.60
N THR A 314 41.59 -13.80 17.20
CA THR A 314 41.18 -14.99 16.47
C THR A 314 39.70 -15.24 16.72
N ILE A 315 38.92 -15.36 15.65
CA ILE A 315 37.51 -15.66 15.72
C ILE A 315 37.26 -16.95 14.94
N ILE A 316 36.66 -17.94 15.59
CA ILE A 316 36.36 -19.23 14.97
C ILE A 316 34.85 -19.40 15.04
N ALA A 317 34.16 -19.00 13.98
CA ALA A 317 32.71 -19.09 13.91
C ALA A 317 32.28 -20.42 13.29
N THR A 318 31.01 -20.73 13.45
CA THR A 318 30.42 -21.98 12.96
C THR A 318 29.35 -21.64 11.93
N ALA A 319 29.43 -22.25 10.75
CA ALA A 319 28.47 -22.02 9.68
C ALA A 319 27.49 -23.19 9.61
N LEU A 320 26.20 -22.88 9.66
CA LEU A 320 25.16 -23.89 9.59
C LEU A 320 24.85 -24.19 8.14
N ILE A 321 24.96 -25.47 7.75
CA ILE A 321 24.77 -25.90 6.38
C ILE A 321 23.92 -27.16 6.37
N ASP A 322 23.01 -27.26 5.38
CA ASP A 322 22.15 -28.41 5.20
C ASP A 322 21.21 -28.58 6.40
N THR A 323 20.80 -27.46 6.98
CA THR A 323 19.85 -27.45 8.09
C THR A 323 18.42 -27.28 7.63
N GLY A 324 18.18 -27.20 6.32
CA GLY A 324 16.85 -27.07 5.78
C GLY A 324 16.34 -25.65 5.63
N SER A 325 17.09 -24.66 6.09
CA SER A 325 16.67 -23.27 5.99
C SER A 325 17.36 -22.59 4.81
N LYS A 326 16.56 -21.88 4.01
CA LYS A 326 17.11 -21.16 2.87
C LYS A 326 18.06 -20.05 3.30
N MET A 327 17.84 -19.48 4.48
CA MET A 327 18.71 -18.42 4.98
C MET A 327 20.11 -18.92 5.30
N ASP A 328 20.29 -20.23 5.50
CA ASP A 328 21.60 -20.75 5.85
C ASP A 328 22.56 -20.75 4.67
N GLU A 329 22.08 -21.06 3.47
CA GLU A 329 22.97 -21.12 2.31
C GLU A 329 23.48 -19.74 1.93
N VAL A 330 22.61 -18.73 1.96
CA VAL A 330 23.01 -17.39 1.54
C VAL A 330 24.04 -16.80 2.51
N ILE A 331 23.87 -17.02 3.82
CA ILE A 331 24.83 -16.53 4.79
C ILE A 331 26.19 -17.17 4.56
N TYR A 332 26.22 -18.48 4.32
CA TYR A 332 27.47 -19.15 4.03
C TYR A 332 28.13 -18.64 2.76
N GLU A 333 27.33 -18.41 1.71
CA GLU A 333 27.88 -17.89 0.46
C GLU A 333 28.47 -16.50 0.65
N GLU A 334 27.79 -15.63 1.41
CA GLU A 334 28.29 -14.28 1.63
C GLU A 334 29.58 -14.26 2.43
N PHE A 335 29.86 -15.32 3.19
CA PHE A 335 31.09 -15.43 3.98
C PHE A 335 32.03 -16.49 3.41
N LYS A 336 31.78 -16.95 2.18
CA LYS A 336 32.59 -18.02 1.61
C LYS A 336 34.04 -17.60 1.44
N GLY A 337 34.27 -16.43 0.86
CA GLY A 337 35.60 -15.91 0.65
C GLY A 337 36.13 -15.04 1.75
N THR A 338 35.42 -14.94 2.88
CA THR A 338 35.83 -14.04 3.95
C THR A 338 36.92 -14.64 4.81
N GLY A 339 36.70 -15.84 5.33
CA GLY A 339 37.65 -16.44 6.26
C GLY A 339 38.92 -16.92 5.59
N ASN A 340 40.01 -16.87 6.35
CA ASN A 340 41.30 -17.37 5.88
C ASN A 340 41.46 -18.87 6.11
N MET A 341 40.51 -19.51 6.79
CA MET A 341 40.56 -20.94 7.06
C MET A 341 39.17 -21.53 6.87
N GLU A 342 39.13 -22.76 6.37
CA GLU A 342 37.88 -23.46 6.14
C GLU A 342 37.98 -24.90 6.64
N LEU A 343 36.94 -25.34 7.33
CA LEU A 343 36.83 -26.71 7.79
C LEU A 343 35.42 -27.21 7.52
N HIS A 344 35.33 -28.43 6.99
CA HIS A 344 34.06 -29.02 6.59
C HIS A 344 33.87 -30.33 7.34
N LEU A 345 32.97 -30.33 8.31
CA LEU A 345 32.63 -31.57 8.99
C LEU A 345 31.88 -32.49 8.02
N SER A 346 32.26 -33.77 8.02
CA SER A 346 31.70 -34.73 7.07
C SER A 346 30.47 -35.38 7.69
N ARG A 347 29.29 -35.06 7.14
CA ARG A 347 28.06 -35.68 7.63
C ARG A 347 27.99 -37.15 7.24
N LYS A 348 28.57 -37.52 6.09
CA LYS A 348 28.55 -38.92 5.67
C LYS A 348 29.31 -39.80 6.65
N ILE A 349 30.48 -39.35 7.11
CA ILE A 349 31.20 -40.08 8.14
C ILE A 349 30.52 -39.94 9.51
N ALA A 350 29.76 -38.86 9.71
CA ALA A 350 28.99 -38.73 10.95
C ALA A 350 27.95 -39.83 11.08
N GLU A 351 27.30 -40.20 9.97
CA GLU A 351 26.39 -41.34 9.99
C GLU A 351 27.11 -42.64 10.31
N LYS A 352 28.41 -42.72 10.02
CA LYS A 352 29.23 -43.84 10.44
C LYS A 352 29.64 -43.75 11.91
N ARG A 353 29.30 -42.64 12.58
CA ARG A 353 29.61 -42.43 13.99
C ARG A 353 31.11 -42.49 14.25
N VAL A 354 31.89 -41.95 13.31
CA VAL A 354 33.33 -41.84 13.46
C VAL A 354 33.65 -40.38 13.80
N PHE A 355 34.18 -40.15 14.99
CA PHE A 355 34.48 -38.82 15.47
C PHE A 355 35.97 -38.68 15.72
N PRO A 356 36.62 -37.62 15.20
CA PRO A 356 36.04 -36.53 14.40
C PRO A 356 35.75 -36.94 12.96
N ALA A 357 34.75 -36.33 12.34
CA ALA A 357 34.39 -36.59 10.95
C ALA A 357 34.69 -35.31 10.16
N ILE A 358 35.91 -35.22 9.64
CA ILE A 358 36.39 -34.02 8.96
C ILE A 358 36.68 -34.36 7.51
N ASP A 359 36.16 -33.54 6.59
CA ASP A 359 36.46 -33.69 5.18
C ASP A 359 37.83 -33.09 4.93
N TYR A 360 38.86 -33.92 5.01
CA TYR A 360 40.23 -33.44 4.89
C TYR A 360 40.50 -32.85 3.50
N ASN A 361 39.95 -33.47 2.46
CA ASN A 361 40.14 -32.94 1.11
C ASN A 361 39.51 -31.57 0.95
N ARG A 362 38.29 -31.39 1.49
CA ARG A 362 37.60 -30.11 1.35
C ARG A 362 38.20 -29.04 2.25
N SER A 363 38.55 -29.41 3.48
CA SER A 363 39.06 -28.44 4.45
C SER A 363 40.47 -28.01 4.09
N GLY A 364 40.84 -26.82 4.58
CA GLY A 364 42.15 -26.29 4.32
C GLY A 364 42.28 -24.88 4.85
N THR A 365 43.38 -24.23 4.46
CA THR A 365 43.65 -22.86 4.87
C THR A 365 44.60 -22.22 3.87
N ARG A 366 44.82 -20.92 4.04
CA ARG A 366 45.69 -20.16 3.15
C ARG A 366 46.84 -19.57 3.95
N LYS A 367 47.97 -19.38 3.27
CA LYS A 367 49.19 -18.83 3.88
C LYS A 367 49.64 -19.67 5.08
N GLU A 368 49.45 -20.99 4.98
CA GLU A 368 49.86 -21.90 6.03
C GLU A 368 51.37 -22.05 6.14
N GLU A 369 52.13 -21.56 5.15
CA GLU A 369 53.58 -21.62 5.25
C GLU A 369 54.11 -20.79 6.40
N LEU A 370 53.42 -19.70 6.74
CA LEU A 370 53.81 -18.90 7.90
C LEU A 370 53.66 -19.70 9.20
N LEU A 371 52.56 -20.45 9.32
CA LEU A 371 52.35 -21.23 10.53
C LEU A 371 53.25 -22.46 10.58
N THR A 372 53.41 -23.14 9.45
CA THR A 372 54.22 -24.35 9.40
C THR A 372 55.70 -24.01 9.31
N THR A 373 56.53 -24.99 9.64
CA THR A 373 57.98 -24.84 9.56
C THR A 373 58.44 -25.21 8.14
N GLN A 374 59.76 -25.32 7.95
CA GLN A 374 60.29 -25.65 6.64
C GLN A 374 59.93 -27.08 6.24
N GLU A 375 59.87 -28.00 7.20
CA GLU A 375 59.56 -29.39 6.92
C GLU A 375 58.15 -29.80 7.32
N GLU A 376 57.45 -28.97 8.10
CA GLU A 376 56.10 -29.31 8.53
C GLU A 376 55.14 -29.37 7.34
N LEU A 377 55.17 -28.34 6.48
CA LEU A 377 54.26 -28.32 5.35
C LEU A 377 54.63 -29.37 4.31
N GLN A 378 55.90 -29.77 4.24
CA GLN A 378 56.30 -30.81 3.30
C GLN A 378 55.66 -32.14 3.65
N LYS A 379 55.61 -32.48 4.95
CA LYS A 379 55.03 -33.76 5.35
C LYS A 379 53.53 -33.80 5.07
N MET A 380 52.81 -32.72 5.37
CA MET A 380 51.38 -32.69 5.07
C MET A 380 51.11 -32.58 3.58
N TRP A 381 52.06 -32.07 2.80
CA TRP A 381 51.90 -32.07 1.35
C TRP A 381 51.84 -33.49 0.81
N ILE A 382 52.68 -34.38 1.34
CA ILE A 382 52.61 -35.79 0.97
C ILE A 382 51.26 -36.37 1.38
N LEU A 383 50.78 -36.04 2.58
CA LEU A 383 49.48 -36.50 3.03
C LEU A 383 48.36 -35.98 2.14
N ARG A 384 48.52 -34.76 1.59
CA ARG A 384 47.55 -34.24 0.64
C ARG A 384 47.48 -35.13 -0.60
N LYS A 385 48.64 -35.57 -1.10
CA LYS A 385 48.69 -36.45 -2.26
C LYS A 385 48.19 -37.85 -1.98
N ILE A 386 47.95 -38.19 -0.73
CA ILE A 386 47.50 -39.53 -0.34
C ILE A 386 46.00 -39.57 -0.11
N ILE A 387 45.49 -38.67 0.74
CA ILE A 387 44.07 -38.70 1.09
C ILE A 387 43.21 -38.25 -0.08
N HIS A 388 43.66 -37.24 -0.82
CA HIS A 388 42.83 -36.66 -1.87
C HIS A 388 42.43 -37.65 -2.98
N PRO A 389 43.34 -38.46 -3.55
CA PRO A 389 42.92 -39.35 -4.64
C PRO A 389 41.88 -40.39 -4.24
N MET A 390 41.76 -40.71 -2.96
CA MET A 390 40.82 -41.71 -2.48
C MET A 390 39.74 -41.07 -1.64
N GLY A 391 38.81 -41.90 -1.15
CA GLY A 391 37.72 -41.40 -0.35
C GLY A 391 38.15 -40.98 1.04
N GLU A 392 37.33 -40.13 1.66
CA GLU A 392 37.65 -39.59 2.98
C GLU A 392 37.06 -40.42 4.12
N ILE A 393 36.05 -41.23 3.86
CA ILE A 393 35.46 -42.05 4.92
C ILE A 393 36.46 -43.10 5.39
N ASP A 394 37.08 -43.82 4.44
CA ASP A 394 38.09 -44.80 4.81
C ASP A 394 39.36 -44.15 5.32
N ALA A 395 39.75 -43.01 4.73
CA ALA A 395 40.96 -42.33 5.17
C ALA A 395 40.84 -41.85 6.61
N MET A 396 39.68 -41.32 6.99
CA MET A 396 39.48 -40.89 8.37
C MET A 396 39.57 -42.06 9.34
N GLU A 397 39.03 -43.23 8.97
CA GLU A 397 39.20 -44.41 9.79
C GLU A 397 40.65 -44.85 9.87
N PHE A 398 41.39 -44.71 8.76
CA PHE A 398 42.78 -45.13 8.73
C PHE A 398 43.64 -44.30 9.68
N LEU A 399 43.48 -42.98 9.65
CA LEU A 399 44.37 -42.12 10.42
C LEU A 399 44.05 -42.16 11.91
N ILE A 400 42.80 -42.45 12.26
CA ILE A 400 42.42 -42.45 13.68
C ILE A 400 43.16 -43.55 14.43
N ASN A 401 43.18 -44.77 13.89
CA ASN A 401 43.90 -45.86 14.55
C ASN A 401 45.40 -45.63 14.55
N LYS A 402 45.95 -45.11 13.44
CA LYS A 402 47.38 -44.86 13.37
C LYS A 402 47.81 -43.69 14.26
N LEU A 403 46.98 -42.66 14.37
CA LEU A 403 47.31 -41.54 15.24
C LEU A 403 47.32 -41.95 16.71
N ALA A 404 46.44 -42.89 17.10
CA ALA A 404 46.46 -43.39 18.47
C ALA A 404 47.76 -44.10 18.79
N CYS A 405 48.26 -44.92 17.86
CA CYS A 405 49.51 -45.63 18.09
C CYS A 405 50.68 -44.66 18.16
N THR A 406 50.71 -43.68 17.27
CA THR A 406 51.80 -42.71 17.24
C THR A 406 51.69 -41.73 18.40
N LYS A 407 52.84 -41.32 18.93
CA LYS A 407 52.85 -40.39 20.05
C LYS A 407 52.68 -38.95 19.56
N THR A 408 53.54 -38.51 18.65
CA THR A 408 53.52 -37.15 18.13
C THR A 408 53.16 -37.16 16.65
N ASN A 409 52.64 -36.02 16.18
CA ASN A 409 52.28 -35.89 14.77
C ASN A 409 53.50 -35.98 13.87
N ASP A 410 54.63 -35.43 14.30
CA ASP A 410 55.87 -35.58 13.54
C ASP A 410 56.26 -37.04 13.43
N ASP A 411 56.17 -37.79 14.53
CA ASP A 411 56.34 -39.23 14.46
C ASP A 411 55.23 -39.88 13.64
N PHE A 412 54.00 -39.37 13.76
CA PHE A 412 52.91 -39.87 12.93
C PHE A 412 53.14 -39.60 11.45
N PHE A 413 53.84 -38.51 11.13
CA PHE A 413 54.11 -38.20 9.72
C PHE A 413 55.10 -39.17 9.10
N GLU A 414 55.84 -39.93 9.91
CA GLU A 414 56.89 -40.80 9.39
C GLU A 414 56.38 -42.20 9.05
N MET A 415 55.30 -42.65 9.70
CA MET A 415 54.92 -44.05 9.61
C MET A 415 54.25 -44.43 8.30
N MET A 416 53.56 -43.50 7.63
CA MET A 416 52.98 -43.85 6.33
C MET A 416 54.04 -44.12 5.28
N LYS A 417 55.12 -43.34 5.27
CA LYS A 417 56.16 -43.52 4.26
C LYS A 417 56.84 -44.87 4.40
N ARG A 418 57.11 -45.29 5.63
CA ARG A 418 57.74 -46.59 5.88
C ARG A 418 56.69 -47.67 6.13
N MET B 1 53.82 21.48 7.39
CA MET B 1 54.49 21.74 6.12
C MET B 1 53.82 20.98 4.97
N ASN B 2 53.89 19.65 5.02
CA ASN B 2 53.33 18.79 3.99
C ASN B 2 52.24 17.92 4.59
N LEU B 3 51.01 18.07 4.09
CA LEU B 3 49.95 17.16 4.49
C LEU B 3 50.22 15.74 4.03
N THR B 4 50.93 15.59 2.90
CA THR B 4 51.27 14.26 2.41
C THR B 4 52.16 13.52 3.40
N GLU B 5 53.14 14.21 3.97
CA GLU B 5 54.05 13.57 4.92
C GLU B 5 53.31 13.08 6.15
N LEU B 6 52.34 13.85 6.64
CA LEU B 6 51.57 13.45 7.81
C LEU B 6 50.79 12.17 7.55
N LYS B 7 50.18 12.04 6.36
CA LYS B 7 49.36 10.86 6.07
C LYS B 7 50.21 9.61 5.96
N ASN B 8 51.36 9.69 5.26
CA ASN B 8 52.21 8.53 5.13
C ASN B 8 53.04 8.25 6.38
N THR B 9 53.11 9.20 7.31
CA THR B 9 53.81 8.95 8.55
C THR B 9 53.07 7.89 9.36
N PRO B 10 53.79 6.91 9.92
CA PRO B 10 53.13 5.91 10.77
C PRO B 10 52.48 6.57 11.97
N VAL B 11 51.36 5.98 12.42
CA VAL B 11 50.59 6.57 13.50
C VAL B 11 51.41 6.61 14.78
N SER B 12 52.30 5.64 15.00
CA SER B 12 53.16 5.67 16.17
C SER B 12 54.08 6.89 16.14
N GLU B 13 54.65 7.20 14.98
CA GLU B 13 55.46 8.41 14.86
C GLU B 13 54.59 9.67 14.93
N LEU B 14 53.35 9.59 14.44
CA LEU B 14 52.46 10.74 14.50
C LEU B 14 52.16 11.15 15.94
N ILE B 15 52.09 10.18 16.86
CA ILE B 15 51.92 10.51 18.26
C ILE B 15 53.11 11.31 18.77
N THR B 16 54.33 10.91 18.39
CA THR B 16 55.51 11.66 18.78
C THR B 16 55.48 13.08 18.24
N LEU B 17 55.00 13.26 17.00
CA LEU B 17 54.80 14.60 16.48
C LEU B 17 53.76 15.36 17.27
N GLY B 18 52.69 14.69 17.69
CA GLY B 18 51.73 15.33 18.58
C GLY B 18 52.32 15.68 19.93
N GLU B 19 53.16 14.78 20.47
CA GLU B 19 53.87 15.07 21.72
C GLU B 19 54.93 16.15 21.53
N ASN B 20 55.41 16.35 20.30
CA ASN B 20 56.39 17.40 20.06
C ASN B 20 55.82 18.77 20.37
N MET B 21 54.58 19.02 19.95
CA MET B 21 53.91 20.27 20.30
C MET B 21 53.41 20.27 21.75
N GLY B 22 53.00 19.12 22.25
CA GLY B 22 52.54 19.03 23.62
C GLY B 22 51.24 18.26 23.78
N LEU B 23 50.63 17.88 22.66
CA LEU B 23 49.38 17.13 22.71
C LEU B 23 49.61 15.73 23.26
N GLU B 24 48.67 15.26 24.07
CA GLU B 24 48.78 13.96 24.72
C GLU B 24 47.47 13.20 24.57
N ASN B 25 47.54 11.89 24.82
CA ASN B 25 46.40 10.98 24.74
C ASN B 25 45.76 10.99 23.35
N LEU B 26 46.58 11.18 22.32
CA LEU B 26 46.09 11.13 20.94
C LEU B 26 45.98 9.72 20.41
N ALA B 27 46.51 8.73 21.12
CA ALA B 27 46.46 7.35 20.63
C ALA B 27 45.05 6.80 20.65
N ARG B 28 44.20 7.28 21.55
CA ARG B 28 42.82 6.79 21.65
C ARG B 28 41.87 7.62 20.78
N MET B 29 42.23 7.79 19.51
CA MET B 29 41.37 8.47 18.55
C MET B 29 41.83 8.10 17.14
N ARG B 30 40.99 8.41 16.16
CA ARG B 30 41.25 7.98 14.79
C ARG B 30 42.48 8.67 14.22
N LYS B 31 43.13 7.98 13.27
CA LYS B 31 44.34 8.52 12.65
C LYS B 31 44.06 9.81 11.91
N GLN B 32 42.91 9.90 11.23
CA GLN B 32 42.56 11.12 10.52
C GLN B 32 42.45 12.30 11.46
N ASP B 33 41.84 12.09 12.64
CA ASP B 33 41.77 13.15 13.64
C ASP B 33 43.13 13.44 14.27
N ILE B 34 44.02 12.45 14.34
CA ILE B 34 45.38 12.70 14.81
C ILE B 34 46.09 13.68 13.89
N ILE B 35 45.97 13.45 12.58
CA ILE B 35 46.55 14.38 11.61
C ILE B 35 45.89 15.75 11.74
N PHE B 36 44.56 15.76 11.91
CA PHE B 36 43.84 17.03 12.06
C PHE B 36 44.29 17.77 13.31
N ALA B 37 44.48 17.05 14.42
CA ALA B 37 44.92 17.70 15.65
C ALA B 37 46.32 18.29 15.50
N ILE B 38 47.24 17.54 14.89
CA ILE B 38 48.57 18.07 14.65
C ILE B 38 48.52 19.21 13.63
N LEU B 39 47.63 19.10 12.64
CA LEU B 39 47.49 20.18 11.67
C LEU B 39 47.02 21.48 12.32
N LYS B 40 46.17 21.37 13.34
CA LYS B 40 45.74 22.56 14.07
C LYS B 40 46.91 23.25 14.75
N GLN B 41 47.91 22.48 15.17
CA GLN B 41 49.09 23.09 15.79
C GLN B 41 49.82 24.00 14.83
N HIS B 42 50.00 23.56 13.58
CA HIS B 42 50.64 24.39 12.57
C HIS B 42 49.71 25.47 12.05
N ALA B 43 48.41 25.18 12.00
CA ALA B 43 47.44 26.17 11.52
C ALA B 43 47.39 27.38 12.45
N LYS B 44 47.43 27.15 13.76
CA LYS B 44 47.43 28.27 14.71
C LYS B 44 48.68 29.13 14.55
N SER B 45 49.84 28.52 14.31
CA SER B 45 51.06 29.29 14.09
C SER B 45 51.02 30.08 12.80
N GLY B 46 50.09 29.78 11.91
CA GLY B 46 50.01 30.47 10.63
C GLY B 46 51.03 30.03 9.61
N GLU B 47 51.77 28.95 9.87
CA GLU B 47 52.78 28.48 8.94
C GLU B 47 52.12 27.91 7.70
N ASP B 48 52.78 28.12 6.56
CA ASP B 48 52.28 27.59 5.29
C ASP B 48 52.34 26.07 5.29
N ILE B 49 51.26 25.45 4.81
CA ILE B 49 51.14 24.00 4.78
C ILE B 49 50.73 23.59 3.37
N PHE B 50 51.34 22.52 2.88
CA PHE B 50 51.10 22.02 1.53
C PHE B 50 50.53 20.61 1.59
N GLY B 51 49.84 20.24 0.51
CA GLY B 51 49.23 18.93 0.41
C GLY B 51 48.51 18.75 -0.90
N ASP B 52 48.16 17.50 -1.23
CA ASP B 52 47.50 17.21 -2.50
C ASP B 52 46.37 16.21 -2.23
N GLY B 53 45.82 15.67 -3.30
CA GLY B 53 44.75 14.70 -3.18
C GLY B 53 44.13 14.44 -4.53
N VAL B 54 42.93 13.87 -4.49
CA VAL B 54 42.14 13.60 -5.68
C VAL B 54 40.79 14.28 -5.50
N LEU B 55 40.48 15.22 -6.39
CA LEU B 55 39.22 15.95 -6.29
C LEU B 55 38.04 15.00 -6.53
N GLU B 56 37.05 15.08 -5.66
CA GLU B 56 35.81 14.30 -5.79
C GLU B 56 34.65 15.28 -5.69
N ILE B 57 34.08 15.64 -6.83
CA ILE B 57 32.98 16.59 -6.86
C ILE B 57 31.71 15.86 -6.41
N LEU B 58 31.11 16.33 -5.32
CA LEU B 58 29.92 15.71 -4.77
C LEU B 58 28.69 16.17 -5.55
N GLN B 59 27.51 15.74 -5.10
CA GLN B 59 26.28 16.11 -5.78
C GLN B 59 25.98 17.61 -5.64
N ASP B 60 26.33 18.20 -4.50
CA ASP B 60 26.02 19.62 -4.28
C ASP B 60 26.84 20.52 -5.22
N GLY B 61 28.12 20.19 -5.42
CA GLY B 61 28.95 21.00 -6.28
C GLY B 61 30.35 21.20 -5.76
N PHE B 62 30.52 21.21 -4.44
CA PHE B 62 31.85 21.31 -3.86
C PHE B 62 32.53 19.94 -3.88
N GLY B 63 33.81 19.94 -3.52
CA GLY B 63 34.61 18.73 -3.57
C GLY B 63 35.57 18.65 -2.41
N PHE B 64 36.31 17.54 -2.37
CA PHE B 64 37.31 17.28 -1.34
C PHE B 64 38.51 16.62 -1.98
N LEU B 65 39.64 16.65 -1.27
CA LEU B 65 40.85 16.00 -1.71
C LEU B 65 41.06 14.75 -0.85
N ARG B 66 40.47 13.65 -1.29
CA ARG B 66 40.67 12.38 -0.59
C ARG B 66 42.10 11.89 -0.77
N SER B 67 42.56 11.12 0.20
CA SER B 67 43.92 10.62 0.22
C SER B 67 43.97 9.17 -0.27
N ALA B 68 44.94 8.89 -1.14
CA ALA B 68 45.12 7.51 -1.61
C ALA B 68 45.53 6.58 -0.49
N ASP B 69 46.32 7.07 0.47
CA ASP B 69 46.73 6.24 1.61
C ASP B 69 45.52 5.81 2.43
N SER B 70 44.47 6.64 2.48
CA SER B 70 43.25 6.31 3.18
C SER B 70 42.24 5.61 2.28
N SER B 71 42.63 5.24 1.07
CA SER B 71 41.75 4.60 0.09
C SER B 71 40.52 5.46 -0.20
N TYR B 72 40.74 6.77 -0.27
CA TYR B 72 39.69 7.74 -0.60
C TYR B 72 38.50 7.64 0.35
N LEU B 73 38.80 7.42 1.62
CA LEU B 73 37.76 7.37 2.64
C LEU B 73 37.43 8.77 3.13
N ALA B 74 36.14 9.07 3.18
CA ALA B 74 35.70 10.38 3.64
C ALA B 74 36.05 10.58 5.11
N GLY B 75 36.55 11.76 5.44
CA GLY B 75 36.97 12.05 6.79
C GLY B 75 37.20 13.53 7.02
N PRO B 76 37.61 13.88 8.25
CA PRO B 76 37.83 15.30 8.57
C PRO B 76 39.04 15.90 7.89
N ASP B 77 40.04 15.09 7.54
CA ASP B 77 41.27 15.61 6.96
C ASP B 77 41.16 15.90 5.47
N ASP B 78 40.02 15.61 4.85
CA ASP B 78 39.84 15.91 3.44
C ASP B 78 39.85 17.42 3.22
N ILE B 79 40.65 17.87 2.25
CA ILE B 79 40.80 19.29 1.97
C ILE B 79 39.57 19.76 1.21
N TYR B 80 38.73 20.55 1.88
CA TYR B 80 37.53 21.07 1.24
C TYR B 80 37.90 22.05 0.13
N VAL B 81 37.12 22.02 -0.94
CA VAL B 81 37.27 22.96 -2.05
C VAL B 81 35.90 23.53 -2.38
N SER B 82 35.90 24.73 -2.94
CA SER B 82 34.64 25.38 -3.29
C SER B 82 34.35 25.23 -4.76
N PRO B 83 33.07 25.25 -5.15
CA PRO B 83 32.72 25.21 -6.58
C PRO B 83 33.25 26.40 -7.35
N CYS B 84 33.54 27.53 -6.67
CA CYS B 84 34.07 28.70 -7.37
C CYS B 84 35.43 28.40 -7.99
N GLN B 85 36.29 27.69 -7.27
CA GLN B 85 37.59 27.32 -7.83
C GLN B 85 37.44 26.38 -9.01
N ILE B 86 36.43 25.51 -8.99
CA ILE B 86 36.15 24.66 -10.13
C ILE B 86 35.71 25.51 -11.33
N ARG B 87 34.98 26.59 -11.08
CA ARG B 87 34.66 27.52 -12.16
C ARG B 87 35.91 28.27 -12.61
N ARG B 88 36.80 28.61 -11.69
CA ARG B 88 38.03 29.32 -12.05
C ARG B 88 38.91 28.47 -12.97
N PHE B 89 39.19 27.23 -12.55
CA PHE B 89 39.94 26.28 -13.36
C PHE B 89 39.05 25.07 -13.61
N ASN B 90 38.80 24.78 -14.89
CA ASN B 90 37.90 23.70 -15.26
C ASN B 90 38.44 22.38 -14.74
N LEU B 91 37.76 21.81 -13.76
CA LEU B 91 38.18 20.57 -13.12
C LEU B 91 36.99 19.65 -12.94
N ARG B 92 37.28 18.35 -12.88
CA ARG B 92 36.26 17.33 -12.64
C ARG B 92 36.83 16.33 -11.65
N THR B 93 36.06 15.27 -11.39
CA THR B 93 36.49 14.24 -10.47
C THR B 93 37.75 13.55 -10.99
N GLY B 94 38.64 13.19 -10.07
CA GLY B 94 39.87 12.50 -10.41
C GLY B 94 41.06 13.40 -10.65
N ASP B 95 40.86 14.72 -10.69
CA ASP B 95 41.97 15.64 -10.88
C ASP B 95 42.85 15.69 -9.64
N THR B 96 44.16 15.61 -9.83
CA THR B 96 45.12 15.70 -8.74
C THR B 96 45.54 17.16 -8.59
N ILE B 97 45.20 17.76 -7.45
CA ILE B 97 45.42 19.17 -7.21
C ILE B 97 46.26 19.32 -5.95
N SER B 98 47.29 20.16 -6.01
CA SER B 98 48.16 20.45 -4.88
C SER B 98 48.32 21.95 -4.72
N GLY B 99 48.47 22.38 -3.46
CA GLY B 99 48.64 23.79 -3.18
C GLY B 99 48.57 24.07 -1.71
N LYS B 100 48.62 25.35 -1.38
CA LYS B 100 48.53 25.80 0.00
C LYS B 100 47.11 25.65 0.52
N ILE B 101 47.00 25.24 1.78
CA ILE B 101 45.71 25.00 2.43
C ILE B 101 45.60 25.93 3.62
N ARG B 102 44.49 26.66 3.70
CA ARG B 102 44.26 27.59 4.80
C ARG B 102 43.56 26.89 5.96
N PRO B 103 43.68 27.44 7.17
CA PRO B 103 42.95 26.87 8.30
C PRO B 103 41.46 26.93 8.05
N PRO B 104 40.70 25.99 8.60
CA PRO B 104 39.28 25.90 8.27
C PRO B 104 38.50 27.12 8.75
N LYS B 105 37.47 27.47 7.98
CA LYS B 105 36.59 28.56 8.36
C LYS B 105 35.65 28.12 9.48
N GLU B 106 35.11 29.10 10.20
CA GLU B 106 34.13 28.81 11.23
C GLU B 106 32.89 28.19 10.61
N GLY B 107 32.40 27.11 11.22
CA GLY B 107 31.32 26.34 10.64
C GLY B 107 31.76 25.25 9.68
N GLU B 108 33.05 25.16 9.38
CA GLU B 108 33.60 24.13 8.51
C GLU B 108 34.62 23.31 9.29
N ARG B 109 34.46 22.00 9.25
CA ARG B 109 35.36 21.08 9.94
C ARG B 109 36.50 20.58 9.07
N TYR B 110 36.60 21.06 7.83
CA TYR B 110 37.63 20.62 6.90
C TYR B 110 38.46 21.82 6.45
N PHE B 111 39.77 21.62 6.37
CA PHE B 111 40.66 22.65 5.88
C PHE B 111 40.35 22.97 4.42
N ALA B 112 40.46 24.25 4.07
CA ALA B 112 40.10 24.73 2.75
C ALA B 112 41.36 25.12 1.98
N LEU B 113 41.48 24.65 0.75
CA LEU B 113 42.59 25.05 -0.11
C LEU B 113 42.45 26.51 -0.50
N LEU B 114 43.53 27.27 -0.36
CA LEU B 114 43.51 28.69 -0.66
C LEU B 114 44.00 29.03 -2.05
N LYS B 115 44.90 28.23 -2.61
CA LYS B 115 45.45 28.51 -3.93
C LYS B 115 45.65 27.20 -4.69
N VAL B 116 45.24 27.20 -5.96
CA VAL B 116 45.43 26.05 -6.84
C VAL B 116 46.78 26.21 -7.50
N ASN B 117 47.78 25.46 -7.03
CA ASN B 117 49.13 25.59 -7.52
C ASN B 117 49.39 24.69 -8.74
N GLU B 118 49.11 23.40 -8.61
CA GLU B 118 49.35 22.45 -9.68
C GLU B 118 48.11 21.58 -9.88
N VAL B 119 47.89 21.18 -11.13
CA VAL B 119 46.81 20.28 -11.50
C VAL B 119 47.40 19.17 -12.35
N ASN B 120 47.20 17.92 -11.92
CA ASN B 120 47.68 16.75 -12.65
C ASN B 120 49.19 16.84 -12.93
N PHE B 121 49.95 17.25 -11.90
CA PHE B 121 51.40 17.41 -12.00
C PHE B 121 51.79 18.34 -13.14
N ASP B 122 51.03 19.42 -13.31
CA ASP B 122 51.30 20.39 -14.36
C ASP B 122 50.64 21.71 -13.99
N LYS B 123 50.82 22.71 -14.84
CA LYS B 123 50.24 24.02 -14.60
C LYS B 123 48.71 23.95 -14.70
N PRO B 124 48.01 24.70 -13.85
CA PRO B 124 46.54 24.67 -13.91
C PRO B 124 45.97 25.13 -15.24
N GLU B 125 46.63 26.09 -15.90
CA GLU B 125 46.11 26.60 -17.17
C GLU B 125 46.28 25.60 -18.31
N ASN B 126 47.42 24.91 -18.36
CA ASN B 126 47.65 23.95 -19.44
C ASN B 126 46.69 22.77 -19.36
N ALA B 127 46.33 22.35 -18.14
CA ALA B 127 45.39 21.23 -17.99
C ALA B 127 44.02 21.55 -18.54
N ARG B 128 43.63 22.83 -18.58
CA ARG B 128 42.34 23.20 -19.14
C ARG B 128 42.30 23.02 -20.66
N ASN B 129 43.47 22.91 -21.30
CA ASN B 129 43.54 22.71 -22.74
C ASN B 129 43.57 21.25 -23.14
N LYS B 130 43.51 20.33 -22.17
CA LYS B 130 43.53 18.90 -22.48
C LYS B 130 42.18 18.46 -23.02
N ILE B 131 42.22 17.54 -23.99
CA ILE B 131 40.99 17.03 -24.59
C ILE B 131 40.31 16.06 -23.62
N LEU B 132 38.99 16.04 -23.65
CA LEU B 132 38.23 15.14 -22.81
C LEU B 132 38.46 13.69 -23.25
N PHE B 133 38.31 12.76 -22.29
CA PHE B 133 38.63 11.36 -22.56
C PHE B 133 37.72 10.76 -23.62
N GLU B 134 36.41 11.03 -23.53
CA GLU B 134 35.48 10.43 -24.48
C GLU B 134 35.70 10.92 -25.90
N ASN B 135 36.20 12.14 -26.09
CA ASN B 135 36.46 12.65 -27.43
C ASN B 135 37.65 11.96 -28.09
N LEU B 136 38.43 11.19 -27.34
CA LEU B 136 39.57 10.49 -27.92
C LEU B 136 39.11 9.32 -28.78
N THR B 137 39.95 8.94 -29.73
CA THR B 137 39.64 7.83 -30.63
C THR B 137 40.39 6.59 -30.17
N PRO B 138 39.70 5.53 -29.75
CA PRO B 138 40.40 4.31 -29.35
C PRO B 138 41.09 3.64 -30.52
N LEU B 139 42.13 2.87 -30.20
CA LEU B 139 42.92 2.20 -31.21
C LEU B 139 43.45 0.89 -30.64
N HIS B 140 43.79 -0.03 -31.53
CA HIS B 140 44.31 -1.33 -31.13
C HIS B 140 45.60 -1.20 -30.36
N ALA B 141 45.79 -2.09 -29.39
CA ALA B 141 47.03 -2.13 -28.63
C ALA B 141 48.16 -2.59 -29.53
N ASN B 142 49.16 -1.74 -29.72
CA ASN B 142 50.29 -2.04 -30.59
C ASN B 142 51.63 -1.97 -29.87
N SER B 143 51.69 -1.42 -28.66
CA SER B 143 52.92 -1.35 -27.89
C SER B 143 52.91 -2.49 -26.87
N ARG B 144 53.70 -3.52 -27.14
CA ARG B 144 53.74 -4.69 -26.28
C ARG B 144 54.34 -4.35 -24.92
N LEU B 145 53.72 -4.84 -23.86
CA LEU B 145 54.25 -4.71 -22.51
C LEU B 145 54.94 -6.01 -22.14
N ARG B 146 56.26 -5.99 -22.12
CA ARG B 146 57.05 -7.20 -21.85
C ARG B 146 56.89 -7.58 -20.39
N MET B 147 56.00 -8.54 -20.12
CA MET B 147 55.81 -9.00 -18.76
C MET B 147 57.01 -9.76 -18.24
N GLU B 148 57.75 -10.42 -19.13
CA GLU B 148 58.94 -11.16 -18.73
C GLU B 148 60.03 -10.18 -18.28
N ARG B 149 60.61 -10.45 -17.12
CA ARG B 149 61.69 -9.61 -16.60
C ARG B 149 63.06 -10.03 -17.11
N GLY B 150 63.23 -11.28 -17.51
CA GLY B 150 64.51 -11.77 -17.95
C GLY B 150 65.50 -12.09 -16.85
N ASN B 151 65.07 -12.00 -15.59
CA ASN B 151 65.97 -12.27 -14.46
C ASN B 151 66.28 -13.76 -14.31
N GLY B 152 65.49 -14.63 -14.91
CA GLY B 152 65.72 -16.06 -14.80
C GLY B 152 65.32 -16.68 -13.48
N SER B 153 64.62 -15.93 -12.62
CA SER B 153 64.22 -16.45 -11.32
C SER B 153 63.00 -17.35 -11.46
N THR B 154 62.58 -17.95 -10.34
CA THR B 154 61.42 -18.82 -10.36
C THR B 154 60.15 -18.04 -10.72
N GLU B 155 59.98 -16.85 -10.16
CA GLU B 155 58.83 -16.03 -10.49
C GLU B 155 58.89 -15.50 -11.93
N ASP B 156 60.08 -15.42 -12.52
CA ASP B 156 60.19 -15.03 -13.91
C ASP B 156 59.51 -16.04 -14.84
N LEU B 157 59.45 -17.31 -14.43
CA LEU B 157 58.76 -18.31 -15.23
C LEU B 157 57.28 -18.00 -15.36
N THR B 158 56.65 -17.52 -14.29
CA THR B 158 55.24 -17.16 -14.36
C THR B 158 55.00 -16.06 -15.39
N ALA B 159 55.83 -15.02 -15.38
CA ALA B 159 55.72 -13.97 -16.39
C ALA B 159 56.05 -14.50 -17.78
N ARG B 160 57.05 -15.38 -17.88
CA ARG B 160 57.39 -15.96 -19.17
C ARG B 160 56.26 -16.79 -19.74
N VAL B 161 55.56 -17.56 -18.89
CA VAL B 161 54.39 -18.31 -19.35
C VAL B 161 53.30 -17.35 -19.80
N LEU B 162 53.08 -16.27 -19.04
CA LEU B 162 52.05 -15.31 -19.40
C LEU B 162 52.31 -14.65 -20.74
N ASP B 163 53.56 -14.30 -21.03
CA ASP B 163 53.89 -13.71 -22.33
C ASP B 163 53.60 -14.70 -23.46
N LEU B 164 53.98 -15.97 -23.28
CA LEU B 164 53.71 -16.97 -24.29
C LEU B 164 52.22 -17.25 -24.46
N ALA B 165 51.46 -17.25 -23.37
CA ALA B 165 50.03 -17.56 -23.43
C ALA B 165 49.25 -16.45 -24.13
N SER B 166 49.32 -15.24 -23.59
CA SER B 166 48.58 -14.12 -24.17
C SER B 166 49.30 -12.81 -23.88
N PRO B 167 50.01 -12.25 -24.86
CA PRO B 167 50.69 -10.98 -24.63
C PRO B 167 49.70 -9.85 -24.34
N ILE B 168 50.14 -8.92 -23.50
CA ILE B 168 49.34 -7.78 -23.09
C ILE B 168 50.05 -6.51 -23.52
N GLY B 169 49.32 -5.61 -24.19
CA GLY B 169 49.85 -4.34 -24.61
C GLY B 169 49.18 -3.18 -23.88
N ARG B 170 49.70 -1.98 -24.15
CA ARG B 170 49.16 -0.78 -23.54
C ARG B 170 47.75 -0.53 -24.05
N GLY B 171 46.83 -0.23 -23.14
CA GLY B 171 45.45 -0.01 -23.49
C GLY B 171 44.63 -1.27 -23.65
N GLN B 172 45.21 -2.45 -23.39
CA GLN B 172 44.48 -3.69 -23.56
C GLN B 172 43.33 -3.78 -22.56
N ARG B 173 42.18 -4.23 -23.06
CA ARG B 173 40.99 -4.43 -22.23
C ARG B 173 40.94 -5.87 -21.71
N GLY B 174 41.98 -6.21 -20.95
CA GLY B 174 42.18 -7.60 -20.57
C GLY B 174 41.18 -8.10 -19.56
N LEU B 175 41.18 -9.42 -19.40
CA LEU B 175 40.31 -10.10 -18.44
C LEU B 175 40.95 -11.42 -18.06
N ILE B 176 40.83 -11.79 -16.78
CA ILE B 176 41.37 -13.04 -16.26
C ILE B 176 40.23 -13.81 -15.63
N VAL B 177 40.04 -15.05 -16.07
CA VAL B 177 39.03 -15.93 -15.49
C VAL B 177 39.70 -16.73 -14.39
N ALA B 178 39.28 -16.49 -13.15
CA ALA B 178 39.94 -17.08 -11.97
C ALA B 178 38.98 -17.98 -11.20
N PRO B 179 39.10 -19.30 -11.34
CA PRO B 179 38.36 -20.19 -10.46
C PRO B 179 38.94 -20.15 -9.05
N PRO B 180 38.14 -20.45 -8.03
CA PRO B 180 38.64 -20.35 -6.66
C PRO B 180 39.72 -21.38 -6.38
N LYS B 181 40.64 -21.00 -5.48
CA LYS B 181 41.76 -21.85 -5.08
C LYS B 181 42.61 -22.24 -6.30
N ALA B 182 43.18 -21.22 -6.94
CA ALA B 182 44.03 -21.45 -8.10
C ALA B 182 45.26 -20.56 -8.11
N GLY B 183 45.63 -19.96 -6.98
CA GLY B 183 46.77 -19.06 -6.95
C GLY B 183 46.56 -17.79 -7.73
N LYS B 184 45.32 -17.26 -7.75
CA LYS B 184 45.03 -16.04 -8.48
C LYS B 184 45.77 -14.85 -7.88
N THR B 185 45.83 -14.78 -6.55
CA THR B 185 46.47 -13.64 -5.90
C THR B 185 47.96 -13.56 -6.25
N MET B 186 48.65 -14.70 -6.27
CA MET B 186 50.07 -14.70 -6.60
C MET B 186 50.31 -14.22 -8.01
N LEU B 187 49.39 -14.51 -8.93
CA LEU B 187 49.53 -14.02 -10.31
C LEU B 187 49.50 -12.50 -10.34
N LEU B 188 48.61 -11.88 -9.57
CA LEU B 188 48.56 -10.42 -9.51
C LEU B 188 49.85 -9.84 -8.92
N GLN B 189 50.41 -10.49 -7.90
CA GLN B 189 51.67 -10.03 -7.35
C GLN B 189 52.79 -10.11 -8.38
N ASN B 190 52.82 -11.19 -9.16
CA ASN B 190 53.85 -11.35 -10.19
C ASN B 190 53.75 -10.27 -11.26
N ILE B 191 52.54 -9.93 -11.68
CA ILE B 191 52.37 -8.92 -12.72
C ILE B 191 52.85 -7.56 -12.22
N ALA B 192 52.45 -7.19 -11.01
CA ALA B 192 52.78 -5.87 -10.48
C ALA B 192 54.29 -5.68 -10.33
N GLN B 193 55.00 -6.69 -9.84
CA GLN B 193 56.44 -6.58 -9.72
C GLN B 193 57.11 -6.42 -11.08
N SER B 194 56.64 -7.17 -12.09
CA SER B 194 57.20 -7.04 -13.42
C SER B 194 56.96 -5.66 -14.00
N ILE B 195 55.74 -5.13 -13.86
CA ILE B 195 55.43 -3.81 -14.38
C ILE B 195 56.19 -2.73 -13.60
N ALA B 196 56.62 -3.04 -12.38
CA ALA B 196 57.23 -2.03 -11.53
C ALA B 196 58.50 -1.45 -12.14
N TYR B 197 59.36 -2.31 -12.72
CA TYR B 197 60.63 -1.83 -13.25
C TYR B 197 60.84 -2.14 -14.74
N ASN B 198 60.09 -3.07 -15.33
CA ASN B 198 60.20 -3.26 -16.77
C ASN B 198 59.72 -2.03 -17.52
N HIS B 199 58.62 -1.43 -17.07
CA HIS B 199 58.08 -0.19 -17.63
C HIS B 199 57.76 0.76 -16.48
N PRO B 200 58.78 1.31 -15.82
CA PRO B 200 58.53 2.19 -14.67
C PRO B 200 57.80 3.47 -15.01
N ASP B 201 57.81 3.89 -16.28
CA ASP B 201 57.17 5.15 -16.64
C ASP B 201 55.66 5.11 -16.44
N CYS B 202 55.02 4.00 -16.78
CA CYS B 202 53.57 3.92 -16.74
C CYS B 202 53.07 3.91 -15.30
N VAL B 203 51.95 4.61 -15.08
CA VAL B 203 51.33 4.64 -13.77
C VAL B 203 50.70 3.29 -13.47
N LEU B 204 51.01 2.74 -12.30
CA LEU B 204 50.47 1.45 -11.88
C LEU B 204 49.52 1.67 -10.71
N MET B 205 48.28 1.23 -10.86
CA MET B 205 47.28 1.31 -9.81
C MET B 205 46.67 -0.07 -9.62
N VAL B 206 46.60 -0.51 -8.36
CA VAL B 206 46.00 -1.80 -8.02
C VAL B 206 44.72 -1.52 -7.24
N LEU B 207 43.60 -2.00 -7.77
CA LEU B 207 42.30 -1.79 -7.17
C LEU B 207 41.77 -3.12 -6.64
N LEU B 208 41.36 -3.14 -5.38
CA LEU B 208 40.81 -4.32 -4.75
C LEU B 208 39.39 -4.02 -4.26
N ILE B 209 38.46 -4.90 -4.59
CA ILE B 209 37.06 -4.74 -4.21
C ILE B 209 36.63 -5.95 -3.40
N ASP B 210 36.03 -5.71 -2.23
CA ASP B 210 35.58 -6.76 -1.32
C ASP B 210 36.73 -7.71 -0.96
N GLU B 211 37.90 -7.15 -0.73
CA GLU B 211 39.07 -7.93 -0.34
C GLU B 211 39.23 -7.91 1.17
N ARG B 212 39.85 -8.96 1.70
CA ARG B 212 40.11 -9.04 3.12
C ARG B 212 41.09 -7.96 3.54
N PRO B 213 40.95 -7.41 4.75
CA PRO B 213 41.94 -6.45 5.25
C PRO B 213 43.33 -7.03 5.37
N GLU B 214 43.45 -8.37 5.46
CA GLU B 214 44.76 -8.99 5.51
C GLU B 214 45.53 -8.77 4.22
N GLU B 215 44.86 -8.94 3.07
CA GLU B 215 45.52 -8.83 1.78
C GLU B 215 45.96 -7.41 1.45
N VAL B 216 45.26 -6.40 1.96
CA VAL B 216 45.58 -5.02 1.63
C VAL B 216 46.99 -4.67 2.11
N THR B 217 47.33 -5.08 3.32
CA THR B 217 48.68 -4.84 3.83
C THR B 217 49.72 -5.63 3.03
N GLU B 218 49.40 -6.85 2.64
CA GLU B 218 50.34 -7.65 1.85
C GLU B 218 50.61 -7.00 0.50
N MET B 219 49.56 -6.49 -0.17
CA MET B 219 49.75 -5.86 -1.47
C MET B 219 50.55 -4.57 -1.37
N GLN B 220 50.28 -3.76 -0.34
CA GLN B 220 50.96 -2.47 -0.23
C GLN B 220 52.45 -2.62 -0.01
N ARG B 221 52.89 -3.76 0.52
CA ARG B 221 54.31 -4.00 0.76
C ARG B 221 55.00 -4.66 -0.43
N LEU B 222 54.26 -5.00 -1.49
CA LEU B 222 54.85 -5.66 -2.65
C LEU B 222 54.71 -4.86 -3.94
N VAL B 223 53.76 -3.94 -4.01
CA VAL B 223 53.51 -3.17 -5.23
C VAL B 223 54.21 -1.83 -5.12
N LYS B 224 55.07 -1.53 -6.11
CA LYS B 224 55.75 -0.24 -6.16
C LYS B 224 54.87 0.77 -6.90
N GLY B 225 53.72 1.03 -6.30
CA GLY B 225 52.76 1.94 -6.90
C GLY B 225 51.56 2.10 -6.01
N GLU B 226 50.59 2.87 -6.50
CA GLU B 226 49.37 3.12 -5.74
C GLU B 226 48.61 1.83 -5.52
N VAL B 227 48.16 1.62 -4.28
CA VAL B 227 47.31 0.49 -3.91
C VAL B 227 46.11 1.04 -3.16
N VAL B 228 44.93 0.87 -3.74
CA VAL B 228 43.68 1.33 -3.14
C VAL B 228 42.74 0.14 -3.05
N ALA B 229 42.15 -0.06 -1.87
CA ALA B 229 41.31 -1.22 -1.62
C ALA B 229 40.13 -0.82 -0.74
N SER B 230 39.09 -1.64 -0.79
CA SER B 230 37.90 -1.47 0.05
C SER B 230 37.56 -2.82 0.67
N THR B 231 37.70 -2.92 1.98
CA THR B 231 37.45 -4.18 2.67
C THR B 231 35.96 -4.51 2.67
N PHE B 232 35.66 -5.80 2.86
CA PHE B 232 34.28 -6.24 2.86
C PHE B 232 33.48 -5.67 4.02
N ASP B 233 34.13 -5.39 5.15
CA ASP B 233 33.42 -4.78 6.27
C ASP B 233 32.87 -3.42 5.93
N GLU B 234 33.47 -2.72 4.96
CA GLU B 234 32.92 -1.46 4.50
C GLU B 234 31.61 -1.70 3.76
N PRO B 235 30.71 -0.72 3.75
CA PRO B 235 29.44 -0.89 3.05
C PRO B 235 29.65 -1.03 1.55
N ALA B 236 28.64 -1.61 0.89
CA ALA B 236 28.70 -1.79 -0.55
C ALA B 236 28.80 -0.45 -1.28
N SER B 237 28.14 0.59 -0.77
CA SER B 237 28.24 1.90 -1.37
C SER B 237 29.67 2.45 -1.34
N ARG B 238 30.49 2.00 -0.39
CA ARG B 238 31.89 2.38 -0.39
C ARG B 238 32.66 1.70 -1.51
N HIS B 239 32.26 0.48 -1.88
CA HIS B 239 32.94 -0.23 -2.95
C HIS B 239 32.82 0.52 -4.27
N VAL B 240 31.61 0.97 -4.61
CA VAL B 240 31.44 1.72 -5.84
C VAL B 240 32.04 3.11 -5.76
N GLN B 241 32.03 3.74 -4.58
CA GLN B 241 32.62 5.07 -4.45
C GLN B 241 34.12 5.02 -4.71
N VAL B 242 34.80 3.98 -4.22
CA VAL B 242 36.22 3.82 -4.50
C VAL B 242 36.46 3.62 -5.99
N ALA B 243 35.65 2.76 -6.63
CA ALA B 243 35.85 2.46 -8.04
C ALA B 243 35.65 3.69 -8.91
N GLU B 244 34.70 4.56 -8.57
CA GLU B 244 34.47 5.76 -9.36
C GLU B 244 35.70 6.67 -9.35
N MET B 245 36.33 6.82 -8.19
CA MET B 245 37.52 7.68 -8.10
C MET B 245 38.75 7.03 -8.72
N VAL B 246 38.81 5.70 -8.77
CA VAL B 246 39.95 5.03 -9.38
C VAL B 246 39.97 5.26 -10.88
N ILE B 247 38.81 5.08 -11.53
CA ILE B 247 38.75 5.24 -12.99
C ILE B 247 38.90 6.70 -13.38
N GLU B 248 38.26 7.61 -12.64
CA GLU B 248 38.33 9.02 -12.99
C GLU B 248 39.75 9.57 -12.86
N LYS B 249 40.47 9.17 -11.81
CA LYS B 249 41.86 9.57 -11.68
C LYS B 249 42.70 9.00 -12.82
N ALA B 250 42.45 7.75 -13.20
CA ALA B 250 43.16 7.16 -14.33
C ALA B 250 42.82 7.86 -15.63
N LYS B 251 41.55 8.21 -15.83
CA LYS B 251 41.14 8.84 -17.08
C LYS B 251 41.84 10.18 -17.30
N ARG B 252 42.01 10.96 -16.24
CA ARG B 252 42.70 12.25 -16.39
C ARG B 252 44.14 12.07 -16.83
N LEU B 253 44.84 11.06 -16.31
CA LEU B 253 46.22 10.82 -16.68
C LEU B 253 46.37 10.42 -18.15
N VAL B 254 45.38 9.74 -18.73
CA VAL B 254 45.43 9.43 -20.15
C VAL B 254 45.40 10.71 -20.98
N GLU B 255 44.55 11.67 -20.58
CA GLU B 255 44.50 12.94 -21.28
C GLU B 255 45.82 13.70 -21.21
N HIS B 256 46.67 13.38 -20.23
CA HIS B 256 48.00 13.95 -20.15
C HIS B 256 49.06 13.04 -20.77
N LYS B 257 48.65 12.15 -21.67
CA LYS B 257 49.57 11.26 -22.40
C LYS B 257 50.40 10.41 -21.44
N LYS B 258 49.75 9.83 -20.44
CA LYS B 258 50.40 8.96 -19.47
C LYS B 258 49.75 7.59 -19.51
N ASP B 259 50.58 6.56 -19.67
CA ASP B 259 50.06 5.19 -19.63
C ASP B 259 49.72 4.81 -18.19
N VAL B 260 48.47 4.42 -17.96
CA VAL B 260 48.00 4.04 -16.64
C VAL B 260 47.51 2.60 -16.70
N ILE B 261 47.94 1.80 -15.73
CA ILE B 261 47.59 0.38 -15.66
C ILE B 261 46.77 0.17 -14.40
N ILE B 262 45.60 -0.43 -14.55
CA ILE B 262 44.71 -0.73 -13.44
C ILE B 262 44.55 -2.24 -13.34
N LEU B 263 44.89 -2.80 -12.19
CA LEU B 263 44.68 -4.21 -11.90
C LEU B 263 43.54 -4.33 -10.90
N LEU B 264 42.48 -5.04 -11.28
CA LEU B 264 41.27 -5.12 -10.49
C LEU B 264 41.12 -6.53 -9.92
N ASP B 265 40.74 -6.61 -8.66
CA ASP B 265 40.47 -7.88 -7.98
C ASP B 265 39.28 -7.66 -7.05
N SER B 266 38.08 -8.04 -7.51
CA SER B 266 37.83 -8.67 -8.80
C SER B 266 36.60 -8.05 -9.45
N ILE B 267 36.48 -8.19 -10.78
CA ILE B 267 35.34 -7.61 -11.48
C ILE B 267 34.03 -8.25 -11.05
N THR B 268 34.06 -9.50 -10.58
CA THR B 268 32.83 -10.13 -10.10
C THR B 268 32.28 -9.41 -8.88
N ARG B 269 33.15 -9.05 -7.94
CA ARG B 269 32.71 -8.34 -6.75
C ARG B 269 32.18 -6.94 -7.09
N LEU B 270 32.84 -6.26 -8.04
CA LEU B 270 32.41 -4.91 -8.38
C LEU B 270 30.99 -4.89 -8.95
N ALA B 271 30.68 -5.85 -9.82
CA ALA B 271 29.31 -5.94 -10.34
C ALA B 271 28.32 -6.29 -9.23
N ARG B 272 28.69 -7.23 -8.36
CA ARG B 272 27.82 -7.59 -7.25
C ARG B 272 27.60 -6.41 -6.31
N ALA B 273 28.67 -5.67 -6.01
CA ALA B 273 28.52 -4.46 -5.19
C ALA B 273 27.66 -3.43 -5.90
N TYR B 274 27.84 -3.28 -7.22
CA TYR B 274 27.00 -2.35 -7.97
C TYR B 274 25.56 -2.82 -8.02
N ASN B 275 25.33 -4.14 -8.00
CA ASN B 275 23.97 -4.67 -8.07
C ASN B 275 23.14 -4.21 -6.86
N THR B 276 23.74 -4.25 -5.67
CA THR B 276 23.03 -3.82 -4.47
C THR B 276 22.86 -2.31 -4.42
N VAL B 277 23.86 -1.55 -4.90
CA VAL B 277 23.82 -0.11 -4.79
C VAL B 277 22.72 0.49 -5.65
N VAL B 278 22.63 0.05 -6.91
CA VAL B 278 21.72 0.67 -7.87
C VAL B 278 20.27 0.41 -7.48
N PRO B 279 19.37 1.35 -7.75
CA PRO B 279 17.95 1.09 -7.48
C PRO B 279 17.37 0.07 -8.44
N ALA B 280 16.31 -0.60 -8.00
CA ALA B 280 15.65 -1.59 -8.84
C ALA B 280 14.90 -0.90 -9.98
N SER B 281 15.12 -1.39 -11.20
CA SER B 281 14.49 -0.82 -12.38
C SER B 281 13.26 -1.60 -12.82
N GLY B 282 12.86 -2.63 -12.07
CA GLY B 282 11.69 -3.41 -12.39
C GLY B 282 11.94 -4.60 -13.30
N LYS B 283 13.08 -4.64 -13.98
CA LYS B 283 13.46 -5.77 -14.84
C LYS B 283 14.62 -6.49 -14.17
N VAL B 284 14.32 -7.61 -13.51
CA VAL B 284 15.32 -8.36 -12.77
C VAL B 284 15.60 -9.65 -13.54
N LEU B 285 16.80 -9.77 -14.06
CA LEU B 285 17.23 -11.00 -14.71
C LEU B 285 17.45 -12.08 -13.66
N THR B 286 17.43 -13.33 -14.10
CA THR B 286 17.53 -14.46 -13.19
C THR B 286 18.84 -14.40 -12.39
N GLY B 287 18.79 -14.91 -11.17
CA GLY B 287 19.91 -14.83 -10.26
C GLY B 287 20.00 -13.56 -9.46
N GLY B 288 18.95 -12.74 -9.45
CA GLY B 288 18.96 -11.53 -8.66
C GLY B 288 19.81 -10.41 -9.23
N VAL B 289 20.09 -10.44 -10.53
CA VAL B 289 20.89 -9.42 -11.18
C VAL B 289 19.95 -8.48 -11.93
N ASP B 290 20.01 -7.19 -11.58
CA ASP B 290 19.16 -6.21 -12.25
C ASP B 290 19.65 -5.97 -13.68
N ALA B 291 18.73 -5.49 -14.51
CA ALA B 291 19.06 -5.24 -15.90
C ALA B 291 20.07 -4.12 -16.05
N ASN B 292 19.82 -2.99 -15.40
CA ASN B 292 20.70 -1.84 -15.48
C ASN B 292 21.83 -1.88 -14.46
N ALA B 293 21.87 -2.91 -13.60
CA ALA B 293 22.94 -3.00 -12.62
C ALA B 293 24.29 -3.19 -13.27
N LEU B 294 24.33 -3.86 -14.42
CA LEU B 294 25.58 -4.12 -15.14
C LEU B 294 25.95 -3.00 -16.09
N HIS B 295 25.11 -1.96 -16.19
CA HIS B 295 25.43 -0.85 -17.08
C HIS B 295 26.69 -0.11 -16.62
N ARG B 296 26.81 0.14 -15.32
CA ARG B 296 27.96 0.87 -14.79
C ARG B 296 29.24 0.05 -14.86
N PRO B 297 29.28 -1.21 -14.42
CA PRO B 297 30.52 -1.99 -14.56
C PRO B 297 30.98 -2.13 -16.01
N LYS B 298 30.05 -2.21 -16.96
CA LYS B 298 30.45 -2.23 -18.36
C LYS B 298 31.14 -0.92 -18.75
N ARG B 299 30.62 0.21 -18.26
CA ARG B 299 31.27 1.49 -18.53
C ARG B 299 32.66 1.55 -17.91
N PHE B 300 32.82 1.04 -16.70
CA PHE B 300 34.14 0.96 -16.08
C PHE B 300 35.07 0.08 -16.92
N PHE B 301 34.57 -1.07 -17.37
CA PHE B 301 35.42 -2.02 -18.08
C PHE B 301 35.74 -1.49 -19.48
N GLY B 302 34.81 -0.81 -20.12
CA GLY B 302 35.01 -0.36 -21.48
C GLY B 302 35.89 0.87 -21.62
N ALA B 303 36.32 1.46 -20.51
CA ALA B 303 37.23 2.60 -20.59
C ALA B 303 38.63 2.19 -21.01
N ALA B 304 38.98 0.92 -20.88
CA ALA B 304 40.31 0.45 -21.26
C ALA B 304 40.48 0.59 -22.76
N ARG B 305 41.43 1.43 -23.18
CA ARG B 305 41.67 1.66 -24.60
C ARG B 305 43.08 2.18 -24.78
N ASN B 306 43.59 2.01 -26.00
CA ASN B 306 44.88 2.57 -26.40
C ASN B 306 44.59 3.76 -27.32
N VAL B 307 44.60 4.95 -26.76
CA VAL B 307 44.24 6.15 -27.52
C VAL B 307 45.30 6.41 -28.58
N GLU B 308 44.86 6.66 -29.81
CA GLU B 308 45.78 6.95 -30.90
C GLU B 308 46.54 8.25 -30.66
N GLU B 309 45.89 9.23 -30.05
CA GLU B 309 46.55 10.51 -29.79
C GLU B 309 47.74 10.35 -28.86
N GLY B 310 47.62 9.51 -27.84
CA GLY B 310 48.71 9.29 -26.91
C GLY B 310 48.28 8.63 -25.62
N GLY B 311 49.20 7.95 -24.95
CA GLY B 311 48.89 7.27 -23.73
C GLY B 311 48.09 6.00 -23.97
N SER B 312 47.55 5.46 -22.88
CA SER B 312 46.77 4.23 -22.93
C SER B 312 46.01 4.10 -21.61
N LEU B 313 45.32 2.97 -21.47
CA LEU B 313 44.62 2.67 -20.22
C LEU B 313 44.44 1.15 -20.18
N THR B 314 45.30 0.48 -19.42
CA THR B 314 45.30 -0.98 -19.34
C THR B 314 44.52 -1.41 -18.10
N ILE B 315 43.49 -2.22 -18.31
CA ILE B 315 42.67 -2.75 -17.23
C ILE B 315 42.75 -4.27 -17.31
N ILE B 316 43.25 -4.89 -16.25
CA ILE B 316 43.25 -6.35 -16.14
C ILE B 316 42.32 -6.75 -15.01
N ALA B 317 41.05 -6.97 -15.34
CA ALA B 317 40.04 -7.27 -14.34
C ALA B 317 39.95 -8.78 -14.14
N THR B 318 39.97 -9.20 -12.88
CA THR B 318 39.87 -10.60 -12.54
C THR B 318 38.40 -11.00 -12.46
N ALA B 319 38.04 -12.07 -13.15
CA ALA B 319 36.69 -12.60 -13.14
C ALA B 319 36.65 -13.90 -12.36
N LEU B 320 35.66 -14.03 -11.48
CA LEU B 320 35.53 -15.18 -10.60
C LEU B 320 34.42 -16.09 -11.12
N ILE B 321 34.77 -17.36 -11.37
CA ILE B 321 33.81 -18.36 -11.78
C ILE B 321 33.86 -19.52 -10.80
N ASP B 322 33.03 -20.53 -11.01
CA ASP B 322 33.01 -21.76 -10.21
C ASP B 322 32.72 -21.48 -8.73
N THR B 323 32.24 -20.29 -8.41
CA THR B 323 31.90 -19.97 -7.03
C THR B 323 30.61 -20.66 -6.57
N GLY B 324 29.77 -21.09 -7.51
CA GLY B 324 28.52 -21.73 -7.20
C GLY B 324 27.33 -20.80 -7.09
N SER B 325 27.58 -19.50 -6.91
CA SER B 325 26.49 -18.54 -6.84
C SER B 325 25.94 -18.27 -8.24
N LYS B 326 24.61 -18.23 -8.34
CA LYS B 326 23.98 -17.93 -9.63
C LYS B 326 24.32 -16.51 -10.08
N MET B 327 24.34 -15.55 -9.16
CA MET B 327 24.73 -14.19 -9.51
C MET B 327 26.18 -14.13 -9.98
N ASP B 328 27.06 -14.97 -9.42
CA ASP B 328 28.44 -15.00 -9.85
C ASP B 328 28.55 -15.44 -11.31
N GLU B 329 27.79 -16.46 -11.69
CA GLU B 329 27.88 -16.97 -13.06
C GLU B 329 27.26 -16.02 -14.08
N VAL B 330 26.24 -15.27 -13.67
CA VAL B 330 25.60 -14.33 -14.58
C VAL B 330 26.58 -13.24 -15.00
N ILE B 331 27.37 -12.73 -14.06
CA ILE B 331 28.28 -11.63 -14.35
C ILE B 331 29.31 -12.05 -15.39
N TYR B 332 29.90 -13.23 -15.23
CA TYR B 332 30.89 -13.70 -16.19
C TYR B 332 30.29 -13.92 -17.57
N GLU B 333 29.02 -14.33 -17.63
CA GLU B 333 28.36 -14.53 -18.92
C GLU B 333 28.12 -13.21 -19.64
N GLU B 334 27.97 -12.11 -18.92
CA GLU B 334 27.74 -10.81 -19.52
C GLU B 334 29.03 -10.09 -19.90
N PHE B 335 30.19 -10.68 -19.59
CA PHE B 335 31.48 -10.12 -19.97
C PHE B 335 32.28 -11.12 -20.80
N LYS B 336 31.59 -11.96 -21.56
CA LYS B 336 32.27 -13.01 -22.32
C LYS B 336 33.00 -12.45 -23.53
N GLY B 337 32.26 -11.87 -24.46
CA GLY B 337 32.85 -11.34 -25.67
C GLY B 337 33.39 -9.93 -25.57
N THR B 338 33.28 -9.30 -24.39
CA THR B 338 33.74 -7.94 -24.21
C THR B 338 35.22 -7.84 -23.88
N GLY B 339 35.88 -8.96 -23.59
CA GLY B 339 37.28 -8.93 -23.21
C GLY B 339 38.22 -8.92 -24.40
N ASN B 340 39.05 -7.88 -24.50
CA ASN B 340 40.04 -7.84 -25.57
C ASN B 340 41.06 -8.95 -25.45
N MET B 341 41.50 -9.24 -24.22
CA MET B 341 42.41 -10.35 -23.94
C MET B 341 41.85 -11.16 -22.78
N GLU B 342 41.92 -12.47 -22.89
CA GLU B 342 41.42 -13.36 -21.84
C GLU B 342 42.46 -14.40 -21.50
N LEU B 343 42.51 -14.75 -20.21
CA LEU B 343 43.39 -15.80 -19.72
C LEU B 343 42.61 -16.62 -18.71
N HIS B 344 42.73 -17.95 -18.82
CA HIS B 344 41.97 -18.86 -17.98
C HIS B 344 42.90 -19.63 -17.06
N LEU B 345 42.48 -19.79 -15.80
CA LEU B 345 43.17 -20.62 -14.83
C LEU B 345 42.38 -21.89 -14.59
N SER B 346 43.08 -22.97 -14.26
CA SER B 346 42.47 -24.27 -14.08
C SER B 346 42.79 -24.81 -12.69
N ARG B 347 41.75 -25.18 -11.94
CA ARG B 347 41.95 -25.80 -10.64
C ARG B 347 42.63 -27.16 -10.75
N LYS B 348 42.49 -27.82 -11.90
CA LYS B 348 43.16 -29.10 -12.09
C LYS B 348 44.67 -28.94 -11.98
N ILE B 349 45.22 -27.88 -12.58
CA ILE B 349 46.63 -27.58 -12.40
C ILE B 349 46.92 -27.19 -10.96
N ALA B 350 46.00 -26.46 -10.32
CA ALA B 350 46.19 -26.07 -8.92
C ALA B 350 46.25 -27.28 -8.00
N GLU B 351 45.41 -28.28 -8.21
CA GLU B 351 45.44 -29.48 -7.40
C GLU B 351 46.68 -30.32 -7.65
N LYS B 352 47.39 -30.08 -8.76
CA LYS B 352 48.65 -30.74 -9.05
C LYS B 352 49.84 -30.03 -8.42
N ARG B 353 49.60 -28.95 -7.69
CA ARG B 353 50.65 -28.14 -7.06
C ARG B 353 51.63 -27.61 -8.11
N VAL B 354 51.10 -27.32 -9.30
CA VAL B 354 51.88 -26.74 -10.40
C VAL B 354 51.35 -25.34 -10.64
N PHE B 355 52.24 -24.35 -10.55
CA PHE B 355 51.83 -22.96 -10.68
C PHE B 355 52.78 -22.22 -11.61
N PRO B 356 52.29 -21.20 -12.32
CA PRO B 356 50.91 -20.68 -12.34
C PRO B 356 49.95 -21.59 -13.11
N ALA B 357 48.72 -21.74 -12.63
CA ALA B 357 47.73 -22.57 -13.29
C ALA B 357 47.18 -21.80 -14.49
N ILE B 358 47.67 -22.14 -15.68
CA ILE B 358 47.30 -21.44 -16.91
C ILE B 358 46.65 -22.43 -17.85
N ASP B 359 45.44 -22.13 -18.29
CA ASP B 359 44.76 -22.94 -19.31
C ASP B 359 45.20 -22.42 -20.66
N TYR B 360 46.29 -22.98 -21.17
CA TYR B 360 46.89 -22.47 -22.40
C TYR B 360 45.96 -22.62 -23.60
N ASN B 361 45.21 -23.72 -23.67
CA ASN B 361 44.36 -23.96 -24.83
C ASN B 361 43.16 -23.03 -24.88
N ARG B 362 42.74 -22.47 -23.74
CA ARG B 362 41.60 -21.56 -23.69
C ARG B 362 42.00 -20.14 -23.34
N SER B 363 43.26 -19.77 -23.58
CA SER B 363 43.75 -18.43 -23.32
C SER B 363 44.41 -17.86 -24.56
N GLY B 364 44.33 -16.55 -24.72
CA GLY B 364 44.90 -15.89 -25.86
C GLY B 364 44.39 -14.47 -25.98
N THR B 365 44.87 -13.80 -27.02
CA THR B 365 44.48 -12.42 -27.30
C THR B 365 44.21 -12.27 -28.78
N ARG B 366 43.39 -11.26 -29.11
CA ARG B 366 43.03 -10.98 -30.48
C ARG B 366 43.92 -9.89 -31.06
N LYS B 367 44.15 -9.97 -32.37
CA LYS B 367 45.03 -9.03 -33.08
C LYS B 367 46.42 -9.02 -32.47
N GLU B 368 46.89 -10.20 -32.05
CA GLU B 368 48.20 -10.33 -31.43
C GLU B 368 49.35 -10.04 -32.39
N GLU B 369 49.11 -10.09 -33.70
CA GLU B 369 50.15 -9.76 -34.66
C GLU B 369 50.56 -8.29 -34.57
N LEU B 370 49.68 -7.42 -34.10
CA LEU B 370 50.04 -6.01 -33.93
C LEU B 370 51.10 -5.83 -32.85
N LEU B 371 51.00 -6.60 -31.76
CA LEU B 371 51.94 -6.45 -30.65
C LEU B 371 53.27 -7.11 -30.96
N THR B 372 53.26 -8.43 -31.18
CA THR B 372 54.49 -9.16 -31.43
C THR B 372 55.01 -8.86 -32.84
N THR B 373 56.26 -9.24 -33.08
CA THR B 373 56.88 -9.07 -34.39
C THR B 373 56.34 -10.12 -35.35
N GLN B 374 56.71 -9.97 -36.63
CA GLN B 374 56.22 -10.90 -37.65
C GLN B 374 56.75 -12.31 -37.42
N GLU B 375 58.07 -12.44 -37.23
CA GLU B 375 58.68 -13.75 -37.04
C GLU B 375 58.40 -14.32 -35.66
N GLU B 376 58.21 -13.47 -34.64
CA GLU B 376 57.91 -13.98 -33.31
C GLU B 376 56.57 -14.71 -33.28
N LEU B 377 55.59 -14.21 -34.03
CA LEU B 377 54.28 -14.87 -34.07
C LEU B 377 54.38 -16.28 -34.63
N GLN B 378 55.19 -16.46 -35.68
CA GLN B 378 55.37 -17.79 -36.25
C GLN B 378 55.97 -18.74 -35.23
N LYS B 379 56.97 -18.29 -34.48
CA LYS B 379 57.50 -19.10 -33.38
C LYS B 379 56.42 -19.34 -32.32
N MET B 380 55.63 -18.31 -32.02
CA MET B 380 54.48 -18.50 -31.14
C MET B 380 53.47 -19.45 -31.75
N TRP B 381 53.24 -19.34 -33.06
CA TRP B 381 52.27 -20.18 -33.73
C TRP B 381 52.66 -21.65 -33.67
N ILE B 382 53.95 -21.96 -33.81
CA ILE B 382 54.41 -23.35 -33.81
C ILE B 382 54.09 -24.01 -32.47
N LEU B 383 54.32 -23.30 -31.36
CA LEU B 383 54.00 -23.86 -30.05
C LEU B 383 52.51 -24.12 -29.90
N ARG B 384 51.66 -23.26 -30.47
CA ARG B 384 50.22 -23.51 -30.40
C ARG B 384 49.84 -24.80 -31.11
N LYS B 385 50.45 -25.07 -32.27
CA LYS B 385 50.17 -26.31 -32.99
C LYS B 385 50.59 -27.53 -32.18
N ILE B 386 51.57 -27.37 -31.29
CA ILE B 386 52.03 -28.49 -30.47
C ILE B 386 51.13 -28.69 -29.26
N ILE B 387 50.82 -27.59 -28.56
CA ILE B 387 50.09 -27.70 -27.31
C ILE B 387 48.64 -28.09 -27.56
N HIS B 388 48.03 -27.55 -28.62
CA HIS B 388 46.59 -27.72 -28.81
C HIS B 388 46.13 -29.18 -28.82
N PRO B 389 46.75 -30.11 -29.55
CA PRO B 389 46.32 -31.51 -29.43
C PRO B 389 46.50 -32.10 -28.05
N MET B 390 47.49 -31.63 -27.29
CA MET B 390 47.74 -32.18 -25.96
C MET B 390 46.62 -31.77 -24.99
N GLY B 391 46.57 -32.48 -23.87
CA GLY B 391 45.58 -32.19 -22.85
C GLY B 391 45.90 -30.92 -22.09
N GLU B 392 44.91 -30.48 -21.31
CA GLU B 392 45.03 -29.23 -20.56
C GLU B 392 46.01 -29.34 -19.39
N ILE B 393 46.20 -30.52 -18.84
CA ILE B 393 47.09 -30.72 -17.70
C ILE B 393 48.47 -31.17 -18.15
N ASP B 394 48.54 -32.18 -19.03
CA ASP B 394 49.83 -32.73 -19.44
C ASP B 394 50.67 -31.70 -20.17
N ALA B 395 50.05 -30.79 -20.92
CA ALA B 395 50.81 -29.74 -21.60
C ALA B 395 51.28 -28.65 -20.66
N MET B 396 50.69 -28.53 -19.47
CA MET B 396 51.07 -27.45 -18.58
C MET B 396 52.47 -27.64 -18.00
N GLU B 397 52.79 -28.85 -17.55
CA GLU B 397 54.15 -29.12 -17.09
C GLU B 397 55.10 -29.45 -18.24
N PHE B 398 54.56 -29.68 -19.44
CA PHE B 398 55.42 -29.97 -20.58
C PHE B 398 56.37 -28.81 -20.88
N LEU B 399 55.84 -27.58 -20.89
CA LEU B 399 56.68 -26.42 -21.11
C LEU B 399 57.23 -25.82 -19.82
N ILE B 400 56.75 -26.26 -18.65
CA ILE B 400 57.32 -25.80 -17.40
C ILE B 400 58.77 -26.23 -17.29
N ASN B 401 59.05 -27.51 -17.59
CA ASN B 401 60.44 -27.97 -17.64
C ASN B 401 61.21 -27.30 -18.76
N LYS B 402 60.59 -27.12 -19.92
CA LYS B 402 61.27 -26.46 -21.04
C LYS B 402 61.61 -25.02 -20.70
N LEU B 403 60.68 -24.30 -20.07
CA LEU B 403 60.95 -22.92 -19.67
C LEU B 403 62.02 -22.84 -18.58
N ALA B 404 62.14 -23.87 -17.74
CA ALA B 404 63.17 -23.86 -16.70
C ALA B 404 64.56 -24.01 -17.29
N CYS B 405 64.69 -24.73 -18.39
CA CYS B 405 65.99 -24.96 -19.02
C CYS B 405 66.55 -23.73 -19.72
N THR B 406 65.75 -22.68 -19.88
CA THR B 406 66.17 -21.47 -20.58
C THR B 406 65.93 -20.25 -19.68
N LYS B 407 66.72 -19.21 -19.92
CA LYS B 407 66.59 -17.97 -19.16
C LYS B 407 65.58 -17.02 -19.79
N THR B 408 65.54 -16.93 -21.12
CA THR B 408 64.66 -16.02 -21.83
C THR B 408 63.79 -16.78 -22.81
N ASN B 409 62.66 -16.17 -23.16
CA ASN B 409 61.70 -16.81 -24.05
C ASN B 409 62.28 -17.02 -25.44
N ASP B 410 62.98 -16.02 -25.98
CA ASP B 410 63.58 -16.17 -27.30
C ASP B 410 64.64 -17.27 -27.31
N ASP B 411 65.40 -17.41 -26.22
CA ASP B 411 66.30 -18.55 -26.09
C ASP B 411 65.53 -19.86 -26.09
N PHE B 412 64.38 -19.89 -25.40
CA PHE B 412 63.54 -21.09 -25.42
C PHE B 412 63.02 -21.37 -26.83
N PHE B 413 62.81 -20.34 -27.63
CA PHE B 413 62.38 -20.54 -29.01
C PHE B 413 63.44 -21.31 -29.80
N GLU B 414 64.71 -20.99 -29.59
CA GLU B 414 65.78 -21.72 -30.26
C GLU B 414 65.84 -23.17 -29.80
N MET B 415 65.52 -23.43 -28.53
CA MET B 415 65.54 -24.79 -28.02
C MET B 415 64.51 -25.67 -28.71
N MET B 416 63.30 -25.15 -28.91
CA MET B 416 62.24 -25.91 -29.56
C MET B 416 62.34 -25.92 -31.08
N LYS B 417 63.26 -25.14 -31.66
CA LYS B 417 63.47 -25.20 -33.09
C LYS B 417 64.00 -26.56 -33.53
N ARG B 418 64.92 -27.13 -32.75
CA ARG B 418 65.48 -28.43 -33.05
C ARG B 418 65.37 -29.37 -31.86
N MET C 1 29.64 27.53 -41.46
CA MET C 1 28.79 27.60 -42.65
C MET C 1 27.95 26.34 -42.80
N ASN C 2 28.59 25.19 -42.63
CA ASN C 2 27.91 23.90 -42.76
C ASN C 2 28.04 23.13 -41.46
N LEU C 3 26.91 22.68 -40.92
CA LEU C 3 26.92 21.95 -39.66
C LEU C 3 27.57 20.58 -39.83
N THR C 4 27.24 19.87 -40.91
CA THR C 4 27.78 18.53 -41.11
C THR C 4 29.29 18.55 -41.29
N GLU C 5 29.82 19.57 -41.98
CA GLU C 5 31.27 19.71 -42.07
C GLU C 5 31.89 19.99 -40.71
N LEU C 6 31.18 20.72 -39.85
CA LEU C 6 31.64 20.91 -38.48
C LEU C 6 31.58 19.61 -37.69
N LYS C 7 30.59 18.76 -37.97
CA LYS C 7 30.46 17.50 -37.24
C LYS C 7 31.61 16.56 -37.52
N ASN C 8 32.00 16.44 -38.79
CA ASN C 8 33.13 15.58 -39.15
C ASN C 8 34.47 16.23 -38.88
N THR C 9 34.50 17.50 -38.52
CA THR C 9 35.76 18.16 -38.16
C THR C 9 36.28 17.58 -36.86
N PRO C 10 37.54 17.15 -36.81
CA PRO C 10 38.07 16.56 -35.57
C PRO C 10 38.15 17.58 -34.45
N VAL C 11 38.18 17.06 -33.22
CA VAL C 11 38.19 17.91 -32.04
C VAL C 11 39.43 18.79 -32.01
N SER C 12 40.56 18.31 -32.54
CA SER C 12 41.76 19.12 -32.58
C SER C 12 41.57 20.38 -33.40
N GLU C 13 40.92 20.26 -34.56
CA GLU C 13 40.57 21.43 -35.36
C GLU C 13 39.38 22.18 -34.81
N LEU C 14 38.55 21.53 -33.98
CA LEU C 14 37.42 22.22 -33.37
C LEU C 14 37.88 23.23 -32.33
N ILE C 15 38.91 22.89 -31.56
CA ILE C 15 39.41 23.82 -30.55
C ILE C 15 40.06 25.04 -31.16
N THR C 16 40.57 24.94 -32.39
CA THR C 16 41.13 26.11 -33.06
C THR C 16 40.03 27.10 -33.44
N LEU C 17 38.93 26.60 -34.00
CA LEU C 17 37.83 27.48 -34.38
C LEU C 17 37.17 28.12 -33.16
N GLY C 18 37.00 27.35 -32.08
CA GLY C 18 36.38 27.91 -30.88
C GLY C 18 37.21 29.02 -30.27
N GLU C 19 38.51 28.83 -30.16
CA GLU C 19 39.38 29.87 -29.62
C GLU C 19 39.54 31.04 -30.56
N ASN C 20 39.28 30.86 -31.86
CA ASN C 20 39.38 31.98 -32.80
C ASN C 20 38.27 32.99 -32.57
N MET C 21 37.14 32.57 -32.01
CA MET C 21 35.98 33.43 -31.82
C MET C 21 35.83 33.89 -30.37
N GLY C 22 36.86 33.71 -29.54
CA GLY C 22 36.82 34.15 -28.17
C GLY C 22 36.34 33.13 -27.17
N LEU C 23 35.81 32.00 -27.63
CA LEU C 23 35.39 30.94 -26.71
C LEU C 23 36.61 30.32 -26.04
N GLU C 24 36.47 29.98 -24.76
CA GLU C 24 37.59 29.49 -23.97
C GLU C 24 37.15 28.27 -23.16
N ASN C 25 38.14 27.47 -22.77
CA ASN C 25 37.94 26.30 -21.92
C ASN C 25 37.00 25.28 -22.57
N LEU C 26 37.03 25.19 -23.90
CA LEU C 26 36.21 24.21 -24.61
C LEU C 26 36.85 22.84 -24.67
N ALA C 27 38.13 22.72 -24.30
CA ALA C 27 38.83 21.44 -24.44
C ALA C 27 38.29 20.39 -23.47
N ARG C 28 37.85 20.79 -22.29
CA ARG C 28 37.35 19.85 -21.29
C ARG C 28 35.85 19.63 -21.42
N MET C 29 35.40 19.30 -22.62
CA MET C 29 33.99 19.05 -22.90
C MET C 29 33.87 18.01 -24.01
N ARG C 30 32.68 17.45 -24.13
CA ARG C 30 32.41 16.48 -25.18
C ARG C 30 32.42 17.16 -26.54
N LYS C 31 32.58 16.33 -27.59
CA LYS C 31 32.59 16.87 -28.94
C LYS C 31 31.24 17.47 -29.32
N GLN C 32 30.14 16.90 -28.81
CA GLN C 32 28.84 17.50 -29.03
C GLN C 32 28.70 18.82 -28.29
N ASP C 33 29.29 18.93 -27.10
CA ASP C 33 29.30 20.20 -26.38
C ASP C 33 30.14 21.25 -27.11
N ILE C 34 31.28 20.84 -27.68
CA ILE C 34 32.14 21.79 -28.37
C ILE C 34 31.44 22.37 -29.58
N ILE C 35 30.81 21.51 -30.39
CA ILE C 35 30.16 21.98 -31.61
C ILE C 35 28.94 22.83 -31.31
N PHE C 36 28.24 22.59 -30.19
CA PHE C 36 27.10 23.42 -29.84
C PHE C 36 27.54 24.85 -29.54
N ALA C 37 28.63 25.02 -28.78
CA ALA C 37 29.13 26.35 -28.48
C ALA C 37 29.62 27.05 -29.74
N ILE C 38 30.34 26.33 -30.60
CA ILE C 38 30.86 26.93 -31.83
C ILE C 38 29.72 27.35 -32.74
N LEU C 39 28.70 26.50 -32.87
CA LEU C 39 27.55 26.86 -33.70
C LEU C 39 26.84 28.09 -33.15
N LYS C 40 26.86 28.29 -31.84
CA LYS C 40 26.26 29.49 -31.25
C LYS C 40 26.98 30.75 -31.73
N GLN C 41 28.30 30.68 -31.94
CA GLN C 41 29.03 31.82 -32.44
C GLN C 41 28.53 32.25 -33.83
N HIS C 42 28.33 31.27 -34.72
CA HIS C 42 27.74 31.59 -36.01
C HIS C 42 26.31 32.12 -35.84
N ALA C 43 25.56 31.55 -34.89
CA ALA C 43 24.26 32.11 -34.55
C ALA C 43 24.41 33.52 -33.98
N LYS C 44 25.43 33.74 -33.16
CA LYS C 44 25.70 35.09 -32.65
C LYS C 44 26.03 36.05 -33.78
N SER C 45 26.85 35.61 -34.74
CA SER C 45 27.20 36.47 -35.87
C SER C 45 26.04 36.67 -36.83
N GLY C 46 25.05 35.77 -36.80
CA GLY C 46 23.91 35.87 -37.69
C GLY C 46 24.16 35.35 -39.10
N GLU C 47 25.35 34.81 -39.37
CA GLU C 47 25.64 34.31 -40.70
C GLU C 47 24.82 33.06 -41.00
N ASP C 48 24.54 32.85 -42.28
CA ASP C 48 23.76 31.70 -42.71
C ASP C 48 24.51 30.41 -42.41
N ILE C 49 23.75 29.38 -42.03
CA ILE C 49 24.31 28.07 -41.71
C ILE C 49 23.51 27.00 -42.45
N PHE C 50 24.16 25.85 -42.64
CA PHE C 50 23.54 24.73 -43.34
C PHE C 50 23.87 23.45 -42.59
N GLY C 51 23.03 22.43 -42.80
CA GLY C 51 23.24 21.15 -42.14
C GLY C 51 22.14 20.19 -42.52
N ASP C 52 22.25 18.99 -41.95
CA ASP C 52 21.28 17.93 -42.23
C ASP C 52 21.29 16.94 -41.08
N GLY C 53 20.25 16.11 -41.03
CA GLY C 53 20.15 15.09 -40.00
C GLY C 53 19.07 14.09 -40.35
N VAL C 54 19.03 13.02 -39.57
CA VAL C 54 18.06 11.95 -39.75
C VAL C 54 16.91 12.17 -38.78
N LEU C 55 15.69 12.23 -39.31
CA LEU C 55 14.53 12.57 -38.51
C LEU C 55 14.12 11.42 -37.61
N GLU C 56 13.92 11.71 -36.34
CA GLU C 56 13.35 10.78 -35.37
C GLU C 56 12.12 11.40 -34.75
N ILE C 57 11.05 10.63 -34.63
CA ILE C 57 9.75 11.13 -34.18
C ILE C 57 9.52 10.67 -32.75
N LEU C 58 9.22 11.62 -31.87
CA LEU C 58 8.85 11.29 -30.50
C LEU C 58 7.35 11.02 -30.41
N GLN C 59 6.94 10.42 -29.30
CA GLN C 59 5.53 10.15 -29.06
C GLN C 59 4.71 11.43 -28.88
N ASP C 60 5.35 12.53 -28.48
CA ASP C 60 4.64 13.79 -28.33
C ASP C 60 4.35 14.43 -29.68
N GLY C 61 5.26 14.28 -30.64
CA GLY C 61 5.10 14.89 -31.95
C GLY C 61 6.32 15.65 -32.39
N PHE C 62 6.99 16.31 -31.44
CA PHE C 62 8.22 17.00 -31.75
C PHE C 62 9.31 15.99 -32.09
N GLY C 63 10.22 16.40 -32.99
CA GLY C 63 11.25 15.52 -33.50
C GLY C 63 12.63 16.12 -33.39
N PHE C 64 13.61 15.36 -33.86
CA PHE C 64 15.01 15.78 -33.88
C PHE C 64 15.68 15.22 -35.12
N LEU C 65 16.81 15.83 -35.47
CA LEU C 65 17.63 15.40 -36.60
C LEU C 65 18.94 14.86 -36.05
N ARG C 66 18.99 13.55 -35.82
CA ARG C 66 20.18 12.92 -35.30
C ARG C 66 21.27 12.86 -36.38
N SER C 67 22.50 12.61 -35.94
CA SER C 67 23.66 12.61 -36.81
C SER C 67 24.20 11.20 -36.98
N ALA C 68 24.47 10.82 -38.23
CA ALA C 68 25.07 9.53 -38.51
C ALA C 68 26.48 9.43 -37.93
N ASP C 69 27.25 10.52 -38.01
CA ASP C 69 28.61 10.51 -37.46
C ASP C 69 28.60 10.28 -35.95
N SER C 70 27.55 10.73 -35.27
CA SER C 70 27.39 10.49 -33.84
C SER C 70 26.61 9.21 -33.56
N SER C 71 26.32 8.41 -34.58
CA SER C 71 25.56 7.18 -34.44
C SER C 71 24.19 7.43 -33.81
N TYR C 72 23.57 8.55 -34.20
CA TYR C 72 22.23 8.91 -33.73
C TYR C 72 22.17 9.00 -32.21
N LEU C 73 23.25 9.49 -31.60
CA LEU C 73 23.30 9.67 -30.16
C LEU C 73 22.64 10.99 -29.78
N ALA C 74 21.81 10.95 -28.74
CA ALA C 74 21.18 12.16 -28.24
C ALA C 74 22.24 13.12 -27.72
N GLY C 75 22.16 14.38 -28.12
CA GLY C 75 23.12 15.37 -27.73
C GLY C 75 22.58 16.78 -27.82
N PRO C 76 23.32 17.75 -27.27
CA PRO C 76 22.86 19.14 -27.31
C PRO C 76 22.75 19.71 -28.71
N ASP C 77 23.49 19.19 -29.68
CA ASP C 77 23.54 19.74 -31.03
C ASP C 77 22.49 19.14 -31.96
N ASP C 78 21.61 18.28 -31.45
CA ASP C 78 20.58 17.68 -32.29
C ASP C 78 19.64 18.76 -32.82
N ILE C 79 19.40 18.75 -34.13
CA ILE C 79 18.59 19.77 -34.78
C ILE C 79 17.13 19.47 -34.46
N TYR C 80 16.48 20.38 -33.75
CA TYR C 80 15.06 20.22 -33.44
C TYR C 80 14.19 20.57 -34.64
N VAL C 81 13.08 19.86 -34.76
CA VAL C 81 12.05 20.16 -35.76
C VAL C 81 10.71 20.22 -35.08
N SER C 82 9.93 21.24 -35.40
CA SER C 82 8.64 21.46 -34.76
C SER C 82 7.59 20.48 -35.30
N PRO C 83 6.54 20.21 -34.52
CA PRO C 83 5.43 19.41 -35.05
C PRO C 83 4.75 20.03 -36.25
N CYS C 84 4.87 21.34 -36.44
CA CYS C 84 4.36 21.96 -37.66
C CYS C 84 5.07 21.39 -38.89
N GLN C 85 6.38 21.18 -38.80
CA GLN C 85 7.14 20.64 -39.92
C GLN C 85 6.69 19.23 -40.26
N ILE C 86 6.45 18.38 -39.26
CA ILE C 86 5.99 17.02 -39.52
C ILE C 86 4.54 16.97 -39.98
N ARG C 87 3.81 18.08 -39.90
CA ARG C 87 2.44 18.14 -40.38
C ARG C 87 2.31 18.88 -41.70
N ARG C 88 3.05 19.98 -41.89
CA ARG C 88 3.09 20.65 -43.18
C ARG C 88 3.73 19.78 -44.25
N PHE C 89 4.54 18.80 -43.84
CA PHE C 89 5.14 17.83 -44.75
C PHE C 89 4.87 16.44 -44.21
N ASN C 90 4.65 15.49 -45.11
CA ASN C 90 4.45 14.10 -44.71
C ASN C 90 5.80 13.52 -44.32
N LEU C 91 6.08 13.51 -43.02
CA LEU C 91 7.38 13.12 -42.50
C LEU C 91 7.23 11.96 -41.52
N ARG C 92 8.12 10.99 -41.63
CA ARG C 92 8.16 9.87 -40.70
C ARG C 92 9.58 9.68 -40.18
N THR C 93 9.82 8.64 -39.39
CA THR C 93 11.15 8.38 -38.88
C THR C 93 12.08 7.95 -40.02
N GLY C 94 13.34 8.33 -39.91
CA GLY C 94 14.34 7.94 -40.89
C GLY C 94 14.43 8.82 -42.11
N ASP C 95 13.66 9.91 -42.17
CA ASP C 95 13.70 10.81 -43.31
C ASP C 95 14.92 11.70 -43.22
N THR C 96 15.80 11.64 -44.22
CA THR C 96 16.98 12.48 -44.26
C THR C 96 16.57 13.88 -44.71
N ILE C 97 16.66 14.85 -43.80
CA ILE C 97 16.21 16.21 -44.04
C ILE C 97 17.42 17.14 -43.99
N SER C 98 17.57 17.96 -45.04
CA SER C 98 18.64 18.93 -45.13
C SER C 98 18.05 20.31 -45.34
N GLY C 99 18.65 21.31 -44.71
CA GLY C 99 18.18 22.68 -44.87
C GLY C 99 18.95 23.62 -43.96
N LYS C 100 18.49 24.87 -43.94
CA LYS C 100 19.09 25.90 -43.11
C LYS C 100 18.57 25.82 -41.69
N ILE C 101 19.42 26.17 -40.74
CA ILE C 101 19.13 26.02 -39.31
C ILE C 101 19.07 27.40 -38.69
N ARG C 102 17.93 27.73 -38.07
CA ARG C 102 17.80 29.00 -37.38
C ARG C 102 18.34 28.90 -35.96
N PRO C 103 18.88 30.01 -35.43
CA PRO C 103 19.33 30.00 -34.05
C PRO C 103 18.16 29.82 -33.10
N PRO C 104 18.38 29.18 -31.95
CA PRO C 104 17.29 29.02 -30.99
C PRO C 104 16.89 30.35 -30.37
N LYS C 105 15.62 30.43 -29.99
CA LYS C 105 15.11 31.62 -29.30
C LYS C 105 15.31 31.46 -27.80
N GLU C 106 14.76 32.39 -27.02
CA GLU C 106 14.87 32.32 -25.58
C GLU C 106 14.09 31.12 -25.04
N GLY C 107 14.70 30.39 -24.11
CA GLY C 107 14.10 29.20 -23.57
C GLY C 107 14.25 27.96 -24.44
N GLU C 108 14.94 28.07 -25.56
CA GLU C 108 15.15 26.94 -26.47
C GLU C 108 16.61 26.50 -26.39
N ARG C 109 16.83 25.26 -25.98
CA ARG C 109 18.17 24.71 -25.85
C ARG C 109 18.63 23.96 -27.09
N TYR C 110 17.77 23.84 -28.11
CA TYR C 110 18.09 23.09 -29.32
C TYR C 110 17.91 23.97 -30.54
N PHE C 111 18.84 23.84 -31.49
CA PHE C 111 18.72 24.55 -32.75
C PHE C 111 17.54 24.02 -33.54
N ALA C 112 16.95 24.89 -34.36
CA ALA C 112 15.76 24.55 -35.14
C ALA C 112 16.03 24.76 -36.62
N LEU C 113 15.41 23.90 -37.44
CA LEU C 113 15.55 23.97 -38.88
C LEU C 113 14.54 24.98 -39.43
N LEU C 114 15.05 26.08 -39.99
CA LEU C 114 14.17 27.13 -40.48
C LEU C 114 13.53 26.77 -41.83
N LYS C 115 14.24 26.06 -42.69
CA LYS C 115 13.76 25.76 -44.03
C LYS C 115 14.07 24.31 -44.38
N VAL C 116 13.10 23.64 -45.00
CA VAL C 116 13.27 22.28 -45.47
C VAL C 116 13.67 22.35 -46.93
N ASN C 117 14.96 22.15 -47.21
CA ASN C 117 15.45 22.23 -48.58
C ASN C 117 15.19 20.94 -49.34
N GLU C 118 15.77 19.84 -48.88
CA GLU C 118 15.63 18.54 -49.53
C GLU C 118 15.32 17.47 -48.49
N VAL C 119 14.46 16.53 -48.88
CA VAL C 119 14.10 15.38 -48.03
C VAL C 119 14.40 14.12 -48.81
N ASN C 120 15.24 13.26 -48.24
CA ASN C 120 15.66 12.02 -48.89
C ASN C 120 16.25 12.29 -50.28
N PHE C 121 17.03 13.37 -50.38
CA PHE C 121 17.60 13.82 -51.65
C PHE C 121 16.50 14.05 -52.69
N ASP C 122 15.44 14.73 -52.26
CA ASP C 122 14.33 15.06 -53.15
C ASP C 122 13.60 16.29 -52.60
N LYS C 123 12.79 16.89 -53.45
CA LYS C 123 12.05 18.07 -53.07
C LYS C 123 10.97 17.72 -52.04
N PRO C 124 10.64 18.66 -51.14
CA PRO C 124 9.58 18.38 -50.16
C PRO C 124 8.24 18.07 -50.79
N GLU C 125 7.92 18.68 -51.93
CA GLU C 125 6.67 18.39 -52.61
C GLU C 125 6.70 17.11 -53.43
N ASN C 126 7.88 16.55 -53.67
CA ASN C 126 8.02 15.30 -54.40
C ASN C 126 8.15 14.09 -53.49
N ALA C 127 8.69 14.26 -52.28
CA ALA C 127 8.88 13.13 -51.38
C ALA C 127 7.55 12.52 -50.96
N ARG C 128 6.53 13.33 -50.73
CA ARG C 128 5.23 12.84 -50.29
C ARG C 128 4.48 12.08 -51.36
N ASN C 129 4.97 12.10 -52.61
CA ASN C 129 4.35 11.35 -53.69
C ASN C 129 4.81 9.90 -53.74
N LYS C 130 5.74 9.50 -52.87
CA LYS C 130 6.28 8.15 -52.88
C LYS C 130 5.39 7.21 -52.07
N ILE C 131 5.28 5.98 -52.55
CA ILE C 131 4.45 4.97 -51.91
C ILE C 131 5.14 4.46 -50.65
N LEU C 132 4.34 4.10 -49.65
CA LEU C 132 4.87 3.60 -48.38
C LEU C 132 5.58 2.27 -48.58
N PHE C 133 6.52 1.98 -47.67
CA PHE C 133 7.35 0.79 -47.81
C PHE C 133 6.51 -0.49 -47.67
N GLU C 134 5.69 -0.57 -46.62
CA GLU C 134 4.92 -1.79 -46.38
C GLU C 134 3.91 -2.08 -47.47
N ASN C 135 3.43 -1.04 -48.16
CA ASN C 135 2.48 -1.25 -49.25
C ASN C 135 3.14 -1.87 -50.48
N LEU C 136 4.46 -1.95 -50.52
CA LEU C 136 5.15 -2.55 -51.65
C LEU C 136 4.94 -4.06 -51.67
N THR C 137 5.11 -4.65 -52.85
CA THR C 137 4.97 -6.08 -53.03
C THR C 137 6.34 -6.71 -53.14
N PRO C 138 6.79 -7.49 -52.16
CA PRO C 138 8.12 -8.11 -52.26
C PRO C 138 8.19 -9.12 -53.39
N LEU C 139 9.38 -9.25 -53.97
CA LEU C 139 9.64 -10.19 -55.04
C LEU C 139 10.94 -10.91 -54.74
N HIS C 140 11.05 -12.13 -55.27
CA HIS C 140 12.24 -12.94 -55.02
C HIS C 140 13.48 -12.27 -55.59
N ALA C 141 14.60 -12.46 -54.91
CA ALA C 141 15.87 -11.85 -55.35
C ALA C 141 16.20 -12.33 -56.76
N ASN C 142 16.50 -11.39 -57.64
CA ASN C 142 16.75 -11.70 -59.04
C ASN C 142 17.97 -10.99 -59.62
N SER C 143 18.55 -10.01 -58.93
CA SER C 143 19.71 -9.27 -59.40
C SER C 143 20.90 -9.64 -58.53
N ARG C 144 21.90 -10.29 -59.13
CA ARG C 144 23.04 -10.80 -58.39
C ARG C 144 24.00 -9.68 -58.02
N LEU C 145 24.50 -9.73 -56.79
CA LEU C 145 25.54 -8.80 -56.34
C LEU C 145 26.88 -9.51 -56.46
N ARG C 146 27.64 -9.15 -57.49
CA ARG C 146 28.93 -9.78 -57.75
C ARG C 146 29.89 -9.40 -56.63
N MET C 147 30.21 -10.36 -55.76
CA MET C 147 31.08 -10.09 -54.63
C MET C 147 32.56 -10.15 -54.98
N GLU C 148 32.93 -10.88 -56.03
CA GLU C 148 34.33 -11.03 -56.38
C GLU C 148 34.89 -9.72 -56.94
N ARG C 149 36.21 -9.54 -56.77
CA ARG C 149 36.92 -8.38 -57.27
C ARG C 149 37.57 -8.63 -58.63
N GLY C 150 38.07 -9.85 -58.85
CA GLY C 150 38.71 -10.20 -60.10
C GLY C 150 40.18 -9.87 -60.20
N ASN C 151 40.75 -9.21 -59.19
CA ASN C 151 42.16 -8.85 -59.21
C ASN C 151 43.08 -9.96 -58.75
N GLY C 152 42.52 -11.04 -58.20
CA GLY C 152 43.34 -12.15 -57.75
C GLY C 152 44.18 -11.86 -56.53
N SER C 153 43.76 -10.90 -55.71
CA SER C 153 44.50 -10.54 -54.51
C SER C 153 44.29 -11.58 -53.41
N THR C 154 44.98 -11.38 -52.29
CA THR C 154 44.87 -12.32 -51.17
C THR C 154 43.48 -12.28 -50.55
N GLU C 155 42.88 -11.09 -50.45
CA GLU C 155 41.55 -10.97 -49.88
C GLU C 155 40.44 -11.26 -50.89
N ASP C 156 40.77 -11.35 -52.17
CA ASP C 156 39.73 -11.59 -53.18
C ASP C 156 39.21 -13.02 -53.12
N LEU C 157 40.06 -13.98 -52.78
CA LEU C 157 39.62 -15.38 -52.73
C LEU C 157 38.53 -15.60 -51.71
N THR C 158 38.52 -14.84 -50.61
CA THR C 158 37.42 -14.94 -49.65
C THR C 158 36.10 -14.54 -50.29
N ALA C 159 36.10 -13.45 -51.06
CA ALA C 159 34.91 -13.07 -51.80
C ALA C 159 34.57 -14.09 -52.87
N ARG C 160 35.59 -14.63 -53.56
CA ARG C 160 35.34 -15.64 -54.58
C ARG C 160 34.71 -16.90 -53.98
N VAL C 161 35.20 -17.32 -52.82
CA VAL C 161 34.61 -18.49 -52.15
C VAL C 161 33.18 -18.19 -51.73
N LEU C 162 32.92 -16.96 -51.25
CA LEU C 162 31.57 -16.60 -50.84
C LEU C 162 30.59 -16.67 -52.00
N ASP C 163 30.99 -16.18 -53.18
CA ASP C 163 30.12 -16.25 -54.34
C ASP C 163 29.94 -17.68 -54.81
N LEU C 164 30.93 -18.54 -54.61
CA LEU C 164 30.82 -19.93 -55.03
C LEU C 164 30.07 -20.79 -54.02
N ALA C 165 29.87 -20.30 -52.80
CA ALA C 165 29.20 -21.08 -51.77
C ALA C 165 27.72 -20.71 -51.64
N SER C 166 27.43 -19.42 -51.53
CA SER C 166 26.06 -18.95 -51.35
C SER C 166 25.92 -17.61 -52.07
N PRO C 167 25.48 -17.62 -53.32
CA PRO C 167 25.28 -16.36 -54.05
C PRO C 167 24.29 -15.45 -53.33
N ILE C 168 24.58 -14.16 -53.36
CA ILE C 168 23.77 -13.15 -52.70
C ILE C 168 23.24 -12.18 -53.75
N GLY C 169 21.93 -11.92 -53.70
CA GLY C 169 21.29 -10.97 -54.59
C GLY C 169 20.74 -9.78 -53.82
N ARG C 170 20.35 -8.77 -54.58
CA ARG C 170 19.75 -7.58 -53.97
C ARG C 170 18.42 -7.96 -53.33
N GLY C 171 18.24 -7.54 -52.08
CA GLY C 171 17.05 -7.88 -51.34
C GLY C 171 17.12 -9.20 -50.60
N GLN C 172 18.23 -9.92 -50.70
CA GLN C 172 18.36 -11.20 -50.02
C GLN C 172 18.41 -11.00 -48.51
N ARG C 173 17.68 -11.86 -47.79
CA ARG C 173 17.62 -11.81 -46.33
C ARG C 173 18.58 -12.86 -45.78
N GLY C 174 19.87 -12.56 -45.84
CA GLY C 174 20.88 -13.51 -45.46
C GLY C 174 21.03 -13.66 -43.97
N LEU C 175 21.79 -14.69 -43.59
CA LEU C 175 22.09 -14.96 -42.19
C LEU C 175 23.42 -15.69 -42.12
N ILE C 176 24.31 -15.19 -41.27
CA ILE C 176 25.64 -15.76 -41.09
C ILE C 176 25.72 -16.38 -39.71
N VAL C 177 26.08 -17.65 -39.65
CA VAL C 177 26.26 -18.35 -38.38
C VAL C 177 27.75 -18.35 -38.06
N ALA C 178 28.10 -17.77 -36.92
CA ALA C 178 29.50 -17.55 -36.55
C ALA C 178 29.77 -18.03 -35.13
N PRO C 179 30.53 -19.10 -34.94
CA PRO C 179 31.00 -19.46 -33.60
C PRO C 179 32.05 -18.48 -33.13
N PRO C 180 32.29 -18.40 -31.83
CA PRO C 180 33.27 -17.42 -31.33
C PRO C 180 34.67 -17.69 -31.84
N LYS C 181 35.40 -16.60 -32.07
CA LYS C 181 36.79 -16.66 -32.53
C LYS C 181 36.93 -17.47 -33.81
N ALA C 182 36.00 -17.25 -34.75
CA ALA C 182 36.03 -17.91 -36.05
C ALA C 182 36.34 -16.94 -37.19
N GLY C 183 36.90 -15.78 -36.88
CA GLY C 183 37.17 -14.78 -37.90
C GLY C 183 35.92 -14.21 -38.54
N LYS C 184 34.86 -14.01 -37.75
CA LYS C 184 33.63 -13.46 -38.30
C LYS C 184 33.82 -12.03 -38.79
N THR C 185 34.54 -11.21 -38.03
CA THR C 185 34.70 -9.81 -38.38
C THR C 185 35.46 -9.61 -39.68
N MET C 186 36.43 -10.48 -40.00
CA MET C 186 37.12 -10.37 -41.27
C MET C 186 36.20 -10.64 -42.44
N LEU C 187 35.21 -11.52 -42.25
CA LEU C 187 34.22 -11.74 -43.30
C LEU C 187 33.37 -10.50 -43.55
N LEU C 188 32.98 -9.79 -42.48
CA LEU C 188 32.20 -8.58 -42.65
C LEU C 188 32.98 -7.50 -43.38
N GLN C 189 34.25 -7.31 -43.01
CA GLN C 189 35.08 -6.32 -43.69
C GLN C 189 35.31 -6.70 -45.15
N ASN C 190 35.54 -7.98 -45.43
CA ASN C 190 35.77 -8.41 -46.81
C ASN C 190 34.52 -8.16 -47.67
N ILE C 191 33.34 -8.44 -47.12
CA ILE C 191 32.11 -8.16 -47.86
C ILE C 191 31.94 -6.65 -48.04
N ALA C 192 32.16 -5.87 -46.98
CA ALA C 192 32.00 -4.43 -47.07
C ALA C 192 33.00 -3.81 -48.05
N GLN C 193 34.25 -4.28 -48.03
CA GLN C 193 35.24 -3.76 -48.97
C GLN C 193 34.86 -4.10 -50.41
N SER C 194 34.37 -5.32 -50.65
CA SER C 194 34.01 -5.72 -52.00
C SER C 194 32.77 -5.01 -52.51
N ILE C 195 31.77 -4.80 -51.65
CA ILE C 195 30.53 -4.18 -52.08
C ILE C 195 30.78 -2.74 -52.52
N ALA C 196 31.55 -1.98 -51.74
CA ALA C 196 31.81 -0.59 -52.08
C ALA C 196 32.58 -0.42 -53.39
N TYR C 197 33.31 -1.46 -53.82
CA TYR C 197 34.06 -1.40 -55.07
C TYR C 197 33.23 -1.90 -56.24
N ASN C 198 32.70 -3.12 -56.15
CA ASN C 198 31.97 -3.71 -57.26
C ASN C 198 30.68 -2.96 -57.55
N HIS C 199 29.98 -2.53 -56.50
CA HIS C 199 28.68 -1.86 -56.64
C HIS C 199 28.71 -0.57 -55.84
N PRO C 200 29.39 0.46 -56.34
CA PRO C 200 29.39 1.75 -55.64
C PRO C 200 28.03 2.42 -55.58
N ASP C 201 27.11 2.06 -56.47
CA ASP C 201 25.82 2.73 -56.53
C ASP C 201 24.98 2.46 -55.28
N CYS C 202 24.96 1.22 -54.80
CA CYS C 202 24.08 0.86 -53.71
C CYS C 202 24.57 1.48 -52.40
N VAL C 203 23.63 1.67 -51.48
CA VAL C 203 23.90 2.29 -50.19
C VAL C 203 24.28 1.21 -49.19
N LEU C 204 25.42 1.39 -48.53
CA LEU C 204 25.91 0.45 -47.54
C LEU C 204 25.84 1.11 -46.16
N MET C 205 25.18 0.44 -45.22
CA MET C 205 25.03 0.94 -43.85
C MET C 205 25.40 -0.20 -42.90
N VAL C 206 26.69 -0.31 -42.58
CA VAL C 206 27.15 -1.33 -41.65
C VAL C 206 26.67 -0.97 -40.25
N LEU C 207 26.08 -1.95 -39.56
CA LEU C 207 25.56 -1.76 -38.21
C LEU C 207 26.19 -2.79 -37.29
N LEU C 208 26.72 -2.32 -36.15
CA LEU C 208 27.29 -3.19 -35.14
C LEU C 208 26.57 -2.97 -33.82
N ILE C 209 26.26 -4.07 -33.13
CA ILE C 209 25.49 -4.03 -31.89
C ILE C 209 26.33 -4.65 -30.78
N ASP C 210 26.40 -3.95 -29.64
CA ASP C 210 27.15 -4.43 -28.47
C ASP C 210 28.59 -4.75 -28.81
N GLU C 211 29.20 -3.90 -29.65
CA GLU C 211 30.59 -4.06 -30.02
C GLU C 211 31.48 -3.25 -29.08
N ARG C 212 32.73 -3.70 -28.97
CA ARG C 212 33.70 -2.94 -28.21
C ARG C 212 33.99 -1.62 -28.92
N PRO C 213 34.31 -0.56 -28.17
CA PRO C 213 34.74 0.69 -28.81
C PRO C 213 35.99 0.53 -29.65
N GLU C 214 36.74 -0.56 -29.43
CA GLU C 214 37.92 -0.84 -30.25
C GLU C 214 37.54 -1.06 -31.71
N GLU C 215 36.57 -1.94 -31.96
CA GLU C 215 36.22 -2.33 -33.32
C GLU C 215 35.41 -1.27 -34.06
N VAL C 216 34.78 -0.34 -33.34
CA VAL C 216 33.97 0.68 -34.00
C VAL C 216 34.84 1.58 -34.87
N THR C 217 35.95 2.06 -34.31
CA THR C 217 36.84 2.94 -35.07
C THR C 217 37.48 2.22 -36.25
N GLU C 218 37.91 0.97 -36.05
CA GLU C 218 38.53 0.23 -37.14
C GLU C 218 37.56 -0.03 -38.27
N MET C 219 36.29 -0.31 -37.95
CA MET C 219 35.28 -0.50 -38.98
C MET C 219 35.03 0.78 -39.79
N GLN C 220 35.03 1.93 -39.13
CA GLN C 220 34.76 3.19 -39.83
C GLN C 220 35.83 3.49 -40.87
N ARG C 221 37.09 3.24 -40.56
CA ARG C 221 38.17 3.54 -41.50
C ARG C 221 38.16 2.62 -42.71
N LEU C 222 37.75 1.37 -42.54
CA LEU C 222 37.87 0.37 -43.60
C LEU C 222 36.60 0.22 -44.43
N VAL C 223 35.58 1.05 -44.21
CA VAL C 223 34.30 0.91 -44.91
C VAL C 223 34.02 2.21 -45.64
N LYS C 224 33.74 2.11 -46.94
CA LYS C 224 33.35 3.26 -47.75
C LYS C 224 31.83 3.42 -47.71
N GLY C 225 31.35 3.75 -46.51
CA GLY C 225 29.92 3.94 -46.31
C GLY C 225 29.64 4.31 -44.87
N GLU C 226 28.36 4.50 -44.59
CA GLU C 226 27.94 4.85 -43.24
C GLU C 226 28.16 3.68 -42.30
N VAL C 227 28.89 3.94 -41.21
CA VAL C 227 29.10 2.95 -40.15
C VAL C 227 28.49 3.50 -38.88
N VAL C 228 27.51 2.78 -38.34
CA VAL C 228 26.82 3.18 -37.12
C VAL C 228 26.83 2.00 -36.16
N ALA C 229 27.19 2.26 -34.91
CA ALA C 229 27.34 1.17 -33.94
C ALA C 229 27.09 1.70 -32.54
N SER C 230 26.88 0.77 -31.61
CA SER C 230 26.68 1.07 -30.21
C SER C 230 27.63 0.24 -29.38
N THR C 231 28.40 0.89 -28.51
CA THR C 231 29.34 0.18 -27.66
C THR C 231 28.61 -0.59 -26.56
N PHE C 232 29.27 -1.62 -26.04
CA PHE C 232 28.65 -2.44 -25.00
C PHE C 232 28.41 -1.65 -23.73
N ASP C 233 29.25 -0.65 -23.45
CA ASP C 233 29.05 0.17 -22.27
C ASP C 233 27.75 0.96 -22.32
N GLU C 234 27.20 1.18 -23.52
CA GLU C 234 25.94 1.88 -23.63
C GLU C 234 24.80 1.01 -23.07
N PRO C 235 23.75 1.64 -22.56
CA PRO C 235 22.63 0.87 -22.00
C PRO C 235 21.88 0.13 -23.10
N ALA C 236 21.10 -0.86 -22.67
CA ALA C 236 20.30 -1.64 -23.60
C ALA C 236 19.30 -0.80 -24.38
N SER C 237 18.85 0.32 -23.80
CA SER C 237 17.95 1.21 -24.53
C SER C 237 18.63 1.83 -25.74
N ARG C 238 19.94 2.02 -25.69
CA ARG C 238 20.66 2.57 -26.84
C ARG C 238 20.71 1.56 -28.00
N HIS C 239 20.88 0.28 -27.70
CA HIS C 239 20.97 -0.72 -28.75
C HIS C 239 19.66 -0.81 -29.55
N VAL C 240 18.52 -0.76 -28.86
CA VAL C 240 17.24 -0.79 -29.58
C VAL C 240 16.94 0.56 -30.23
N GLN C 241 17.46 1.66 -29.70
CA GLN C 241 17.23 2.95 -30.31
C GLN C 241 18.01 3.09 -31.62
N VAL C 242 19.27 2.66 -31.63
CA VAL C 242 20.08 2.73 -32.85
C VAL C 242 19.56 1.74 -33.89
N ALA C 243 19.10 0.57 -33.45
CA ALA C 243 18.63 -0.45 -34.38
C ALA C 243 17.35 -0.05 -35.11
N GLU C 244 16.57 0.87 -34.56
CA GLU C 244 15.37 1.33 -35.22
C GLU C 244 15.64 2.51 -36.16
N MET C 245 16.63 3.36 -35.83
CA MET C 245 16.96 4.46 -36.72
C MET C 245 17.53 3.96 -38.04
N VAL C 246 18.35 2.92 -38.01
CA VAL C 246 18.96 2.42 -39.23
C VAL C 246 17.92 1.76 -40.14
N ILE C 247 16.99 0.99 -39.56
CA ILE C 247 16.01 0.29 -40.39
C ILE C 247 15.03 1.26 -41.02
N GLU C 248 14.59 2.29 -40.29
CA GLU C 248 13.69 3.28 -40.87
C GLU C 248 14.39 4.09 -41.96
N LYS C 249 15.65 4.45 -41.75
CA LYS C 249 16.40 5.18 -42.77
C LYS C 249 16.55 4.35 -44.04
N ALA C 250 16.83 3.05 -43.89
CA ALA C 250 16.92 2.18 -45.05
C ALA C 250 15.59 2.05 -45.77
N LYS C 251 14.49 1.99 -45.03
CA LYS C 251 13.17 1.86 -45.65
C LYS C 251 12.85 3.07 -46.52
N ARG C 252 13.21 4.28 -46.06
CA ARG C 252 12.92 5.48 -46.84
C ARG C 252 13.64 5.46 -48.18
N LEU C 253 14.91 5.04 -48.20
CA LEU C 253 15.63 4.95 -49.47
C LEU C 253 15.02 3.92 -50.39
N VAL C 254 14.42 2.86 -49.83
CA VAL C 254 13.73 1.87 -50.66
C VAL C 254 12.55 2.51 -51.38
N GLU C 255 11.78 3.34 -50.66
CA GLU C 255 10.64 4.01 -51.28
C GLU C 255 11.05 4.96 -52.39
N HIS C 256 12.29 5.41 -52.39
CA HIS C 256 12.83 6.23 -53.47
C HIS C 256 13.58 5.39 -54.51
N LYS C 257 13.31 4.09 -54.56
CA LYS C 257 13.90 3.18 -55.54
C LYS C 257 15.43 3.18 -55.47
N LYS C 258 15.93 2.79 -54.29
CA LYS C 258 17.35 2.69 -54.06
C LYS C 258 17.68 1.34 -53.46
N ASP C 259 18.84 0.80 -53.83
CA ASP C 259 19.34 -0.45 -53.29
C ASP C 259 20.17 -0.15 -52.06
N VAL C 260 19.66 -0.53 -50.89
CA VAL C 260 20.33 -0.29 -49.62
C VAL C 260 20.70 -1.64 -49.00
N ILE C 261 21.97 -1.77 -48.61
CA ILE C 261 22.49 -3.01 -48.05
C ILE C 261 22.92 -2.72 -46.62
N ILE C 262 22.40 -3.50 -45.67
CA ILE C 262 22.74 -3.36 -44.26
C ILE C 262 23.50 -4.59 -43.83
N LEU C 263 24.73 -4.39 -43.36
CA LEU C 263 25.52 -5.46 -42.77
C LEU C 263 25.41 -5.35 -41.26
N LEU C 264 24.97 -6.44 -40.63
CA LEU C 264 24.61 -6.42 -39.21
C LEU C 264 25.45 -7.41 -38.43
N ASP C 265 25.89 -6.99 -37.25
CA ASP C 265 26.64 -7.85 -36.34
C ASP C 265 26.40 -7.35 -34.93
N SER C 266 25.62 -8.09 -34.16
CA SER C 266 25.01 -9.37 -34.56
C SER C 266 23.56 -9.42 -34.15
N ILE C 267 22.78 -10.27 -34.81
CA ILE C 267 21.37 -10.42 -34.45
C ILE C 267 21.21 -11.03 -33.06
N THR C 268 22.21 -11.76 -32.57
CA THR C 268 22.14 -12.32 -31.23
C THR C 268 22.15 -11.22 -30.17
N ARG C 269 23.11 -10.30 -30.26
CA ARG C 269 23.18 -9.21 -29.29
C ARG C 269 22.02 -8.24 -29.42
N LEU C 270 21.49 -8.05 -30.64
CA LEU C 270 20.29 -7.23 -30.79
C LEU C 270 19.10 -7.84 -30.08
N ALA C 271 18.93 -9.16 -30.21
CA ALA C 271 17.81 -9.82 -29.54
C ALA C 271 17.93 -9.74 -28.03
N ARG C 272 19.12 -9.95 -27.48
CA ARG C 272 19.31 -9.86 -26.04
C ARG C 272 19.05 -8.44 -25.54
N ALA C 273 19.40 -7.43 -26.33
CA ALA C 273 19.07 -6.06 -25.97
C ALA C 273 17.56 -5.85 -25.95
N TYR C 274 16.85 -6.41 -26.93
CA TYR C 274 15.40 -6.30 -26.95
C TYR C 274 14.74 -7.08 -25.83
N ASN C 275 15.38 -8.16 -25.37
CA ASN C 275 14.83 -8.93 -24.26
C ASN C 275 14.75 -8.09 -22.99
N THR C 276 15.77 -7.28 -22.73
CA THR C 276 15.77 -6.43 -21.54
C THR C 276 14.79 -5.28 -21.68
N VAL C 277 14.75 -4.63 -22.84
CA VAL C 277 13.98 -3.40 -23.00
C VAL C 277 12.49 -3.67 -22.86
N VAL C 278 11.98 -4.69 -23.55
CA VAL C 278 10.55 -4.95 -23.62
C VAL C 278 10.02 -5.36 -22.25
N PRO C 279 8.82 -4.94 -21.88
CA PRO C 279 8.23 -5.43 -20.63
C PRO C 279 7.94 -6.92 -20.69
N ALA C 280 8.00 -7.58 -19.54
CA ALA C 280 7.76 -9.00 -19.46
C ALA C 280 6.28 -9.30 -19.63
N SER C 281 5.97 -10.28 -20.47
CA SER C 281 4.58 -10.69 -20.72
C SER C 281 4.15 -11.85 -19.83
N GLY C 282 5.02 -12.32 -18.93
CA GLY C 282 4.70 -13.42 -18.05
C GLY C 282 4.99 -14.79 -18.61
N LYS C 283 5.35 -14.90 -19.89
CA LYS C 283 5.68 -16.16 -20.53
C LYS C 283 7.14 -16.12 -20.94
N VAL C 284 7.97 -16.93 -20.27
CA VAL C 284 9.41 -16.95 -20.51
C VAL C 284 9.78 -18.35 -20.99
N LEU C 285 10.51 -18.41 -22.12
CA LEU C 285 10.95 -19.67 -22.68
C LEU C 285 12.22 -20.13 -21.96
N THR C 286 12.86 -21.17 -22.49
CA THR C 286 14.10 -21.66 -21.93
C THR C 286 15.21 -20.63 -22.12
N GLY C 287 16.15 -20.60 -21.17
CA GLY C 287 17.25 -19.68 -21.24
C GLY C 287 16.93 -18.25 -20.85
N GLY C 288 15.72 -18.00 -20.35
CA GLY C 288 15.33 -16.66 -19.94
C GLY C 288 14.85 -15.76 -21.05
N VAL C 289 14.71 -16.28 -22.27
CA VAL C 289 14.26 -15.46 -23.39
C VAL C 289 12.76 -15.22 -23.27
N ASP C 290 12.37 -13.95 -23.31
CA ASP C 290 10.95 -13.61 -23.26
C ASP C 290 10.26 -14.02 -24.56
N ALA C 291 9.01 -14.45 -24.43
CA ALA C 291 8.28 -14.97 -25.58
C ALA C 291 8.00 -13.87 -26.60
N ASN C 292 7.46 -12.74 -26.15
CA ASN C 292 7.09 -11.66 -27.05
C ASN C 292 8.24 -10.70 -27.33
N ALA C 293 9.39 -10.89 -26.70
CA ALA C 293 10.54 -10.03 -26.97
C ALA C 293 11.04 -10.20 -28.40
N LEU C 294 11.02 -11.44 -28.92
CA LEU C 294 11.56 -11.74 -30.23
C LEU C 294 10.74 -11.18 -31.37
N HIS C 295 9.54 -10.66 -31.11
CA HIS C 295 8.73 -10.10 -32.17
C HIS C 295 9.40 -8.88 -32.80
N ARG C 296 9.98 -8.00 -31.97
CA ARG C 296 10.62 -6.80 -32.52
C ARG C 296 11.81 -7.13 -33.41
N PRO C 297 12.78 -7.95 -33.01
CA PRO C 297 13.88 -8.28 -33.93
C PRO C 297 13.42 -8.98 -35.19
N LYS C 298 12.36 -9.80 -35.11
CA LYS C 298 11.84 -10.43 -36.32
C LYS C 298 11.34 -9.41 -37.32
N ARG C 299 10.67 -8.35 -36.84
CA ARG C 299 10.25 -7.28 -37.74
C ARG C 299 11.46 -6.59 -38.36
N PHE C 300 12.51 -6.35 -37.58
CA PHE C 300 13.72 -5.74 -38.12
C PHE C 300 14.35 -6.65 -39.16
N PHE C 301 14.45 -7.94 -38.87
CA PHE C 301 15.09 -8.87 -39.80
C PHE C 301 14.21 -9.21 -41.00
N GLY C 302 12.90 -9.06 -40.88
CA GLY C 302 11.99 -9.41 -41.96
C GLY C 302 11.79 -8.36 -43.02
N ALA C 303 12.31 -7.16 -42.81
CA ALA C 303 12.14 -6.09 -43.78
C ALA C 303 12.97 -6.29 -45.04
N ALA C 304 13.98 -7.16 -45.00
CA ALA C 304 14.83 -7.38 -46.17
C ALA C 304 14.01 -8.02 -47.29
N ARG C 305 13.98 -7.36 -48.44
CA ARG C 305 13.16 -7.83 -49.55
C ARG C 305 13.64 -7.17 -50.83
N ASN C 306 13.26 -7.76 -51.96
CA ASN C 306 13.47 -7.17 -53.27
C ASN C 306 12.13 -6.65 -53.77
N VAL C 307 11.98 -5.34 -53.80
CA VAL C 307 10.70 -4.72 -54.12
C VAL C 307 10.44 -4.86 -55.61
N GLU C 308 9.22 -5.30 -55.97
CA GLU C 308 8.86 -5.44 -57.37
C GLU C 308 8.86 -4.11 -58.10
N GLU C 309 8.44 -3.03 -57.43
CA GLU C 309 8.41 -1.72 -58.08
C GLU C 309 9.81 -1.27 -58.49
N GLY C 310 10.79 -1.50 -57.63
CA GLY C 310 12.17 -1.09 -57.92
C GLY C 310 13.03 -1.04 -56.67
N GLY C 311 14.32 -1.25 -56.83
CA GLY C 311 15.21 -1.27 -55.69
C GLY C 311 15.09 -2.55 -54.89
N SER C 312 15.74 -2.54 -53.73
CA SER C 312 15.76 -3.70 -52.86
C SER C 312 16.18 -3.27 -51.47
N LEU C 313 16.25 -4.24 -50.56
CA LEU C 313 16.76 -4.03 -49.20
C LEU C 313 17.39 -5.33 -48.74
N THR C 314 18.71 -5.31 -48.58
CA THR C 314 19.47 -6.51 -48.22
C THR C 314 20.00 -6.36 -46.80
N ILE C 315 19.69 -7.35 -45.96
CA ILE C 315 20.17 -7.39 -44.59
C ILE C 315 20.97 -8.69 -44.41
N ILE C 316 22.20 -8.56 -43.94
CA ILE C 316 23.06 -9.71 -43.69
C ILE C 316 23.40 -9.69 -42.21
N ALA C 317 22.58 -10.39 -41.42
CA ALA C 317 22.81 -10.44 -39.99
C ALA C 317 23.86 -11.49 -39.64
N THR C 318 24.24 -11.53 -38.37
CA THR C 318 25.21 -12.48 -37.87
C THR C 318 24.63 -13.18 -36.65
N ALA C 319 24.71 -14.50 -36.63
CA ALA C 319 24.22 -15.31 -35.52
C ALA C 319 25.40 -15.90 -34.76
N LEU C 320 25.32 -15.83 -33.43
CA LEU C 320 26.37 -16.34 -32.55
C LEU C 320 25.87 -17.63 -31.92
N ILE C 321 26.58 -18.72 -32.17
CA ILE C 321 26.24 -20.02 -31.61
C ILE C 321 27.48 -20.62 -30.95
N ASP C 322 27.25 -21.60 -30.08
CA ASP C 322 28.31 -22.24 -29.30
C ASP C 322 29.09 -21.22 -28.48
N THR C 323 28.38 -20.21 -27.98
CA THR C 323 28.98 -19.18 -27.13
C THR C 323 28.94 -19.53 -25.66
N GLY C 324 28.31 -20.65 -25.29
CA GLY C 324 28.19 -21.05 -23.91
C GLY C 324 26.99 -20.50 -23.18
N SER C 325 26.24 -19.60 -23.79
CA SER C 325 25.05 -19.00 -23.17
C SER C 325 23.81 -19.65 -23.74
N LYS C 326 22.91 -20.07 -22.85
CA LYS C 326 21.66 -20.70 -23.30
C LYS C 326 20.74 -19.71 -24.00
N MET C 327 20.79 -18.43 -23.63
CA MET C 327 19.92 -17.45 -24.28
C MET C 327 20.24 -17.32 -25.77
N ASP C 328 21.52 -17.30 -26.12
CA ASP C 328 21.91 -17.17 -27.52
C ASP C 328 21.52 -18.38 -28.35
N GLU C 329 21.54 -19.58 -27.76
CA GLU C 329 21.13 -20.77 -28.49
C GLU C 329 19.64 -20.73 -28.82
N VAL C 330 18.83 -20.15 -27.93
CA VAL C 330 17.40 -20.04 -28.19
C VAL C 330 17.13 -19.09 -29.34
N ILE C 331 17.87 -17.98 -29.41
CA ILE C 331 17.63 -16.97 -30.44
C ILE C 331 17.86 -17.56 -31.82
N TYR C 332 18.95 -18.32 -32.00
CA TYR C 332 19.25 -18.89 -33.30
C TYR C 332 18.16 -19.86 -33.76
N GLU C 333 17.52 -20.56 -32.82
CA GLU C 333 16.48 -21.51 -33.20
C GLU C 333 15.31 -20.82 -33.87
N GLU C 334 14.89 -19.67 -33.33
CA GLU C 334 13.74 -18.96 -33.91
C GLU C 334 14.07 -18.42 -35.30
N PHE C 335 15.27 -17.88 -35.47
CA PHE C 335 15.68 -17.29 -36.75
C PHE C 335 16.24 -18.32 -37.73
N LYS C 336 16.31 -19.60 -37.32
CA LYS C 336 16.92 -20.61 -38.17
C LYS C 336 16.16 -20.78 -39.47
N GLY C 337 14.83 -20.84 -39.40
CA GLY C 337 14.02 -21.09 -40.56
C GLY C 337 13.56 -19.87 -41.33
N THR C 338 14.03 -18.68 -40.97
CA THR C 338 13.59 -17.47 -41.63
C THR C 338 14.62 -16.84 -42.55
N GLY C 339 15.85 -17.36 -42.57
CA GLY C 339 16.87 -16.78 -43.43
C GLY C 339 16.69 -17.19 -44.88
N ASN C 340 16.85 -16.22 -45.78
CA ASN C 340 16.78 -16.51 -47.20
C ASN C 340 18.00 -17.28 -47.68
N MET C 341 19.19 -16.94 -47.16
CA MET C 341 20.40 -17.69 -47.43
C MET C 341 21.17 -17.84 -46.12
N GLU C 342 21.89 -18.95 -45.98
CA GLU C 342 22.61 -19.25 -44.77
C GLU C 342 24.08 -19.53 -45.09
N LEU C 343 24.97 -18.87 -44.37
CA LEU C 343 26.41 -19.07 -44.49
C LEU C 343 26.94 -19.48 -43.12
N HIS C 344 27.55 -20.65 -43.05
CA HIS C 344 28.01 -21.21 -41.78
C HIS C 344 29.52 -21.17 -41.70
N LEU C 345 30.04 -20.63 -40.60
CA LEU C 345 31.46 -20.63 -40.30
C LEU C 345 31.78 -21.75 -39.33
N SER C 346 32.93 -22.39 -39.53
CA SER C 346 33.33 -23.54 -38.74
C SER C 346 34.53 -23.20 -37.88
N ARG C 347 34.46 -23.58 -36.60
CA ARG C 347 35.58 -23.38 -35.69
C ARG C 347 36.74 -24.31 -36.01
N LYS C 348 36.45 -25.51 -36.53
CA LYS C 348 37.51 -26.45 -36.86
C LYS C 348 38.42 -25.88 -37.95
N ILE C 349 37.84 -25.23 -38.97
CA ILE C 349 38.65 -24.54 -39.96
C ILE C 349 39.37 -23.36 -39.32
N ALA C 350 38.72 -22.68 -38.38
CA ALA C 350 39.33 -21.51 -37.75
C ALA C 350 40.57 -21.88 -36.93
N GLU C 351 40.47 -22.94 -36.12
CA GLU C 351 41.60 -23.37 -35.32
C GLU C 351 42.74 -23.95 -36.16
N LYS C 352 42.46 -24.29 -37.42
CA LYS C 352 43.51 -24.70 -38.34
C LYS C 352 44.18 -23.51 -39.01
N ARG C 353 43.75 -22.29 -38.70
CA ARG C 353 44.27 -21.07 -39.29
C ARG C 353 44.14 -21.08 -40.81
N VAL C 354 43.06 -21.67 -41.31
CA VAL C 354 42.75 -21.69 -42.73
C VAL C 354 41.57 -20.76 -42.96
N PHE C 355 41.74 -19.77 -43.83
CA PHE C 355 40.71 -18.77 -44.04
C PHE C 355 40.40 -18.63 -45.52
N PRO C 356 39.15 -18.31 -45.88
CA PRO C 356 38.00 -18.07 -45.00
C PRO C 356 37.43 -19.37 -44.45
N ALA C 357 37.02 -19.37 -43.18
CA ALA C 357 36.49 -20.58 -42.54
C ALA C 357 35.00 -20.65 -42.80
N ILE C 358 34.63 -21.31 -43.90
CA ILE C 358 33.24 -21.44 -44.31
C ILE C 358 32.89 -22.91 -44.41
N ASP C 359 31.84 -23.33 -43.72
CA ASP C 359 31.35 -24.69 -43.79
C ASP C 359 30.56 -24.85 -45.10
N TYR C 360 31.24 -25.32 -46.14
CA TYR C 360 30.62 -25.36 -47.47
C TYR C 360 29.42 -26.28 -47.51
N ASN C 361 29.50 -27.45 -46.85
CA ASN C 361 28.40 -28.41 -46.91
C ASN C 361 27.13 -27.85 -46.28
N ARG C 362 27.26 -27.14 -45.15
CA ARG C 362 26.11 -26.66 -44.42
C ARG C 362 25.70 -25.24 -44.81
N SER C 363 26.32 -24.66 -45.82
CA SER C 363 26.02 -23.31 -46.26
C SER C 363 25.43 -23.34 -47.67
N GLY C 364 24.61 -22.34 -47.96
CA GLY C 364 23.98 -22.25 -49.26
C GLY C 364 22.88 -21.21 -49.23
N THR C 365 22.12 -21.18 -50.32
CA THR C 365 21.02 -20.23 -50.48
C THR C 365 19.81 -20.99 -51.02
N ARG C 366 18.74 -20.25 -51.27
CA ARG C 366 17.50 -20.81 -51.81
C ARG C 366 17.05 -19.97 -52.99
N LYS C 367 16.43 -20.63 -53.97
CA LYS C 367 16.02 -20.00 -55.22
C LYS C 367 17.20 -19.32 -55.91
N GLU C 368 18.34 -20.00 -55.88
CA GLU C 368 19.57 -19.47 -56.46
C GLU C 368 19.53 -19.42 -57.98
N GLU C 369 18.56 -20.07 -58.62
CA GLU C 369 18.45 -19.99 -60.06
C GLU C 369 18.05 -18.61 -60.55
N LEU C 370 17.40 -17.81 -59.69
CA LEU C 370 16.97 -16.48 -60.08
C LEU C 370 18.11 -15.48 -60.12
N LEU C 371 19.26 -15.81 -59.52
CA LEU C 371 20.40 -14.89 -59.50
C LEU C 371 21.43 -15.26 -60.56
N THR C 372 21.94 -16.49 -60.51
CA THR C 372 22.99 -16.91 -61.43
C THR C 372 22.39 -17.39 -62.74
N THR C 373 23.27 -17.59 -63.72
CA THR C 373 22.86 -18.12 -65.01
C THR C 373 22.65 -19.62 -64.93
N GLN C 374 21.97 -20.17 -65.95
CA GLN C 374 21.64 -21.59 -65.95
C GLN C 374 22.90 -22.46 -66.00
N GLU C 375 23.87 -22.08 -66.84
CA GLU C 375 25.09 -22.88 -66.95
C GLU C 375 26.01 -22.71 -65.75
N GLU C 376 25.91 -21.57 -65.04
CA GLU C 376 26.69 -21.41 -63.81
C GLU C 376 26.24 -22.40 -62.74
N LEU C 377 24.93 -22.65 -62.64
CA LEU C 377 24.43 -23.64 -61.69
C LEU C 377 24.96 -25.02 -62.00
N GLN C 378 25.05 -25.37 -63.29
CA GLN C 378 25.61 -26.66 -63.67
C GLN C 378 27.05 -26.79 -63.20
N LYS C 379 27.85 -25.74 -63.41
CA LYS C 379 29.21 -25.77 -62.90
C LYS C 379 29.24 -25.82 -61.38
N MET C 380 28.38 -25.05 -60.72
CA MET C 380 28.32 -25.08 -59.27
C MET C 380 27.89 -26.44 -58.76
N TRP C 381 26.87 -27.04 -59.38
CA TRP C 381 26.39 -28.34 -58.94
C TRP C 381 27.44 -29.42 -59.13
N ILE C 382 28.23 -29.34 -60.20
CA ILE C 382 29.33 -30.27 -60.39
C ILE C 382 30.33 -30.14 -59.25
N LEU C 383 30.65 -28.90 -58.87
CA LEU C 383 31.54 -28.68 -57.74
C LEU C 383 30.94 -29.20 -56.44
N ARG C 384 29.63 -29.01 -56.25
CA ARG C 384 28.97 -29.52 -55.05
C ARG C 384 29.07 -31.04 -54.97
N LYS C 385 29.00 -31.73 -56.10
CA LYS C 385 29.14 -33.18 -56.10
C LYS C 385 30.53 -33.62 -55.66
N ILE C 386 31.52 -32.75 -55.74
CA ILE C 386 32.87 -33.07 -55.30
C ILE C 386 33.08 -32.72 -53.84
N ILE C 387 32.58 -31.55 -53.41
CA ILE C 387 32.78 -31.11 -52.04
C ILE C 387 31.97 -31.97 -51.07
N HIS C 388 30.76 -32.36 -51.46
CA HIS C 388 29.86 -33.04 -50.53
C HIS C 388 30.45 -34.31 -49.90
N PRO C 389 31.08 -35.23 -50.64
CA PRO C 389 31.71 -36.37 -49.96
C PRO C 389 32.81 -35.97 -49.00
N MET C 390 33.54 -34.88 -49.28
CA MET C 390 34.63 -34.45 -48.42
C MET C 390 34.11 -33.90 -47.10
N GLY C 391 35.00 -33.81 -46.13
CA GLY C 391 34.68 -33.25 -44.83
C GLY C 391 34.69 -31.74 -44.85
N GLU C 392 34.38 -31.15 -43.69
CA GLU C 392 34.30 -29.71 -43.58
C GLU C 392 35.67 -29.04 -43.60
N ILE C 393 36.74 -29.76 -43.31
CA ILE C 393 38.07 -29.16 -43.22
C ILE C 393 38.85 -29.33 -44.52
N ASP C 394 38.95 -30.56 -45.00
CA ASP C 394 39.74 -30.83 -46.20
C ASP C 394 39.16 -30.15 -47.43
N ALA C 395 37.83 -30.09 -47.53
CA ALA C 395 37.20 -29.45 -48.69
C ALA C 395 37.57 -27.98 -48.77
N MET C 396 37.56 -27.28 -47.64
CA MET C 396 38.01 -25.89 -47.63
C MET C 396 39.48 -25.79 -48.02
N GLU C 397 40.31 -26.71 -47.52
CA GLU C 397 41.70 -26.76 -47.97
C GLU C 397 41.78 -27.06 -49.46
N PHE C 398 40.97 -28.01 -49.93
CA PHE C 398 40.95 -28.33 -51.35
C PHE C 398 40.44 -27.16 -52.19
N LEU C 399 39.45 -26.43 -51.70
CA LEU C 399 38.88 -25.33 -52.47
C LEU C 399 39.89 -24.20 -52.63
N ILE C 400 40.65 -23.90 -51.57
CA ILE C 400 41.53 -22.73 -51.59
C ILE C 400 42.66 -22.91 -52.61
N ASN C 401 43.33 -24.06 -52.57
CA ASN C 401 44.45 -24.28 -53.47
C ASN C 401 44.01 -24.32 -54.92
N LYS C 402 42.86 -24.93 -55.21
CA LYS C 402 42.32 -24.91 -56.56
C LYS C 402 41.98 -23.49 -56.99
N LEU C 403 41.44 -22.68 -56.09
CA LEU C 403 41.13 -21.29 -56.40
C LEU C 403 42.37 -20.43 -56.53
N ALA C 404 43.51 -20.87 -55.99
CA ALA C 404 44.73 -20.07 -56.04
C ALA C 404 45.24 -19.92 -57.47
N CYS C 405 45.20 -21.00 -58.25
CA CYS C 405 45.77 -20.96 -59.59
C CYS C 405 45.04 -19.99 -60.51
N THR C 406 43.71 -19.95 -60.42
CA THR C 406 42.90 -19.13 -61.31
C THR C 406 42.57 -17.79 -60.66
N LYS C 407 42.65 -16.72 -61.45
CA LYS C 407 42.38 -15.38 -60.93
C LYS C 407 40.88 -15.14 -60.75
N THR C 408 40.05 -15.62 -61.67
CA THR C 408 38.64 -15.35 -61.66
C THR C 408 37.84 -16.64 -61.47
N ASN C 409 36.56 -16.48 -61.16
CA ASN C 409 35.70 -17.63 -60.89
C ASN C 409 35.49 -18.47 -62.15
N ASP C 410 35.18 -17.82 -63.28
CA ASP C 410 34.99 -18.56 -64.52
C ASP C 410 36.27 -19.25 -64.95
N ASP C 411 37.43 -18.65 -64.66
CA ASP C 411 38.70 -19.33 -64.92
C ASP C 411 38.82 -20.60 -64.09
N PHE C 412 38.37 -20.56 -62.84
CA PHE C 412 38.36 -21.77 -62.01
C PHE C 412 37.45 -22.83 -62.60
N PHE C 413 36.31 -22.41 -63.18
CA PHE C 413 35.38 -23.38 -63.75
C PHE C 413 36.02 -24.19 -64.86
N GLU C 414 36.79 -23.52 -65.74
CA GLU C 414 37.51 -24.23 -66.78
C GLU C 414 38.65 -25.08 -66.21
N MET C 415 39.20 -24.70 -65.06
CA MET C 415 40.31 -25.45 -64.48
C MET C 415 39.86 -26.84 -64.05
N MET C 416 38.74 -26.92 -63.34
CA MET C 416 38.21 -28.19 -62.88
C MET C 416 37.31 -28.88 -63.89
N LYS C 417 37.00 -28.21 -65.01
CA LYS C 417 36.18 -28.83 -66.04
C LYS C 417 36.88 -30.03 -66.66
N ARG C 418 38.18 -29.93 -66.89
CA ARG C 418 38.95 -31.01 -67.48
C ARG C 418 40.02 -31.52 -66.52
N MET D 1 -17.36 2.59 -55.39
CA MET D 1 -18.54 1.85 -55.81
C MET D 1 -18.62 0.51 -55.11
N ASN D 2 -17.63 -0.34 -55.37
CA ASN D 2 -17.54 -1.67 -54.75
C ASN D 2 -16.31 -1.71 -53.85
N LEU D 3 -16.54 -2.03 -52.58
CA LEU D 3 -15.43 -2.03 -51.62
C LEU D 3 -14.41 -3.11 -51.95
N THR D 4 -14.86 -4.31 -52.30
CA THR D 4 -13.94 -5.38 -52.63
C THR D 4 -13.14 -5.07 -53.90
N GLU D 5 -13.75 -4.38 -54.86
CA GLU D 5 -13.01 -3.96 -56.04
C GLU D 5 -11.93 -2.96 -55.69
N LEU D 6 -12.20 -2.07 -54.72
CA LEU D 6 -11.20 -1.11 -54.29
C LEU D 6 -10.06 -1.79 -53.54
N LYS D 7 -10.34 -2.87 -52.81
CA LYS D 7 -9.32 -3.50 -51.99
C LYS D 7 -8.24 -4.15 -52.83
N ASN D 8 -8.63 -4.93 -53.83
CA ASN D 8 -7.66 -5.58 -54.70
C ASN D 8 -7.16 -4.66 -55.81
N THR D 9 -7.68 -3.45 -55.90
CA THR D 9 -7.15 -2.47 -56.84
C THR D 9 -5.72 -2.11 -56.45
N PRO D 10 -4.80 -2.04 -57.42
CA PRO D 10 -3.41 -1.68 -57.09
C PRO D 10 -3.33 -0.32 -56.43
N VAL D 11 -2.38 -0.19 -55.50
CA VAL D 11 -2.27 1.01 -54.69
C VAL D 11 -1.92 2.24 -55.53
N SER D 12 -1.22 2.06 -56.65
CA SER D 12 -0.91 3.19 -57.51
C SER D 12 -2.17 3.83 -58.07
N GLU D 13 -3.11 3.01 -58.55
CA GLU D 13 -4.38 3.54 -59.04
C GLU D 13 -5.24 4.11 -57.92
N LEU D 14 -5.08 3.62 -56.70
CA LEU D 14 -5.83 4.16 -55.57
C LEU D 14 -5.51 5.61 -55.32
N ILE D 15 -4.23 6.00 -55.44
CA ILE D 15 -3.85 7.39 -55.26
C ILE D 15 -4.50 8.26 -56.34
N THR D 16 -4.49 7.79 -57.59
CA THR D 16 -5.13 8.54 -58.66
C THR D 16 -6.63 8.68 -58.42
N LEU D 17 -7.28 7.60 -57.96
CA LEU D 17 -8.69 7.68 -57.61
C LEU D 17 -8.90 8.62 -56.43
N GLY D 18 -8.00 8.60 -55.44
CA GLY D 18 -8.07 9.59 -54.37
C GLY D 18 -7.80 10.99 -54.87
N GLU D 19 -6.81 11.14 -55.77
CA GLU D 19 -6.54 12.44 -56.37
C GLU D 19 -7.63 12.89 -57.34
N ASN D 20 -8.53 12.01 -57.74
CA ASN D 20 -9.62 12.41 -58.62
C ASN D 20 -10.52 13.44 -57.95
N MET D 21 -10.85 13.20 -56.67
CA MET D 21 -11.61 14.20 -55.91
C MET D 21 -10.73 15.32 -55.38
N GLY D 22 -9.42 15.10 -55.29
CA GLY D 22 -8.51 16.12 -54.81
C GLY D 22 -7.91 15.81 -53.45
N LEU D 23 -7.93 14.54 -53.07
CA LEU D 23 -7.32 14.14 -51.80
C LEU D 23 -5.81 14.33 -51.88
N GLU D 24 -5.23 14.90 -50.83
CA GLU D 24 -3.82 15.28 -50.82
C GLU D 24 -3.06 14.43 -49.82
N ASN D 25 -1.82 14.10 -50.19
CA ASN D 25 -0.89 13.38 -49.31
C ASN D 25 -1.44 12.02 -48.90
N LEU D 26 -1.66 11.18 -49.91
CA LEU D 26 -2.11 9.81 -49.70
C LEU D 26 -1.05 8.76 -50.00
N ALA D 27 0.02 9.13 -50.74
CA ALA D 27 1.01 8.14 -51.14
C ALA D 27 1.82 7.62 -49.95
N ARG D 28 2.00 8.43 -48.91
CA ARG D 28 2.77 8.04 -47.75
C ARG D 28 1.90 7.47 -46.63
N MET D 29 0.80 6.81 -46.97
CA MET D 29 -0.12 6.23 -46.00
C MET D 29 -0.27 4.74 -46.25
N ARG D 30 -0.77 4.05 -45.23
CA ARG D 30 -1.02 2.61 -45.34
C ARG D 30 -2.15 2.36 -46.35
N LYS D 31 -2.10 1.17 -46.95
CA LYS D 31 -3.14 0.81 -47.91
C LYS D 31 -4.50 0.67 -47.23
N GLN D 32 -4.51 0.24 -45.96
CA GLN D 32 -5.76 0.18 -45.22
C GLN D 32 -6.37 1.56 -45.04
N ASP D 33 -5.54 2.56 -44.72
CA ASP D 33 -6.04 3.93 -44.54
C ASP D 33 -6.47 4.55 -45.87
N ILE D 34 -5.79 4.21 -46.96
CA ILE D 34 -6.15 4.75 -48.27
C ILE D 34 -7.56 4.32 -48.65
N ILE D 35 -7.89 3.04 -48.44
CA ILE D 35 -9.24 2.57 -48.71
C ILE D 35 -10.24 3.29 -47.80
N PHE D 36 -9.86 3.50 -46.54
CA PHE D 36 -10.74 4.22 -45.62
C PHE D 36 -10.97 5.66 -46.06
N ALA D 37 -9.92 6.33 -46.55
CA ALA D 37 -10.06 7.72 -46.98
C ALA D 37 -10.89 7.84 -48.25
N ILE D 38 -10.63 6.98 -49.24
CA ILE D 38 -11.40 7.03 -50.48
C ILE D 38 -12.86 6.70 -50.23
N LEU D 39 -13.14 5.72 -49.36
CA LEU D 39 -14.52 5.39 -49.04
C LEU D 39 -15.24 6.56 -48.40
N LYS D 40 -14.56 7.31 -47.53
CA LYS D 40 -15.17 8.49 -46.93
C LYS D 40 -15.48 9.57 -47.94
N GLN D 41 -14.71 9.65 -49.04
CA GLN D 41 -15.01 10.63 -50.08
C GLN D 41 -16.36 10.34 -50.72
N HIS D 42 -16.64 9.06 -51.02
CA HIS D 42 -17.95 8.68 -51.52
C HIS D 42 -19.02 8.70 -50.44
N ALA D 43 -18.63 8.64 -49.17
CA ALA D 43 -19.60 8.71 -48.09
C ALA D 43 -20.29 10.06 -48.05
N LYS D 44 -19.53 11.15 -48.25
CA LYS D 44 -20.13 12.48 -48.27
C LYS D 44 -21.05 12.67 -49.47
N SER D 45 -20.68 12.08 -50.62
CA SER D 45 -21.53 12.19 -51.80
C SER D 45 -22.86 11.47 -51.64
N GLY D 46 -22.95 10.53 -50.70
CA GLY D 46 -24.18 9.80 -50.47
C GLY D 46 -24.45 8.66 -51.42
N GLU D 47 -23.55 8.40 -52.37
CA GLU D 47 -23.75 7.32 -53.31
C GLU D 47 -23.63 5.97 -52.60
N ASP D 48 -24.44 5.01 -53.04
CA ASP D 48 -24.43 3.68 -52.45
C ASP D 48 -23.10 2.99 -52.72
N ILE D 49 -22.65 2.20 -51.74
CA ILE D 49 -21.41 1.45 -51.84
C ILE D 49 -21.69 -0.01 -51.50
N PHE D 50 -20.96 -0.92 -52.13
CA PHE D 50 -21.13 -2.35 -51.92
C PHE D 50 -19.81 -2.99 -51.53
N GLY D 51 -19.89 -4.06 -50.75
CA GLY D 51 -18.71 -4.75 -50.28
C GLY D 51 -19.08 -6.07 -49.65
N ASP D 52 -18.08 -6.71 -49.06
CA ASP D 52 -18.25 -8.00 -48.41
C ASP D 52 -17.09 -8.23 -47.45
N GLY D 53 -17.14 -9.36 -46.77
CA GLY D 53 -16.09 -9.69 -45.82
C GLY D 53 -16.39 -11.00 -45.13
N VAL D 54 -15.61 -11.29 -44.09
CA VAL D 54 -15.78 -12.49 -43.28
C VAL D 54 -16.02 -12.05 -41.85
N LEU D 55 -17.14 -12.52 -41.27
CA LEU D 55 -17.51 -12.11 -39.92
C LEU D 55 -16.54 -12.70 -38.90
N GLU D 56 -16.11 -11.87 -37.96
CA GLU D 56 -15.24 -12.29 -36.87
C GLU D 56 -15.91 -11.87 -35.56
N ILE D 57 -16.58 -12.81 -34.90
CA ILE D 57 -17.28 -12.51 -33.65
C ILE D 57 -16.25 -12.29 -32.56
N LEU D 58 -16.38 -11.16 -31.86
CA LEU D 58 -15.51 -10.86 -30.74
C LEU D 58 -16.16 -11.35 -29.44
N GLN D 59 -15.44 -11.16 -28.33
CA GLN D 59 -15.93 -11.62 -27.03
C GLN D 59 -17.02 -10.73 -26.45
N ASP D 60 -17.19 -9.51 -26.97
CA ASP D 60 -18.23 -8.61 -26.48
C ASP D 60 -19.51 -8.67 -27.29
N GLY D 61 -19.58 -9.56 -28.28
CA GLY D 61 -20.79 -9.71 -29.07
C GLY D 61 -20.69 -9.11 -30.45
N PHE D 62 -20.12 -7.92 -30.56
CA PHE D 62 -19.97 -7.27 -31.84
C PHE D 62 -18.86 -7.93 -32.66
N GLY D 63 -18.89 -7.71 -33.96
CA GLY D 63 -17.94 -8.30 -34.87
C GLY D 63 -17.52 -7.33 -35.96
N PHE D 64 -16.68 -7.83 -36.86
CA PHE D 64 -16.18 -7.07 -37.99
C PHE D 64 -16.35 -7.90 -39.25
N LEU D 65 -15.89 -7.35 -40.37
CA LEU D 65 -15.85 -8.05 -41.66
C LEU D 65 -14.42 -7.95 -42.19
N ARG D 66 -13.57 -8.86 -41.78
CA ARG D 66 -12.20 -8.88 -42.25
C ARG D 66 -12.16 -9.27 -43.73
N SER D 67 -11.12 -8.80 -44.42
CA SER D 67 -10.93 -9.06 -45.83
C SER D 67 -9.85 -10.11 -46.03
N ALA D 68 -10.15 -11.14 -46.81
CA ALA D 68 -9.16 -12.17 -47.10
C ALA D 68 -7.99 -11.63 -47.89
N ASP D 69 -8.18 -10.52 -48.62
CA ASP D 69 -7.07 -9.91 -49.34
C ASP D 69 -6.00 -9.40 -48.39
N SER D 70 -6.40 -8.85 -47.25
CA SER D 70 -5.47 -8.41 -46.22
C SER D 70 -5.15 -9.51 -45.22
N SER D 71 -5.43 -10.77 -45.57
CA SER D 71 -5.18 -11.92 -44.71
C SER D 71 -5.90 -11.77 -43.37
N TYR D 72 -7.13 -11.25 -43.42
CA TYR D 72 -7.97 -11.07 -42.24
C TYR D 72 -7.26 -10.25 -41.17
N LEU D 73 -6.59 -9.18 -41.59
CA LEU D 73 -5.92 -8.29 -40.66
C LEU D 73 -6.89 -7.23 -40.16
N ALA D 74 -6.87 -7.00 -38.85
CA ALA D 74 -7.76 -6.01 -38.23
C ALA D 74 -7.34 -4.62 -38.68
N GLY D 75 -8.14 -4.01 -39.55
CA GLY D 75 -7.84 -2.69 -40.07
C GLY D 75 -9.00 -1.73 -39.94
N PRO D 76 -8.74 -0.45 -40.21
CA PRO D 76 -9.83 0.54 -40.12
C PRO D 76 -10.94 0.30 -41.11
N ASP D 77 -10.64 -0.29 -42.27
CA ASP D 77 -11.63 -0.46 -43.33
C ASP D 77 -12.56 -1.65 -43.09
N ASP D 78 -12.34 -2.43 -42.04
CA ASP D 78 -13.21 -3.56 -41.75
C ASP D 78 -14.61 -3.08 -41.39
N ILE D 79 -15.62 -3.71 -41.97
CA ILE D 79 -17.00 -3.28 -41.80
C ILE D 79 -17.50 -3.74 -40.44
N TYR D 80 -18.04 -2.81 -39.65
CA TYR D 80 -18.59 -3.15 -38.36
C TYR D 80 -20.01 -3.67 -38.48
N VAL D 81 -20.37 -4.58 -37.57
CA VAL D 81 -21.73 -5.11 -37.50
C VAL D 81 -22.22 -5.03 -36.06
N SER D 82 -23.47 -4.63 -35.91
CA SER D 82 -24.05 -4.48 -34.59
C SER D 82 -24.25 -5.85 -33.93
N PRO D 83 -24.08 -5.94 -32.62
CA PRO D 83 -24.36 -7.22 -31.94
C PRO D 83 -25.79 -7.67 -32.12
N CYS D 84 -26.75 -6.75 -32.11
CA CYS D 84 -28.14 -7.11 -32.37
C CYS D 84 -28.35 -7.56 -33.81
N GLN D 85 -27.56 -7.02 -34.75
CA GLN D 85 -27.65 -7.48 -36.13
C GLN D 85 -27.28 -8.96 -36.25
N ILE D 86 -26.34 -9.42 -35.41
CA ILE D 86 -26.01 -10.85 -35.36
C ILE D 86 -27.06 -11.65 -34.61
N ARG D 87 -27.98 -10.98 -33.93
CA ARG D 87 -29.17 -11.65 -33.40
C ARG D 87 -30.33 -11.66 -34.39
N ARG D 88 -30.36 -10.70 -35.32
CA ARG D 88 -31.38 -10.70 -36.36
C ARG D 88 -31.26 -11.95 -37.23
N PHE D 89 -30.04 -12.29 -37.63
CA PHE D 89 -29.74 -13.55 -38.30
C PHE D 89 -28.73 -14.30 -37.46
N ASN D 90 -29.01 -15.57 -37.19
CA ASN D 90 -28.16 -16.37 -36.31
C ASN D 90 -26.85 -16.68 -37.03
N LEU D 91 -25.97 -15.69 -37.06
CA LEU D 91 -24.70 -15.79 -37.74
C LEU D 91 -23.59 -16.09 -36.74
N ARG D 92 -22.63 -16.90 -37.16
CA ARG D 92 -21.48 -17.26 -36.34
C ARG D 92 -20.21 -16.79 -37.07
N THR D 93 -19.06 -17.08 -36.45
CA THR D 93 -17.78 -16.70 -37.04
C THR D 93 -17.54 -17.46 -38.33
N GLY D 94 -16.83 -16.82 -39.25
CA GLY D 94 -16.51 -17.43 -40.52
C GLY D 94 -17.56 -17.29 -41.61
N ASP D 95 -18.70 -16.70 -41.29
CA ASP D 95 -19.73 -16.45 -42.29
C ASP D 95 -19.36 -15.22 -43.13
N THR D 96 -19.47 -15.37 -44.45
CA THR D 96 -19.20 -14.26 -45.37
C THR D 96 -20.50 -13.50 -45.59
N ILE D 97 -20.45 -12.18 -45.40
CA ILE D 97 -21.60 -11.31 -45.49
C ILE D 97 -21.32 -10.21 -46.49
N SER D 98 -22.24 -10.00 -47.42
CA SER D 98 -22.14 -8.94 -48.42
C SER D 98 -23.40 -8.07 -48.36
N GLY D 99 -23.21 -6.77 -48.45
CA GLY D 99 -24.35 -5.86 -48.42
C GLY D 99 -23.89 -4.42 -48.51
N LYS D 100 -24.87 -3.53 -48.48
CA LYS D 100 -24.58 -2.10 -48.55
C LYS D 100 -23.97 -1.62 -47.24
N ILE D 101 -23.04 -0.68 -47.35
CA ILE D 101 -22.32 -0.13 -46.20
C ILE D 101 -22.76 1.29 -45.98
N ARG D 102 -23.21 1.59 -44.77
CA ARG D 102 -23.56 2.97 -44.52
C ARG D 102 -22.33 3.76 -44.08
N PRO D 103 -22.28 5.06 -44.40
CA PRO D 103 -21.18 5.87 -43.91
C PRO D 103 -21.18 5.90 -42.40
N PRO D 104 -20.00 5.97 -41.78
CA PRO D 104 -19.93 5.97 -40.32
C PRO D 104 -20.55 7.23 -39.73
N LYS D 105 -21.16 7.07 -38.56
CA LYS D 105 -21.70 8.20 -37.84
C LYS D 105 -20.61 8.88 -37.01
N GLU D 106 -20.92 10.07 -36.52
CA GLU D 106 -19.97 10.80 -35.69
C GLU D 106 -19.75 10.06 -34.39
N GLY D 107 -18.48 9.94 -33.98
CA GLY D 107 -18.11 9.14 -32.84
C GLY D 107 -17.90 7.68 -33.15
N GLU D 108 -18.11 7.25 -34.39
CA GLU D 108 -17.89 5.87 -34.81
C GLU D 108 -16.73 5.83 -35.79
N ARG D 109 -15.75 4.97 -35.51
CA ARG D 109 -14.53 4.88 -36.29
C ARG D 109 -14.59 3.81 -37.37
N TYR D 110 -15.71 3.11 -37.52
CA TYR D 110 -15.81 2.00 -38.46
C TYR D 110 -17.06 2.14 -39.31
N PHE D 111 -16.93 1.76 -40.57
CA PHE D 111 -18.09 1.66 -41.44
C PHE D 111 -19.02 0.57 -40.95
N ALA D 112 -20.33 0.79 -41.12
CA ALA D 112 -21.35 -0.13 -40.63
C ALA D 112 -22.13 -0.72 -41.78
N LEU D 113 -22.56 -1.97 -41.61
CA LEU D 113 -23.36 -2.66 -42.61
C LEU D 113 -24.84 -2.38 -42.36
N LEU D 114 -25.51 -1.81 -43.36
CA LEU D 114 -26.91 -1.42 -43.20
C LEU D 114 -27.88 -2.52 -43.61
N LYS D 115 -27.59 -3.26 -44.67
CA LYS D 115 -28.50 -4.27 -45.19
C LYS D 115 -27.74 -5.56 -45.43
N VAL D 116 -28.31 -6.67 -44.97
CA VAL D 116 -27.71 -7.99 -45.16
C VAL D 116 -28.31 -8.57 -46.44
N ASN D 117 -27.49 -8.64 -47.50
CA ASN D 117 -27.96 -9.11 -48.79
C ASN D 117 -27.73 -10.61 -48.96
N GLU D 118 -26.48 -11.05 -48.87
CA GLU D 118 -26.13 -12.45 -49.05
C GLU D 118 -25.25 -12.90 -47.90
N VAL D 119 -25.62 -14.02 -47.28
CA VAL D 119 -24.81 -14.67 -46.25
C VAL D 119 -24.42 -16.03 -46.77
N ASN D 120 -23.11 -16.27 -46.87
CA ASN D 120 -22.57 -17.51 -47.44
C ASN D 120 -23.14 -17.77 -48.83
N PHE D 121 -23.25 -16.69 -49.62
CA PHE D 121 -23.84 -16.75 -50.95
C PHE D 121 -25.23 -17.36 -50.92
N ASP D 122 -26.02 -16.96 -49.92
CA ASP D 122 -27.36 -17.48 -49.73
C ASP D 122 -28.22 -16.40 -49.10
N LYS D 123 -29.53 -16.60 -49.14
CA LYS D 123 -30.45 -15.66 -48.55
C LYS D 123 -30.23 -15.61 -47.04
N PRO D 124 -30.35 -14.42 -46.42
CA PRO D 124 -30.10 -14.34 -44.96
C PRO D 124 -31.02 -15.22 -44.15
N GLU D 125 -32.28 -15.39 -44.56
CA GLU D 125 -33.18 -16.27 -43.83
C GLU D 125 -32.95 -17.74 -44.14
N ASN D 126 -32.27 -18.05 -45.24
CA ASN D 126 -31.95 -19.45 -45.57
C ASN D 126 -30.74 -19.98 -44.83
N ALA D 127 -29.82 -19.09 -44.41
CA ALA D 127 -28.61 -19.54 -43.72
C ALA D 127 -28.91 -20.09 -42.34
N ARG D 128 -29.96 -19.62 -41.66
CA ARG D 128 -30.24 -20.05 -40.31
C ARG D 128 -30.87 -21.43 -40.24
N ASN D 129 -31.23 -22.03 -41.37
CA ASN D 129 -31.79 -23.37 -41.39
C ASN D 129 -30.75 -24.45 -41.60
N LYS D 130 -29.47 -24.10 -41.64
CA LYS D 130 -28.40 -25.08 -41.86
C LYS D 130 -27.92 -25.66 -40.54
N ILE D 131 -27.65 -26.96 -40.55
CA ILE D 131 -27.20 -27.66 -39.36
C ILE D 131 -25.76 -27.30 -39.05
N LEU D 132 -25.42 -27.27 -37.77
CA LEU D 132 -24.06 -26.91 -37.36
C LEU D 132 -23.07 -27.99 -37.76
N PHE D 133 -21.80 -27.62 -37.77
CA PHE D 133 -20.75 -28.53 -38.22
C PHE D 133 -20.62 -29.73 -37.29
N GLU D 134 -20.53 -29.49 -35.98
CA GLU D 134 -20.34 -30.58 -35.04
C GLU D 134 -21.54 -31.50 -34.96
N ASN D 135 -22.74 -30.99 -35.26
CA ASN D 135 -23.92 -31.85 -35.27
C ASN D 135 -23.88 -32.85 -36.42
N LEU D 136 -23.06 -32.61 -37.44
CA LEU D 136 -22.98 -33.52 -38.57
C LEU D 136 -22.29 -34.82 -38.17
N THR D 137 -22.50 -35.84 -38.99
CA THR D 137 -21.88 -37.15 -38.76
C THR D 137 -20.67 -37.31 -39.67
N PRO D 138 -19.46 -37.41 -39.12
CA PRO D 138 -18.27 -37.58 -39.96
C PRO D 138 -18.26 -38.95 -40.63
N LEU D 139 -17.43 -39.05 -41.66
CA LEU D 139 -17.29 -40.30 -42.39
C LEU D 139 -15.95 -40.30 -43.11
N HIS D 140 -15.47 -41.50 -43.42
CA HIS D 140 -14.23 -41.64 -44.15
C HIS D 140 -14.39 -41.16 -45.59
N ALA D 141 -13.27 -40.79 -46.21
CA ALA D 141 -13.30 -40.31 -47.58
C ALA D 141 -13.73 -41.42 -48.52
N ASN D 142 -14.59 -41.08 -49.47
CA ASN D 142 -15.10 -42.03 -50.45
C ASN D 142 -15.07 -41.51 -51.89
N SER D 143 -14.77 -40.23 -52.10
CA SER D 143 -14.69 -39.64 -53.43
C SER D 143 -13.25 -39.25 -53.71
N ARG D 144 -12.58 -40.01 -54.56
CA ARG D 144 -11.17 -39.78 -54.84
C ARG D 144 -10.99 -38.50 -55.64
N LEU D 145 -10.00 -37.70 -55.24
CA LEU D 145 -9.63 -36.49 -55.96
C LEU D 145 -8.53 -36.83 -56.94
N ARG D 146 -8.85 -36.77 -58.24
CA ARG D 146 -7.89 -37.13 -59.28
C ARG D 146 -6.87 -36.02 -59.42
N MET D 147 -5.71 -36.20 -58.77
CA MET D 147 -4.67 -35.18 -58.80
C MET D 147 -3.95 -35.12 -60.15
N GLU D 148 -4.06 -36.16 -60.97
CA GLU D 148 -3.35 -36.18 -62.24
C GLU D 148 -3.91 -35.13 -63.19
N ARG D 149 -3.03 -34.60 -64.04
CA ARG D 149 -3.42 -33.60 -65.02
C ARG D 149 -3.80 -34.22 -66.35
N GLY D 150 -3.06 -35.23 -66.81
CA GLY D 150 -3.33 -35.89 -68.06
C GLY D 150 -2.64 -35.29 -69.26
N ASN D 151 -2.00 -34.13 -69.11
CA ASN D 151 -1.28 -33.51 -70.21
C ASN D 151 0.12 -34.08 -70.41
N GLY D 152 0.62 -34.85 -69.46
CA GLY D 152 1.93 -35.46 -69.61
C GLY D 152 3.09 -34.50 -69.51
N SER D 153 2.90 -33.34 -68.91
CA SER D 153 3.98 -32.36 -68.78
C SER D 153 4.95 -32.80 -67.69
N THR D 154 6.04 -32.06 -67.56
CA THR D 154 7.03 -32.36 -66.52
C THR D 154 6.43 -32.18 -65.13
N GLU D 155 5.62 -31.14 -64.93
CA GLU D 155 4.99 -30.92 -63.64
C GLU D 155 3.94 -31.98 -63.33
N ASP D 156 3.42 -32.67 -64.35
CA ASP D 156 2.48 -33.75 -64.12
C ASP D 156 3.13 -34.92 -63.40
N LEU D 157 4.46 -35.02 -63.43
CA LEU D 157 5.15 -36.12 -62.77
C LEU D 157 4.91 -36.11 -61.27
N THR D 158 4.95 -34.94 -60.65
CA THR D 158 4.73 -34.86 -59.20
C THR D 158 3.33 -35.31 -58.83
N ALA D 159 2.31 -34.85 -59.57
CA ALA D 159 0.95 -35.29 -59.29
C ALA D 159 0.77 -36.77 -59.54
N ARG D 160 1.35 -37.29 -60.62
CA ARG D 160 1.25 -38.72 -60.90
C ARG D 160 1.92 -39.54 -59.81
N VAL D 161 3.09 -39.11 -59.35
CA VAL D 161 3.79 -39.83 -58.29
C VAL D 161 2.99 -39.77 -57.00
N LEU D 162 2.48 -38.60 -56.65
CA LEU D 162 1.71 -38.45 -55.41
C LEU D 162 0.44 -39.29 -55.43
N ASP D 163 -0.22 -39.39 -56.58
CA ASP D 163 -1.41 -40.23 -56.69
C ASP D 163 -1.07 -41.69 -56.43
N LEU D 164 0.05 -42.16 -56.96
CA LEU D 164 0.46 -43.55 -56.74
C LEU D 164 0.96 -43.76 -55.32
N ALA D 165 1.67 -42.79 -54.76
CA ALA D 165 2.25 -42.97 -53.43
C ALA D 165 1.17 -43.01 -52.36
N SER D 166 0.24 -42.06 -52.39
CA SER D 166 -0.80 -42.01 -51.38
C SER D 166 -2.05 -41.34 -51.95
N PRO D 167 -3.10 -42.10 -52.26
CA PRO D 167 -4.33 -41.49 -52.77
C PRO D 167 -4.92 -40.52 -51.77
N ILE D 168 -5.48 -39.42 -52.29
CA ILE D 168 -6.08 -38.38 -51.48
C ILE D 168 -7.53 -38.21 -51.91
N GLY D 169 -8.45 -38.20 -50.94
CA GLY D 169 -9.86 -38.08 -51.21
C GLY D 169 -10.47 -36.87 -50.54
N ARG D 170 -11.74 -36.66 -50.85
CA ARG D 170 -12.48 -35.52 -50.29
C ARG D 170 -12.66 -35.72 -48.79
N GLY D 171 -12.24 -34.73 -48.01
CA GLY D 171 -12.35 -34.80 -46.57
C GLY D 171 -11.25 -35.57 -45.88
N GLN D 172 -10.30 -36.12 -46.64
CA GLN D 172 -9.23 -36.93 -46.04
C GLN D 172 -8.25 -36.03 -45.29
N ARG D 173 -8.08 -36.30 -44.01
CA ARG D 173 -7.21 -35.50 -43.14
C ARG D 173 -5.77 -35.90 -43.42
N GLY D 174 -5.17 -35.25 -44.42
CA GLY D 174 -3.82 -35.60 -44.82
C GLY D 174 -2.76 -35.05 -43.89
N LEU D 175 -1.54 -35.53 -44.08
CA LEU D 175 -0.39 -35.10 -43.31
C LEU D 175 0.87 -35.47 -44.07
N ILE D 176 1.78 -34.51 -44.21
CA ILE D 176 3.00 -34.68 -44.98
C ILE D 176 4.19 -34.42 -44.07
N VAL D 177 5.13 -35.36 -44.03
CA VAL D 177 6.36 -35.22 -43.26
C VAL D 177 7.41 -34.58 -44.16
N ALA D 178 7.93 -33.44 -43.75
CA ALA D 178 8.85 -32.65 -44.57
C ALA D 178 10.10 -32.28 -43.79
N PRO D 179 11.24 -32.91 -44.06
CA PRO D 179 12.50 -32.44 -43.51
C PRO D 179 12.92 -31.14 -44.18
N PRO D 180 13.76 -30.35 -43.53
CA PRO D 180 14.15 -29.06 -44.12
C PRO D 180 14.92 -29.24 -45.42
N LYS D 181 14.76 -28.26 -46.31
CA LYS D 181 15.44 -28.24 -47.61
C LYS D 181 15.13 -29.49 -48.43
N ALA D 182 13.87 -29.92 -48.38
CA ALA D 182 13.42 -31.06 -49.16
C ALA D 182 12.45 -30.66 -50.27
N GLY D 183 12.42 -29.38 -50.62
CA GLY D 183 11.50 -28.91 -51.64
C GLY D 183 10.04 -29.03 -51.24
N LYS D 184 9.71 -28.73 -49.99
CA LYS D 184 8.34 -28.88 -49.53
C LYS D 184 7.41 -27.87 -50.21
N THR D 185 7.81 -26.59 -50.24
CA THR D 185 6.96 -25.56 -50.80
C THR D 185 6.73 -25.75 -52.30
N MET D 186 7.69 -26.30 -53.03
CA MET D 186 7.49 -26.57 -54.44
C MET D 186 6.43 -27.65 -54.66
N LEU D 187 6.36 -28.62 -53.75
CA LEU D 187 5.33 -29.66 -53.86
C LEU D 187 3.94 -29.06 -53.73
N LEU D 188 3.74 -28.13 -52.80
CA LEU D 188 2.45 -27.50 -52.62
C LEU D 188 1.98 -26.76 -53.86
N GLN D 189 2.91 -26.22 -54.65
CA GLN D 189 2.54 -25.59 -55.92
C GLN D 189 1.90 -26.59 -56.86
N ASN D 190 2.45 -27.81 -56.92
CA ASN D 190 1.88 -28.85 -57.76
C ASN D 190 0.48 -29.25 -57.28
N ILE D 191 0.29 -29.35 -55.98
CA ILE D 191 -1.01 -29.74 -55.44
C ILE D 191 -2.05 -28.67 -55.73
N ALA D 192 -1.72 -27.42 -55.43
CA ALA D 192 -2.68 -26.33 -55.65
C ALA D 192 -3.00 -26.15 -57.13
N GLN D 193 -1.99 -26.22 -58.00
CA GLN D 193 -2.23 -26.05 -59.43
C GLN D 193 -3.02 -27.20 -60.03
N SER D 194 -3.00 -28.38 -59.39
CA SER D 194 -3.73 -29.53 -59.90
C SER D 194 -5.16 -29.61 -59.38
N ILE D 195 -5.38 -29.27 -58.11
CA ILE D 195 -6.73 -29.31 -57.55
C ILE D 195 -7.62 -28.29 -58.25
N ALA D 196 -7.13 -27.08 -58.46
CA ALA D 196 -7.94 -26.04 -59.10
C ALA D 196 -8.31 -26.42 -60.52
N TYR D 197 -7.35 -26.96 -61.29
CA TYR D 197 -7.63 -27.32 -62.67
C TYR D 197 -8.56 -28.53 -62.73
N ASN D 198 -8.29 -29.57 -61.94
CA ASN D 198 -9.08 -30.79 -62.02
C ASN D 198 -10.45 -30.61 -61.38
N HIS D 199 -10.52 -29.91 -60.24
CA HIS D 199 -11.77 -29.77 -59.49
C HIS D 199 -12.02 -28.28 -59.22
N PRO D 200 -12.44 -27.53 -60.23
CA PRO D 200 -12.78 -26.12 -60.00
C PRO D 200 -13.96 -25.93 -59.07
N ASP D 201 -14.84 -26.92 -58.93
CA ASP D 201 -16.03 -26.77 -58.11
C ASP D 201 -15.70 -26.59 -56.64
N CYS D 202 -14.74 -27.37 -56.12
CA CYS D 202 -14.42 -27.32 -54.71
C CYS D 202 -13.69 -26.03 -54.36
N VAL D 203 -13.93 -25.54 -53.15
CA VAL D 203 -13.29 -24.33 -52.67
C VAL D 203 -11.86 -24.66 -52.24
N LEU D 204 -10.90 -23.89 -52.75
CA LEU D 204 -9.49 -24.10 -52.45
C LEU D 204 -8.97 -22.93 -51.63
N MET D 205 -8.37 -23.25 -50.48
CA MET D 205 -7.74 -22.26 -49.62
C MET D 205 -6.34 -22.73 -49.25
N VAL D 206 -5.39 -21.81 -49.25
CA VAL D 206 -4.01 -22.11 -48.87
C VAL D 206 -3.67 -21.24 -47.67
N LEU D 207 -3.29 -21.89 -46.58
CA LEU D 207 -2.93 -21.20 -45.34
C LEU D 207 -1.45 -21.40 -45.06
N LEU D 208 -0.72 -20.30 -44.91
CA LEU D 208 0.70 -20.33 -44.59
C LEU D 208 0.91 -19.63 -43.25
N ILE D 209 1.64 -20.29 -42.36
CA ILE D 209 1.85 -19.81 -41.00
C ILE D 209 3.34 -19.59 -40.79
N ASP D 210 3.70 -18.42 -40.29
CA ASP D 210 5.08 -18.07 -39.95
C ASP D 210 6.00 -18.17 -41.16
N GLU D 211 5.47 -17.92 -42.35
CA GLU D 211 6.25 -17.98 -43.57
C GLU D 211 6.92 -16.64 -43.84
N ARG D 212 7.97 -16.69 -44.67
CA ARG D 212 8.64 -15.46 -45.06
C ARG D 212 7.71 -14.58 -45.88
N PRO D 213 7.83 -13.25 -45.74
CA PRO D 213 7.02 -12.35 -46.58
C PRO D 213 7.28 -12.53 -48.06
N GLU D 214 8.45 -13.02 -48.44
CA GLU D 214 8.73 -13.28 -49.84
C GLU D 214 7.83 -14.38 -50.40
N GLU D 215 7.64 -15.46 -49.63
CA GLU D 215 6.84 -16.58 -50.10
C GLU D 215 5.34 -16.27 -50.13
N VAL D 216 4.87 -15.37 -49.28
CA VAL D 216 3.44 -15.09 -49.21
C VAL D 216 2.94 -14.53 -50.54
N THR D 217 3.61 -13.51 -51.06
CA THR D 217 3.24 -12.97 -52.37
C THR D 217 3.57 -13.92 -53.50
N GLU D 218 4.55 -14.81 -53.31
CA GLU D 218 4.85 -15.80 -54.33
C GLU D 218 3.69 -16.77 -54.53
N MET D 219 3.07 -17.21 -53.43
CA MET D 219 1.96 -18.15 -53.53
C MET D 219 0.73 -17.50 -54.15
N GLN D 220 0.51 -16.21 -53.88
CA GLN D 220 -0.68 -15.53 -54.38
C GLN D 220 -0.70 -15.42 -55.90
N ARG D 221 0.45 -15.57 -56.55
CA ARG D 221 0.53 -15.40 -58.00
C ARG D 221 0.29 -16.69 -58.78
N LEU D 222 0.20 -17.84 -58.10
CA LEU D 222 -0.04 -19.11 -58.77
C LEU D 222 -1.26 -19.85 -58.27
N VAL D 223 -1.61 -19.73 -56.99
CA VAL D 223 -2.75 -20.45 -56.44
C VAL D 223 -4.02 -19.76 -56.90
N LYS D 224 -4.88 -20.51 -57.59
CA LYS D 224 -6.15 -19.97 -58.09
C LYS D 224 -7.23 -20.14 -57.01
N GLY D 225 -7.05 -19.37 -55.95
CA GLY D 225 -7.97 -19.43 -54.84
C GLY D 225 -7.55 -18.47 -53.74
N GLU D 226 -8.31 -18.50 -52.65
CA GLU D 226 -8.03 -17.63 -51.51
C GLU D 226 -6.70 -18.02 -50.88
N VAL D 227 -5.70 -17.14 -50.98
CA VAL D 227 -4.41 -17.34 -50.35
C VAL D 227 -4.33 -16.43 -49.15
N VAL D 228 -4.16 -17.02 -47.97
CA VAL D 228 -4.12 -16.29 -46.71
C VAL D 228 -2.92 -16.75 -45.91
N ALA D 229 -2.15 -15.81 -45.39
CA ALA D 229 -0.91 -16.16 -44.69
C ALA D 229 -0.61 -15.11 -43.63
N SER D 230 0.23 -15.49 -42.68
CA SER D 230 0.72 -14.60 -41.63
C SER D 230 2.24 -14.70 -41.59
N THR D 231 2.91 -13.64 -42.00
CA THR D 231 4.36 -13.65 -42.09
C THR D 231 4.97 -13.76 -40.69
N PHE D 232 6.22 -14.22 -40.65
CA PHE D 232 6.87 -14.55 -39.38
C PHE D 232 7.07 -13.34 -38.47
N ASP D 233 7.21 -12.15 -39.04
CA ASP D 233 7.40 -10.96 -38.22
C ASP D 233 6.15 -10.59 -37.42
N GLU D 234 4.98 -11.12 -37.79
CA GLU D 234 3.77 -10.83 -37.05
C GLU D 234 3.82 -11.49 -35.68
N PRO D 235 3.12 -10.94 -34.69
CA PRO D 235 3.10 -11.54 -33.36
C PRO D 235 2.47 -12.92 -33.37
N ALA D 236 2.81 -13.70 -32.34
CA ALA D 236 2.28 -15.04 -32.22
C ALA D 236 0.75 -15.07 -32.16
N SER D 237 0.13 -14.02 -31.65
CA SER D 237 -1.33 -13.95 -31.65
C SER D 237 -1.88 -13.88 -33.07
N ARG D 238 -1.18 -13.20 -33.98
CA ARG D 238 -1.64 -13.10 -35.36
C ARG D 238 -1.57 -14.44 -36.09
N HIS D 239 -0.75 -15.38 -35.62
CA HIS D 239 -0.68 -16.68 -36.27
C HIS D 239 -1.91 -17.53 -35.99
N VAL D 240 -2.50 -17.41 -34.81
CA VAL D 240 -3.70 -18.18 -34.49
C VAL D 240 -4.98 -17.44 -34.85
N GLN D 241 -4.99 -16.10 -34.79
CA GLN D 241 -6.16 -15.35 -35.22
C GLN D 241 -6.41 -15.55 -36.71
N VAL D 242 -5.35 -15.55 -37.52
CA VAL D 242 -5.49 -15.87 -38.92
C VAL D 242 -5.79 -17.34 -39.14
N ALA D 243 -5.54 -18.18 -38.14
CA ALA D 243 -5.85 -19.60 -38.27
C ALA D 243 -7.28 -19.92 -37.87
N GLU D 244 -7.78 -19.28 -36.82
CA GLU D 244 -9.16 -19.49 -36.42
C GLU D 244 -10.15 -19.05 -37.50
N MET D 245 -9.88 -17.92 -38.16
CA MET D 245 -10.76 -17.46 -39.22
C MET D 245 -10.77 -18.42 -40.40
N VAL D 246 -9.65 -19.09 -40.68
CA VAL D 246 -9.60 -20.01 -41.81
C VAL D 246 -10.45 -21.24 -41.55
N ILE D 247 -10.33 -21.83 -40.36
CA ILE D 247 -11.07 -23.06 -40.07
C ILE D 247 -12.55 -22.76 -39.92
N GLU D 248 -12.92 -21.64 -39.29
CA GLU D 248 -14.33 -21.30 -39.14
C GLU D 248 -14.98 -21.02 -40.49
N LYS D 249 -14.29 -20.28 -41.36
CA LYS D 249 -14.82 -20.02 -42.69
C LYS D 249 -14.97 -21.30 -43.50
N ALA D 250 -14.04 -22.24 -43.33
CA ALA D 250 -14.15 -23.53 -44.02
C ALA D 250 -15.35 -24.32 -43.51
N LYS D 251 -15.62 -24.27 -42.20
CA LYS D 251 -16.73 -25.03 -41.63
C LYS D 251 -18.07 -24.57 -42.20
N ARG D 252 -18.26 -23.25 -42.37
CA ARG D 252 -19.52 -22.74 -42.87
C ARG D 252 -19.82 -23.23 -44.27
N LEU D 253 -18.80 -23.29 -45.14
CA LEU D 253 -19.02 -23.80 -46.49
C LEU D 253 -19.40 -25.28 -46.47
N VAL D 254 -18.86 -26.05 -45.52
CA VAL D 254 -19.25 -27.44 -45.39
C VAL D 254 -20.73 -27.56 -45.05
N GLU D 255 -21.20 -26.72 -44.12
CA GLU D 255 -22.61 -26.74 -43.75
C GLU D 255 -23.51 -26.42 -44.93
N HIS D 256 -23.04 -25.60 -45.87
CA HIS D 256 -23.78 -25.27 -47.08
C HIS D 256 -23.48 -26.24 -48.22
N LYS D 257 -23.04 -27.45 -47.90
CA LYS D 257 -22.79 -28.50 -48.89
C LYS D 257 -21.77 -28.05 -49.94
N LYS D 258 -20.61 -27.62 -49.47
CA LYS D 258 -19.52 -27.24 -50.35
C LYS D 258 -18.24 -27.95 -49.90
N ASP D 259 -17.41 -28.31 -50.87
CA ASP D 259 -16.14 -28.97 -50.60
C ASP D 259 -15.04 -27.92 -50.51
N VAL D 260 -14.45 -27.78 -49.33
CA VAL D 260 -13.41 -26.79 -49.07
C VAL D 260 -12.11 -27.53 -48.74
N ILE D 261 -11.03 -27.11 -49.38
CA ILE D 261 -9.72 -27.75 -49.24
C ILE D 261 -8.76 -26.73 -48.65
N ILE D 262 -8.06 -27.11 -47.58
CA ILE D 262 -7.08 -26.26 -46.93
C ILE D 262 -5.71 -26.92 -47.04
N LEU D 263 -4.76 -26.23 -47.66
CA LEU D 263 -3.39 -26.73 -47.78
C LEU D 263 -2.53 -26.00 -46.75
N LEU D 264 -2.59 -26.49 -45.52
CA LEU D 264 -1.87 -25.86 -44.42
C LEU D 264 -0.37 -26.06 -44.57
N ASP D 265 0.41 -25.03 -44.21
CA ASP D 265 1.86 -25.10 -44.25
C ASP D 265 2.39 -24.07 -43.26
N SER D 266 2.85 -24.53 -42.11
CA SER D 266 2.90 -25.92 -41.70
C SER D 266 2.36 -26.10 -40.29
N ILE D 267 1.98 -27.33 -39.95
CA ILE D 267 1.43 -27.59 -38.62
C ILE D 267 2.45 -27.36 -37.52
N THR D 268 3.74 -27.50 -37.80
CA THR D 268 4.76 -27.27 -36.79
C THR D 268 4.76 -25.82 -36.33
N ARG D 269 4.74 -24.88 -37.29
CA ARG D 269 4.72 -23.47 -36.93
C ARG D 269 3.43 -23.09 -36.21
N LEU D 270 2.30 -23.66 -36.64
CA LEU D 270 1.03 -23.36 -35.99
C LEU D 270 1.03 -23.82 -34.54
N ALA D 271 1.56 -25.01 -34.27
CA ALA D 271 1.55 -25.54 -32.91
C ALA D 271 2.39 -24.67 -31.98
N ARG D 272 3.60 -24.29 -32.40
CA ARG D 272 4.43 -23.43 -31.56
C ARG D 272 3.79 -22.06 -31.38
N ALA D 273 3.05 -21.59 -32.37
CA ALA D 273 2.32 -20.34 -32.21
C ALA D 273 1.27 -20.45 -31.10
N TYR D 274 0.56 -21.57 -31.04
CA TYR D 274 -0.42 -21.78 -29.99
C TYR D 274 0.24 -21.92 -28.63
N ASN D 275 1.42 -22.54 -28.57
CA ASN D 275 2.11 -22.75 -27.29
C ASN D 275 2.44 -21.42 -26.62
N THR D 276 2.92 -20.45 -27.39
CA THR D 276 3.21 -19.14 -26.83
C THR D 276 1.93 -18.44 -26.38
N VAL D 277 0.87 -18.53 -27.16
CA VAL D 277 -0.36 -17.80 -26.87
C VAL D 277 -1.05 -18.36 -25.63
N VAL D 278 -1.15 -19.69 -25.54
CA VAL D 278 -1.90 -20.33 -24.47
C VAL D 278 -1.23 -20.06 -23.13
N PRO D 279 -1.99 -19.78 -22.07
CA PRO D 279 -1.38 -19.66 -20.74
C PRO D 279 -0.75 -20.97 -20.29
N ALA D 280 0.30 -20.86 -19.50
CA ALA D 280 0.99 -22.03 -18.99
C ALA D 280 0.05 -22.83 -18.08
N SER D 281 0.00 -24.15 -18.31
CA SER D 281 -0.86 -25.04 -17.54
C SER D 281 -0.14 -25.68 -16.36
N GLY D 282 1.14 -25.39 -16.17
CA GLY D 282 1.91 -25.97 -15.09
C GLY D 282 2.51 -27.32 -15.39
N LYS D 283 2.06 -27.98 -16.45
CA LYS D 283 2.60 -29.27 -16.88
C LYS D 283 3.34 -29.04 -18.20
N VAL D 284 4.66 -28.91 -18.11
CA VAL D 284 5.50 -28.60 -19.27
C VAL D 284 6.15 -29.90 -19.73
N LEU D 285 5.94 -30.26 -20.99
CA LEU D 285 6.57 -31.43 -21.57
C LEU D 285 8.00 -31.10 -21.97
N THR D 286 8.71 -32.09 -22.51
CA THR D 286 10.07 -31.87 -22.96
C THR D 286 10.10 -30.89 -24.12
N GLY D 287 11.13 -30.04 -24.14
CA GLY D 287 11.25 -29.01 -25.15
C GLY D 287 10.45 -27.76 -24.89
N GLY D 288 9.79 -27.65 -23.74
CA GLY D 288 9.02 -26.47 -23.41
C GLY D 288 7.59 -26.47 -23.91
N VAL D 289 7.13 -27.56 -24.52
CA VAL D 289 5.77 -27.62 -25.04
C VAL D 289 4.79 -27.77 -23.88
N ASP D 290 3.80 -26.88 -23.82
CA ASP D 290 2.78 -26.99 -22.80
C ASP D 290 1.87 -28.18 -23.07
N ALA D 291 1.34 -28.76 -21.98
CA ALA D 291 0.51 -29.95 -22.11
C ALA D 291 -0.78 -29.64 -22.85
N ASN D 292 -1.48 -28.58 -22.46
CA ASN D 292 -2.74 -28.21 -23.10
C ASN D 292 -2.54 -27.42 -24.39
N ALA D 293 -1.30 -27.03 -24.71
CA ALA D 293 -1.05 -26.30 -25.94
C ALA D 293 -1.33 -27.14 -27.17
N LEU D 294 -1.21 -28.46 -27.07
CA LEU D 294 -1.50 -29.34 -28.20
C LEU D 294 -2.99 -29.46 -28.49
N HIS D 295 -3.84 -29.14 -27.50
CA HIS D 295 -5.27 -29.34 -27.67
C HIS D 295 -5.84 -28.44 -28.78
N ARG D 296 -5.42 -27.18 -28.81
CA ARG D 296 -5.99 -26.25 -29.80
C ARG D 296 -5.68 -26.66 -31.23
N PRO D 297 -4.43 -26.92 -31.64
CA PRO D 297 -4.20 -27.38 -33.01
C PRO D 297 -4.85 -28.70 -33.33
N LYS D 298 -5.01 -29.59 -32.34
CA LYS D 298 -5.69 -30.85 -32.59
C LYS D 298 -7.14 -30.62 -33.00
N ARG D 299 -7.81 -29.64 -32.39
CA ARG D 299 -9.14 -29.27 -32.85
C ARG D 299 -9.10 -28.75 -34.28
N PHE D 300 -8.09 -27.94 -34.61
CA PHE D 300 -7.93 -27.47 -35.98
C PHE D 300 -7.68 -28.64 -36.92
N PHE D 301 -6.81 -29.57 -36.53
CA PHE D 301 -6.48 -30.69 -37.40
C PHE D 301 -7.61 -31.72 -37.44
N GLY D 302 -8.35 -31.88 -36.35
CA GLY D 302 -9.42 -32.86 -36.31
C GLY D 302 -10.65 -32.50 -37.10
N ALA D 303 -10.83 -31.23 -37.42
CA ALA D 303 -12.03 -30.80 -38.14
C ALA D 303 -12.13 -31.38 -39.54
N ALA D 304 -11.02 -31.80 -40.14
CA ALA D 304 -11.05 -32.37 -41.48
C ALA D 304 -11.85 -33.66 -41.47
N ARG D 305 -12.81 -33.78 -42.39
CA ARG D 305 -13.68 -34.95 -42.45
C ARG D 305 -14.48 -34.89 -43.73
N ASN D 306 -15.09 -36.03 -44.06
CA ASN D 306 -16.05 -36.12 -45.16
C ASN D 306 -17.43 -36.30 -44.55
N VAL D 307 -18.24 -35.24 -44.59
CA VAL D 307 -19.55 -35.25 -43.96
C VAL D 307 -20.47 -36.18 -44.73
N GLU D 308 -21.15 -37.07 -44.01
CA GLU D 308 -22.07 -38.00 -44.66
C GLU D 308 -23.23 -37.27 -45.31
N GLU D 309 -23.75 -36.23 -44.66
CA GLU D 309 -24.87 -35.49 -45.21
C GLU D 309 -24.51 -34.82 -46.53
N GLY D 310 -23.32 -34.24 -46.61
CA GLY D 310 -22.88 -33.57 -47.82
C GLY D 310 -21.72 -32.64 -47.60
N GLY D 311 -20.88 -32.46 -48.61
CA GLY D 311 -19.71 -31.61 -48.50
C GLY D 311 -18.59 -32.28 -47.72
N SER D 312 -17.36 -31.86 -48.04
CA SER D 312 -16.18 -32.43 -47.41
C SER D 312 -15.23 -31.31 -47.03
N LEU D 313 -14.41 -31.59 -46.02
CA LEU D 313 -13.39 -30.64 -45.54
C LEU D 313 -12.05 -31.37 -45.55
N THR D 314 -11.20 -31.04 -46.51
CA THR D 314 -9.90 -31.67 -46.67
C THR D 314 -8.83 -30.72 -46.16
N ILE D 315 -7.98 -31.21 -45.26
CA ILE D 315 -6.87 -30.45 -44.71
C ILE D 315 -5.58 -31.21 -45.01
N ILE D 316 -4.65 -30.54 -45.70
CA ILE D 316 -3.36 -31.12 -45.99
C ILE D 316 -2.28 -30.29 -45.30
N ALA D 317 -1.94 -30.66 -44.07
CA ALA D 317 -0.96 -29.93 -43.28
C ALA D 317 0.37 -30.65 -43.33
N THR D 318 1.44 -29.89 -43.53
CA THR D 318 2.79 -30.44 -43.56
C THR D 318 3.45 -30.31 -42.19
N ALA D 319 4.30 -31.28 -41.87
CA ALA D 319 5.01 -31.31 -40.60
C ALA D 319 6.50 -31.20 -40.86
N LEU D 320 7.20 -30.56 -39.92
CA LEU D 320 8.63 -30.32 -40.01
C LEU D 320 9.34 -31.20 -38.99
N ILE D 321 10.26 -32.03 -39.45
CA ILE D 321 11.05 -32.91 -38.60
C ILE D 321 12.52 -32.72 -38.96
N ASP D 322 13.39 -33.18 -38.05
CA ASP D 322 14.84 -33.12 -38.23
C ASP D 322 15.31 -31.68 -38.41
N THR D 323 14.65 -30.75 -37.76
CA THR D 323 15.02 -29.34 -37.82
C THR D 323 16.01 -28.94 -36.75
N GLY D 324 16.44 -29.88 -35.90
CA GLY D 324 17.36 -29.57 -34.84
C GLY D 324 16.73 -28.97 -33.59
N SER D 325 15.41 -28.81 -33.57
CA SER D 325 14.71 -28.23 -32.44
C SER D 325 13.92 -29.31 -31.71
N LYS D 326 14.08 -29.37 -30.39
CA LYS D 326 13.35 -30.37 -29.61
C LYS D 326 11.85 -30.12 -29.63
N MET D 327 11.43 -28.86 -29.63
CA MET D 327 10.01 -28.55 -29.67
C MET D 327 9.36 -29.06 -30.94
N ASP D 328 10.03 -28.88 -32.08
CA ASP D 328 9.48 -29.35 -33.35
C ASP D 328 9.38 -30.88 -33.38
N GLU D 329 10.34 -31.57 -32.76
CA GLU D 329 10.27 -33.03 -32.70
C GLU D 329 9.12 -33.51 -31.82
N VAL D 330 8.84 -32.79 -30.74
CA VAL D 330 7.77 -33.20 -29.84
C VAL D 330 6.42 -33.12 -30.52
N ILE D 331 6.19 -32.06 -31.29
CA ILE D 331 4.89 -31.85 -31.93
C ILE D 331 4.55 -33.01 -32.86
N TYR D 332 5.52 -33.44 -33.67
CA TYR D 332 5.27 -34.53 -34.60
C TYR D 332 4.94 -35.82 -33.88
N GLU D 333 5.46 -36.01 -32.66
CA GLU D 333 5.13 -37.20 -31.89
C GLU D 333 3.66 -37.23 -31.53
N GLU D 334 3.09 -36.09 -31.13
CA GLU D 334 1.68 -36.04 -30.77
C GLU D 334 0.79 -36.24 -31.99
N PHE D 335 1.22 -35.75 -33.16
CA PHE D 335 0.44 -35.84 -34.38
C PHE D 335 0.83 -37.06 -35.21
N LYS D 336 1.33 -38.11 -34.58
CA LYS D 336 1.82 -39.27 -35.31
C LYS D 336 0.66 -40.05 -35.92
N GLY D 337 -0.23 -40.58 -35.08
CA GLY D 337 -1.36 -41.35 -35.55
C GLY D 337 -2.61 -40.54 -35.86
N THR D 338 -2.54 -39.21 -35.74
CA THR D 338 -3.72 -38.39 -35.98
C THR D 338 -4.09 -38.34 -37.45
N GLY D 339 -3.10 -38.16 -38.32
CA GLY D 339 -3.37 -37.98 -39.73
C GLY D 339 -3.98 -39.23 -40.36
N ASN D 340 -4.90 -39.01 -41.30
CA ASN D 340 -5.53 -40.11 -41.99
C ASN D 340 -4.59 -40.74 -43.02
N MET D 341 -3.78 -39.94 -43.70
CA MET D 341 -2.77 -40.44 -44.62
C MET D 341 -1.45 -39.75 -44.33
N GLU D 342 -0.35 -40.46 -44.59
CA GLU D 342 0.98 -39.94 -44.30
C GLU D 342 1.83 -39.98 -45.56
N LEU D 343 2.50 -38.87 -45.83
CA LEU D 343 3.43 -38.77 -46.96
C LEU D 343 4.77 -38.32 -46.42
N HIS D 344 5.84 -39.01 -46.82
CA HIS D 344 7.17 -38.76 -46.30
C HIS D 344 8.06 -38.23 -47.41
N LEU D 345 8.71 -37.10 -47.15
CA LEU D 345 9.72 -36.54 -48.03
C LEU D 345 11.10 -36.91 -47.51
N SER D 346 12.03 -37.14 -48.42
CA SER D 346 13.37 -37.59 -48.08
C SER D 346 14.40 -36.54 -48.47
N ARG D 347 15.20 -36.12 -47.50
CA ARG D 347 16.31 -35.21 -47.80
C ARG D 347 17.38 -35.90 -48.65
N LYS D 348 17.57 -37.21 -48.46
CA LYS D 348 18.56 -37.94 -49.22
C LYS D 348 18.25 -37.90 -50.71
N ILE D 349 16.99 -38.07 -51.08
CA ILE D 349 16.62 -37.93 -52.48
C ILE D 349 16.77 -36.47 -52.91
N ALA D 350 16.44 -35.52 -52.02
CA ALA D 350 16.59 -34.12 -52.35
C ALA D 350 18.05 -33.74 -52.58
N GLU D 351 18.97 -34.25 -51.75
CA GLU D 351 20.38 -33.92 -51.92
C GLU D 351 20.94 -34.48 -53.22
N LYS D 352 20.25 -35.45 -53.83
CA LYS D 352 20.62 -35.95 -55.15
C LYS D 352 19.99 -35.15 -56.28
N ARG D 353 19.26 -34.08 -55.95
CA ARG D 353 18.57 -33.24 -56.93
C ARG D 353 17.62 -34.08 -57.79
N VAL D 354 16.93 -35.01 -57.15
CA VAL D 354 15.91 -35.83 -57.79
C VAL D 354 14.56 -35.38 -57.25
N PHE D 355 13.72 -34.84 -58.14
CA PHE D 355 12.44 -34.30 -57.72
C PHE D 355 11.31 -34.95 -58.50
N PRO D 356 10.17 -35.22 -57.85
CA PRO D 356 9.86 -34.98 -56.44
C PRO D 356 10.50 -36.02 -55.54
N ALA D 357 10.73 -35.72 -54.27
CA ALA D 357 11.41 -36.61 -53.33
C ALA D 357 10.39 -37.12 -52.32
N ILE D 358 9.90 -38.34 -52.55
CA ILE D 358 8.94 -38.98 -51.66
C ILE D 358 9.48 -40.35 -51.26
N ASP D 359 9.49 -40.61 -49.95
CA ASP D 359 9.83 -41.94 -49.43
C ASP D 359 8.65 -42.85 -49.71
N TYR D 360 8.71 -43.57 -50.83
CA TYR D 360 7.56 -44.36 -51.28
C TYR D 360 7.22 -45.47 -50.30
N ASN D 361 8.22 -46.02 -49.60
CA ASN D 361 7.95 -47.10 -48.66
C ASN D 361 7.21 -46.60 -47.44
N ARG D 362 7.63 -45.45 -46.88
CA ARG D 362 7.06 -44.95 -45.64
C ARG D 362 5.80 -44.12 -45.86
N SER D 363 5.47 -43.79 -47.10
CA SER D 363 4.32 -42.96 -47.41
C SER D 363 3.15 -43.83 -47.86
N GLY D 364 1.98 -43.59 -47.30
CA GLY D 364 0.80 -44.34 -47.66
C GLY D 364 -0.42 -43.78 -46.96
N THR D 365 -1.57 -44.33 -47.35
CA THR D 365 -2.86 -43.92 -46.81
C THR D 365 -3.55 -45.12 -46.17
N ARG D 366 -4.78 -44.91 -45.73
CA ARG D 366 -5.60 -45.96 -45.13
C ARG D 366 -6.99 -45.93 -45.76
N LYS D 367 -7.61 -47.10 -45.82
CA LYS D 367 -8.95 -47.26 -46.39
C LYS D 367 -9.01 -46.75 -47.83
N GLU D 368 -7.92 -46.94 -48.57
CA GLU D 368 -7.87 -46.49 -49.96
C GLU D 368 -8.85 -47.24 -50.86
N GLU D 369 -9.35 -48.41 -50.43
CA GLU D 369 -10.36 -49.11 -51.19
C GLU D 369 -11.66 -48.32 -51.28
N LEU D 370 -11.92 -47.44 -50.32
CA LEU D 370 -13.09 -46.57 -50.42
C LEU D 370 -12.95 -45.59 -51.57
N LEU D 371 -11.75 -45.04 -51.77
CA LEU D 371 -11.53 -44.09 -52.85
C LEU D 371 -11.27 -44.81 -54.17
N THR D 372 -10.20 -45.60 -54.22
CA THR D 372 -9.85 -46.30 -55.44
C THR D 372 -10.81 -47.46 -55.70
N THR D 373 -10.92 -47.84 -56.96
CA THR D 373 -11.72 -48.98 -57.34
C THR D 373 -10.92 -50.27 -57.14
N GLN D 374 -11.58 -51.41 -57.33
CA GLN D 374 -10.93 -52.69 -57.09
C GLN D 374 -9.81 -52.94 -58.09
N GLU D 375 -10.02 -52.61 -59.36
CA GLU D 375 -9.04 -52.92 -60.39
C GLU D 375 -7.74 -52.14 -60.18
N GLU D 376 -7.84 -50.86 -59.85
CA GLU D 376 -6.64 -50.03 -59.73
C GLU D 376 -5.85 -50.37 -58.47
N LEU D 377 -6.53 -50.73 -57.37
CA LEU D 377 -5.82 -51.09 -56.15
C LEU D 377 -4.97 -52.33 -56.37
N GLN D 378 -5.49 -53.31 -57.12
CA GLN D 378 -4.69 -54.49 -57.45
C GLN D 378 -3.46 -54.11 -58.26
N LYS D 379 -3.61 -53.17 -59.21
CA LYS D 379 -2.45 -52.70 -59.95
C LYS D 379 -1.43 -52.04 -59.03
N MET D 380 -1.91 -51.23 -58.08
CA MET D 380 -1.01 -50.63 -57.10
C MET D 380 -0.38 -51.68 -56.19
N TRP D 381 -1.12 -52.78 -55.94
CA TRP D 381 -0.59 -53.83 -55.08
C TRP D 381 0.66 -54.47 -55.66
N ILE D 382 0.68 -54.70 -56.98
CA ILE D 382 1.86 -55.26 -57.63
C ILE D 382 3.02 -54.27 -57.54
N LEU D 383 2.75 -52.99 -57.76
CA LEU D 383 3.80 -51.98 -57.70
C LEU D 383 4.40 -51.88 -56.31
N ARG D 384 3.58 -51.97 -55.27
CA ARG D 384 4.11 -51.89 -53.90
C ARG D 384 5.10 -53.01 -53.61
N LYS D 385 4.83 -54.22 -54.10
CA LYS D 385 5.74 -55.34 -53.88
C LYS D 385 7.08 -55.15 -54.57
N ILE D 386 7.14 -54.28 -55.58
CA ILE D 386 8.39 -54.05 -56.32
C ILE D 386 9.25 -52.99 -55.65
N ILE D 387 8.62 -51.90 -55.20
CA ILE D 387 9.37 -50.82 -54.56
C ILE D 387 9.89 -51.25 -53.19
N HIS D 388 9.12 -52.07 -52.47
CA HIS D 388 9.46 -52.39 -51.08
C HIS D 388 10.86 -52.96 -50.88
N PRO D 389 11.36 -53.93 -51.67
CA PRO D 389 12.67 -54.50 -51.37
C PRO D 389 13.83 -53.50 -51.45
N MET D 390 13.93 -52.79 -52.58
CA MET D 390 15.07 -51.90 -52.75
C MET D 390 14.90 -50.64 -51.91
N GLY D 391 15.98 -49.86 -51.82
CA GLY D 391 15.99 -48.70 -50.96
C GLY D 391 15.11 -47.59 -51.48
N GLU D 392 14.95 -46.56 -50.63
CA GLU D 392 14.09 -45.43 -50.97
C GLU D 392 14.72 -44.50 -51.99
N ILE D 393 16.04 -44.55 -52.16
CA ILE D 393 16.70 -43.66 -53.11
C ILE D 393 16.57 -44.18 -54.52
N ASP D 394 17.16 -45.36 -54.79
CA ASP D 394 17.22 -45.88 -56.16
C ASP D 394 15.83 -46.15 -56.71
N ALA D 395 14.86 -46.45 -55.84
CA ALA D 395 13.50 -46.68 -56.29
C ALA D 395 12.87 -45.42 -56.87
N MET D 396 13.25 -44.24 -56.37
CA MET D 396 12.53 -43.01 -56.76
C MET D 396 12.68 -42.72 -58.24
N GLU D 397 13.92 -42.65 -58.74
CA GLU D 397 14.10 -42.44 -60.16
C GLU D 397 13.79 -43.69 -60.98
N PHE D 398 13.71 -44.86 -60.35
CA PHE D 398 13.20 -46.02 -61.06
C PHE D 398 11.75 -45.78 -61.50
N LEU D 399 10.94 -45.18 -60.62
CA LEU D 399 9.59 -44.80 -61.01
C LEU D 399 9.58 -43.64 -61.98
N ILE D 400 10.54 -42.72 -61.85
CA ILE D 400 10.55 -41.52 -62.68
C ILE D 400 10.73 -41.89 -64.16
N ASN D 401 11.73 -42.73 -64.45
CA ASN D 401 11.93 -43.15 -65.84
C ASN D 401 10.76 -43.97 -66.35
N LYS D 402 10.20 -44.85 -65.51
CA LYS D 402 9.04 -45.62 -65.91
C LYS D 402 7.85 -44.71 -66.19
N LEU D 403 7.61 -43.72 -65.32
CA LEU D 403 6.49 -42.82 -65.51
C LEU D 403 6.73 -41.80 -66.61
N ALA D 404 7.98 -41.49 -66.93
CA ALA D 404 8.27 -40.52 -67.97
C ALA D 404 7.86 -41.02 -69.36
N CYS D 405 8.05 -42.31 -69.63
CA CYS D 405 7.72 -42.85 -70.94
C CYS D 405 6.22 -42.82 -71.21
N THR D 406 5.40 -42.97 -70.18
CA THR D 406 3.96 -43.02 -70.32
C THR D 406 3.35 -41.64 -70.05
N LYS D 407 2.29 -41.34 -70.79
CA LYS D 407 1.63 -40.04 -70.63
C LYS D 407 0.85 -39.96 -69.33
N THR D 408 0.19 -41.04 -68.94
CA THR D 408 -0.62 -41.04 -67.71
C THR D 408 -0.39 -42.31 -66.90
N ASN D 409 -1.06 -42.40 -65.74
CA ASN D 409 -0.90 -43.56 -64.87
C ASN D 409 -1.46 -44.83 -65.49
N ASP D 410 -2.59 -44.74 -66.19
CA ASP D 410 -3.19 -45.93 -66.77
C ASP D 410 -2.27 -46.58 -67.80
N ASP D 411 -1.60 -45.78 -68.62
CA ASP D 411 -0.62 -46.32 -69.56
C ASP D 411 0.53 -47.00 -68.82
N PHE D 412 1.00 -46.39 -67.73
CA PHE D 412 2.05 -47.02 -66.92
C PHE D 412 1.57 -48.32 -66.29
N PHE D 413 0.30 -48.38 -65.89
CA PHE D 413 -0.23 -49.60 -65.28
C PHE D 413 -0.15 -50.77 -66.24
N GLU D 414 -0.51 -50.55 -67.52
CA GLU D 414 -0.38 -51.59 -68.52
C GLU D 414 1.08 -51.90 -68.83
N MET D 415 1.96 -50.89 -68.75
CA MET D 415 3.37 -51.11 -69.04
C MET D 415 4.01 -52.03 -68.00
N MET D 416 3.65 -51.87 -66.73
CA MET D 416 4.25 -52.69 -65.68
C MET D 416 3.64 -54.09 -65.60
N LYS D 417 2.52 -54.33 -66.29
CA LYS D 417 1.98 -55.69 -66.35
C LYS D 417 2.94 -56.62 -67.08
N ARG D 418 3.53 -56.15 -68.18
CA ARG D 418 4.44 -56.97 -68.98
C ARG D 418 5.86 -56.42 -68.94
N MET E 1 -42.12 -37.11 -24.07
CA MET E 1 -42.32 -38.39 -23.40
C MET E 1 -41.06 -38.88 -22.72
N ASN E 2 -40.13 -39.43 -23.50
CA ASN E 2 -38.88 -39.96 -22.99
C ASN E 2 -37.73 -39.12 -23.53
N LEU E 3 -36.85 -38.68 -22.62
CA LEU E 3 -35.66 -37.95 -23.05
C LEU E 3 -34.69 -38.86 -23.78
N THR E 4 -34.59 -40.13 -23.38
CA THR E 4 -33.64 -41.05 -24.00
C THR E 4 -33.98 -41.26 -25.48
N GLU E 5 -35.26 -41.46 -25.80
CA GLU E 5 -35.64 -41.61 -27.20
C GLU E 5 -35.49 -40.31 -27.97
N LEU E 6 -35.50 -39.16 -27.30
CA LEU E 6 -35.28 -37.89 -27.97
C LEU E 6 -33.81 -37.70 -28.33
N LYS E 7 -32.89 -38.12 -27.45
CA LYS E 7 -31.46 -37.92 -27.71
C LYS E 7 -31.00 -38.72 -28.93
N ASN E 8 -31.43 -39.97 -29.03
CA ASN E 8 -31.05 -40.81 -30.16
C ASN E 8 -31.78 -40.44 -31.45
N THR E 9 -32.80 -39.60 -31.37
CA THR E 9 -33.49 -39.15 -32.57
C THR E 9 -32.53 -38.32 -33.43
N PRO E 10 -32.51 -38.54 -34.73
CA PRO E 10 -31.63 -37.75 -35.61
C PRO E 10 -31.97 -36.27 -35.55
N VAL E 11 -30.95 -35.44 -35.72
CA VAL E 11 -31.10 -34.00 -35.58
C VAL E 11 -32.02 -33.42 -36.65
N SER E 12 -32.21 -34.13 -37.77
CA SER E 12 -33.10 -33.62 -38.82
C SER E 12 -34.54 -33.51 -38.32
N GLU E 13 -35.02 -34.51 -37.58
CA GLU E 13 -36.37 -34.45 -37.03
C GLU E 13 -36.48 -33.50 -35.85
N LEU E 14 -35.38 -33.22 -35.16
CA LEU E 14 -35.41 -32.30 -34.03
C LEU E 14 -35.77 -30.89 -34.47
N ILE E 15 -35.27 -30.46 -35.62
CA ILE E 15 -35.61 -29.14 -36.13
C ILE E 15 -37.10 -29.07 -36.48
N THR E 16 -37.64 -30.13 -37.07
CA THR E 16 -39.07 -30.17 -37.36
C THR E 16 -39.88 -30.13 -36.07
N LEU E 17 -39.44 -30.86 -35.04
CA LEU E 17 -40.13 -30.80 -33.75
C LEU E 17 -39.92 -29.45 -33.07
N GLY E 18 -38.80 -28.78 -33.35
CA GLY E 18 -38.59 -27.46 -32.79
C GLY E 18 -39.56 -26.44 -33.33
N GLU E 19 -39.91 -26.54 -34.61
CA GLU E 19 -40.86 -25.63 -35.22
C GLU E 19 -42.30 -25.89 -34.78
N ASN E 20 -42.57 -27.04 -34.17
CA ASN E 20 -43.91 -27.32 -33.67
C ASN E 20 -44.32 -26.32 -32.59
N MET E 21 -43.40 -26.04 -31.65
CA MET E 21 -43.67 -25.01 -30.66
C MET E 21 -43.65 -23.62 -31.29
N GLY E 22 -42.71 -23.38 -32.20
CA GLY E 22 -42.56 -22.08 -32.82
C GLY E 22 -41.14 -21.56 -32.72
N LEU E 23 -40.24 -22.40 -32.22
CA LEU E 23 -38.84 -22.01 -32.08
C LEU E 23 -38.20 -21.88 -33.46
N GLU E 24 -37.28 -20.92 -33.58
CA GLU E 24 -36.62 -20.63 -34.84
C GLU E 24 -35.10 -20.60 -34.64
N ASN E 25 -34.38 -20.84 -35.73
CA ASN E 25 -32.92 -20.79 -35.74
C ASN E 25 -32.31 -21.83 -34.79
N LEU E 26 -32.97 -22.98 -34.66
CA LEU E 26 -32.42 -24.08 -33.90
C LEU E 26 -31.41 -24.90 -34.70
N ALA E 27 -31.36 -24.72 -36.02
CA ALA E 27 -30.44 -25.50 -36.83
C ALA E 27 -29.00 -25.03 -36.64
N ARG E 28 -28.80 -23.73 -36.48
CA ARG E 28 -27.46 -23.16 -36.34
C ARG E 28 -27.01 -23.15 -34.88
N MET E 29 -27.07 -24.31 -34.23
CA MET E 29 -26.61 -24.46 -32.85
C MET E 29 -26.34 -25.93 -32.61
N ARG E 30 -25.80 -26.23 -31.43
CA ARG E 30 -25.43 -27.59 -31.09
C ARG E 30 -26.66 -28.49 -30.96
N LYS E 31 -26.45 -29.77 -31.23
CA LYS E 31 -27.53 -30.74 -31.05
C LYS E 31 -27.97 -30.83 -29.59
N GLN E 32 -27.04 -30.58 -28.66
CA GLN E 32 -27.41 -30.55 -27.24
C GLN E 32 -28.39 -29.44 -26.95
N ASP E 33 -28.24 -28.28 -27.59
CA ASP E 33 -29.16 -27.18 -27.39
C ASP E 33 -30.57 -27.52 -27.88
N ILE E 34 -30.67 -28.18 -29.03
CA ILE E 34 -31.98 -28.52 -29.57
C ILE E 34 -32.71 -29.50 -28.66
N ILE E 35 -31.98 -30.44 -28.07
CA ILE E 35 -32.58 -31.34 -27.09
C ILE E 35 -33.07 -30.55 -25.89
N PHE E 36 -32.28 -29.59 -25.43
CA PHE E 36 -32.72 -28.70 -24.36
C PHE E 36 -33.94 -27.88 -24.80
N ALA E 37 -33.95 -27.39 -26.04
CA ALA E 37 -35.08 -26.61 -26.52
C ALA E 37 -36.36 -27.45 -26.58
N ILE E 38 -36.26 -28.68 -27.06
CA ILE E 38 -37.43 -29.55 -27.10
C ILE E 38 -37.88 -29.90 -25.70
N LEU E 39 -36.94 -30.18 -24.80
CA LEU E 39 -37.28 -30.49 -23.42
C LEU E 39 -37.98 -29.33 -22.73
N LYS E 40 -37.72 -28.09 -23.14
CA LYS E 40 -38.49 -26.96 -22.64
C LYS E 40 -39.85 -26.85 -23.31
N GLN E 41 -39.98 -27.34 -24.55
CA GLN E 41 -41.28 -27.31 -25.22
C GLN E 41 -42.31 -28.15 -24.48
N HIS E 42 -41.91 -29.35 -24.06
CA HIS E 42 -42.81 -30.21 -23.29
C HIS E 42 -42.86 -29.83 -21.82
N ALA E 43 -41.94 -28.99 -21.35
CA ALA E 43 -42.00 -28.52 -19.97
C ALA E 43 -43.25 -27.69 -19.72
N LYS E 44 -43.61 -26.83 -20.67
CA LYS E 44 -44.79 -25.99 -20.53
C LYS E 44 -46.08 -26.80 -20.73
N SER E 45 -46.05 -27.81 -21.59
CA SER E 45 -47.24 -28.62 -21.85
C SER E 45 -47.62 -29.48 -20.66
N GLY E 46 -46.71 -29.71 -19.72
CA GLY E 46 -46.99 -30.52 -18.56
C GLY E 46 -46.93 -32.02 -18.79
N GLU E 47 -46.57 -32.45 -19.99
CA GLU E 47 -46.48 -33.87 -20.29
C GLU E 47 -45.36 -34.52 -19.49
N ASP E 48 -45.58 -35.78 -19.10
CA ASP E 48 -44.59 -36.51 -18.32
C ASP E 48 -43.29 -36.69 -19.11
N ILE E 49 -42.17 -36.46 -18.44
CA ILE E 49 -40.85 -36.55 -19.05
C ILE E 49 -40.10 -37.70 -18.40
N PHE E 50 -39.72 -38.69 -19.20
CA PHE E 50 -38.94 -39.83 -18.75
C PHE E 50 -37.58 -39.81 -19.42
N GLY E 51 -36.72 -40.72 -18.98
CA GLY E 51 -35.39 -40.82 -19.55
C GLY E 51 -34.50 -41.69 -18.70
N ASP E 52 -33.28 -41.87 -19.18
CA ASP E 52 -32.26 -42.66 -18.51
C ASP E 52 -30.96 -41.89 -18.46
N GLY E 53 -30.10 -42.25 -17.51
CA GLY E 53 -28.82 -41.60 -17.37
C GLY E 53 -27.89 -42.40 -16.48
N VAL E 54 -26.64 -41.97 -16.45
CA VAL E 54 -25.60 -42.58 -15.63
C VAL E 54 -25.14 -41.56 -14.60
N LEU E 55 -25.16 -41.93 -13.33
CA LEU E 55 -24.80 -41.00 -12.27
C LEU E 55 -23.34 -40.63 -12.36
N GLU E 56 -23.05 -39.33 -12.28
CA GLU E 56 -21.70 -38.80 -12.32
C GLU E 56 -21.54 -37.85 -11.14
N ILE E 57 -21.05 -38.37 -10.03
CA ILE E 57 -20.91 -37.58 -8.81
C ILE E 57 -19.66 -36.71 -8.91
N LEU E 58 -19.83 -35.41 -8.66
CA LEU E 58 -18.73 -34.47 -8.63
C LEU E 58 -18.10 -34.44 -7.24
N GLN E 59 -17.09 -33.59 -7.06
CA GLN E 59 -16.42 -33.51 -5.77
C GLN E 59 -17.32 -32.91 -4.69
N ASP E 60 -18.27 -32.07 -5.08
CA ASP E 60 -19.14 -31.40 -4.12
C ASP E 60 -20.31 -32.25 -3.67
N GLY E 61 -20.44 -33.48 -4.19
CA GLY E 61 -21.49 -34.38 -3.81
C GLY E 61 -22.69 -34.39 -4.73
N PHE E 62 -22.88 -33.33 -5.52
CA PHE E 62 -23.97 -33.30 -6.48
C PHE E 62 -23.60 -34.11 -7.72
N GLY E 63 -24.58 -34.82 -8.28
CA GLY E 63 -24.37 -35.70 -9.39
C GLY E 63 -25.04 -35.19 -10.67
N PHE E 64 -24.84 -35.97 -11.73
CA PHE E 64 -25.43 -35.67 -13.03
C PHE E 64 -25.69 -36.96 -13.77
N LEU E 65 -26.58 -36.89 -14.76
CA LEU E 65 -26.93 -38.05 -15.59
C LEU E 65 -26.35 -37.83 -16.97
N ARG E 66 -25.25 -38.52 -17.26
CA ARG E 66 -24.61 -38.42 -18.56
C ARG E 66 -25.28 -39.36 -19.56
N SER E 67 -25.32 -38.93 -20.82
CA SER E 67 -25.97 -39.69 -21.88
C SER E 67 -24.94 -40.55 -22.60
N ALA E 68 -25.24 -41.85 -22.73
CA ALA E 68 -24.35 -42.74 -23.46
C ALA E 68 -24.27 -42.35 -24.93
N ASP E 69 -25.36 -41.86 -25.50
CA ASP E 69 -25.33 -41.40 -26.88
C ASP E 69 -24.47 -40.16 -27.07
N SER E 70 -24.23 -39.40 -26.00
CA SER E 70 -23.40 -38.22 -26.05
C SER E 70 -21.98 -38.48 -25.55
N SER E 71 -21.62 -39.76 -25.39
CA SER E 71 -20.28 -40.16 -24.91
C SER E 71 -19.97 -39.53 -23.56
N TYR E 72 -20.99 -39.44 -22.70
CA TYR E 72 -20.86 -38.91 -21.34
C TYR E 72 -20.27 -37.50 -21.34
N LEU E 73 -20.73 -36.67 -22.28
CA LEU E 73 -20.29 -35.29 -22.37
C LEU E 73 -21.12 -34.41 -21.44
N ALA E 74 -20.44 -33.62 -20.63
CA ALA E 74 -21.11 -32.72 -19.70
C ALA E 74 -21.83 -31.61 -20.46
N GLY E 75 -22.98 -31.20 -19.95
CA GLY E 75 -23.76 -30.15 -20.54
C GLY E 75 -25.06 -29.88 -19.83
N PRO E 76 -25.80 -28.87 -20.29
CA PRO E 76 -27.12 -28.58 -19.69
C PRO E 76 -28.10 -29.74 -19.81
N ASP E 77 -28.00 -30.56 -20.85
CA ASP E 77 -28.93 -31.68 -21.03
C ASP E 77 -28.82 -32.70 -19.92
N ASP E 78 -27.67 -32.81 -19.25
CA ASP E 78 -27.48 -33.82 -18.23
C ASP E 78 -28.37 -33.53 -17.03
N ILE E 79 -29.08 -34.55 -16.56
CA ILE E 79 -30.05 -34.38 -15.48
C ILE E 79 -29.30 -34.17 -14.17
N TYR E 80 -29.58 -33.05 -13.51
CA TYR E 80 -28.94 -32.75 -12.24
C TYR E 80 -29.44 -33.70 -11.16
N VAL E 81 -28.52 -34.18 -10.33
CA VAL E 81 -28.85 -35.07 -9.22
C VAL E 81 -28.38 -34.40 -7.94
N SER E 82 -29.31 -34.19 -7.01
CA SER E 82 -28.97 -33.57 -5.74
C SER E 82 -28.19 -34.54 -4.86
N PRO E 83 -27.27 -34.03 -4.05
CA PRO E 83 -26.56 -34.92 -3.11
C PRO E 83 -27.49 -35.61 -2.13
N CYS E 84 -28.56 -34.94 -1.72
CA CYS E 84 -29.52 -35.54 -0.80
C CYS E 84 -30.24 -36.73 -1.40
N GLN E 85 -30.42 -36.76 -2.72
CA GLN E 85 -30.93 -37.96 -3.36
C GLN E 85 -29.99 -39.14 -3.16
N ILE E 86 -28.68 -38.90 -3.26
CA ILE E 86 -27.70 -39.93 -2.93
C ILE E 86 -27.77 -40.27 -1.44
N ARG E 87 -28.05 -39.27 -0.59
CA ARG E 87 -28.32 -39.55 0.81
C ARG E 87 -29.59 -40.38 0.95
N ARG E 88 -30.63 -40.05 0.18
CA ARG E 88 -31.86 -40.81 0.22
C ARG E 88 -31.67 -42.21 -0.37
N PHE E 89 -31.28 -42.28 -1.63
CA PHE E 89 -30.97 -43.54 -2.29
C PHE E 89 -29.46 -43.73 -2.28
N ASN E 90 -28.99 -44.76 -1.57
CA ASN E 90 -27.56 -45.03 -1.48
C ASN E 90 -27.01 -45.34 -2.88
N LEU E 91 -26.18 -44.44 -3.39
CA LEU E 91 -25.70 -44.52 -4.76
C LEU E 91 -24.18 -44.28 -4.81
N ARG E 92 -23.57 -44.82 -5.85
CA ARG E 92 -22.16 -44.59 -6.15
C ARG E 92 -22.05 -44.04 -7.56
N THR E 93 -20.85 -43.54 -7.90
CA THR E 93 -20.62 -42.98 -9.21
C THR E 93 -20.71 -44.07 -10.28
N GLY E 94 -21.36 -43.75 -11.38
CA GLY E 94 -21.53 -44.69 -12.48
C GLY E 94 -22.81 -45.52 -12.43
N ASP E 95 -23.67 -45.29 -11.45
CA ASP E 95 -24.93 -46.03 -11.37
C ASP E 95 -25.90 -45.55 -12.45
N THR E 96 -26.66 -46.50 -13.00
CA THR E 96 -27.67 -46.18 -14.01
C THR E 96 -28.98 -45.87 -13.31
N ILE E 97 -29.55 -44.71 -13.62
CA ILE E 97 -30.74 -44.20 -12.94
C ILE E 97 -31.80 -43.86 -13.96
N SER E 98 -33.03 -44.29 -13.72
CA SER E 98 -34.19 -43.93 -14.52
C SER E 98 -35.29 -43.42 -13.61
N GLY E 99 -36.07 -42.45 -14.10
CA GLY E 99 -37.11 -41.88 -13.28
C GLY E 99 -37.85 -40.78 -14.03
N LYS E 100 -38.66 -40.04 -13.28
CA LYS E 100 -39.46 -38.96 -13.83
C LYS E 100 -38.64 -37.67 -13.82
N ILE E 101 -38.48 -37.06 -14.98
CA ILE E 101 -37.70 -35.84 -15.13
C ILE E 101 -38.64 -34.64 -15.00
N ARG E 102 -38.25 -33.67 -14.17
CA ARG E 102 -39.04 -32.47 -14.00
C ARG E 102 -38.37 -31.29 -14.69
N PRO E 103 -39.16 -30.31 -15.11
CA PRO E 103 -38.57 -29.10 -15.68
C PRO E 103 -37.72 -28.38 -14.66
N PRO E 104 -36.70 -27.65 -15.09
CA PRO E 104 -35.81 -26.99 -14.12
C PRO E 104 -36.55 -25.93 -13.32
N LYS E 105 -36.42 -26.03 -12.00
CA LYS E 105 -37.02 -25.06 -11.11
C LYS E 105 -36.25 -23.74 -11.18
N GLU E 106 -36.87 -22.69 -10.66
CA GLU E 106 -36.22 -21.38 -10.64
C GLU E 106 -34.95 -21.44 -9.79
N GLY E 107 -33.90 -20.78 -10.29
CA GLY E 107 -32.60 -20.87 -9.68
C GLY E 107 -31.75 -22.04 -10.11
N GLU E 108 -32.27 -22.89 -11.02
CA GLU E 108 -31.55 -24.03 -11.54
C GLU E 108 -31.45 -23.93 -13.05
N ARG E 109 -30.24 -24.12 -13.58
CA ARG E 109 -29.99 -24.02 -15.01
C ARG E 109 -30.04 -25.37 -15.72
N TYR E 110 -30.35 -26.44 -15.01
CA TYR E 110 -30.37 -27.78 -15.58
C TYR E 110 -31.64 -28.51 -15.17
N PHE E 111 -32.08 -29.43 -16.02
CA PHE E 111 -33.18 -30.32 -15.66
C PHE E 111 -32.74 -31.24 -14.53
N ALA E 112 -33.72 -31.66 -13.72
CA ALA E 112 -33.46 -32.51 -12.58
C ALA E 112 -34.50 -33.62 -12.52
N LEU E 113 -34.28 -34.58 -11.64
CA LEU E 113 -35.15 -35.74 -11.47
C LEU E 113 -35.88 -35.61 -10.14
N LEU E 114 -37.19 -35.79 -10.17
CA LEU E 114 -37.99 -35.68 -8.95
C LEU E 114 -38.15 -37.01 -8.23
N LYS E 115 -38.29 -38.11 -8.97
CA LYS E 115 -38.51 -39.43 -8.39
C LYS E 115 -37.55 -40.42 -9.02
N VAL E 116 -36.86 -41.20 -8.19
CA VAL E 116 -35.97 -42.25 -8.65
C VAL E 116 -36.78 -43.52 -8.80
N ASN E 117 -36.91 -44.01 -10.02
CA ASN E 117 -37.71 -45.19 -10.30
C ASN E 117 -36.89 -46.48 -10.19
N GLU E 118 -35.82 -46.58 -10.98
CA GLU E 118 -34.98 -47.76 -11.01
C GLU E 118 -33.52 -47.36 -10.93
N VAL E 119 -32.73 -48.18 -10.24
CA VAL E 119 -31.29 -48.00 -10.14
C VAL E 119 -30.61 -49.26 -10.64
N ASN E 120 -29.75 -49.11 -11.65
CA ASN E 120 -29.04 -50.24 -12.25
C ASN E 120 -30.01 -51.32 -12.72
N PHE E 121 -31.11 -50.89 -13.35
CA PHE E 121 -32.16 -51.79 -13.81
C PHE E 121 -32.72 -52.63 -12.66
N ASP E 122 -32.86 -52.01 -11.49
CA ASP E 122 -33.35 -52.69 -10.31
C ASP E 122 -34.06 -51.69 -9.42
N LYS E 123 -34.95 -52.20 -8.57
CA LYS E 123 -35.64 -51.34 -7.62
C LYS E 123 -34.65 -50.79 -6.60
N PRO E 124 -34.87 -49.56 -6.14
CA PRO E 124 -33.94 -48.97 -5.15
C PRO E 124 -33.80 -49.78 -3.88
N GLU E 125 -34.89 -50.40 -3.41
CA GLU E 125 -34.80 -51.26 -2.23
C GLU E 125 -33.93 -52.47 -2.49
N ASN E 126 -34.11 -53.12 -3.64
CA ASN E 126 -33.29 -54.28 -3.98
C ASN E 126 -31.84 -53.90 -4.26
N ALA E 127 -31.62 -52.74 -4.89
CA ALA E 127 -30.26 -52.32 -5.22
C ALA E 127 -29.43 -52.05 -3.98
N ARG E 128 -30.04 -51.49 -2.93
CA ARG E 128 -29.29 -51.17 -1.71
C ARG E 128 -28.78 -52.42 -1.01
N ASN E 129 -29.32 -53.60 -1.31
CA ASN E 129 -28.85 -54.84 -0.71
C ASN E 129 -27.63 -55.42 -1.42
N LYS E 130 -27.23 -54.83 -2.55
CA LYS E 130 -26.10 -55.36 -3.31
C LYS E 130 -24.78 -54.94 -2.68
N ILE E 131 -23.85 -55.89 -2.61
CA ILE E 131 -22.51 -55.58 -2.11
C ILE E 131 -21.73 -54.81 -3.16
N LEU E 132 -20.65 -54.17 -2.73
CA LEU E 132 -19.84 -53.36 -3.62
C LEU E 132 -18.81 -54.24 -4.34
N PHE E 133 -18.01 -53.61 -5.19
CA PHE E 133 -17.11 -54.37 -6.07
C PHE E 133 -15.90 -54.91 -5.31
N GLU E 134 -15.14 -54.03 -4.66
CA GLU E 134 -13.92 -54.45 -3.98
C GLU E 134 -14.19 -55.46 -2.87
N ASN E 135 -15.40 -55.46 -2.30
CA ASN E 135 -15.75 -56.44 -1.28
C ASN E 135 -15.81 -57.86 -1.85
N LEU E 136 -15.92 -58.01 -3.16
CA LEU E 136 -16.00 -59.32 -3.77
C LEU E 136 -14.62 -59.99 -3.82
N THR E 137 -14.64 -61.29 -4.11
CA THR E 137 -13.41 -62.08 -4.20
C THR E 137 -13.17 -62.48 -5.65
N PRO E 138 -12.06 -62.06 -6.26
CA PRO E 138 -11.80 -62.45 -7.64
C PRO E 138 -11.56 -63.95 -7.77
N LEU E 139 -11.97 -64.49 -8.92
CA LEU E 139 -11.82 -65.91 -9.23
C LEU E 139 -11.26 -66.06 -10.63
N HIS E 140 -10.45 -67.09 -10.82
CA HIS E 140 -9.84 -67.33 -12.11
C HIS E 140 -10.90 -67.68 -13.16
N ALA E 141 -10.60 -67.35 -14.41
CA ALA E 141 -11.54 -67.58 -15.50
C ALA E 141 -11.81 -69.08 -15.65
N ASN E 142 -13.07 -69.44 -15.74
CA ASN E 142 -13.48 -70.83 -15.88
C ASN E 142 -14.43 -71.06 -17.05
N SER E 143 -15.33 -70.11 -17.33
CA SER E 143 -16.30 -70.28 -18.40
C SER E 143 -15.70 -69.83 -19.73
N ARG E 144 -15.83 -70.66 -20.75
CA ARG E 144 -15.29 -70.35 -22.07
C ARG E 144 -16.28 -69.48 -22.84
N LEU E 145 -15.76 -68.42 -23.45
CA LEU E 145 -16.54 -67.57 -24.34
C LEU E 145 -16.21 -67.94 -25.78
N ARG E 146 -17.24 -68.11 -26.60
CA ARG E 146 -17.07 -68.57 -27.97
C ARG E 146 -16.92 -67.37 -28.89
N MET E 147 -15.80 -67.33 -29.63
CA MET E 147 -15.57 -66.31 -30.64
C MET E 147 -15.93 -66.76 -32.04
N GLU E 148 -16.49 -67.96 -32.19
CA GLU E 148 -16.78 -68.52 -33.50
C GLU E 148 -18.21 -68.19 -33.91
N ARG E 149 -18.35 -67.60 -35.10
CA ARG E 149 -19.69 -67.32 -35.62
C ARG E 149 -20.39 -68.59 -36.10
N GLY E 150 -19.62 -69.57 -36.57
CA GLY E 150 -20.19 -70.80 -37.08
C GLY E 150 -20.65 -70.75 -38.52
N ASN E 151 -20.51 -69.61 -39.19
CA ASN E 151 -20.92 -69.47 -40.58
C ASN E 151 -19.82 -69.83 -41.57
N GLY E 152 -18.60 -70.08 -41.10
CA GLY E 152 -17.52 -70.40 -42.00
C GLY E 152 -17.05 -69.26 -42.87
N SER E 153 -17.29 -68.02 -42.46
CA SER E 153 -16.92 -66.86 -43.26
C SER E 153 -15.43 -66.54 -43.08
N THR E 154 -14.94 -65.65 -43.94
CA THR E 154 -13.53 -65.24 -43.86
C THR E 154 -13.22 -64.56 -42.54
N GLU E 155 -14.12 -63.68 -42.08
CA GLU E 155 -13.93 -63.05 -40.78
C GLU E 155 -13.99 -64.07 -39.64
N ASP E 156 -14.87 -65.07 -39.76
CA ASP E 156 -14.91 -66.13 -38.77
C ASP E 156 -13.61 -66.93 -38.76
N LEU E 157 -12.96 -67.05 -39.92
CA LEU E 157 -11.67 -67.74 -39.97
C LEU E 157 -10.63 -67.03 -39.11
N THR E 158 -10.60 -65.69 -39.16
CA THR E 158 -9.72 -64.95 -38.28
C THR E 158 -10.09 -65.16 -36.82
N ALA E 159 -11.40 -65.18 -36.52
CA ALA E 159 -11.83 -65.46 -35.16
C ALA E 159 -11.51 -66.89 -34.74
N ARG E 160 -11.53 -67.83 -35.70
CA ARG E 160 -11.16 -69.20 -35.39
C ARG E 160 -9.72 -69.31 -34.93
N VAL E 161 -8.82 -68.54 -35.55
CA VAL E 161 -7.43 -68.53 -35.11
C VAL E 161 -7.31 -67.93 -33.72
N LEU E 162 -8.15 -66.93 -33.40
CA LEU E 162 -8.04 -66.23 -32.13
C LEU E 162 -8.24 -67.17 -30.95
N ASP E 163 -9.27 -68.01 -30.99
CA ASP E 163 -9.50 -68.93 -29.89
C ASP E 163 -8.38 -69.97 -29.78
N LEU E 164 -7.87 -70.45 -30.91
CA LEU E 164 -6.78 -71.42 -30.88
C LEU E 164 -5.52 -70.82 -30.26
N ALA E 165 -5.20 -69.58 -30.63
CA ALA E 165 -4.03 -68.93 -30.04
C ALA E 165 -4.23 -68.65 -28.56
N SER E 166 -5.37 -68.05 -28.21
CA SER E 166 -5.69 -67.78 -26.81
C SER E 166 -7.20 -67.69 -26.64
N PRO E 167 -7.83 -68.69 -26.04
CA PRO E 167 -9.27 -68.61 -25.78
C PRO E 167 -9.59 -67.54 -24.74
N ILE E 168 -10.79 -66.97 -24.87
CA ILE E 168 -11.23 -65.86 -24.02
C ILE E 168 -12.37 -66.36 -23.14
N GLY E 169 -12.34 -65.94 -21.87
CA GLY E 169 -13.37 -66.31 -20.92
C GLY E 169 -13.84 -65.10 -20.12
N ARG E 170 -14.89 -65.33 -19.34
CA ARG E 170 -15.47 -64.27 -18.53
C ARG E 170 -14.50 -63.84 -17.43
N GLY E 171 -14.38 -62.54 -17.23
CA GLY E 171 -13.49 -62.02 -16.20
C GLY E 171 -12.02 -62.19 -16.50
N GLN E 172 -11.66 -62.30 -17.79
CA GLN E 172 -10.28 -62.54 -18.18
C GLN E 172 -9.61 -61.21 -18.52
N ARG E 173 -8.50 -60.92 -17.86
CA ARG E 173 -7.75 -59.68 -18.09
C ARG E 173 -6.85 -59.89 -19.30
N GLY E 174 -7.35 -59.51 -20.46
CA GLY E 174 -6.64 -59.72 -21.72
C GLY E 174 -5.89 -58.46 -22.15
N LEU E 175 -4.71 -58.69 -22.72
CA LEU E 175 -3.88 -57.61 -23.25
C LEU E 175 -3.40 -57.99 -24.64
N ILE E 176 -3.43 -57.03 -25.55
CA ILE E 176 -3.06 -57.25 -26.95
C ILE E 176 -1.88 -56.33 -27.28
N VAL E 177 -0.82 -56.92 -27.84
CA VAL E 177 0.34 -56.18 -28.30
C VAL E 177 0.28 -56.08 -29.81
N ALA E 178 0.38 -54.85 -30.33
CA ALA E 178 0.22 -54.64 -31.76
C ALA E 178 0.95 -53.39 -32.23
N PRO E 179 1.83 -53.50 -33.21
CA PRO E 179 2.42 -52.32 -33.83
C PRO E 179 1.41 -51.65 -34.75
N PRO E 180 1.64 -50.39 -35.12
CA PRO E 180 0.70 -49.71 -36.01
C PRO E 180 0.65 -50.35 -37.39
N LYS E 181 -0.46 -50.09 -38.08
CA LYS E 181 -0.70 -50.61 -39.43
C LYS E 181 -0.64 -52.13 -39.46
N ALA E 182 -1.17 -52.77 -38.41
CA ALA E 182 -1.23 -54.22 -38.31
C ALA E 182 -2.66 -54.73 -38.32
N GLY E 183 -3.60 -53.93 -38.82
CA GLY E 183 -5.01 -54.31 -38.80
C GLY E 183 -5.59 -54.45 -37.42
N LYS E 184 -5.20 -53.55 -36.51
CA LYS E 184 -5.71 -53.62 -35.13
C LYS E 184 -7.22 -53.42 -35.08
N THR E 185 -7.73 -52.42 -35.81
CA THR E 185 -9.16 -52.15 -35.78
C THR E 185 -9.96 -53.29 -36.41
N MET E 186 -9.43 -53.92 -37.45
CA MET E 186 -10.11 -55.07 -38.04
C MET E 186 -10.22 -56.21 -37.04
N LEU E 187 -9.14 -56.47 -36.29
CA LEU E 187 -9.18 -57.50 -35.25
C LEU E 187 -10.16 -57.11 -34.15
N LEU E 188 -10.14 -55.85 -33.73
CA LEU E 188 -11.03 -55.41 -32.66
C LEU E 188 -12.49 -55.52 -33.06
N GLN E 189 -12.82 -55.09 -34.28
CA GLN E 189 -14.20 -55.16 -34.74
C GLN E 189 -14.66 -56.60 -34.90
N ASN E 190 -13.78 -57.49 -35.36
CA ASN E 190 -14.14 -58.89 -35.49
C ASN E 190 -14.48 -59.52 -34.14
N ILE E 191 -13.73 -59.15 -33.09
CA ILE E 191 -14.05 -59.64 -31.76
C ILE E 191 -15.38 -59.07 -31.28
N ALA E 192 -15.62 -57.77 -31.54
CA ALA E 192 -16.82 -57.12 -31.06
C ALA E 192 -18.08 -57.73 -31.65
N GLN E 193 -18.09 -58.02 -32.95
CA GLN E 193 -19.26 -58.61 -33.57
C GLN E 193 -19.53 -60.02 -33.11
N SER E 194 -18.55 -60.68 -32.50
CA SER E 194 -18.74 -62.04 -31.98
C SER E 194 -19.27 -62.04 -30.57
N ILE E 195 -18.87 -61.08 -29.74
CA ILE E 195 -19.33 -61.04 -28.35
C ILE E 195 -20.83 -60.81 -28.29
N ALA E 196 -21.32 -59.84 -29.07
CA ALA E 196 -22.75 -59.56 -29.09
C ALA E 196 -23.54 -60.66 -29.78
N TYR E 197 -22.87 -61.53 -30.55
CA TYR E 197 -23.56 -62.61 -31.26
C TYR E 197 -23.60 -63.89 -30.43
N ASN E 198 -22.43 -64.39 -30.01
CA ASN E 198 -22.39 -65.65 -29.28
C ASN E 198 -22.92 -65.49 -27.85
N HIS E 199 -22.70 -64.33 -27.23
CA HIS E 199 -23.15 -64.08 -25.86
C HIS E 199 -23.88 -62.74 -25.82
N PRO E 200 -25.06 -62.65 -26.43
CA PRO E 200 -25.83 -61.39 -26.35
C PRO E 200 -26.28 -61.05 -24.94
N ASP E 201 -26.41 -62.04 -24.06
CA ASP E 201 -26.85 -61.77 -22.69
C ASP E 201 -25.84 -60.90 -21.96
N CYS E 202 -24.55 -61.17 -22.11
CA CYS E 202 -23.52 -60.37 -21.47
C CYS E 202 -23.53 -58.95 -22.04
N VAL E 203 -23.29 -57.98 -21.17
CA VAL E 203 -23.31 -56.58 -21.56
C VAL E 203 -22.03 -56.28 -22.35
N LEU E 204 -22.20 -55.71 -23.54
CA LEU E 204 -21.08 -55.36 -24.40
C LEU E 204 -20.93 -53.84 -24.42
N MET E 205 -19.72 -53.37 -24.06
CA MET E 205 -19.41 -51.95 -24.07
C MET E 205 -18.04 -51.77 -24.71
N VAL E 206 -17.90 -50.72 -25.52
CA VAL E 206 -16.65 -50.41 -26.20
C VAL E 206 -16.21 -49.01 -25.78
N LEU E 207 -14.98 -48.91 -25.29
CA LEU E 207 -14.41 -47.64 -24.87
C LEU E 207 -13.17 -47.37 -25.70
N LEU E 208 -13.24 -46.35 -26.56
CA LEU E 208 -12.13 -45.95 -27.40
C LEU E 208 -11.54 -44.65 -26.88
N ILE E 209 -10.21 -44.58 -26.84
CA ILE E 209 -9.50 -43.42 -26.31
C ILE E 209 -8.62 -42.88 -27.42
N ASP E 210 -8.77 -41.58 -27.71
CA ASP E 210 -7.93 -40.87 -28.67
C ASP E 210 -7.96 -41.54 -30.05
N GLU E 211 -9.14 -41.54 -30.65
CA GLU E 211 -9.35 -42.11 -31.97
C GLU E 211 -9.89 -41.04 -32.91
N ARG E 212 -9.64 -41.25 -34.20
CA ARG E 212 -10.10 -40.29 -35.20
C ARG E 212 -11.63 -40.28 -35.26
N PRO E 213 -12.22 -39.10 -35.48
CA PRO E 213 -13.69 -39.04 -35.56
C PRO E 213 -14.27 -39.91 -36.65
N GLU E 214 -13.58 -40.07 -37.78
CA GLU E 214 -14.07 -40.95 -38.83
C GLU E 214 -14.06 -42.41 -38.40
N GLU E 215 -13.28 -42.75 -37.38
CA GLU E 215 -13.29 -44.11 -36.84
C GLU E 215 -14.36 -44.30 -35.77
N VAL E 216 -14.66 -43.25 -34.99
CA VAL E 216 -15.68 -43.36 -33.96
C VAL E 216 -17.04 -43.66 -34.57
N THR E 217 -17.38 -42.95 -35.65
CA THR E 217 -18.67 -43.21 -36.31
C THR E 217 -18.71 -44.61 -36.91
N GLU E 218 -17.59 -45.10 -37.43
CA GLU E 218 -17.56 -46.46 -37.95
C GLU E 218 -17.79 -47.48 -36.85
N MET E 219 -17.17 -47.28 -35.69
CA MET E 219 -17.32 -48.21 -34.58
C MET E 219 -18.75 -48.20 -34.03
N GLN E 220 -19.37 -47.02 -33.93
CA GLN E 220 -20.72 -46.94 -33.38
C GLN E 220 -21.72 -47.69 -34.23
N ARG E 221 -21.62 -47.56 -35.56
CA ARG E 221 -22.58 -48.22 -36.44
C ARG E 221 -22.32 -49.72 -36.54
N LEU E 222 -21.05 -50.12 -36.59
CA LEU E 222 -20.73 -51.53 -36.79
C LEU E 222 -20.94 -52.37 -35.54
N VAL E 223 -20.63 -51.81 -34.37
CA VAL E 223 -20.69 -52.57 -33.12
C VAL E 223 -22.13 -52.59 -32.62
N LYS E 224 -22.67 -53.78 -32.41
CA LYS E 224 -24.00 -53.96 -31.85
C LYS E 224 -23.90 -53.84 -30.33
N GLY E 225 -24.25 -52.69 -29.80
CA GLY E 225 -24.18 -52.43 -28.38
C GLY E 225 -23.82 -50.98 -28.13
N GLU E 226 -23.46 -50.68 -26.89
CA GLU E 226 -23.12 -49.32 -26.50
C GLU E 226 -21.67 -49.03 -26.87
N VAL E 227 -21.45 -47.93 -27.57
CA VAL E 227 -20.12 -47.49 -27.98
C VAL E 227 -19.88 -46.08 -27.45
N VAL E 228 -18.77 -45.90 -26.73
CA VAL E 228 -18.40 -44.60 -26.17
C VAL E 228 -16.93 -44.36 -26.49
N ALA E 229 -16.61 -43.14 -26.92
CA ALA E 229 -15.26 -42.83 -27.36
C ALA E 229 -14.97 -41.35 -27.13
N SER E 230 -13.68 -41.02 -27.15
CA SER E 230 -13.23 -39.64 -27.03
C SER E 230 -12.15 -39.39 -28.09
N THR E 231 -12.43 -38.47 -29.00
CA THR E 231 -11.50 -38.17 -30.08
C THR E 231 -10.31 -37.37 -29.56
N PHE E 232 -9.27 -37.28 -30.39
CA PHE E 232 -8.03 -36.62 -29.97
C PHE E 232 -8.21 -35.13 -29.76
N ASP E 233 -9.13 -34.49 -30.47
CA ASP E 233 -9.33 -33.05 -30.31
C ASP E 233 -9.80 -32.69 -28.91
N GLU E 234 -10.45 -33.61 -28.21
CA GLU E 234 -10.86 -33.34 -26.84
C GLU E 234 -9.64 -33.25 -25.93
N PRO E 235 -9.73 -32.46 -24.86
CA PRO E 235 -8.58 -32.31 -23.95
C PRO E 235 -8.27 -33.61 -23.23
N ALA E 236 -7.09 -33.64 -22.60
CA ALA E 236 -6.67 -34.81 -21.85
C ALA E 236 -7.59 -35.07 -20.67
N SER E 237 -8.18 -34.02 -20.09
CA SER E 237 -9.11 -34.21 -18.98
C SER E 237 -10.34 -35.00 -19.42
N ARG E 238 -10.86 -34.75 -20.62
CA ARG E 238 -11.98 -35.51 -21.12
C ARG E 238 -11.61 -36.97 -21.40
N HIS E 239 -10.33 -37.25 -21.64
CA HIS E 239 -9.92 -38.63 -21.90
C HIS E 239 -10.00 -39.49 -20.65
N VAL E 240 -9.70 -38.93 -19.49
CA VAL E 240 -9.78 -39.70 -18.25
C VAL E 240 -11.18 -39.69 -17.64
N GLN E 241 -11.96 -38.64 -17.89
CA GLN E 241 -13.32 -38.62 -17.38
C GLN E 241 -14.17 -39.71 -18.02
N VAL E 242 -14.03 -39.91 -19.33
CA VAL E 242 -14.75 -40.99 -20.00
C VAL E 242 -14.24 -42.35 -19.55
N ALA E 243 -12.96 -42.46 -19.22
CA ALA E 243 -12.42 -43.74 -18.77
C ALA E 243 -13.01 -44.15 -17.43
N GLU E 244 -13.05 -43.22 -16.47
CA GLU E 244 -13.58 -43.54 -15.15
C GLU E 244 -15.06 -43.90 -15.17
N MET E 245 -15.86 -43.17 -15.97
CA MET E 245 -17.28 -43.46 -16.02
C MET E 245 -17.58 -44.80 -16.66
N VAL E 246 -16.67 -45.32 -17.49
CA VAL E 246 -16.89 -46.63 -18.09
C VAL E 246 -16.62 -47.74 -17.08
N ILE E 247 -15.49 -47.65 -16.37
CA ILE E 247 -15.15 -48.68 -15.39
C ILE E 247 -16.10 -48.65 -14.21
N GLU E 248 -16.51 -47.46 -13.77
CA GLU E 248 -17.46 -47.37 -12.67
C GLU E 248 -18.82 -47.95 -13.06
N LYS E 249 -19.28 -47.70 -14.29
CA LYS E 249 -20.53 -48.29 -14.73
C LYS E 249 -20.45 -49.80 -14.80
N ALA E 250 -19.32 -50.34 -15.27
CA ALA E 250 -19.16 -51.79 -15.34
C ALA E 250 -19.08 -52.41 -13.95
N LYS E 251 -18.51 -51.70 -12.98
CA LYS E 251 -18.40 -52.23 -11.62
C LYS E 251 -19.79 -52.46 -11.02
N ARG E 252 -20.72 -51.53 -11.25
CA ARG E 252 -22.05 -51.67 -10.69
C ARG E 252 -22.77 -52.88 -11.27
N LEU E 253 -22.61 -53.15 -12.57
CA LEU E 253 -23.25 -54.31 -13.17
C LEU E 253 -22.74 -55.60 -12.54
N VAL E 254 -21.43 -55.68 -12.30
CA VAL E 254 -20.88 -56.86 -11.63
C VAL E 254 -21.45 -57.00 -10.23
N GLU E 255 -21.58 -55.87 -9.51
CA GLU E 255 -22.22 -55.90 -8.20
C GLU E 255 -23.64 -56.42 -8.28
N HIS E 256 -24.33 -56.18 -9.40
CA HIS E 256 -25.64 -56.75 -9.66
C HIS E 256 -25.56 -58.13 -10.31
N LYS E 257 -24.40 -58.78 -10.23
CA LYS E 257 -24.20 -60.13 -10.78
C LYS E 257 -24.52 -60.16 -12.28
N LYS E 258 -24.06 -59.14 -13.00
CA LYS E 258 -24.24 -59.05 -14.45
C LYS E 258 -22.88 -59.07 -15.12
N ASP E 259 -22.73 -59.92 -16.13
CA ASP E 259 -21.49 -60.01 -16.87
C ASP E 259 -21.38 -58.88 -17.88
N VAL E 260 -20.21 -58.23 -17.91
CA VAL E 260 -19.95 -57.13 -18.82
C VAL E 260 -18.56 -57.32 -19.43
N ILE E 261 -18.44 -57.02 -20.71
CA ILE E 261 -17.18 -57.14 -21.44
C ILE E 261 -16.87 -55.78 -22.05
N ILE E 262 -15.67 -55.27 -21.80
CA ILE E 262 -15.22 -53.99 -22.31
C ILE E 262 -14.01 -54.21 -23.22
N LEU E 263 -14.12 -53.77 -24.46
CA LEU E 263 -13.01 -53.80 -25.41
C LEU E 263 -12.43 -52.39 -25.49
N LEU E 264 -11.26 -52.20 -24.89
CA LEU E 264 -10.65 -50.88 -24.75
C LEU E 264 -9.50 -50.73 -25.73
N ASP E 265 -9.52 -49.61 -26.47
CA ASP E 265 -8.44 -49.27 -27.40
C ASP E 265 -8.20 -47.77 -27.27
N SER E 266 -7.07 -47.39 -26.70
CA SER E 266 -6.04 -48.31 -26.21
C SER E 266 -5.52 -47.88 -24.85
N ILE E 267 -4.89 -48.82 -24.14
CA ILE E 267 -4.35 -48.51 -22.82
C ILE E 267 -3.17 -47.54 -22.92
N THR E 268 -2.34 -47.68 -23.96
CA THR E 268 -1.19 -46.81 -24.10
C THR E 268 -1.61 -45.35 -24.27
N ARG E 269 -2.60 -45.10 -25.12
CA ARG E 269 -3.14 -43.74 -25.23
C ARG E 269 -3.78 -43.30 -23.92
N LEU E 270 -4.43 -44.22 -23.21
CA LEU E 270 -5.01 -43.89 -21.92
C LEU E 270 -3.94 -43.55 -20.90
N ALA E 271 -2.84 -44.29 -20.89
CA ALA E 271 -1.77 -44.02 -19.93
C ALA E 271 -1.16 -42.65 -20.16
N ARG E 272 -0.93 -42.27 -21.42
CA ARG E 272 -0.43 -40.94 -21.72
C ARG E 272 -1.44 -39.86 -21.33
N ALA E 273 -2.73 -40.15 -21.51
CA ALA E 273 -3.76 -39.21 -21.07
C ALA E 273 -3.71 -39.01 -19.56
N TYR E 274 -3.56 -40.09 -18.80
CA TYR E 274 -3.46 -39.96 -17.35
C TYR E 274 -2.16 -39.31 -16.93
N ASN E 275 -1.08 -39.56 -17.67
CA ASN E 275 0.20 -38.91 -17.37
C ASN E 275 0.09 -37.40 -17.48
N THR E 276 -0.60 -36.91 -18.51
CA THR E 276 -0.79 -35.47 -18.65
C THR E 276 -1.66 -34.90 -17.54
N VAL E 277 -2.72 -35.63 -17.17
CA VAL E 277 -3.71 -35.07 -16.25
C VAL E 277 -3.12 -34.91 -14.86
N VAL E 278 -2.45 -35.95 -14.35
CA VAL E 278 -1.97 -35.94 -12.98
C VAL E 278 -0.75 -35.04 -12.87
N PRO E 279 -0.56 -34.33 -11.75
CA PRO E 279 0.64 -33.52 -11.58
C PRO E 279 1.86 -34.39 -11.31
N ALA E 280 3.02 -33.84 -11.65
CA ALA E 280 4.28 -34.52 -11.37
C ALA E 280 4.54 -34.53 -9.86
N SER E 281 5.01 -35.68 -9.36
CA SER E 281 5.29 -35.85 -7.94
C SER E 281 6.72 -35.51 -7.58
N GLY E 282 7.53 -35.04 -8.54
CA GLY E 282 8.92 -34.77 -8.29
C GLY E 282 9.85 -35.92 -8.57
N LYS E 283 9.31 -37.14 -8.66
CA LYS E 283 10.08 -38.33 -9.01
C LYS E 283 9.64 -38.75 -10.42
N VAL E 284 10.38 -38.30 -11.42
CA VAL E 284 10.04 -38.53 -12.82
C VAL E 284 10.82 -39.74 -13.32
N LEU E 285 10.10 -40.71 -13.88
CA LEU E 285 10.72 -41.91 -14.42
C LEU E 285 11.25 -41.63 -15.82
N THR E 286 11.72 -42.66 -16.50
CA THR E 286 12.21 -42.50 -17.86
C THR E 286 11.06 -42.15 -18.81
N GLY E 287 11.33 -41.26 -19.75
CA GLY E 287 10.33 -40.84 -20.70
C GLY E 287 9.33 -39.83 -20.18
N GLY E 288 9.54 -39.27 -18.99
CA GLY E 288 8.64 -38.28 -18.43
C GLY E 288 7.49 -38.82 -17.64
N VAL E 289 7.33 -40.14 -17.56
CA VAL E 289 6.23 -40.74 -16.81
C VAL E 289 6.50 -40.64 -15.31
N ASP E 290 5.44 -40.62 -14.53
CA ASP E 290 5.52 -40.61 -13.08
C ASP E 290 5.02 -41.93 -12.52
N ALA E 291 5.47 -42.26 -11.31
CA ALA E 291 5.07 -43.51 -10.68
C ALA E 291 3.56 -43.56 -10.44
N ASN E 292 3.01 -42.49 -9.87
CA ASN E 292 1.56 -42.44 -9.66
C ASN E 292 0.81 -42.18 -10.95
N ALA E 293 1.48 -41.67 -11.99
CA ALA E 293 0.81 -41.45 -13.27
C ALA E 293 0.35 -42.77 -13.87
N LEU E 294 1.21 -43.80 -13.82
CA LEU E 294 0.83 -45.13 -14.30
C LEU E 294 0.02 -45.91 -13.28
N HIS E 295 -0.08 -45.41 -12.04
CA HIS E 295 -0.84 -46.11 -11.02
C HIS E 295 -2.33 -46.15 -11.35
N ARG E 296 -2.88 -45.04 -11.85
CA ARG E 296 -4.30 -44.94 -12.16
C ARG E 296 -4.71 -45.94 -13.24
N PRO E 297 -3.98 -46.07 -14.36
CA PRO E 297 -4.32 -47.14 -15.31
C PRO E 297 -4.24 -48.53 -14.72
N LYS E 298 -3.33 -48.76 -13.77
CA LYS E 298 -3.25 -50.08 -13.14
C LYS E 298 -4.53 -50.42 -12.40
N ARG E 299 -5.12 -49.45 -11.70
CA ARG E 299 -6.43 -49.67 -11.10
C ARG E 299 -7.48 -49.97 -12.16
N PHE E 300 -7.45 -49.24 -13.27
CA PHE E 300 -8.39 -49.49 -14.35
C PHE E 300 -8.19 -50.88 -14.94
N PHE E 301 -6.94 -51.27 -15.18
CA PHE E 301 -6.67 -52.58 -15.75
C PHE E 301 -6.85 -53.70 -14.73
N GLY E 302 -6.48 -53.45 -13.47
CA GLY E 302 -6.58 -54.49 -12.45
C GLY E 302 -7.98 -54.73 -11.92
N ALA E 303 -8.94 -53.88 -12.28
CA ALA E 303 -10.31 -54.06 -11.82
C ALA E 303 -11.01 -55.21 -12.52
N ALA E 304 -10.54 -55.62 -13.70
CA ALA E 304 -11.17 -56.72 -14.42
C ALA E 304 -10.92 -58.03 -13.69
N ARG E 305 -11.99 -58.79 -13.48
CA ARG E 305 -11.90 -60.04 -12.75
C ARG E 305 -13.18 -60.83 -12.94
N ASN E 306 -13.10 -62.13 -12.67
CA ASN E 306 -14.27 -62.99 -12.58
C ASN E 306 -14.58 -63.20 -11.10
N VAL E 307 -15.79 -62.80 -10.70
CA VAL E 307 -16.17 -62.80 -9.29
C VAL E 307 -16.68 -64.18 -8.91
N GLU E 308 -16.12 -64.74 -7.83
CA GLU E 308 -16.57 -66.04 -7.34
C GLU E 308 -18.02 -65.99 -6.90
N GLU E 309 -18.41 -64.91 -6.22
CA GLU E 309 -19.79 -64.77 -5.77
C GLU E 309 -20.78 -64.72 -6.93
N GLY E 310 -20.41 -64.02 -8.01
CA GLY E 310 -21.28 -63.92 -9.16
C GLY E 310 -20.90 -62.79 -10.10
N GLY E 311 -21.08 -63.00 -11.40
CA GLY E 311 -20.73 -62.00 -12.38
C GLY E 311 -19.26 -62.01 -12.75
N SER E 312 -18.93 -61.24 -13.77
CA SER E 312 -17.56 -61.15 -14.25
C SER E 312 -17.33 -59.80 -14.90
N LEU E 313 -16.06 -59.42 -15.00
CA LEU E 313 -15.65 -58.17 -15.65
C LEU E 313 -14.46 -58.48 -16.54
N THR E 314 -14.68 -58.48 -17.85
CA THR E 314 -13.67 -58.83 -18.83
C THR E 314 -13.20 -57.58 -19.55
N ILE E 315 -11.89 -57.35 -19.55
CA ILE E 315 -11.29 -56.21 -20.22
C ILE E 315 -10.40 -56.72 -21.34
N ILE E 316 -10.25 -55.91 -22.38
CA ILE E 316 -9.35 -56.19 -23.50
C ILE E 316 -8.71 -54.87 -23.90
N ALA E 317 -7.41 -54.74 -23.63
CA ALA E 317 -6.68 -53.50 -23.90
C ALA E 317 -5.61 -53.78 -24.95
N THR E 318 -5.44 -52.83 -25.87
CA THR E 318 -4.47 -52.93 -26.94
C THR E 318 -3.24 -52.11 -26.59
N ALA E 319 -2.06 -52.70 -26.77
CA ALA E 319 -0.80 -52.03 -26.49
C ALA E 319 -0.09 -51.73 -27.80
N LEU E 320 0.39 -50.50 -27.94
CA LEU E 320 1.11 -50.08 -29.13
C LEU E 320 2.61 -50.19 -28.92
N ILE E 321 3.29 -50.75 -29.91
CA ILE E 321 4.75 -50.90 -29.88
C ILE E 321 5.32 -50.42 -31.20
N ASP E 322 6.62 -50.13 -31.18
CA ASP E 322 7.36 -49.70 -32.38
C ASP E 322 6.75 -48.44 -32.99
N THR E 323 6.31 -47.53 -32.13
CA THR E 323 5.79 -46.25 -32.57
C THR E 323 6.84 -45.15 -32.60
N GLY E 324 8.09 -45.47 -32.26
CA GLY E 324 9.16 -44.50 -32.27
C GLY E 324 9.17 -43.54 -31.11
N SER E 325 8.38 -43.79 -30.08
CA SER E 325 8.30 -42.93 -28.90
C SER E 325 8.86 -43.66 -27.69
N LYS E 326 9.81 -43.01 -27.00
CA LYS E 326 10.39 -43.62 -25.81
C LYS E 326 9.35 -43.80 -24.71
N MET E 327 8.50 -42.79 -24.51
CA MET E 327 7.44 -42.91 -23.51
C MET E 327 6.46 -44.02 -23.85
N ASP E 328 6.26 -44.28 -25.14
CA ASP E 328 5.34 -45.35 -25.56
C ASP E 328 5.83 -46.71 -25.08
N GLU E 329 7.11 -47.00 -25.29
CA GLU E 329 7.65 -48.30 -24.91
C GLU E 329 7.81 -48.45 -23.41
N VAL E 330 7.92 -47.35 -22.67
CA VAL E 330 8.02 -47.43 -21.21
C VAL E 330 6.73 -48.00 -20.62
N ILE E 331 5.58 -47.58 -21.14
CA ILE E 331 4.31 -48.05 -20.60
C ILE E 331 4.15 -49.55 -20.84
N TYR E 332 4.46 -50.02 -22.05
CA TYR E 332 4.22 -51.42 -22.38
C TYR E 332 5.06 -52.36 -21.52
N GLU E 333 6.34 -52.04 -21.32
CA GLU E 333 7.19 -52.90 -20.51
C GLU E 333 6.77 -52.91 -19.05
N GLU E 334 5.96 -51.95 -18.61
CA GLU E 334 5.42 -51.96 -17.26
C GLU E 334 4.24 -52.91 -17.09
N PHE E 335 3.69 -53.42 -18.20
CA PHE E 335 2.54 -54.31 -18.18
C PHE E 335 2.89 -55.67 -18.74
N LYS E 336 4.08 -56.19 -18.41
CA LYS E 336 4.48 -57.49 -18.93
C LYS E 336 3.73 -58.62 -18.22
N GLY E 337 3.95 -58.75 -16.91
CA GLY E 337 3.23 -59.73 -16.14
C GLY E 337 1.89 -59.29 -15.60
N THR E 338 1.52 -58.03 -15.83
CA THR E 338 0.26 -57.51 -15.32
C THR E 338 -0.93 -58.20 -15.96
N GLY E 339 -0.88 -58.43 -17.27
CA GLY E 339 -2.02 -59.01 -17.97
C GLY E 339 -2.18 -60.49 -17.69
N ASN E 340 -3.44 -60.91 -17.57
CA ASN E 340 -3.73 -62.34 -17.42
C ASN E 340 -3.56 -63.07 -18.73
N MET E 341 -3.73 -62.37 -19.85
CA MET E 341 -3.52 -62.93 -21.18
C MET E 341 -2.72 -61.95 -22.02
N GLU E 342 -1.89 -62.50 -22.91
CA GLU E 342 -1.07 -61.69 -23.80
C GLU E 342 -1.15 -62.26 -25.21
N LEU E 343 -1.48 -61.39 -26.16
CA LEU E 343 -1.52 -61.74 -27.58
C LEU E 343 -0.72 -60.70 -28.36
N HIS E 344 -0.01 -61.15 -29.37
CA HIS E 344 0.90 -60.30 -30.12
C HIS E 344 0.56 -60.31 -31.60
N LEU E 345 0.67 -59.16 -32.24
CA LEU E 345 0.50 -59.01 -33.67
C LEU E 345 1.84 -58.67 -34.31
N SER E 346 2.06 -59.19 -35.51
CA SER E 346 3.33 -59.03 -36.22
C SER E 346 3.14 -58.13 -37.42
N ARG E 347 3.95 -57.08 -37.50
CA ARG E 347 3.93 -56.21 -38.67
C ARG E 347 4.39 -56.93 -39.92
N LYS E 348 5.34 -57.88 -39.77
CA LYS E 348 5.86 -58.60 -40.94
C LYS E 348 4.75 -59.36 -41.64
N ILE E 349 3.87 -60.02 -40.87
CA ILE E 349 2.71 -60.68 -41.48
C ILE E 349 1.81 -59.65 -42.14
N ALA E 350 1.59 -58.51 -41.48
CA ALA E 350 0.82 -57.44 -42.09
C ALA E 350 1.51 -56.88 -43.32
N GLU E 351 2.83 -56.74 -43.29
CA GLU E 351 3.58 -56.26 -44.45
C GLU E 351 3.43 -57.19 -45.65
N LYS E 352 3.16 -58.47 -45.42
CA LYS E 352 2.89 -59.41 -46.49
C LYS E 352 1.41 -59.46 -46.86
N ARG E 353 0.58 -58.60 -46.26
CA ARG E 353 -0.85 -58.54 -46.52
C ARG E 353 -1.52 -59.88 -46.23
N VAL E 354 -1.16 -60.48 -45.09
CA VAL E 354 -1.74 -61.73 -44.64
C VAL E 354 -2.54 -61.44 -43.39
N PHE E 355 -3.83 -61.78 -43.41
CA PHE E 355 -4.70 -61.54 -42.29
C PHE E 355 -5.32 -62.84 -41.79
N PRO E 356 -5.39 -63.05 -40.47
CA PRO E 356 -4.94 -62.14 -39.40
C PRO E 356 -3.43 -62.18 -39.21
N ALA E 357 -2.85 -61.08 -38.75
CA ALA E 357 -1.40 -60.99 -38.52
C ALA E 357 -1.14 -61.17 -37.03
N ILE E 358 -1.05 -62.43 -36.61
CA ILE E 358 -0.89 -62.80 -35.20
C ILE E 358 0.38 -63.62 -35.07
N ASP E 359 1.22 -63.26 -34.09
CA ASP E 359 2.40 -64.04 -33.77
C ASP E 359 1.99 -65.19 -32.84
N TYR E 360 1.90 -66.39 -33.39
CA TYR E 360 1.40 -67.53 -32.61
C TYR E 360 2.36 -67.92 -31.50
N ASN E 361 3.66 -67.74 -31.71
CA ASN E 361 4.64 -68.16 -30.70
C ASN E 361 4.47 -67.39 -29.40
N ARG E 362 4.26 -66.08 -29.48
CA ARG E 362 4.10 -65.26 -28.29
C ARG E 362 2.66 -65.20 -27.79
N SER E 363 1.72 -65.79 -28.52
CA SER E 363 0.31 -65.79 -28.12
C SER E 363 0.07 -66.94 -27.16
N GLY E 364 -0.49 -66.64 -26.00
CA GLY E 364 -0.78 -67.66 -25.02
C GLY E 364 -1.51 -67.10 -23.83
N THR E 365 -2.16 -67.99 -23.09
CA THR E 365 -2.90 -67.62 -21.89
C THR E 365 -2.52 -68.55 -20.75
N ARG E 366 -2.48 -68.00 -19.54
CA ARG E 366 -2.17 -68.79 -18.35
C ARG E 366 -3.46 -69.32 -17.73
N LYS E 367 -3.32 -70.46 -17.03
CA LYS E 367 -4.44 -71.12 -16.37
C LYS E 367 -5.56 -71.45 -17.35
N GLU E 368 -5.19 -71.77 -18.59
CA GLU E 368 -6.16 -72.14 -19.60
C GLU E 368 -6.83 -73.47 -19.33
N GLU E 369 -6.25 -74.31 -18.48
CA GLU E 369 -6.89 -75.57 -18.13
C GLU E 369 -8.20 -75.35 -17.39
N LEU E 370 -8.30 -74.24 -16.63
CA LEU E 370 -9.57 -73.91 -15.99
C LEU E 370 -10.63 -73.53 -17.02
N LEU E 371 -10.21 -73.06 -18.19
CA LEU E 371 -11.13 -72.66 -19.24
C LEU E 371 -11.38 -73.81 -20.22
N THR E 372 -10.32 -74.29 -20.86
CA THR E 372 -10.46 -75.34 -21.86
C THR E 372 -10.72 -76.70 -21.19
N THR E 373 -11.36 -77.58 -21.95
CA THR E 373 -11.59 -78.94 -21.50
C THR E 373 -10.31 -79.76 -21.63
N GLN E 374 -10.33 -80.97 -21.07
CA GLN E 374 -9.14 -81.81 -21.11
C GLN E 374 -8.75 -82.19 -22.53
N GLU E 375 -9.72 -82.61 -23.33
CA GLU E 375 -9.42 -82.98 -24.72
C GLU E 375 -9.10 -81.77 -25.58
N GLU E 376 -9.66 -80.60 -25.28
CA GLU E 376 -9.36 -79.40 -26.04
C GLU E 376 -7.90 -79.00 -25.89
N LEU E 377 -7.39 -79.02 -24.67
CA LEU E 377 -6.00 -78.63 -24.43
C LEU E 377 -5.03 -79.59 -25.11
N GLN E 378 -5.30 -80.90 -25.02
CA GLN E 378 -4.40 -81.87 -25.64
C GLN E 378 -4.39 -81.75 -27.16
N LYS E 379 -5.55 -81.52 -27.78
CA LYS E 379 -5.61 -81.39 -29.23
C LYS E 379 -4.82 -80.18 -29.70
N MET E 380 -5.02 -79.03 -29.07
CA MET E 380 -4.36 -77.81 -29.50
C MET E 380 -2.89 -77.76 -29.10
N TRP E 381 -2.49 -78.48 -28.06
CA TRP E 381 -1.09 -78.48 -27.66
C TRP E 381 -0.20 -79.17 -28.68
N ILE E 382 -0.75 -80.11 -29.44
CA ILE E 382 0.02 -80.72 -30.53
C ILE E 382 0.33 -79.68 -31.59
N LEU E 383 -0.61 -78.76 -31.85
CA LEU E 383 -0.34 -77.66 -32.76
C LEU E 383 0.81 -76.79 -32.25
N ARG E 384 0.88 -76.59 -30.93
CA ARG E 384 1.99 -75.82 -30.36
C ARG E 384 3.33 -76.49 -30.65
N LYS E 385 3.39 -77.82 -30.54
CA LYS E 385 4.63 -78.53 -30.87
C LYS E 385 4.95 -78.43 -32.36
N ILE E 386 3.95 -78.20 -33.20
CA ILE E 386 4.19 -78.06 -34.63
C ILE E 386 4.59 -76.63 -34.98
N ILE E 387 3.84 -75.65 -34.47
CA ILE E 387 4.07 -74.26 -34.84
C ILE E 387 5.38 -73.74 -34.27
N HIS E 388 5.73 -74.15 -33.05
CA HIS E 388 6.89 -73.55 -32.37
C HIS E 388 8.18 -73.65 -33.16
N PRO E 389 8.59 -74.79 -33.72
CA PRO E 389 9.78 -74.78 -34.58
C PRO E 389 9.62 -73.91 -35.82
N MET E 390 8.40 -73.82 -36.37
CA MET E 390 8.18 -73.02 -37.56
C MET E 390 8.24 -71.53 -37.24
N GLY E 391 8.55 -70.73 -38.25
CA GLY E 391 8.56 -69.29 -38.10
C GLY E 391 7.15 -68.72 -38.03
N GLU E 392 7.08 -67.48 -37.54
CA GLU E 392 5.78 -66.85 -37.33
C GLU E 392 5.07 -66.55 -38.63
N ILE E 393 5.82 -66.28 -39.71
CA ILE E 393 5.19 -65.89 -40.97
C ILE E 393 4.59 -67.10 -41.67
N ASP E 394 5.39 -68.16 -41.85
CA ASP E 394 4.90 -69.33 -42.57
C ASP E 394 3.83 -70.08 -41.79
N ALA E 395 3.94 -70.11 -40.46
CA ALA E 395 2.94 -70.80 -39.65
C ALA E 395 1.55 -70.20 -39.84
N MET E 396 1.44 -68.87 -39.86
CA MET E 396 0.16 -68.24 -40.15
C MET E 396 -0.32 -68.60 -41.54
N GLU E 397 0.58 -68.59 -42.52
CA GLU E 397 0.23 -69.03 -43.86
C GLU E 397 -0.13 -70.51 -43.88
N PHE E 398 0.59 -71.33 -43.10
CA PHE E 398 0.24 -72.74 -43.00
C PHE E 398 -1.10 -72.94 -42.32
N LEU E 399 -1.44 -72.09 -41.34
CA LEU E 399 -2.67 -72.27 -40.59
C LEU E 399 -3.90 -71.90 -41.41
N ILE E 400 -3.81 -70.82 -42.20
CA ILE E 400 -5.00 -70.31 -42.87
C ILE E 400 -5.50 -71.29 -43.94
N ASN E 401 -4.59 -71.89 -44.72
CA ASN E 401 -5.03 -72.84 -45.75
C ASN E 401 -5.67 -74.06 -45.12
N LYS E 402 -5.09 -74.56 -44.02
CA LYS E 402 -5.70 -75.68 -43.31
C LYS E 402 -7.06 -75.29 -42.74
N LEU E 403 -7.16 -74.09 -42.17
CA LEU E 403 -8.42 -73.63 -41.61
C LEU E 403 -9.47 -73.35 -42.68
N ALA E 404 -9.05 -72.96 -43.88
CA ALA E 404 -10.02 -72.67 -44.94
C ALA E 404 -10.80 -73.90 -45.33
N CYS E 405 -10.12 -75.05 -45.47
CA CYS E 405 -10.81 -76.29 -45.83
C CYS E 405 -11.77 -76.72 -44.72
N THR E 406 -11.35 -76.61 -43.46
CA THR E 406 -12.17 -77.04 -42.35
C THR E 406 -13.30 -76.04 -42.09
N LYS E 407 -14.32 -76.51 -41.38
CA LYS E 407 -15.50 -75.71 -41.07
C LYS E 407 -15.47 -75.15 -39.65
N THR E 408 -15.05 -75.95 -38.66
CA THR E 408 -14.99 -75.53 -37.27
C THR E 408 -13.64 -75.90 -36.68
N ASN E 409 -13.38 -75.38 -35.48
CA ASN E 409 -12.15 -75.69 -34.79
C ASN E 409 -12.07 -77.18 -34.45
N ASP E 410 -13.18 -77.76 -33.99
CA ASP E 410 -13.22 -79.19 -33.74
C ASP E 410 -13.01 -79.98 -35.03
N ASP E 411 -13.58 -79.49 -36.15
CA ASP E 411 -13.34 -80.14 -37.43
C ASP E 411 -11.87 -80.10 -37.80
N PHE E 412 -11.21 -78.96 -37.57
CA PHE E 412 -9.78 -78.86 -37.84
C PHE E 412 -8.97 -79.73 -36.88
N PHE E 413 -9.47 -79.94 -35.67
CA PHE E 413 -8.75 -80.78 -34.71
C PHE E 413 -8.61 -82.21 -35.21
N GLU E 414 -9.61 -82.70 -35.95
CA GLU E 414 -9.52 -84.03 -36.54
C GLU E 414 -8.52 -84.08 -37.69
N MET E 415 -8.46 -83.01 -38.49
CA MET E 415 -7.54 -83.00 -39.63
C MET E 415 -6.08 -82.97 -39.17
N MET E 416 -5.76 -82.15 -38.17
CA MET E 416 -4.39 -82.11 -37.67
C MET E 416 -4.03 -83.40 -36.93
N LYS E 417 -5.01 -84.02 -36.26
CA LYS E 417 -4.74 -85.25 -35.54
C LYS E 417 -4.34 -86.38 -36.47
N ARG E 418 -4.98 -86.47 -37.63
CA ARG E 418 -4.66 -87.53 -38.60
C ARG E 418 -3.64 -87.04 -39.61
N MET F 1 -17.90 -59.66 20.33
CA MET F 1 -17.06 -60.12 21.43
C MET F 1 -15.59 -59.84 21.15
N ASN F 2 -15.16 -60.13 19.93
CA ASN F 2 -13.78 -59.94 19.52
C ASN F 2 -13.73 -59.25 18.17
N LEU F 3 -12.78 -58.33 18.01
CA LEU F 3 -12.63 -57.64 16.73
C LEU F 3 -12.21 -58.60 15.62
N THR F 4 -11.29 -59.52 15.93
CA THR F 4 -10.84 -60.48 14.93
C THR F 4 -11.95 -61.44 14.53
N GLU F 5 -12.98 -61.59 15.35
CA GLU F 5 -14.13 -62.40 14.96
C GLU F 5 -14.83 -61.81 13.75
N LEU F 6 -14.97 -60.48 13.72
CA LEU F 6 -15.56 -59.83 12.56
C LEU F 6 -14.64 -59.90 11.35
N LYS F 7 -13.31 -59.91 11.57
CA LYS F 7 -12.37 -59.96 10.45
C LYS F 7 -12.50 -61.27 9.69
N ASN F 8 -12.58 -62.40 10.40
CA ASN F 8 -12.81 -63.68 9.75
C ASN F 8 -14.26 -63.90 9.35
N THR F 9 -15.17 -63.04 9.83
CA THR F 9 -16.57 -63.16 9.46
C THR F 9 -16.74 -62.80 7.98
N PRO F 10 -17.42 -63.63 7.19
CA PRO F 10 -17.62 -63.31 5.78
C PRO F 10 -18.47 -62.05 5.61
N VAL F 11 -18.27 -61.39 4.47
CA VAL F 11 -18.99 -60.15 4.18
C VAL F 11 -20.50 -60.39 4.15
N SER F 12 -20.94 -61.53 3.60
CA SER F 12 -22.36 -61.84 3.60
C SER F 12 -22.89 -62.00 5.02
N GLU F 13 -22.12 -62.67 5.88
CA GLU F 13 -22.50 -62.78 7.28
C GLU F 13 -22.45 -61.43 7.99
N LEU F 14 -21.56 -60.53 7.55
CA LEU F 14 -21.52 -59.19 8.13
C LEU F 14 -22.80 -58.42 7.86
N ILE F 15 -23.39 -58.61 6.68
CA ILE F 15 -24.69 -57.97 6.39
C ILE F 15 -25.75 -58.48 7.35
N THR F 16 -25.78 -59.79 7.59
CA THR F 16 -26.69 -60.35 8.57
C THR F 16 -26.34 -59.89 9.98
N LEU F 17 -25.05 -59.73 10.26
CA LEU F 17 -24.62 -59.21 11.56
C LEU F 17 -25.14 -57.79 11.78
N GLY F 18 -25.05 -56.95 10.75
CA GLY F 18 -25.60 -55.61 10.83
C GLY F 18 -27.12 -55.56 10.79
N GLU F 19 -27.75 -56.58 10.24
CA GLU F 19 -29.21 -56.62 10.20
C GLU F 19 -29.80 -56.74 11.60
N ASN F 20 -29.16 -57.51 12.48
CA ASN F 20 -29.64 -57.62 13.85
C ASN F 20 -29.59 -56.28 14.57
N MET F 21 -28.62 -55.43 14.23
CA MET F 21 -28.57 -54.10 14.80
C MET F 21 -29.67 -53.20 14.25
N GLY F 22 -30.24 -53.55 13.11
CA GLY F 22 -31.27 -52.75 12.48
C GLY F 22 -30.79 -51.80 11.41
N LEU F 23 -29.49 -51.79 11.12
CA LEU F 23 -28.94 -50.89 10.11
C LEU F 23 -29.34 -51.36 8.71
N GLU F 24 -29.32 -50.40 7.77
CA GLU F 24 -29.70 -50.65 6.39
C GLU F 24 -28.69 -49.97 5.46
N ASN F 25 -28.65 -50.46 4.22
CA ASN F 25 -27.79 -49.91 3.18
C ASN F 25 -26.31 -50.05 3.52
N LEU F 26 -25.97 -51.04 4.35
CA LEU F 26 -24.58 -51.32 4.65
C LEU F 26 -23.88 -52.02 3.49
N ALA F 27 -24.63 -52.75 2.66
CA ALA F 27 -24.04 -53.47 1.54
C ALA F 27 -23.45 -52.51 0.51
N ARG F 28 -23.99 -51.30 0.41
CA ARG F 28 -23.44 -50.31 -0.51
C ARG F 28 -22.10 -49.76 -0.03
N MET F 29 -21.80 -49.85 1.26
CA MET F 29 -20.57 -49.33 1.81
C MET F 29 -19.43 -50.33 1.59
N ARG F 30 -18.23 -49.94 2.02
CA ARG F 30 -17.07 -50.80 1.92
C ARG F 30 -17.14 -51.92 2.95
N LYS F 31 -16.43 -53.02 2.65
CA LYS F 31 -16.40 -54.14 3.58
C LYS F 31 -15.73 -53.76 4.90
N GLN F 32 -14.67 -52.97 4.85
CA GLN F 32 -13.97 -52.57 6.07
C GLN F 32 -14.86 -51.72 6.96
N ASP F 33 -15.61 -50.78 6.38
CA ASP F 33 -16.47 -49.91 7.15
C ASP F 33 -17.68 -50.62 7.75
N ILE F 34 -18.09 -51.75 7.16
CA ILE F 34 -19.18 -52.53 7.75
C ILE F 34 -18.75 -53.05 9.11
N ILE F 35 -17.52 -53.53 9.24
CA ILE F 35 -17.01 -54.00 10.53
C ILE F 35 -17.02 -52.87 11.55
N PHE F 36 -16.63 -51.66 11.11
CA PHE F 36 -16.64 -50.52 12.02
C PHE F 36 -18.04 -50.19 12.50
N ALA F 37 -19.04 -50.32 11.64
CA ALA F 37 -20.42 -50.05 12.06
C ALA F 37 -20.88 -51.06 13.10
N ILE F 38 -20.65 -52.35 12.86
CA ILE F 38 -21.02 -53.37 13.83
C ILE F 38 -20.13 -53.32 15.08
N LEU F 39 -18.90 -52.81 14.96
CA LEU F 39 -18.05 -52.65 16.13
C LEU F 39 -18.65 -51.68 17.13
N LYS F 40 -19.25 -50.59 16.64
CA LYS F 40 -19.89 -49.62 17.52
C LYS F 40 -21.20 -50.13 18.11
N GLN F 41 -21.74 -51.23 17.58
CA GLN F 41 -22.98 -51.79 18.14
C GLN F 41 -22.76 -52.23 19.59
N HIS F 42 -21.67 -52.94 19.85
CA HIS F 42 -21.32 -53.30 21.22
C HIS F 42 -20.78 -52.11 22.00
N ALA F 43 -20.17 -51.14 21.33
CA ALA F 43 -19.77 -49.90 22.00
C ALA F 43 -20.99 -49.13 22.49
N LYS F 44 -22.05 -49.08 21.68
CA LYS F 44 -23.28 -48.42 22.10
C LYS F 44 -23.89 -49.12 23.30
N SER F 45 -23.90 -50.45 23.30
CA SER F 45 -24.45 -51.22 24.41
C SER F 45 -23.45 -51.44 25.54
N GLY F 46 -22.20 -51.02 25.36
CA GLY F 46 -21.20 -51.16 26.39
C GLY F 46 -20.64 -52.55 26.57
N GLU F 47 -20.95 -53.48 25.67
CA GLU F 47 -20.44 -54.84 25.78
C GLU F 47 -18.94 -54.89 25.53
N ASP F 48 -18.26 -55.77 26.26
CA ASP F 48 -16.82 -55.90 26.12
C ASP F 48 -16.46 -56.43 24.74
N ILE F 49 -15.45 -55.81 24.13
CA ILE F 49 -14.98 -56.17 22.81
C ILE F 49 -13.47 -56.40 22.88
N PHE F 50 -13.03 -57.56 22.39
CA PHE F 50 -11.62 -57.89 22.31
C PHE F 50 -11.10 -57.60 20.91
N GLY F 51 -9.78 -57.69 20.76
CA GLY F 51 -9.16 -57.45 19.47
C GLY F 51 -7.66 -57.65 19.55
N ASP F 52 -7.04 -57.63 18.37
CA ASP F 52 -5.61 -57.81 18.24
C ASP F 52 -5.16 -57.22 16.92
N GLY F 53 -3.86 -56.95 16.83
CA GLY F 53 -3.30 -56.41 15.60
C GLY F 53 -1.81 -56.20 15.76
N VAL F 54 -1.19 -55.85 14.63
CA VAL F 54 0.24 -55.58 14.58
C VAL F 54 0.47 -54.08 14.73
N LEU F 55 1.32 -53.71 15.68
CA LEU F 55 1.54 -52.30 15.99
C LEU F 55 2.41 -51.65 14.92
N GLU F 56 1.88 -50.61 14.28
CA GLU F 56 2.62 -49.78 13.34
C GLU F 56 2.71 -48.38 13.93
N ILE F 57 3.93 -47.88 14.10
CA ILE F 57 4.18 -46.60 14.76
C ILE F 57 4.48 -45.55 13.72
N LEU F 58 3.74 -44.44 13.78
CA LEU F 58 3.98 -43.32 12.88
C LEU F 58 5.14 -42.47 13.38
N GLN F 59 5.57 -41.53 12.54
CA GLN F 59 6.68 -40.66 12.90
C GLN F 59 6.32 -39.68 14.02
N ASP F 60 5.03 -39.45 14.26
CA ASP F 60 4.58 -38.56 15.32
C ASP F 60 4.30 -39.30 16.63
N GLY F 61 4.59 -40.60 16.69
CA GLY F 61 4.33 -41.39 17.87
C GLY F 61 2.98 -42.07 17.89
N PHE F 62 2.12 -41.81 16.92
CA PHE F 62 0.83 -42.48 16.84
C PHE F 62 1.01 -43.93 16.40
N GLY F 63 0.29 -44.83 17.06
CA GLY F 63 0.35 -46.24 16.75
C GLY F 63 -1.01 -46.78 16.35
N PHE F 64 -0.99 -47.78 15.47
CA PHE F 64 -2.20 -48.42 15.01
C PHE F 64 -1.99 -49.92 14.93
N LEU F 65 -3.09 -50.67 15.01
CA LEU F 65 -3.06 -52.12 14.90
C LEU F 65 -3.67 -52.51 13.55
N ARG F 66 -2.84 -53.09 12.69
CA ARG F 66 -3.27 -53.48 11.36
C ARG F 66 -3.86 -54.88 11.38
N SER F 67 -4.63 -55.19 10.34
CA SER F 67 -5.34 -56.46 10.22
C SER F 67 -4.66 -57.35 9.18
N ALA F 68 -4.38 -58.60 9.59
CA ALA F 68 -3.77 -59.54 8.66
C ALA F 68 -4.70 -59.88 7.50
N ASP F 69 -6.00 -60.03 7.76
CA ASP F 69 -6.95 -60.33 6.71
C ASP F 69 -7.06 -59.20 5.69
N SER F 70 -6.70 -57.98 6.07
CA SER F 70 -6.72 -56.84 5.17
C SER F 70 -5.36 -56.54 4.57
N SER F 71 -4.40 -57.45 4.70
CA SER F 71 -3.03 -57.25 4.21
C SER F 71 -2.42 -56.00 4.82
N TYR F 72 -2.79 -55.70 6.06
CA TYR F 72 -2.22 -54.60 6.84
C TYR F 72 -2.42 -53.25 6.14
N LEU F 73 -3.61 -53.03 5.58
CA LEU F 73 -3.90 -51.71 5.05
C LEU F 73 -4.38 -50.79 6.17
N ALA F 74 -4.21 -49.49 5.95
CA ALA F 74 -4.66 -48.47 6.89
C ALA F 74 -6.15 -48.22 6.67
N GLY F 75 -6.96 -48.56 7.67
CA GLY F 75 -8.40 -48.42 7.56
C GLY F 75 -9.03 -47.84 8.81
N PRO F 76 -10.34 -47.57 8.74
CA PRO F 76 -11.03 -46.98 9.90
C PRO F 76 -11.08 -47.90 11.11
N ASP F 77 -10.90 -49.21 10.93
CA ASP F 77 -11.01 -50.17 12.02
C ASP F 77 -9.69 -50.39 12.76
N ASP F 78 -8.63 -49.68 12.38
CA ASP F 78 -7.36 -49.82 13.07
C ASP F 78 -7.48 -49.30 14.50
N ILE F 79 -6.83 -49.99 15.43
CA ILE F 79 -6.91 -49.66 16.85
C ILE F 79 -5.80 -48.64 17.14
N TYR F 80 -6.20 -47.37 17.26
CA TYR F 80 -5.24 -46.33 17.62
C TYR F 80 -4.87 -46.45 19.09
N VAL F 81 -3.58 -46.33 19.39
CA VAL F 81 -3.07 -46.42 20.75
C VAL F 81 -2.40 -45.10 21.10
N SER F 82 -2.68 -44.60 22.30
CA SER F 82 -2.14 -43.32 22.74
C SER F 82 -0.62 -43.40 22.88
N PRO F 83 0.08 -42.31 22.54
CA PRO F 83 1.54 -42.30 22.73
C PRO F 83 1.97 -42.48 24.19
N CYS F 84 1.14 -42.09 25.15
CA CYS F 84 1.46 -42.35 26.55
C CYS F 84 1.50 -43.84 26.85
N GLN F 85 0.57 -44.61 26.28
CA GLN F 85 0.57 -46.05 26.50
C GLN F 85 1.78 -46.74 25.88
N ILE F 86 2.22 -46.28 24.71
CA ILE F 86 3.39 -46.87 24.06
C ILE F 86 4.69 -46.44 24.71
N ARG F 87 4.65 -45.46 25.62
CA ARG F 87 5.81 -45.10 26.42
C ARG F 87 5.75 -45.65 27.84
N ARG F 88 4.55 -45.76 28.42
CA ARG F 88 4.40 -46.45 29.70
C ARG F 88 4.79 -47.92 29.56
N PHE F 89 4.36 -48.56 28.48
CA PHE F 89 4.82 -49.88 28.11
C PHE F 89 5.71 -49.75 26.89
N ASN F 90 6.97 -50.16 27.02
CA ASN F 90 7.94 -50.03 25.93
C ASN F 90 7.50 -50.91 24.77
N LEU F 91 7.13 -50.30 23.66
CA LEU F 91 6.63 -51.00 22.49
C LEU F 91 7.43 -50.62 21.26
N ARG F 92 7.49 -51.54 20.30
CA ARG F 92 8.23 -51.35 19.06
C ARG F 92 7.32 -51.62 17.87
N THR F 93 7.70 -51.07 16.72
CA THR F 93 6.93 -51.26 15.50
C THR F 93 6.94 -52.74 15.11
N GLY F 94 5.79 -53.23 14.65
CA GLY F 94 5.64 -54.63 14.29
C GLY F 94 5.22 -55.54 15.41
N ASP F 95 5.14 -55.04 16.64
CA ASP F 95 4.69 -55.87 17.76
C ASP F 95 3.21 -56.19 17.63
N THR F 96 2.84 -57.39 18.07
CA THR F 96 1.44 -57.80 18.08
C THR F 96 0.87 -57.56 19.47
N ILE F 97 -0.19 -56.75 19.55
CA ILE F 97 -0.81 -56.37 20.81
C ILE F 97 -2.27 -56.80 20.78
N SER F 98 -2.70 -57.48 21.85
CA SER F 98 -4.06 -57.95 21.97
C SER F 98 -4.64 -57.52 23.31
N GLY F 99 -5.94 -57.27 23.32
CA GLY F 99 -6.60 -56.86 24.55
C GLY F 99 -7.99 -56.31 24.25
N LYS F 100 -8.63 -55.85 25.31
CA LYS F 100 -9.96 -55.28 25.19
C LYS F 100 -9.91 -53.94 24.45
N ILE F 101 -11.03 -53.58 23.83
CA ILE F 101 -11.14 -52.38 23.02
C ILE F 101 -12.16 -51.46 23.65
N ARG F 102 -11.78 -50.20 23.87
CA ARG F 102 -12.70 -49.23 24.44
C ARG F 102 -13.41 -48.45 23.34
N PRO F 103 -14.66 -48.04 23.58
CA PRO F 103 -15.37 -47.23 22.59
C PRO F 103 -14.69 -45.88 22.41
N PRO F 104 -14.70 -45.33 21.20
CA PRO F 104 -14.17 -43.98 21.01
C PRO F 104 -15.04 -42.95 21.69
N LYS F 105 -14.41 -41.85 22.12
CA LYS F 105 -15.12 -40.74 22.74
C LYS F 105 -15.54 -39.73 21.67
N GLU F 106 -16.02 -38.58 22.11
CA GLU F 106 -16.39 -37.52 21.18
C GLU F 106 -15.16 -37.01 20.44
N GLY F 107 -15.28 -36.87 19.12
CA GLY F 107 -14.18 -36.45 18.29
C GLY F 107 -13.17 -37.52 17.95
N GLU F 108 -13.39 -38.75 18.41
CA GLU F 108 -12.48 -39.86 18.14
C GLU F 108 -13.10 -40.74 17.07
N ARG F 109 -12.41 -40.86 15.93
CA ARG F 109 -12.85 -41.71 14.84
C ARG F 109 -12.26 -43.10 14.88
N TYR F 110 -11.43 -43.41 15.88
CA TYR F 110 -10.74 -44.68 15.96
C TYR F 110 -10.98 -45.33 17.31
N PHE F 111 -11.20 -46.64 17.30
CA PHE F 111 -11.26 -47.40 18.53
C PHE F 111 -9.87 -47.51 19.14
N ALA F 112 -9.83 -47.70 20.45
CA ALA F 112 -8.58 -47.76 21.19
C ALA F 112 -8.55 -48.96 22.12
N LEU F 113 -7.35 -49.44 22.40
CA LEU F 113 -7.15 -50.55 23.32
C LEU F 113 -7.11 -50.02 24.75
N LEU F 114 -8.12 -50.35 25.55
CA LEU F 114 -8.19 -49.81 26.90
C LEU F 114 -7.08 -50.35 27.78
N LYS F 115 -6.73 -51.63 27.63
CA LYS F 115 -5.68 -52.24 28.43
C LYS F 115 -4.87 -53.19 27.57
N VAL F 116 -3.55 -53.15 27.75
CA VAL F 116 -2.64 -54.05 27.02
C VAL F 116 -2.60 -55.37 27.78
N ASN F 117 -3.15 -56.42 27.16
CA ASN F 117 -3.19 -57.73 27.80
C ASN F 117 -1.96 -58.56 27.47
N GLU F 118 -1.71 -58.81 26.18
CA GLU F 118 -0.59 -59.62 25.75
C GLU F 118 0.14 -58.91 24.60
N VAL F 119 1.46 -59.05 24.59
CA VAL F 119 2.31 -58.49 23.54
C VAL F 119 3.08 -59.64 22.91
N ASN F 120 2.84 -59.87 21.61
CA ASN F 120 3.49 -60.95 20.87
C ASN F 120 3.29 -62.30 21.57
N PHE F 121 2.04 -62.56 21.96
CA PHE F 121 1.69 -63.76 22.72
C PHE F 121 2.52 -63.89 23.99
N ASP F 122 2.75 -62.75 24.65
CA ASP F 122 3.56 -62.72 25.86
C ASP F 122 3.13 -61.52 26.69
N LYS F 123 3.51 -61.55 27.97
CA LYS F 123 3.14 -60.48 28.88
C LYS F 123 3.82 -59.17 28.48
N PRO F 124 3.14 -58.04 28.70
CA PRO F 124 3.78 -56.75 28.39
C PRO F 124 5.06 -56.51 29.17
N GLU F 125 5.13 -56.96 30.41
CA GLU F 125 6.37 -56.82 31.19
C GLU F 125 7.46 -57.72 30.65
N ASN F 126 7.11 -58.96 30.29
CA ASN F 126 8.10 -59.87 29.72
C ASN F 126 8.54 -59.44 28.33
N ALA F 127 7.65 -58.81 27.57
CA ALA F 127 8.00 -58.33 26.24
C ALA F 127 9.08 -57.25 26.30
N ARG F 128 8.99 -56.35 27.29
CA ARG F 128 9.99 -55.30 27.43
C ARG F 128 11.36 -55.85 27.81
N ASN F 129 11.43 -57.07 28.36
CA ASN F 129 12.69 -57.68 28.73
C ASN F 129 13.37 -58.38 27.55
N LYS F 130 12.73 -58.41 26.39
CA LYS F 130 13.31 -59.08 25.23
C LYS F 130 14.53 -58.30 24.72
N ILE F 131 15.53 -59.05 24.27
CA ILE F 131 16.73 -58.46 23.68
C ILE F 131 16.45 -58.08 22.23
N LEU F 132 17.00 -56.96 21.80
CA LEU F 132 16.71 -56.42 20.48
C LEU F 132 17.25 -57.33 19.38
N PHE F 133 16.70 -57.15 18.18
CA PHE F 133 17.05 -58.01 17.05
C PHE F 133 18.51 -57.88 16.66
N GLU F 134 19.03 -56.64 16.61
CA GLU F 134 20.41 -56.43 16.19
C GLU F 134 21.41 -56.79 17.28
N ASN F 135 20.98 -56.91 18.54
CA ASN F 135 21.87 -57.35 19.61
C ASN F 135 22.10 -58.85 19.61
N LEU F 136 21.30 -59.61 18.86
CA LEU F 136 21.49 -61.05 18.78
C LEU F 136 22.75 -61.39 18.01
N THR F 137 23.42 -62.45 18.44
CA THR F 137 24.65 -62.88 17.78
C THR F 137 24.31 -63.68 16.53
N PRO F 138 24.77 -63.25 15.35
CA PRO F 138 24.49 -64.02 14.13
C PRO F 138 25.28 -65.32 14.09
N LEU F 139 24.75 -66.28 13.34
CA LEU F 139 25.39 -67.57 13.18
C LEU F 139 24.99 -68.17 11.84
N HIS F 140 25.79 -69.12 11.38
CA HIS F 140 25.46 -69.84 10.16
C HIS F 140 24.29 -70.78 10.39
N ALA F 141 23.60 -71.12 9.31
CA ALA F 141 22.47 -72.03 9.39
C ALA F 141 22.95 -73.44 9.73
N ASN F 142 22.37 -74.02 10.79
CA ASN F 142 22.77 -75.34 11.25
C ASN F 142 21.58 -76.27 11.33
N SER F 143 20.41 -75.72 11.70
CA SER F 143 19.19 -76.51 11.81
C SER F 143 18.64 -76.76 10.40
N ARG F 144 18.67 -78.01 9.97
CA ARG F 144 18.23 -78.37 8.62
C ARG F 144 16.72 -78.53 8.60
N LEU F 145 16.08 -77.97 7.57
CA LEU F 145 14.66 -78.12 7.36
C LEU F 145 14.40 -79.27 6.40
N ARG F 146 13.55 -80.22 6.81
CA ARG F 146 13.21 -81.37 5.99
C ARG F 146 11.98 -81.03 5.16
N MET F 147 12.17 -80.90 3.85
CA MET F 147 11.09 -80.54 2.94
C MET F 147 10.41 -81.75 2.30
N GLU F 148 10.82 -82.96 2.68
CA GLU F 148 10.21 -84.17 2.12
C GLU F 148 8.90 -84.45 2.84
N ARG F 149 7.80 -84.48 2.09
CA ARG F 149 6.51 -84.79 2.69
C ARG F 149 6.43 -86.24 3.14
N GLY F 150 7.03 -87.14 2.36
CA GLY F 150 7.05 -88.55 2.71
C GLY F 150 5.84 -89.34 2.26
N ASN F 151 4.85 -88.71 1.65
CA ASN F 151 3.66 -89.39 1.19
C ASN F 151 3.80 -89.97 -0.21
N GLY F 152 4.87 -89.65 -0.92
CA GLY F 152 5.06 -90.15 -2.27
C GLY F 152 4.09 -89.56 -3.28
N SER F 153 3.53 -88.39 -3.01
CA SER F 153 2.58 -87.77 -3.92
C SER F 153 3.33 -87.03 -5.05
N THR F 154 2.56 -86.54 -6.02
CA THR F 154 3.16 -85.79 -7.12
C THR F 154 3.81 -84.51 -6.63
N GLU F 155 3.15 -83.79 -5.70
CA GLU F 155 3.74 -82.58 -5.14
C GLU F 155 4.97 -82.87 -4.30
N ASP F 156 5.03 -84.05 -3.67
CA ASP F 156 6.23 -84.43 -2.93
C ASP F 156 7.42 -84.64 -3.88
N LEU F 157 7.16 -85.12 -5.09
CA LEU F 157 8.23 -85.32 -6.06
C LEU F 157 8.90 -83.99 -6.42
N THR F 158 8.09 -82.96 -6.67
CA THR F 158 8.66 -81.65 -7.03
C THR F 158 9.45 -81.05 -5.88
N ALA F 159 8.96 -81.16 -4.65
CA ALA F 159 9.68 -80.61 -3.50
C ALA F 159 10.98 -81.37 -3.23
N ARG F 160 10.98 -82.68 -3.50
CA ARG F 160 12.18 -83.48 -3.26
C ARG F 160 13.31 -83.12 -4.22
N VAL F 161 12.99 -82.75 -5.46
CA VAL F 161 14.02 -82.43 -6.44
C VAL F 161 14.85 -81.24 -5.97
N LEU F 162 14.18 -80.18 -5.51
CA LEU F 162 14.89 -78.99 -5.05
C LEU F 162 15.53 -79.19 -3.69
N ASP F 163 14.96 -80.08 -2.86
CA ASP F 163 15.51 -80.29 -1.52
C ASP F 163 16.93 -80.84 -1.58
N LEU F 164 17.16 -81.82 -2.45
CA LEU F 164 18.51 -82.37 -2.63
C LEU F 164 19.36 -81.56 -3.60
N ALA F 165 18.74 -80.73 -4.45
CA ALA F 165 19.52 -79.86 -5.32
C ALA F 165 20.20 -78.75 -4.53
N SER F 166 19.49 -78.19 -3.55
CA SER F 166 20.04 -77.14 -2.70
C SER F 166 19.30 -77.18 -1.37
N PRO F 167 19.86 -77.84 -0.37
CA PRO F 167 19.19 -77.93 0.93
C PRO F 167 18.99 -76.56 1.56
N ILE F 168 17.89 -76.43 2.29
CA ILE F 168 17.51 -75.17 2.94
C ILE F 168 17.35 -75.43 4.43
N GLY F 169 17.94 -74.53 5.24
CA GLY F 169 17.84 -74.62 6.68
C GLY F 169 17.34 -73.32 7.27
N ARG F 170 17.02 -73.38 8.57
CA ARG F 170 16.51 -72.21 9.25
C ARG F 170 17.59 -71.13 9.35
N GLY F 171 17.18 -69.88 9.13
CA GLY F 171 18.09 -68.76 9.17
C GLY F 171 19.02 -68.66 7.98
N GLN F 172 18.66 -69.26 6.85
CA GLN F 172 19.49 -69.26 5.65
C GLN F 172 18.88 -68.35 4.61
N ARG F 173 19.70 -67.49 4.01
CA ARG F 173 19.24 -66.61 2.95
C ARG F 173 18.91 -67.41 1.70
N GLY F 174 17.76 -67.12 1.10
CA GLY F 174 17.28 -67.88 -0.04
C GLY F 174 17.17 -67.02 -1.29
N LEU F 175 17.48 -67.61 -2.44
CA LEU F 175 17.39 -66.92 -3.72
C LEU F 175 17.00 -67.92 -4.80
N ILE F 176 16.08 -67.50 -5.67
CA ILE F 176 15.59 -68.33 -6.77
C ILE F 176 15.67 -67.51 -8.06
N VAL F 177 16.19 -68.14 -9.12
CA VAL F 177 16.23 -67.53 -10.44
C VAL F 177 15.20 -68.24 -11.31
N ALA F 178 14.24 -67.47 -11.84
CA ALA F 178 13.14 -68.06 -12.60
C ALA F 178 12.84 -67.27 -13.86
N PRO F 179 12.96 -67.88 -15.04
CA PRO F 179 12.54 -67.20 -16.26
C PRO F 179 11.03 -67.09 -16.32
N PRO F 180 10.50 -66.10 -17.03
CA PRO F 180 9.05 -65.93 -17.09
C PRO F 180 8.37 -67.05 -17.86
N LYS F 181 7.08 -67.24 -17.54
CA LYS F 181 6.25 -68.27 -18.18
C LYS F 181 6.86 -69.66 -18.01
N ALA F 182 7.46 -69.91 -16.85
CA ALA F 182 8.05 -71.20 -16.53
C ALA F 182 7.36 -71.87 -15.34
N GLY F 183 6.16 -71.43 -14.99
CA GLY F 183 5.45 -71.96 -13.85
C GLY F 183 6.14 -71.67 -12.53
N LYS F 184 6.61 -70.44 -12.37
CA LYS F 184 7.32 -70.07 -11.14
C LYS F 184 6.36 -69.99 -9.95
N THR F 185 5.11 -69.60 -10.19
CA THR F 185 4.17 -69.43 -9.09
C THR F 185 3.87 -70.75 -8.38
N MET F 186 3.73 -71.84 -9.13
CA MET F 186 3.46 -73.14 -8.52
C MET F 186 4.64 -73.66 -7.71
N LEU F 187 5.84 -73.12 -7.91
CA LEU F 187 6.98 -73.53 -7.11
C LEU F 187 6.88 -72.99 -5.68
N LEU F 188 6.51 -71.73 -5.51
CA LEU F 188 6.37 -71.16 -4.18
C LEU F 188 5.26 -71.84 -3.39
N GLN F 189 4.12 -72.12 -4.02
CA GLN F 189 3.04 -72.82 -3.34
C GLN F 189 3.40 -74.27 -3.03
N ASN F 190 4.28 -74.89 -3.83
CA ASN F 190 4.72 -76.25 -3.54
C ASN F 190 5.51 -76.30 -2.24
N ILE F 191 6.41 -75.34 -2.03
CA ILE F 191 7.20 -75.32 -0.79
C ILE F 191 6.47 -74.67 0.37
N ALA F 192 5.43 -73.88 0.10
CA ALA F 192 4.68 -73.26 1.18
C ALA F 192 3.97 -74.30 2.03
N GLN F 193 3.35 -75.30 1.39
CA GLN F 193 2.67 -76.35 2.15
C GLN F 193 3.66 -77.30 2.80
N SER F 194 4.83 -77.49 2.21
CA SER F 194 5.83 -78.36 2.80
C SER F 194 6.34 -77.82 4.13
N ILE F 195 6.51 -76.51 4.24
CA ILE F 195 6.97 -75.92 5.50
C ILE F 195 5.95 -76.15 6.61
N ALA F 196 4.67 -75.93 6.32
CA ALA F 196 3.64 -76.07 7.34
C ALA F 196 3.47 -77.52 7.77
N TYR F 197 3.42 -78.45 6.80
CA TYR F 197 3.20 -79.85 7.13
C TYR F 197 4.38 -80.45 7.88
N ASN F 198 5.59 -80.24 7.36
CA ASN F 198 6.77 -80.84 7.97
C ASN F 198 7.16 -80.15 9.27
N HIS F 199 7.03 -78.82 9.32
CA HIS F 199 7.43 -78.03 10.49
C HIS F 199 6.28 -77.11 10.88
N PRO F 200 5.23 -77.65 11.50
CA PRO F 200 4.12 -76.80 11.95
C PRO F 200 4.49 -75.81 13.03
N ASP F 201 5.59 -76.05 13.77
CA ASP F 201 5.97 -75.14 14.84
C ASP F 201 6.36 -73.76 14.30
N CYS F 202 7.05 -73.72 13.17
CA CYS F 202 7.51 -72.45 12.61
C CYS F 202 6.33 -71.68 12.01
N VAL F 203 6.38 -70.36 12.13
CA VAL F 203 5.34 -69.50 11.59
C VAL F 203 5.52 -69.38 10.08
N LEU F 204 4.45 -69.62 9.33
CA LEU F 204 4.47 -69.59 7.87
C LEU F 204 3.88 -68.28 7.40
N MET F 205 4.71 -67.44 6.79
CA MET F 205 4.29 -66.17 6.22
C MET F 205 4.73 -66.09 4.77
N VAL F 206 3.81 -65.75 3.88
CA VAL F 206 4.09 -65.63 2.45
C VAL F 206 3.81 -64.20 2.03
N LEU F 207 4.81 -63.55 1.45
CA LEU F 207 4.71 -62.16 1.03
C LEU F 207 4.72 -62.09 -0.50
N LEU F 208 3.71 -61.44 -1.07
CA LEU F 208 3.59 -61.25 -2.50
C LEU F 208 3.71 -59.79 -2.84
N ILE F 209 4.56 -59.46 -3.81
CA ILE F 209 4.83 -58.09 -4.21
C ILE F 209 4.53 -57.95 -5.70
N ASP F 210 3.74 -56.94 -6.05
CA ASP F 210 3.41 -56.62 -7.45
C ASP F 210 2.79 -57.81 -8.16
N GLU F 211 1.93 -58.54 -7.45
CA GLU F 211 1.24 -59.70 -8.00
C GLU F 211 -0.18 -59.32 -8.40
N ARG F 212 -0.70 -60.05 -9.39
CA ARG F 212 -2.06 -59.81 -9.83
C ARG F 212 -3.04 -60.11 -8.70
N PRO F 213 -4.10 -59.30 -8.55
CA PRO F 213 -5.10 -59.59 -7.51
C PRO F 213 -5.77 -60.94 -7.67
N GLU F 214 -5.86 -61.47 -8.89
CA GLU F 214 -6.43 -62.79 -9.09
C GLU F 214 -5.61 -63.86 -8.39
N GLU F 215 -4.28 -63.77 -8.49
CA GLU F 215 -3.40 -64.75 -7.87
C GLU F 215 -3.33 -64.62 -6.35
N VAL F 216 -3.75 -63.47 -5.80
CA VAL F 216 -3.75 -63.31 -4.35
C VAL F 216 -4.75 -64.27 -3.71
N THR F 217 -5.94 -64.40 -4.29
CA THR F 217 -6.94 -65.32 -3.76
C THR F 217 -6.48 -66.76 -3.87
N GLU F 218 -5.80 -67.12 -4.96
CA GLU F 218 -5.30 -68.48 -5.09
C GLU F 218 -4.21 -68.79 -4.06
N MET F 219 -3.36 -67.82 -3.74
CA MET F 219 -2.27 -68.05 -2.82
C MET F 219 -2.76 -68.27 -1.39
N GLN F 220 -3.74 -67.47 -0.95
CA GLN F 220 -4.19 -67.57 0.44
C GLN F 220 -4.91 -68.89 0.70
N ARG F 221 -5.62 -69.42 -0.29
CA ARG F 221 -6.31 -70.70 -0.11
C ARG F 221 -5.34 -71.84 0.12
N LEU F 222 -4.25 -71.87 -0.63
CA LEU F 222 -3.30 -72.97 -0.53
C LEU F 222 -2.44 -72.86 0.74
N VAL F 223 -2.09 -71.64 1.14
CA VAL F 223 -1.18 -71.44 2.26
C VAL F 223 -1.94 -71.60 3.57
N LYS F 224 -1.45 -72.48 4.43
CA LYS F 224 -2.04 -72.67 5.76
C LYS F 224 -1.32 -71.81 6.79
N GLY F 225 -1.39 -70.50 6.56
CA GLY F 225 -0.73 -69.55 7.44
C GLY F 225 -1.06 -68.14 7.04
N GLU F 226 -0.33 -67.20 7.64
CA GLU F 226 -0.53 -65.78 7.34
C GLU F 226 -0.09 -65.48 5.92
N VAL F 227 -0.97 -64.86 5.14
CA VAL F 227 -0.71 -64.51 3.76
C VAL F 227 -0.81 -62.99 3.62
N VAL F 228 0.26 -62.38 3.11
CA VAL F 228 0.31 -60.94 2.89
C VAL F 228 0.70 -60.69 1.44
N ALA F 229 -0.05 -59.83 0.76
CA ALA F 229 0.19 -59.58 -0.66
C ALA F 229 -0.03 -58.12 -0.98
N SER F 230 0.63 -57.68 -2.05
CA SER F 230 0.47 -56.33 -2.59
C SER F 230 0.31 -56.42 -4.10
N THR F 231 -0.67 -55.69 -4.63
CA THR F 231 -1.01 -55.75 -6.04
C THR F 231 -0.56 -54.47 -6.75
N PHE F 232 -0.48 -54.55 -8.08
CA PHE F 232 -0.03 -53.42 -8.87
C PHE F 232 -0.98 -52.25 -8.82
N ASP F 233 -2.28 -52.49 -8.62
CA ASP F 233 -3.22 -51.38 -8.51
C ASP F 233 -2.95 -50.52 -7.29
N GLU F 234 -2.29 -51.06 -6.27
CA GLU F 234 -1.87 -50.27 -5.13
C GLU F 234 -0.74 -49.32 -5.54
N PRO F 235 -0.62 -48.18 -4.85
CA PRO F 235 0.50 -47.28 -5.14
C PRO F 235 1.83 -47.90 -4.75
N ALA F 236 2.90 -47.37 -5.36
CA ALA F 236 4.24 -47.87 -5.07
C ALA F 236 4.61 -47.74 -3.60
N SER F 237 4.06 -46.75 -2.90
CA SER F 237 4.30 -46.64 -1.47
C SER F 237 3.67 -47.80 -0.71
N ARG F 238 2.55 -48.34 -1.21
CA ARG F 238 1.91 -49.48 -0.55
C ARG F 238 2.79 -50.72 -0.62
N HIS F 239 3.51 -50.91 -1.73
CA HIS F 239 4.36 -52.09 -1.87
C HIS F 239 5.47 -52.10 -0.83
N VAL F 240 6.09 -50.96 -0.57
CA VAL F 240 7.15 -50.89 0.44
C VAL F 240 6.58 -50.78 1.85
N GLN F 241 5.39 -50.18 2.01
CA GLN F 241 4.79 -50.11 3.33
C GLN F 241 4.38 -51.48 3.84
N VAL F 242 3.79 -52.31 2.96
CA VAL F 242 3.32 -53.62 3.37
C VAL F 242 4.46 -54.59 3.65
N ALA F 243 5.67 -54.31 3.15
CA ALA F 243 6.81 -55.17 3.37
C ALA F 243 7.65 -54.75 4.57
N GLU F 244 7.72 -53.45 4.87
CA GLU F 244 8.50 -52.99 6.01
C GLU F 244 7.91 -53.42 7.34
N MET F 245 6.61 -53.73 7.38
CA MET F 245 5.97 -54.20 8.60
C MET F 245 6.02 -55.70 8.76
N VAL F 246 6.12 -56.46 7.66
CA VAL F 246 6.26 -57.90 7.76
C VAL F 246 7.59 -58.26 8.42
N ILE F 247 8.67 -57.61 8.00
CA ILE F 247 9.99 -57.90 8.57
C ILE F 247 10.04 -57.45 10.03
N GLU F 248 9.45 -56.30 10.34
CA GLU F 248 9.45 -55.82 11.72
C GLU F 248 8.70 -56.79 12.63
N LYS F 249 7.55 -57.29 12.19
CA LYS F 249 6.83 -58.30 12.95
C LYS F 249 7.66 -59.57 13.07
N ALA F 250 8.32 -59.98 11.97
CA ALA F 250 9.20 -61.14 12.03
C ALA F 250 10.39 -60.89 12.95
N LYS F 251 10.94 -59.67 12.93
CA LYS F 251 12.06 -59.35 13.80
C LYS F 251 11.67 -59.47 15.27
N ARG F 252 10.49 -58.99 15.63
CA ARG F 252 10.04 -59.07 17.02
C ARG F 252 9.83 -60.51 17.46
N LEU F 253 9.27 -61.35 16.58
CA LEU F 253 9.11 -62.76 16.91
C LEU F 253 10.45 -63.46 17.08
N VAL F 254 11.46 -63.04 16.32
CA VAL F 254 12.81 -63.59 16.51
C VAL F 254 13.33 -63.23 17.90
N GLU F 255 13.12 -61.98 18.33
CA GLU F 255 13.49 -61.60 19.69
C GLU F 255 12.73 -62.40 20.72
N HIS F 256 11.55 -62.91 20.37
CA HIS F 256 10.78 -63.80 21.23
C HIS F 256 11.22 -65.26 21.10
N LYS F 257 12.36 -65.50 20.45
CA LYS F 257 12.94 -66.84 20.31
C LYS F 257 11.97 -67.80 19.63
N LYS F 258 11.39 -67.33 18.52
CA LYS F 258 10.46 -68.12 17.71
C LYS F 258 10.97 -68.22 16.28
N ASP F 259 10.93 -69.42 15.73
CA ASP F 259 11.35 -69.62 14.34
C ASP F 259 10.30 -69.05 13.39
N VAL F 260 10.75 -68.25 12.42
CA VAL F 260 9.88 -67.66 11.42
C VAL F 260 10.51 -67.83 10.05
N ILE F 261 9.70 -68.22 9.07
CA ILE F 261 10.10 -68.31 7.67
C ILE F 261 9.17 -67.44 6.85
N ILE F 262 9.75 -66.56 6.04
CA ILE F 262 8.99 -65.64 5.21
C ILE F 262 9.31 -65.93 3.74
N LEU F 263 8.25 -66.09 2.94
CA LEU F 263 8.39 -66.30 1.51
C LEU F 263 8.10 -64.99 0.78
N LEU F 264 9.05 -64.55 -0.04
CA LEU F 264 8.97 -63.27 -0.72
C LEU F 264 8.94 -63.49 -2.23
N ASP F 265 8.06 -62.76 -2.91
CA ASP F 265 7.94 -62.83 -4.37
C ASP F 265 7.32 -61.53 -4.85
N SER F 266 8.09 -60.73 -5.56
CA SER F 266 9.48 -61.02 -5.91
C SER F 266 10.39 -59.85 -5.54
N ILE F 267 11.67 -60.15 -5.34
CA ILE F 267 12.62 -59.11 -4.95
C ILE F 267 12.83 -58.10 -6.07
N THR F 268 12.83 -58.56 -7.33
CA THR F 268 13.07 -57.66 -8.44
C THR F 268 11.97 -56.60 -8.55
N ARG F 269 10.71 -57.02 -8.43
CA ARG F 269 9.61 -56.05 -8.44
C ARG F 269 9.56 -55.22 -7.17
N LEU F 270 10.07 -55.75 -6.06
CA LEU F 270 10.08 -54.98 -4.81
C LEU F 270 11.11 -53.86 -4.86
N ALA F 271 12.28 -54.12 -5.46
CA ALA F 271 13.33 -53.12 -5.52
C ALA F 271 12.91 -51.91 -6.36
N ARG F 272 12.22 -52.14 -7.48
CA ARG F 272 11.78 -51.03 -8.32
C ARG F 272 10.81 -50.12 -7.58
N ALA F 273 9.91 -50.69 -6.78
CA ALA F 273 8.99 -49.87 -5.99
C ALA F 273 9.76 -49.02 -4.98
N TYR F 274 10.80 -49.57 -4.36
CA TYR F 274 11.60 -48.80 -3.42
C TYR F 274 12.29 -47.62 -4.10
N ASN F 275 12.83 -47.83 -5.30
CA ASN F 275 13.51 -46.75 -6.01
C ASN F 275 12.57 -45.60 -6.31
N THR F 276 11.35 -45.91 -6.76
CA THR F 276 10.37 -44.87 -7.06
C THR F 276 9.97 -44.10 -5.80
N VAL F 277 9.81 -44.79 -4.68
CA VAL F 277 9.36 -44.14 -3.46
C VAL F 277 10.41 -43.16 -2.95
N VAL F 278 11.67 -43.59 -2.90
CA VAL F 278 12.73 -42.72 -2.38
C VAL F 278 13.04 -41.64 -3.40
N PRO F 279 13.20 -40.38 -2.99
CA PRO F 279 13.65 -39.35 -3.93
C PRO F 279 15.06 -39.62 -4.41
N ALA F 280 15.34 -39.18 -5.64
CA ALA F 280 16.66 -39.36 -6.23
C ALA F 280 17.69 -38.56 -5.47
N SER F 281 18.84 -39.18 -5.18
CA SER F 281 19.92 -38.53 -4.46
C SER F 281 20.98 -37.95 -5.40
N GLY F 282 20.77 -38.01 -6.71
CA GLY F 282 21.71 -37.50 -7.68
C GLY F 282 22.62 -38.55 -8.29
N LYS F 283 22.66 -39.76 -7.72
CA LYS F 283 23.48 -40.85 -8.24
C LYS F 283 22.56 -41.86 -8.93
N VAL F 284 22.70 -41.98 -10.24
CA VAL F 284 21.89 -42.89 -11.05
C VAL F 284 22.83 -43.84 -11.77
N LEU F 285 22.58 -45.14 -11.61
CA LEU F 285 23.38 -46.17 -12.27
C LEU F 285 22.74 -46.51 -13.63
N THR F 286 23.23 -47.57 -14.27
CA THR F 286 22.68 -47.99 -15.55
C THR F 286 21.26 -48.53 -15.39
N GLY F 287 20.45 -48.33 -16.42
CA GLY F 287 19.08 -48.82 -16.39
C GLY F 287 18.15 -48.06 -15.49
N GLY F 288 18.46 -46.81 -15.16
CA GLY F 288 17.62 -46.02 -14.29
C GLY F 288 17.55 -46.53 -12.87
N VAL F 289 18.67 -46.94 -12.30
CA VAL F 289 18.74 -47.48 -10.95
C VAL F 289 19.60 -46.56 -10.10
N ASP F 290 19.13 -46.26 -8.89
CA ASP F 290 19.89 -45.45 -7.95
C ASP F 290 20.61 -46.36 -6.97
N ALA F 291 21.91 -46.12 -6.78
CA ALA F 291 22.70 -46.95 -5.88
C ALA F 291 22.20 -46.86 -4.44
N ASN F 292 21.86 -45.65 -3.97
CA ASN F 292 21.32 -45.50 -2.63
C ASN F 292 19.94 -46.15 -2.49
N ALA F 293 19.18 -46.25 -3.57
CA ALA F 293 17.88 -46.92 -3.51
C ALA F 293 18.02 -48.41 -3.28
N LEU F 294 19.15 -49.00 -3.64
CA LEU F 294 19.39 -50.42 -3.41
C LEU F 294 19.82 -50.72 -1.98
N HIS F 295 20.09 -49.69 -1.17
CA HIS F 295 20.47 -49.91 0.22
C HIS F 295 19.33 -50.55 1.01
N ARG F 296 18.11 -50.09 0.80
CA ARG F 296 16.97 -50.65 1.53
C ARG F 296 16.75 -52.13 1.24
N PRO F 297 16.73 -52.60 -0.01
CA PRO F 297 16.64 -54.05 -0.24
C PRO F 297 17.80 -54.84 0.36
N LYS F 298 19.00 -54.25 0.42
CA LYS F 298 20.14 -54.95 0.99
C LYS F 298 19.91 -55.29 2.45
N ARG F 299 19.37 -54.35 3.23
CA ARG F 299 19.07 -54.64 4.63
C ARG F 299 17.88 -55.58 4.77
N PHE F 300 16.93 -55.50 3.85
CA PHE F 300 15.78 -56.40 3.91
C PHE F 300 16.15 -57.82 3.52
N PHE F 301 16.95 -57.97 2.46
CA PHE F 301 17.35 -59.30 2.03
C PHE F 301 18.39 -59.91 2.97
N GLY F 302 19.27 -59.09 3.54
CA GLY F 302 20.28 -59.58 4.45
C GLY F 302 19.84 -59.78 5.88
N ALA F 303 18.56 -59.54 6.18
CA ALA F 303 18.06 -59.69 7.53
C ALA F 303 17.99 -61.15 7.98
N ALA F 304 17.95 -62.10 7.05
CA ALA F 304 17.86 -63.50 7.41
C ALA F 304 19.15 -63.95 8.09
N ARG F 305 19.01 -64.61 9.23
CA ARG F 305 20.17 -65.06 9.99
C ARG F 305 19.71 -66.15 10.96
N ASN F 306 20.69 -66.91 11.45
CA ASN F 306 20.47 -67.92 12.48
C ASN F 306 20.87 -67.34 13.83
N VAL F 307 19.89 -67.18 14.71
CA VAL F 307 20.11 -66.53 16.00
C VAL F 307 20.53 -67.58 17.02
N GLU F 308 21.69 -67.36 17.65
CA GLU F 308 22.17 -68.27 18.67
C GLU F 308 21.31 -68.23 19.93
N GLU F 309 20.80 -67.05 20.28
CA GLU F 309 19.99 -66.92 21.49
C GLU F 309 18.71 -67.73 21.39
N GLY F 310 18.06 -67.72 20.23
CA GLY F 310 16.83 -68.47 20.04
C GLY F 310 16.01 -67.95 18.88
N GLY F 311 15.33 -68.85 18.17
CA GLY F 311 14.57 -68.48 17.00
C GLY F 311 15.42 -68.41 15.76
N SER F 312 14.73 -68.29 14.62
CA SER F 312 15.42 -68.22 13.33
C SER F 312 14.57 -67.42 12.36
N LEU F 313 15.24 -66.63 11.53
CA LEU F 313 14.59 -65.82 10.49
C LEU F 313 15.10 -66.32 9.14
N THR F 314 14.23 -66.97 8.37
CA THR F 314 14.58 -67.53 7.08
C THR F 314 13.80 -66.79 5.99
N ILE F 315 14.53 -66.30 4.98
CA ILE F 315 13.91 -65.62 3.85
C ILE F 315 14.24 -66.38 2.58
N ILE F 316 13.36 -66.24 1.59
CA ILE F 316 13.56 -66.85 0.28
C ILE F 316 13.02 -65.90 -0.77
N ALA F 317 13.83 -65.61 -1.78
CA ALA F 317 13.49 -64.63 -2.80
C ALA F 317 13.47 -65.27 -4.19
N THR F 318 12.64 -64.72 -5.07
CA THR F 318 12.55 -65.15 -6.45
C THR F 318 12.96 -64.00 -7.35
N ALA F 319 13.86 -64.28 -8.29
CA ALA F 319 14.38 -63.28 -9.21
C ALA F 319 13.84 -63.55 -10.61
N LEU F 320 13.31 -62.51 -11.25
CA LEU F 320 12.76 -62.60 -12.60
C LEU F 320 13.82 -62.13 -13.59
N ILE F 321 14.41 -63.08 -14.31
CA ILE F 321 15.44 -62.77 -15.30
C ILE F 321 14.86 -63.00 -16.68
N ASP F 322 15.59 -62.54 -17.70
CA ASP F 322 15.21 -62.69 -19.10
C ASP F 322 13.83 -62.08 -19.38
N THR F 323 13.50 -60.99 -18.67
CA THR F 323 12.22 -60.32 -18.84
C THR F 323 12.25 -59.25 -19.92
N GLY F 324 13.41 -58.97 -20.50
CA GLY F 324 13.53 -57.95 -21.52
C GLY F 324 13.63 -56.53 -21.00
N SER F 325 13.61 -56.33 -19.69
CA SER F 325 13.70 -55.00 -19.10
C SER F 325 15.09 -54.81 -18.50
N LYS F 326 15.73 -53.69 -18.83
CA LYS F 326 17.06 -53.40 -18.31
C LYS F 326 17.03 -53.09 -16.82
N MET F 327 15.89 -52.67 -16.29
CA MET F 327 15.79 -52.41 -14.85
C MET F 327 15.97 -53.69 -14.05
N ASP F 328 15.38 -54.80 -14.52
CA ASP F 328 15.47 -56.07 -13.80
C ASP F 328 16.88 -56.65 -13.84
N GLU F 329 17.61 -56.43 -14.93
CA GLU F 329 18.95 -56.99 -15.05
C GLU F 329 19.92 -56.40 -14.03
N VAL F 330 19.83 -55.09 -13.78
CA VAL F 330 20.77 -54.45 -12.87
C VAL F 330 20.59 -54.97 -11.45
N ILE F 331 19.34 -55.03 -10.98
CA ILE F 331 19.09 -55.49 -9.61
C ILE F 331 19.42 -56.97 -9.46
N TYR F 332 19.22 -57.76 -10.51
CA TYR F 332 19.48 -59.19 -10.43
C TYR F 332 20.95 -59.48 -10.14
N GLU F 333 21.86 -58.77 -10.81
CA GLU F 333 23.28 -58.99 -10.62
C GLU F 333 23.78 -58.49 -9.27
N GLU F 334 23.13 -57.49 -8.68
CA GLU F 334 23.59 -56.94 -7.41
C GLU F 334 23.44 -57.96 -6.29
N PHE F 335 22.35 -58.72 -6.29
CA PHE F 335 22.03 -59.63 -5.19
C PHE F 335 22.40 -61.08 -5.51
N LYS F 336 23.20 -61.30 -6.55
CA LYS F 336 23.63 -62.67 -6.87
C LYS F 336 24.52 -63.24 -5.77
N GLY F 337 25.46 -62.45 -5.27
CA GLY F 337 26.38 -62.87 -4.24
C GLY F 337 25.92 -62.64 -2.82
N THR F 338 24.68 -62.19 -2.61
CA THR F 338 24.18 -61.92 -1.27
C THR F 338 23.49 -63.12 -0.64
N GLY F 339 22.67 -63.83 -1.40
CA GLY F 339 21.97 -64.99 -0.86
C GLY F 339 22.91 -66.13 -0.55
N ASN F 340 22.62 -66.83 0.55
CA ASN F 340 23.44 -67.97 0.94
C ASN F 340 23.30 -69.12 -0.05
N MET F 341 22.09 -69.38 -0.53
CA MET F 341 21.83 -70.42 -1.51
C MET F 341 21.12 -69.83 -2.71
N GLU F 342 21.40 -70.39 -3.88
CA GLU F 342 20.83 -69.93 -5.14
C GLU F 342 20.17 -71.09 -5.86
N LEU F 343 18.93 -70.88 -6.30
CA LEU F 343 18.19 -71.87 -7.08
C LEU F 343 17.94 -71.29 -8.47
N HIS F 344 18.19 -72.10 -9.50
CA HIS F 344 18.07 -71.67 -10.89
C HIS F 344 17.09 -72.57 -11.61
N LEU F 345 16.15 -71.96 -12.32
CA LEU F 345 15.16 -72.68 -13.12
C LEU F 345 15.50 -72.56 -14.60
N SER F 346 15.11 -73.59 -15.36
CA SER F 346 15.39 -73.65 -16.79
C SER F 346 14.09 -73.52 -17.57
N ARG F 347 14.06 -72.57 -18.51
CA ARG F 347 12.88 -72.39 -19.35
C ARG F 347 12.69 -73.56 -20.30
N LYS F 348 13.79 -74.11 -20.83
CA LYS F 348 13.69 -75.21 -21.79
C LYS F 348 13.02 -76.43 -21.19
N ILE F 349 13.32 -76.75 -19.92
CA ILE F 349 12.65 -77.86 -19.26
C ILE F 349 11.15 -77.59 -19.16
N ALA F 350 10.77 -76.36 -18.81
CA ALA F 350 9.35 -76.00 -18.76
C ALA F 350 8.72 -76.01 -20.15
N GLU F 351 9.47 -75.58 -21.18
CA GLU F 351 8.94 -75.53 -22.52
C GLU F 351 8.60 -76.92 -23.07
N LYS F 352 9.25 -77.96 -22.58
CA LYS F 352 9.00 -79.32 -23.04
C LYS F 352 8.00 -80.07 -22.16
N ARG F 353 7.17 -79.33 -21.40
CA ARG F 353 6.15 -79.92 -20.53
C ARG F 353 6.77 -80.89 -19.53
N VAL F 354 7.95 -80.54 -19.02
CA VAL F 354 8.65 -81.33 -18.02
C VAL F 354 8.69 -80.52 -16.73
N PHE F 355 8.16 -81.09 -15.66
CA PHE F 355 8.11 -80.43 -14.37
C PHE F 355 8.65 -81.35 -13.29
N PRO F 356 9.36 -80.81 -12.29
CA PRO F 356 9.73 -79.40 -12.11
C PRO F 356 10.92 -79.01 -12.99
N ALA F 357 11.13 -77.72 -13.24
CA ALA F 357 12.18 -77.24 -14.13
C ALA F 357 13.27 -76.58 -13.28
N ILE F 358 14.27 -77.37 -12.91
CA ILE F 358 15.42 -76.89 -12.15
C ILE F 358 16.69 -77.33 -12.86
N ASP F 359 17.61 -76.39 -13.09
CA ASP F 359 18.92 -76.70 -13.65
C ASP F 359 19.84 -77.11 -12.49
N TYR F 360 20.13 -78.41 -12.39
CA TYR F 360 20.94 -78.91 -11.29
C TYR F 360 22.38 -78.40 -11.36
N ASN F 361 22.91 -78.23 -12.56
CA ASN F 361 24.30 -77.79 -12.71
C ASN F 361 24.52 -76.39 -12.15
N ARG F 362 23.57 -75.49 -12.37
CA ARG F 362 23.69 -74.11 -11.92
C ARG F 362 23.09 -73.87 -10.55
N SER F 363 22.57 -74.91 -9.89
CA SER F 363 21.96 -74.79 -8.58
C SER F 363 22.90 -75.32 -7.51
N GLY F 364 23.10 -74.54 -6.45
CA GLY F 364 23.99 -74.94 -5.39
C GLY F 364 23.70 -74.16 -4.13
N THR F 365 24.50 -74.44 -3.09
CA THR F 365 24.34 -73.78 -1.81
C THR F 365 25.67 -73.75 -1.09
N ARG F 366 25.75 -72.91 -0.05
CA ARG F 366 26.95 -72.73 0.73
C ARG F 366 26.72 -73.19 2.17
N LYS F 367 27.78 -73.66 2.80
CA LYS F 367 27.74 -74.14 4.19
C LYS F 367 26.71 -75.25 4.36
N GLU F 368 26.60 -76.12 3.36
CA GLU F 368 25.65 -77.23 3.41
C GLU F 368 26.08 -78.33 4.38
N GLU F 369 27.36 -78.37 4.77
CA GLU F 369 27.81 -79.35 5.73
C GLU F 369 27.21 -79.13 7.12
N LEU F 370 26.88 -77.89 7.46
CA LEU F 370 26.22 -77.63 8.74
C LEU F 370 24.80 -78.16 8.75
N LEU F 371 24.10 -78.06 7.61
CA LEU F 371 22.72 -78.54 7.54
C LEU F 371 22.67 -80.04 7.25
N THR F 372 23.27 -80.46 6.14
CA THR F 372 23.27 -81.87 5.77
C THR F 372 24.18 -82.67 6.68
N THR F 373 23.83 -83.94 6.88
CA THR F 373 24.62 -84.83 7.71
C THR F 373 25.83 -85.33 6.92
N GLN F 374 26.66 -86.13 7.58
CA GLN F 374 27.86 -86.66 6.93
C GLN F 374 27.50 -87.60 5.78
N GLU F 375 26.51 -88.47 5.98
CA GLU F 375 26.11 -89.40 4.93
C GLU F 375 25.31 -88.73 3.83
N GLU F 376 24.59 -87.65 4.14
CA GLU F 376 23.81 -86.96 3.11
C GLU F 376 24.70 -86.15 2.18
N LEU F 377 25.74 -85.50 2.71
CA LEU F 377 26.61 -84.69 1.88
C LEU F 377 27.39 -85.54 0.88
N GLN F 378 27.91 -86.69 1.31
CA GLN F 378 28.68 -87.53 0.40
C GLN F 378 27.82 -88.14 -0.68
N LYS F 379 26.55 -88.47 -0.36
CA LYS F 379 25.66 -89.01 -1.37
C LYS F 379 25.35 -87.98 -2.46
N MET F 380 25.38 -86.69 -2.11
CA MET F 380 25.10 -85.66 -3.09
C MET F 380 26.18 -85.58 -4.16
N TRP F 381 27.44 -85.86 -3.79
CA TRP F 381 28.51 -85.83 -4.76
C TRP F 381 28.36 -86.94 -5.80
N ILE F 382 27.78 -88.08 -5.41
CA ILE F 382 27.58 -89.17 -6.36
C ILE F 382 26.62 -88.76 -7.46
N LEU F 383 25.53 -88.07 -7.10
CA LEU F 383 24.61 -87.57 -8.11
C LEU F 383 25.25 -86.48 -8.96
N ARG F 384 26.18 -85.71 -8.38
CA ARG F 384 26.84 -84.65 -9.13
C ARG F 384 27.68 -85.21 -10.27
N LYS F 385 28.33 -86.36 -10.06
CA LYS F 385 29.15 -86.98 -11.09
C LYS F 385 28.33 -87.49 -12.28
N ILE F 386 27.01 -87.62 -12.13
CA ILE F 386 26.16 -88.08 -13.21
C ILE F 386 25.41 -86.93 -13.88
N ILE F 387 25.01 -85.90 -13.14
CA ILE F 387 24.32 -84.77 -13.75
C ILE F 387 25.29 -83.95 -14.60
N HIS F 388 26.52 -83.79 -14.14
CA HIS F 388 27.47 -82.92 -14.84
C HIS F 388 27.73 -83.32 -16.28
N PRO F 389 27.96 -84.59 -16.64
CA PRO F 389 28.11 -84.93 -18.06
C PRO F 389 26.89 -84.59 -18.90
N MET F 390 25.69 -84.69 -18.32
CA MET F 390 24.47 -84.32 -19.03
C MET F 390 24.28 -82.81 -18.98
N GLY F 391 23.30 -82.34 -19.76
CA GLY F 391 23.03 -80.91 -19.82
C GLY F 391 21.99 -80.46 -18.81
N GLU F 392 20.88 -79.91 -19.30
CA GLU F 392 19.80 -79.44 -18.43
C GLU F 392 18.52 -80.22 -18.65
N ILE F 393 18.03 -80.32 -19.88
CA ILE F 393 16.81 -81.06 -20.15
C ILE F 393 17.00 -82.54 -19.87
N ASP F 394 18.11 -83.11 -20.33
CA ASP F 394 18.39 -84.52 -20.08
C ASP F 394 18.67 -84.78 -18.61
N ALA F 395 19.32 -83.85 -17.92
CA ALA F 395 19.60 -84.01 -16.49
C ALA F 395 18.31 -84.10 -15.69
N MET F 396 17.34 -83.24 -16.00
CA MET F 396 16.04 -83.33 -15.32
C MET F 396 15.31 -84.61 -15.69
N GLU F 397 15.37 -85.00 -16.97
CA GLU F 397 14.75 -86.26 -17.39
C GLU F 397 15.40 -87.46 -16.72
N PHE F 398 16.70 -87.38 -16.44
CA PHE F 398 17.37 -88.47 -15.74
C PHE F 398 16.96 -88.56 -14.28
N LEU F 399 16.46 -87.46 -13.71
CA LEU F 399 16.14 -87.41 -12.29
C LEU F 399 14.69 -87.75 -11.99
N ILE F 400 13.75 -87.40 -12.87
CA ILE F 400 12.34 -87.60 -12.55
C ILE F 400 11.97 -89.08 -12.55
N ASN F 401 12.63 -89.91 -13.37
CA ASN F 401 12.28 -91.32 -13.43
C ASN F 401 12.79 -92.07 -12.21
N LYS F 402 14.01 -91.75 -11.74
CA LYS F 402 14.56 -92.44 -10.58
C LYS F 402 13.78 -92.12 -9.31
N LEU F 403 13.35 -90.86 -9.15
CA LEU F 403 12.57 -90.48 -7.97
C LEU F 403 11.14 -90.99 -8.02
N ALA F 404 10.64 -91.36 -9.20
CA ALA F 404 9.29 -91.89 -9.30
C ALA F 404 9.20 -93.31 -8.76
N CYS F 405 10.19 -94.16 -9.09
CA CYS F 405 10.18 -95.54 -8.61
C CYS F 405 10.36 -95.60 -7.10
N THR F 406 11.26 -94.78 -6.55
CA THR F 406 11.56 -94.80 -5.13
C THR F 406 10.61 -93.85 -4.39
N LYS F 407 9.88 -94.39 -3.41
CA LYS F 407 8.95 -93.57 -2.64
C LYS F 407 9.67 -92.53 -1.80
N THR F 408 10.78 -92.91 -1.18
CA THR F 408 11.53 -92.03 -0.29
C THR F 408 12.87 -91.66 -0.89
N ASN F 409 13.43 -90.55 -0.40
CA ASN F 409 14.74 -90.11 -0.86
C ASN F 409 15.83 -91.08 -0.44
N ASP F 410 15.68 -91.71 0.73
CA ASP F 410 16.65 -92.71 1.17
C ASP F 410 16.69 -93.90 0.21
N ASP F 411 15.52 -94.34 -0.26
CA ASP F 411 15.47 -95.38 -1.27
C ASP F 411 16.10 -94.92 -2.58
N PHE F 412 15.91 -93.66 -2.94
CA PHE F 412 16.54 -93.12 -4.15
C PHE F 412 18.05 -93.15 -4.04
N PHE F 413 18.59 -92.78 -2.87
CA PHE F 413 20.04 -92.77 -2.69
C PHE F 413 20.64 -94.16 -2.85
N GLU F 414 19.99 -95.17 -2.27
CA GLU F 414 20.50 -96.53 -2.37
C GLU F 414 20.26 -97.15 -3.74
N MET F 415 19.23 -96.70 -4.47
CA MET F 415 18.96 -97.24 -5.80
C MET F 415 20.09 -96.89 -6.77
N MET F 416 20.54 -95.64 -6.76
CA MET F 416 21.62 -95.22 -7.64
C MET F 416 23.00 -95.59 -7.12
N LYS F 417 23.12 -95.91 -5.82
CA LYS F 417 24.43 -96.26 -5.27
C LYS F 417 24.95 -97.56 -5.85
N ARG F 418 24.07 -98.54 -6.04
CA ARG F 418 24.47 -99.83 -6.60
C ARG F 418 23.82 -100.06 -7.96
N MET G 1 9.32 -31.58 52.53
CA MET G 1 8.09 -32.36 52.39
C MET G 1 7.18 -31.74 51.34
N ASN G 2 7.12 -30.42 51.30
CA ASN G 2 6.32 -29.68 50.34
C ASN G 2 7.21 -28.76 49.51
N LEU G 3 6.89 -28.65 48.23
CA LEU G 3 7.68 -27.80 47.34
C LEU G 3 7.63 -26.34 47.75
N THR G 4 6.44 -25.85 48.13
CA THR G 4 6.31 -24.46 48.55
C THR G 4 7.12 -24.18 49.81
N GLU G 5 7.33 -25.18 50.67
CA GLU G 5 8.23 -24.99 51.81
C GLU G 5 9.65 -24.71 51.34
N LEU G 6 10.10 -25.45 50.33
CA LEU G 6 11.45 -25.24 49.79
C LEU G 6 11.59 -23.86 49.18
N LYS G 7 10.56 -23.40 48.46
CA LYS G 7 10.63 -22.08 47.83
C LYS G 7 10.72 -20.96 48.84
N ASN G 8 9.98 -21.07 49.96
CA ASN G 8 9.97 -20.04 51.00
C ASN G 8 10.61 -20.63 52.24
N THR G 9 11.93 -20.50 52.33
CA THR G 9 12.71 -21.00 53.47
C THR G 9 14.08 -20.34 53.47
N PRO G 10 14.56 -19.87 54.63
CA PRO G 10 15.92 -19.33 54.68
C PRO G 10 16.95 -20.36 54.26
N VAL G 11 17.98 -19.88 53.55
CA VAL G 11 18.94 -20.77 52.91
C VAL G 11 19.72 -21.62 53.91
N SER G 12 19.84 -21.17 55.17
CA SER G 12 20.59 -21.94 56.16
C SER G 12 19.95 -23.30 56.41
N GLU G 13 18.62 -23.39 56.35
CA GLU G 13 17.94 -24.67 56.55
C GLU G 13 18.16 -25.63 55.40
N LEU G 14 18.19 -25.12 54.16
CA LEU G 14 18.46 -25.98 53.01
C LEU G 14 19.87 -26.54 53.06
N ILE G 15 20.83 -25.76 53.55
CA ILE G 15 22.20 -26.26 53.70
C ILE G 15 22.23 -27.42 54.70
N THR G 16 21.54 -27.27 55.84
CA THR G 16 21.45 -28.36 56.79
C THR G 16 20.69 -29.54 56.21
N LEU G 17 19.59 -29.28 55.51
CA LEU G 17 18.79 -30.36 54.93
C LEU G 17 19.57 -31.11 53.85
N GLY G 18 20.30 -30.37 53.01
CA GLY G 18 21.06 -31.02 51.96
C GLY G 18 22.14 -31.94 52.50
N GLU G 19 22.86 -31.49 53.53
CA GLU G 19 23.90 -32.30 54.13
C GLU G 19 23.35 -33.48 54.93
N ASN G 20 22.05 -33.50 55.22
CA ASN G 20 21.47 -34.64 55.94
C ASN G 20 21.60 -35.92 55.14
N MET G 21 21.37 -35.86 53.84
CA MET G 21 21.49 -37.04 52.97
C MET G 21 22.77 -37.02 52.15
N GLY G 22 23.68 -36.09 52.42
CA GLY G 22 24.98 -36.08 51.78
C GLY G 22 25.15 -35.15 50.60
N LEU G 23 24.19 -34.27 50.33
CA LEU G 23 24.34 -33.31 49.24
C LEU G 23 25.39 -32.27 49.61
N GLU G 24 26.30 -32.01 48.69
CA GLU G 24 27.44 -31.14 48.93
C GLU G 24 27.41 -29.93 48.00
N ASN G 25 28.39 -29.04 48.20
CA ASN G 25 28.53 -27.83 47.41
C ASN G 25 27.29 -26.94 47.48
N LEU G 26 26.57 -27.01 48.58
CA LEU G 26 25.32 -26.27 48.72
C LEU G 26 25.53 -24.76 48.82
N ALA G 27 26.61 -24.34 49.49
CA ALA G 27 26.84 -22.91 49.67
C ALA G 27 27.28 -22.22 48.39
N ARG G 28 27.96 -22.95 47.49
CA ARG G 28 28.48 -22.32 46.28
C ARG G 28 27.35 -21.97 45.31
N MET G 29 26.43 -22.89 45.08
CA MET G 29 25.40 -22.67 44.07
C MET G 29 24.32 -21.74 44.61
N ARG G 30 23.41 -21.35 43.71
CA ARG G 30 22.37 -20.40 44.03
C ARG G 30 21.25 -21.07 44.84
N LYS G 31 20.27 -20.26 45.25
CA LYS G 31 19.18 -20.78 46.07
C LYS G 31 18.32 -21.76 45.31
N GLN G 32 18.06 -21.51 44.02
CA GLN G 32 17.24 -22.40 43.23
C GLN G 32 17.93 -23.71 42.88
N ASP G 33 19.27 -23.72 42.89
CA ASP G 33 20.00 -24.94 42.56
C ASP G 33 19.89 -25.99 43.66
N ILE G 34 20.04 -25.58 44.92
CA ILE G 34 19.89 -26.53 46.02
C ILE G 34 18.43 -26.99 46.12
N ILE G 35 17.48 -26.11 45.81
CA ILE G 35 16.08 -26.52 45.77
C ILE G 35 15.88 -27.61 44.72
N PHE G 36 16.49 -27.43 43.55
CA PHE G 36 16.48 -28.50 42.55
C PHE G 36 17.24 -29.72 43.04
N ALA G 37 18.35 -29.51 43.76
CA ALA G 37 19.14 -30.64 44.26
C ALA G 37 18.38 -31.39 45.33
N ILE G 38 17.79 -30.68 46.29
CA ILE G 38 17.05 -31.34 47.37
C ILE G 38 15.83 -32.07 46.81
N LEU G 39 15.12 -31.43 45.87
CA LEU G 39 13.98 -32.09 45.26
C LEU G 39 14.40 -33.35 44.50
N LYS G 40 15.51 -33.27 43.77
CA LYS G 40 16.05 -34.46 43.12
C LYS G 40 16.60 -35.46 44.12
N GLN G 41 17.02 -35.01 45.30
CA GLN G 41 17.47 -35.93 46.34
C GLN G 41 16.35 -36.86 46.77
N HIS G 42 15.15 -36.33 46.97
CA HIS G 42 14.00 -37.15 47.28
C HIS G 42 13.49 -37.93 46.08
N ALA G 43 13.77 -37.47 44.87
CA ALA G 43 13.35 -38.19 43.68
C ALA G 43 14.04 -39.54 43.57
N LYS G 44 15.35 -39.59 43.85
CA LYS G 44 16.08 -40.85 43.79
C LYS G 44 15.72 -41.75 44.96
N SER G 45 15.63 -41.19 46.16
CA SER G 45 15.31 -41.96 47.36
C SER G 45 13.85 -42.40 47.42
N GLY G 46 12.99 -41.83 46.58
CA GLY G 46 11.59 -42.17 46.60
C GLY G 46 10.80 -41.53 47.72
N GLU G 47 11.36 -40.53 48.39
CA GLU G 47 10.65 -39.85 49.46
C GLU G 47 9.46 -39.09 48.90
N ASP G 48 8.33 -39.18 49.61
CA ASP G 48 7.12 -38.50 49.18
C ASP G 48 7.30 -36.98 49.25
N ILE G 49 6.80 -36.29 48.23
CA ILE G 49 6.89 -34.84 48.15
C ILE G 49 5.53 -34.29 47.72
N PHE G 50 5.33 -33.01 47.99
CA PHE G 50 4.07 -32.34 47.67
C PHE G 50 4.35 -30.96 47.11
N GLY G 51 3.36 -30.40 46.42
CA GLY G 51 3.48 -29.09 45.83
C GLY G 51 2.13 -28.52 45.48
N ASP G 52 2.14 -27.27 45.03
CA ASP G 52 0.92 -26.58 44.66
C ASP G 52 1.26 -25.44 43.71
N GLY G 53 0.24 -24.90 43.07
CA GLY G 53 0.42 -23.80 42.15
C GLY G 53 -0.90 -23.38 41.55
N VAL G 54 -0.83 -22.38 40.69
CA VAL G 54 -1.99 -21.84 39.99
C VAL G 54 -1.92 -22.29 38.53
N LEU G 55 -2.96 -22.98 38.08
CA LEU G 55 -2.93 -23.63 36.77
C LEU G 55 -3.09 -22.59 35.66
N GLU G 56 -2.19 -22.66 34.68
CA GLU G 56 -2.27 -21.86 33.47
C GLU G 56 -2.52 -22.78 32.28
N ILE G 57 -3.60 -22.52 31.55
CA ILE G 57 -4.00 -23.37 30.43
C ILE G 57 -3.51 -22.75 29.13
N LEU G 58 -2.77 -23.53 28.36
CA LEU G 58 -2.23 -23.06 27.09
C LEU G 58 -3.16 -23.49 25.95
N GLN G 59 -2.72 -23.30 24.71
CA GLN G 59 -3.54 -23.58 23.55
C GLN G 59 -3.57 -25.05 23.16
N ASP G 60 -2.75 -25.90 23.80
CA ASP G 60 -2.67 -27.31 23.43
C ASP G 60 -3.17 -28.25 24.51
N GLY G 61 -3.60 -27.73 25.66
CA GLY G 61 -4.03 -28.55 26.77
C GLY G 61 -2.97 -28.77 27.84
N PHE G 62 -1.70 -28.57 27.50
CA PHE G 62 -0.63 -28.63 28.49
C PHE G 62 -0.57 -27.31 29.25
N GLY G 63 0.00 -27.38 30.46
CA GLY G 63 0.08 -26.19 31.28
C GLY G 63 1.10 -26.34 32.39
N PHE G 64 1.36 -25.23 33.06
CA PHE G 64 2.32 -25.16 34.15
C PHE G 64 1.69 -24.43 35.33
N LEU G 65 1.88 -24.97 36.53
CA LEU G 65 1.35 -24.35 37.74
C LEU G 65 2.22 -23.14 38.07
N ARG G 66 1.79 -21.97 37.62
CA ARG G 66 2.55 -20.76 37.89
C ARG G 66 2.48 -20.39 39.36
N SER G 67 3.48 -19.64 39.81
CA SER G 67 3.60 -19.24 41.21
C SER G 67 3.11 -17.81 41.37
N ALA G 68 2.23 -17.60 42.36
CA ALA G 68 1.74 -16.25 42.64
C ALA G 68 2.86 -15.36 43.17
N ASP G 69 3.82 -15.93 43.89
CA ASP G 69 4.93 -15.13 44.41
C ASP G 69 5.80 -14.58 43.29
N SER G 70 5.99 -15.36 42.21
CA SER G 70 6.79 -14.94 41.08
C SER G 70 5.98 -14.17 40.04
N SER G 71 4.81 -13.66 40.43
CA SER G 71 3.92 -12.93 39.51
C SER G 71 3.55 -13.78 38.30
N TYR G 72 3.43 -15.09 38.53
CA TYR G 72 3.05 -16.05 37.50
C TYR G 72 4.00 -16.00 36.31
N LEU G 73 5.28 -15.74 36.59
CA LEU G 73 6.29 -15.74 35.55
C LEU G 73 6.74 -17.16 35.24
N ALA G 74 7.38 -17.32 34.09
CA ALA G 74 7.91 -18.61 33.70
C ALA G 74 9.06 -19.01 34.62
N GLY G 75 9.10 -20.30 34.98
CA GLY G 75 10.13 -20.80 35.84
C GLY G 75 10.23 -22.31 35.80
N PRO G 76 11.42 -22.85 36.10
CA PRO G 76 11.59 -24.30 36.14
C PRO G 76 10.74 -24.98 37.20
N ASP G 77 10.44 -24.30 38.30
CA ASP G 77 9.68 -24.89 39.41
C ASP G 77 8.21 -25.09 39.08
N ASP G 78 7.73 -24.56 37.97
CA ASP G 78 6.33 -24.75 37.59
C ASP G 78 6.09 -26.21 37.24
N ILE G 79 5.03 -26.79 37.82
CA ILE G 79 4.74 -28.20 37.63
C ILE G 79 4.05 -28.40 36.28
N TYR G 80 4.59 -29.30 35.47
CA TYR G 80 4.01 -29.60 34.17
C TYR G 80 2.71 -30.38 34.33
N VAL G 81 1.67 -29.94 33.63
CA VAL G 81 0.38 -30.61 33.61
C VAL G 81 0.11 -31.09 32.19
N SER G 82 -0.06 -32.39 32.03
CA SER G 82 -0.30 -32.95 30.71
C SER G 82 -1.73 -32.68 30.26
N PRO G 83 -1.95 -32.63 28.93
CA PRO G 83 -3.34 -32.50 28.44
C PRO G 83 -4.22 -33.66 28.87
N CYS G 84 -3.65 -34.84 29.10
CA CYS G 84 -4.43 -35.95 29.63
C CYS G 84 -4.76 -35.78 31.10
N GLN G 85 -3.92 -35.04 31.85
CA GLN G 85 -4.19 -34.82 33.27
C GLN G 85 -5.46 -34.02 33.49
N ILE G 86 -5.65 -32.95 32.72
CA ILE G 86 -6.88 -32.16 32.85
C ILE G 86 -8.09 -32.92 32.33
N ARG G 87 -7.90 -33.87 31.42
CA ARG G 87 -9.01 -34.72 31.00
C ARG G 87 -9.37 -35.74 32.07
N ARG G 88 -8.36 -36.32 32.74
CA ARG G 88 -8.62 -37.25 33.83
C ARG G 88 -9.31 -36.53 35.00
N PHE G 89 -8.83 -35.33 35.33
CA PHE G 89 -9.43 -34.52 36.39
C PHE G 89 -9.79 -33.16 35.78
N ASN G 90 -11.08 -32.89 35.66
CA ASN G 90 -11.56 -31.70 34.98
C ASN G 90 -11.14 -30.46 35.76
N LEU G 91 -10.18 -29.72 35.21
CA LEU G 91 -9.69 -28.49 35.81
C LEU G 91 -9.75 -27.36 34.79
N ARG G 92 -9.72 -26.12 35.28
CA ARG G 92 -9.80 -24.93 34.45
C ARG G 92 -8.67 -23.99 34.83
N THR G 93 -8.56 -22.90 34.06
CA THR G 93 -7.52 -21.90 34.32
C THR G 93 -7.77 -21.19 35.64
N GLY G 94 -6.69 -20.92 36.36
CA GLY G 94 -6.78 -20.23 37.63
C GLY G 94 -7.15 -21.10 38.81
N ASP G 95 -7.34 -22.40 38.61
CA ASP G 95 -7.71 -23.28 39.70
C ASP G 95 -6.50 -23.61 40.57
N THR G 96 -6.64 -23.43 41.88
CA THR G 96 -5.58 -23.76 42.81
C THR G 96 -5.65 -25.26 43.12
N ILE G 97 -4.55 -25.97 42.83
CA ILE G 97 -4.50 -27.42 43.01
C ILE G 97 -3.23 -27.78 43.75
N SER G 98 -3.25 -28.96 44.35
CA SER G 98 -2.09 -29.48 45.08
C SER G 98 -2.11 -31.01 45.02
N GLY G 99 -0.94 -31.60 45.23
CA GLY G 99 -0.82 -33.03 45.18
C GLY G 99 0.64 -33.46 45.22
N LYS G 100 0.87 -34.71 44.83
CA LYS G 100 2.20 -35.28 44.81
C LYS G 100 2.89 -35.00 43.48
N ILE G 101 4.18 -34.67 43.55
CA ILE G 101 4.95 -34.29 42.37
C ILE G 101 5.81 -35.47 41.94
N ARG G 102 5.74 -35.82 40.65
CA ARG G 102 6.62 -36.86 40.18
C ARG G 102 7.85 -36.26 39.50
N PRO G 103 8.99 -36.96 39.54
CA PRO G 103 10.20 -36.40 38.96
C PRO G 103 10.07 -36.24 37.46
N PRO G 104 10.74 -35.25 36.86
CA PRO G 104 10.67 -35.08 35.41
C PRO G 104 11.36 -36.22 34.68
N LYS G 105 10.87 -36.50 33.48
CA LYS G 105 11.50 -37.51 32.64
C LYS G 105 12.71 -36.90 31.92
N GLU G 106 13.52 -37.79 31.35
CA GLU G 106 14.68 -37.33 30.59
C GLU G 106 14.24 -36.54 29.37
N GLY G 107 14.87 -35.39 29.16
CA GLY G 107 14.43 -34.46 28.15
C GLY G 107 13.38 -33.48 28.61
N GLU G 108 12.91 -33.59 29.85
CA GLU G 108 11.92 -32.69 30.42
C GLU G 108 12.56 -31.92 31.57
N ARG G 109 12.42 -30.59 31.53
CA ARG G 109 13.05 -29.72 32.50
C ARG G 109 12.11 -29.28 33.62
N TYR G 110 10.87 -29.76 33.63
CA TYR G 110 9.88 -29.35 34.61
C TYR G 110 9.27 -30.57 35.30
N PHE G 111 9.04 -30.44 36.60
CA PHE G 111 8.41 -31.52 37.35
C PHE G 111 6.96 -31.68 36.94
N ALA G 112 6.41 -32.86 37.23
CA ALA G 112 5.03 -33.17 36.87
C ALA G 112 4.28 -33.66 38.09
N LEU G 113 2.96 -33.52 38.05
CA LEU G 113 2.08 -33.91 39.15
C LEU G 113 1.38 -35.21 38.77
N LEU G 114 1.76 -36.31 39.43
CA LEU G 114 1.16 -37.60 39.14
C LEU G 114 -0.23 -37.73 39.74
N LYS G 115 -0.49 -37.11 40.89
CA LYS G 115 -1.78 -37.21 41.55
C LYS G 115 -2.13 -35.86 42.15
N VAL G 116 -3.44 -35.59 42.21
CA VAL G 116 -3.97 -34.34 42.76
C VAL G 116 -4.65 -34.66 44.09
N ASN G 117 -4.26 -33.93 45.14
CA ASN G 117 -4.80 -34.16 46.47
C ASN G 117 -5.94 -33.18 46.80
N GLU G 118 -5.67 -31.88 46.71
CA GLU G 118 -6.66 -30.86 47.03
C GLU G 118 -6.77 -29.87 45.89
N VAL G 119 -8.00 -29.47 45.58
CA VAL G 119 -8.30 -28.49 44.55
C VAL G 119 -9.04 -27.33 45.21
N ASN G 120 -8.35 -26.21 45.38
CA ASN G 120 -8.93 -25.01 46.01
C ASN G 120 -9.49 -25.35 47.39
N PHE G 121 -8.66 -25.98 48.22
CA PHE G 121 -9.04 -26.41 49.56
C PHE G 121 -10.28 -27.33 49.53
N ASP G 122 -10.33 -28.18 48.51
CA ASP G 122 -11.44 -29.11 48.36
C ASP G 122 -10.97 -30.34 47.59
N LYS G 123 -11.69 -31.44 47.79
CA LYS G 123 -11.37 -32.66 47.06
C LYS G 123 -11.67 -32.48 45.58
N PRO G 124 -10.86 -33.09 44.70
CA PRO G 124 -11.11 -32.94 43.26
C PRO G 124 -12.48 -33.43 42.82
N GLU G 125 -12.99 -34.49 43.44
CA GLU G 125 -14.32 -34.97 43.09
C GLU G 125 -15.39 -33.98 43.53
N ASN G 126 -15.28 -33.46 44.75
CA ASN G 126 -16.26 -32.51 45.24
C ASN G 126 -16.15 -31.16 44.53
N ALA G 127 -14.93 -30.73 44.21
CA ALA G 127 -14.76 -29.46 43.50
C ALA G 127 -15.36 -29.51 42.10
N ARG G 128 -15.26 -30.66 41.43
CA ARG G 128 -15.86 -30.80 40.11
C ARG G 128 -17.38 -30.76 40.16
N ASN G 129 -17.98 -30.97 41.32
CA ASN G 129 -19.43 -30.85 41.50
C ASN G 129 -19.78 -29.46 42.03
N LYS G 130 -19.38 -28.44 41.27
CA LYS G 130 -19.60 -27.05 41.65
C LYS G 130 -20.16 -26.28 40.46
N ILE G 131 -21.07 -25.34 40.75
CA ILE G 131 -21.72 -24.56 39.71
C ILE G 131 -20.72 -23.61 39.06
N LEU G 132 -20.80 -23.48 37.74
CA LEU G 132 -19.92 -22.60 37.01
C LEU G 132 -20.19 -21.14 37.37
N PHE G 133 -19.14 -20.32 37.30
CA PHE G 133 -19.26 -18.91 37.70
C PHE G 133 -20.18 -18.14 36.76
N GLU G 134 -20.09 -18.38 35.46
CA GLU G 134 -20.85 -17.59 34.50
C GLU G 134 -22.34 -17.88 34.56
N ASN G 135 -22.75 -19.08 35.00
CA ASN G 135 -24.15 -19.44 35.06
C ASN G 135 -24.83 -18.94 36.33
N LEU G 136 -24.10 -18.27 37.22
CA LEU G 136 -24.68 -17.76 38.45
C LEU G 136 -25.58 -16.55 38.16
N THR G 137 -26.30 -16.12 39.18
CA THR G 137 -27.24 -15.02 39.05
C THR G 137 -26.68 -13.78 39.70
N PRO G 138 -26.21 -12.79 38.93
CA PRO G 138 -25.69 -11.57 39.54
C PRO G 138 -26.81 -10.75 40.19
N LEU G 139 -26.41 -9.91 41.13
CA LEU G 139 -27.35 -9.07 41.86
C LEU G 139 -26.62 -7.80 42.29
N HIS G 140 -27.39 -6.86 42.83
CA HIS G 140 -26.80 -5.66 43.40
C HIS G 140 -26.12 -5.99 44.71
N ALA G 141 -25.16 -5.14 45.08
CA ALA G 141 -24.45 -5.31 46.34
C ALA G 141 -25.36 -4.93 47.50
N ASN G 142 -25.63 -5.88 48.38
CA ASN G 142 -26.51 -5.66 49.52
C ASN G 142 -25.81 -5.78 50.86
N SER G 143 -24.75 -6.58 50.96
CA SER G 143 -24.01 -6.73 52.21
C SER G 143 -23.00 -5.59 52.32
N ARG G 144 -23.24 -4.69 53.26
CA ARG G 144 -22.38 -3.53 53.44
C ARG G 144 -21.02 -3.94 53.99
N LEU G 145 -19.96 -3.40 53.40
CA LEU G 145 -18.60 -3.61 53.88
C LEU G 145 -18.15 -2.38 54.66
N ARG G 146 -17.72 -2.59 55.90
CA ARG G 146 -17.34 -1.48 56.76
C ARG G 146 -15.93 -1.03 56.39
N MET G 147 -15.84 0.14 55.74
CA MET G 147 -14.55 0.68 55.34
C MET G 147 -13.80 1.31 56.51
N GLU G 148 -14.51 1.96 57.43
CA GLU G 148 -13.86 2.66 58.53
C GLU G 148 -13.15 1.67 59.45
N ARG G 149 -11.89 1.99 59.78
CA ARG G 149 -11.13 1.15 60.69
C ARG G 149 -11.63 1.30 62.13
N GLY G 150 -11.89 2.53 62.55
CA GLY G 150 -12.37 2.80 63.89
C GLY G 150 -11.31 2.97 64.95
N ASN G 151 -10.03 2.76 64.62
CA ASN G 151 -8.97 2.93 65.60
C ASN G 151 -8.61 4.39 65.86
N GLY G 152 -9.04 5.30 64.99
CA GLY G 152 -8.78 6.71 65.18
C GLY G 152 -7.45 7.20 64.66
N SER G 153 -6.71 6.39 63.92
CA SER G 153 -5.43 6.80 63.38
C SER G 153 -5.64 7.79 62.22
N THR G 154 -4.54 8.36 61.73
CA THR G 154 -4.62 9.29 60.61
C THR G 154 -5.15 8.59 59.36
N GLU G 155 -4.66 7.38 59.08
CA GLU G 155 -5.18 6.63 57.95
C GLU G 155 -6.63 6.22 58.15
N ASP G 156 -7.04 6.01 59.42
CA ASP G 156 -8.45 5.73 59.70
C ASP G 156 -9.32 6.92 59.32
N LEU G 157 -8.83 8.14 59.56
CA LEU G 157 -9.58 9.33 59.15
C LEU G 157 -9.80 9.36 57.65
N THR G 158 -8.79 8.96 56.87
CA THR G 158 -8.98 8.82 55.43
C THR G 158 -10.03 7.75 55.11
N ALA G 159 -10.01 6.65 55.86
CA ALA G 159 -10.98 5.57 55.64
C ALA G 159 -12.41 6.02 55.93
N ARG G 160 -12.58 6.87 56.94
CA ARG G 160 -13.92 7.32 57.30
C ARG G 160 -14.57 8.13 56.18
N VAL G 161 -13.78 8.83 55.37
CA VAL G 161 -14.34 9.67 54.32
C VAL G 161 -15.00 8.82 53.24
N LEU G 162 -14.42 7.67 52.92
CA LEU G 162 -14.98 6.81 51.87
C LEU G 162 -16.37 6.31 52.25
N ASP G 163 -16.61 6.02 53.52
CA ASP G 163 -17.94 5.62 53.95
C ASP G 163 -18.95 6.77 53.80
N LEU G 164 -18.48 8.00 53.91
CA LEU G 164 -19.33 9.18 53.75
C LEU G 164 -19.45 9.62 52.30
N ALA G 165 -18.65 9.07 51.39
CA ALA G 165 -18.67 9.46 49.99
C ALA G 165 -19.21 8.38 49.08
N SER G 166 -18.79 7.13 49.28
CA SER G 166 -19.24 6.04 48.43
C SER G 166 -19.13 4.71 49.17
N PRO G 167 -20.20 4.25 49.80
CA PRO G 167 -20.16 2.94 50.46
C PRO G 167 -19.89 1.82 49.47
N ILE G 168 -19.14 0.82 49.94
CA ILE G 168 -18.75 -0.32 49.13
C ILE G 168 -19.39 -1.57 49.70
N GLY G 169 -20.07 -2.34 48.83
CA GLY G 169 -20.65 -3.60 49.21
C GLY G 169 -19.93 -4.76 48.54
N ARG G 170 -20.26 -5.96 49.00
CA ARG G 170 -19.66 -7.17 48.44
C ARG G 170 -20.08 -7.34 46.99
N GLY G 171 -19.12 -7.59 46.13
CA GLY G 171 -19.40 -7.77 44.72
C GLY G 171 -19.66 -6.50 43.94
N GLN G 172 -19.47 -5.33 44.55
CA GLN G 172 -19.70 -4.08 43.86
C GLN G 172 -18.58 -3.80 42.87
N ARG G 173 -18.95 -3.44 41.65
CA ARG G 173 -17.99 -3.11 40.60
C ARG G 173 -17.66 -1.63 40.71
N GLY G 174 -16.70 -1.31 41.56
CA GLY G 174 -16.32 0.07 41.77
C GLY G 174 -15.46 0.62 40.65
N LEU G 175 -15.18 1.92 40.74
CA LEU G 175 -14.36 2.60 39.74
C LEU G 175 -13.82 3.89 40.33
N ILE G 176 -12.53 4.14 40.15
CA ILE G 176 -11.88 5.36 40.60
C ILE G 176 -11.29 6.06 39.40
N VAL G 177 -11.49 7.37 39.31
CA VAL G 177 -10.90 8.20 38.26
C VAL G 177 -9.99 9.22 38.93
N ALA G 178 -8.75 9.31 38.44
CA ALA G 178 -7.76 10.14 39.11
C ALA G 178 -6.65 10.57 38.17
N PRO G 179 -6.40 11.87 38.05
CA PRO G 179 -5.19 12.34 37.36
C PRO G 179 -3.95 11.98 38.14
N PRO G 180 -2.79 11.86 37.48
CA PRO G 180 -1.57 11.44 38.19
C PRO G 180 -1.03 12.51 39.13
N LYS G 181 0.06 12.19 39.83
CA LYS G 181 0.73 13.12 40.74
C LYS G 181 -0.21 13.62 41.83
N ALA G 182 -0.95 12.69 42.44
CA ALA G 182 -1.87 13.04 43.51
C ALA G 182 -1.82 12.06 44.67
N GLY G 183 -0.73 11.33 44.83
CA GLY G 183 -0.61 10.36 45.92
C GLY G 183 -1.62 9.24 45.86
N LYS G 184 -1.95 8.76 44.66
CA LYS G 184 -2.96 7.74 44.52
C LYS G 184 -2.52 6.40 45.12
N THR G 185 -1.22 6.08 45.03
CA THR G 185 -0.74 4.79 45.49
C THR G 185 -0.96 4.60 46.99
N MET G 186 -0.66 5.63 47.79
CA MET G 186 -0.85 5.51 49.23
C MET G 186 -2.32 5.53 49.63
N LEU G 187 -3.17 6.20 48.83
CA LEU G 187 -4.60 6.20 49.15
C LEU G 187 -5.18 4.79 49.06
N LEU G 188 -4.79 4.02 48.05
CA LEU G 188 -5.23 2.64 47.94
C LEU G 188 -4.60 1.74 49.00
N GLN G 189 -3.43 2.12 49.52
CA GLN G 189 -2.84 1.36 50.62
C GLN G 189 -3.73 1.39 51.86
N ASN G 190 -4.37 2.53 52.12
CA ASN G 190 -5.30 2.63 53.25
C ASN G 190 -6.47 1.66 53.09
N ILE G 191 -6.90 1.41 51.85
CA ILE G 191 -8.00 0.48 51.63
C ILE G 191 -7.60 -0.93 52.05
N ALA G 192 -6.39 -1.35 51.68
CA ALA G 192 -5.96 -2.72 51.98
C ALA G 192 -5.88 -2.96 53.48
N GLN G 193 -5.34 -2.00 54.23
CA GLN G 193 -5.27 -2.15 55.68
C GLN G 193 -6.66 -2.19 56.30
N SER G 194 -7.58 -1.37 55.80
CA SER G 194 -8.93 -1.37 56.34
C SER G 194 -9.65 -2.69 56.06
N ILE G 195 -9.56 -3.19 54.83
CA ILE G 195 -10.28 -4.40 54.47
C ILE G 195 -9.72 -5.60 55.23
N ALA G 196 -8.39 -5.72 55.30
CA ALA G 196 -7.78 -6.85 55.98
C ALA G 196 -8.14 -6.86 57.46
N TYR G 197 -8.13 -5.70 58.11
CA TYR G 197 -8.47 -5.63 59.53
C TYR G 197 -9.95 -5.88 59.75
N ASN G 198 -10.80 -5.23 58.96
CA ASN G 198 -12.25 -5.34 59.17
C ASN G 198 -12.79 -6.69 58.71
N HIS G 199 -12.34 -7.17 57.55
CA HIS G 199 -12.84 -8.41 56.96
C HIS G 199 -11.66 -9.32 56.62
N PRO G 200 -11.05 -9.95 57.62
CA PRO G 200 -9.97 -10.91 57.34
C PRO G 200 -10.44 -12.13 56.54
N ASP G 201 -11.74 -12.46 56.60
CA ASP G 201 -12.24 -13.61 55.87
C ASP G 201 -12.23 -13.39 54.37
N CYS G 202 -12.43 -12.15 53.94
CA CYS G 202 -12.43 -11.83 52.52
C CYS G 202 -11.05 -12.00 51.92
N VAL G 203 -11.00 -12.57 50.72
CA VAL G 203 -9.73 -12.78 50.02
C VAL G 203 -9.35 -11.45 49.38
N LEU G 204 -8.41 -10.75 50.00
CA LEU G 204 -7.97 -9.44 49.52
C LEU G 204 -6.81 -9.64 48.54
N MET G 205 -7.06 -9.31 47.27
CA MET G 205 -6.06 -9.44 46.23
C MET G 205 -5.83 -8.07 45.59
N VAL G 206 -4.57 -7.74 45.36
CA VAL G 206 -4.18 -6.44 44.82
C VAL G 206 -3.34 -6.67 43.56
N LEU G 207 -3.71 -6.00 42.48
CA LEU G 207 -2.99 -6.08 41.21
C LEU G 207 -2.39 -4.72 40.88
N LEU G 208 -1.08 -4.69 40.68
CA LEU G 208 -0.38 -3.51 40.20
C LEU G 208 0.23 -3.85 38.85
N ILE G 209 -0.11 -3.05 37.83
CA ILE G 209 0.35 -3.29 36.47
C ILE G 209 1.00 -2.03 35.95
N ASP G 210 2.16 -2.20 35.30
CA ASP G 210 2.92 -1.10 34.71
C ASP G 210 3.26 -0.03 35.75
N GLU G 211 4.04 -0.45 36.74
CA GLU G 211 4.45 0.43 37.82
C GLU G 211 5.92 0.22 38.12
N ARG G 212 6.55 1.24 38.70
CA ARG G 212 7.93 1.14 39.10
C ARG G 212 8.10 0.10 40.21
N PRO G 213 9.22 -0.61 40.23
CA PRO G 213 9.44 -1.62 41.29
C PRO G 213 9.45 -1.04 42.70
N GLU G 214 9.75 0.25 42.86
CA GLU G 214 9.73 0.86 44.18
C GLU G 214 8.34 0.80 44.80
N GLU G 215 7.31 1.12 44.01
CA GLU G 215 5.94 1.00 44.51
C GLU G 215 5.53 -0.45 44.65
N VAL G 216 6.03 -1.33 43.77
CA VAL G 216 5.70 -2.75 43.84
C VAL G 216 6.22 -3.34 45.15
N THR G 217 7.47 -3.02 45.51
CA THR G 217 8.03 -3.50 46.76
C THR G 217 7.30 -2.93 47.97
N GLU G 218 6.86 -1.67 47.88
CA GLU G 218 6.15 -1.05 48.99
C GLU G 218 4.80 -1.70 49.25
N MET G 219 4.19 -2.30 48.22
CA MET G 219 2.87 -2.91 48.41
C MET G 219 2.97 -4.20 49.22
N GLN G 220 3.96 -5.04 48.92
CA GLN G 220 4.09 -6.32 49.62
C GLN G 220 4.36 -6.12 51.11
N ARG G 221 5.23 -5.16 51.45
CA ARG G 221 5.58 -4.91 52.84
C ARG G 221 4.45 -4.26 53.64
N LEU G 222 3.45 -3.69 52.98
CA LEU G 222 2.39 -2.96 53.67
C LEU G 222 1.02 -3.61 53.54
N VAL G 223 0.90 -4.72 52.80
CA VAL G 223 -0.38 -5.39 52.62
C VAL G 223 -0.28 -6.79 53.21
N LYS G 224 -1.21 -7.12 54.11
CA LYS G 224 -1.22 -8.45 54.71
C LYS G 224 -1.69 -9.51 53.72
N GLY G 225 -2.61 -9.14 52.82
CA GLY G 225 -3.13 -10.08 51.86
C GLY G 225 -2.23 -10.29 50.66
N GLU G 226 -2.67 -11.16 49.76
CA GLU G 226 -1.89 -11.47 48.57
C GLU G 226 -1.82 -10.26 47.65
N VAL G 227 -0.64 -10.06 47.06
CA VAL G 227 -0.41 -9.00 46.08
C VAL G 227 0.33 -9.60 44.89
N VAL G 228 -0.21 -9.42 43.70
CA VAL G 228 0.43 -9.85 42.46
C VAL G 228 0.65 -8.61 41.62
N ALA G 229 1.89 -8.37 41.20
CA ALA G 229 2.24 -7.17 40.47
C ALA G 229 3.32 -7.48 39.44
N SER G 230 3.33 -6.69 38.37
CA SER G 230 4.34 -6.78 37.33
C SER G 230 4.70 -5.38 36.86
N THR G 231 5.99 -5.11 36.73
CA THR G 231 6.45 -3.80 36.33
C THR G 231 6.24 -3.59 34.83
N PHE G 232 6.36 -2.33 34.42
CA PHE G 232 6.22 -1.96 33.01
C PHE G 232 7.38 -2.44 32.15
N ASP G 233 8.46 -2.93 32.76
CA ASP G 233 9.58 -3.46 31.98
C ASP G 233 9.16 -4.66 31.15
N GLU G 234 8.28 -5.51 31.68
CA GLU G 234 7.79 -6.64 30.93
C GLU G 234 6.94 -6.16 29.75
N PRO G 235 6.90 -6.93 28.66
CA PRO G 235 6.09 -6.53 27.51
C PRO G 235 4.59 -6.59 27.80
N ALA G 236 3.78 -6.04 26.90
CA ALA G 236 2.34 -6.05 27.09
C ALA G 236 1.76 -7.46 27.12
N SER G 237 2.46 -8.43 26.52
CA SER G 237 2.00 -9.81 26.58
C SER G 237 1.96 -10.33 28.02
N ARG G 238 2.93 -9.92 28.84
CA ARG G 238 2.88 -10.25 30.26
C ARG G 238 1.78 -9.48 30.98
N HIS G 239 1.47 -8.27 30.52
CA HIS G 239 0.45 -7.46 31.17
C HIS G 239 -0.92 -8.14 31.09
N VAL G 240 -1.31 -8.62 29.91
CA VAL G 240 -2.55 -9.37 29.81
C VAL G 240 -2.41 -10.72 30.52
N GLN G 241 -1.23 -11.34 30.45
CA GLN G 241 -1.02 -12.61 31.12
C GLN G 241 -1.16 -12.48 32.62
N VAL G 242 -0.60 -11.42 33.21
CA VAL G 242 -0.74 -11.22 34.65
C VAL G 242 -2.13 -10.75 35.03
N ALA G 243 -2.86 -10.12 34.10
CA ALA G 243 -4.23 -9.70 34.41
C ALA G 243 -5.21 -10.85 34.25
N GLU G 244 -5.08 -11.63 33.16
CA GLU G 244 -5.98 -12.77 32.95
C GLU G 244 -5.79 -13.83 34.03
N MET G 245 -4.55 -14.06 34.47
CA MET G 245 -4.31 -15.05 35.50
C MET G 245 -4.98 -14.69 36.82
N VAL G 246 -4.97 -13.41 37.18
CA VAL G 246 -5.52 -12.99 38.48
C VAL G 246 -7.03 -13.18 38.49
N ILE G 247 -7.71 -12.74 37.44
CA ILE G 247 -9.18 -12.75 37.44
C ILE G 247 -9.70 -14.18 37.40
N GLU G 248 -9.05 -15.05 36.61
CA GLU G 248 -9.48 -16.44 36.55
C GLU G 248 -9.32 -17.13 37.91
N LYS G 249 -8.22 -16.86 38.60
CA LYS G 249 -8.05 -17.40 39.95
C LYS G 249 -9.12 -16.86 40.89
N ALA G 250 -9.46 -15.56 40.76
CA ALA G 250 -10.51 -14.99 41.59
C ALA G 250 -11.87 -15.59 41.28
N LYS G 251 -12.13 -15.93 40.01
CA LYS G 251 -13.42 -16.49 39.65
C LYS G 251 -13.65 -17.84 40.32
N ARG G 252 -12.61 -18.69 40.38
CA ARG G 252 -12.75 -20.00 41.02
C ARG G 252 -13.09 -19.89 42.49
N LEU G 253 -12.59 -18.86 43.18
CA LEU G 253 -12.96 -18.66 44.58
C LEU G 253 -14.44 -18.34 44.72
N VAL G 254 -15.03 -17.64 43.75
CA VAL G 254 -16.46 -17.39 43.75
C VAL G 254 -17.23 -18.71 43.65
N GLU G 255 -16.76 -19.62 42.78
CA GLU G 255 -17.34 -20.94 42.71
C GLU G 255 -17.21 -21.71 44.01
N HIS G 256 -16.22 -21.35 44.84
CA HIS G 256 -16.07 -21.92 46.17
C HIS G 256 -16.84 -21.13 47.23
N LYS G 257 -17.74 -20.23 46.81
CA LYS G 257 -18.57 -19.45 47.72
C LYS G 257 -17.73 -18.62 48.69
N LYS G 258 -16.67 -18.00 48.17
CA LYS G 258 -15.80 -17.15 48.96
C LYS G 258 -15.70 -15.78 48.31
N ASP G 259 -15.88 -14.73 49.11
CA ASP G 259 -15.77 -13.37 48.61
C ASP G 259 -14.33 -13.05 48.26
N VAL G 260 -14.14 -12.38 47.12
CA VAL G 260 -12.81 -11.99 46.65
C VAL G 260 -12.87 -10.53 46.23
N ILE G 261 -11.86 -9.76 46.65
CA ILE G 261 -11.76 -8.34 46.33
C ILE G 261 -10.47 -8.11 45.54
N ILE G 262 -10.59 -7.46 44.40
CA ILE G 262 -9.45 -7.16 43.54
C ILE G 262 -9.28 -5.66 43.47
N LEU G 263 -8.08 -5.19 43.79
CA LEU G 263 -7.71 -3.78 43.66
C LEU G 263 -6.73 -3.65 42.50
N LEU G 264 -7.08 -2.82 41.52
CA LEU G 264 -6.35 -2.73 40.27
C LEU G 264 -5.70 -1.37 40.13
N ASP G 265 -4.43 -1.36 39.70
CA ASP G 265 -3.69 -0.14 39.42
C ASP G 265 -2.80 -0.41 38.21
N SER G 266 -3.24 0.04 37.04
CA SER G 266 -4.47 0.79 36.84
C SER G 266 -5.22 0.28 35.61
N ILE G 267 -6.54 0.48 35.60
CA ILE G 267 -7.36 0.01 34.49
C ILE G 267 -7.04 0.78 33.21
N THR G 268 -6.74 2.08 33.33
CA THR G 268 -6.45 2.88 32.14
C THR G 268 -5.23 2.35 31.40
N ARG G 269 -4.16 2.05 32.13
CA ARG G 269 -2.98 1.47 31.49
C ARG G 269 -3.23 0.02 31.10
N LEU G 270 -4.11 -0.68 31.82
CA LEU G 270 -4.42 -2.06 31.47
C LEU G 270 -5.07 -2.14 30.10
N ALA G 271 -5.98 -1.20 29.80
CA ALA G 271 -6.63 -1.19 28.49
C ALA G 271 -5.63 -0.96 27.37
N ARG G 272 -4.62 -0.12 27.60
CA ARG G 272 -3.59 0.10 26.59
C ARG G 272 -2.82 -1.17 26.31
N ALA G 273 -2.55 -1.97 27.34
CA ALA G 273 -1.89 -3.26 27.15
C ALA G 273 -2.74 -4.17 26.28
N TYR G 274 -4.05 -4.21 26.53
CA TYR G 274 -4.95 -4.95 25.65
C TYR G 274 -5.00 -4.34 24.26
N ASN G 275 -4.89 -3.01 24.17
CA ASN G 275 -4.92 -2.34 22.87
C ASN G 275 -3.74 -2.71 22.00
N THR G 276 -2.61 -3.07 22.61
CA THR G 276 -1.40 -3.40 21.85
C THR G 276 -1.36 -4.87 21.44
N VAL G 277 -1.71 -5.78 22.35
CA VAL G 277 -1.63 -7.20 22.05
C VAL G 277 -2.66 -7.65 21.02
N VAL G 278 -3.82 -6.98 20.96
CA VAL G 278 -4.90 -7.41 20.09
C VAL G 278 -4.44 -7.33 18.63
N PRO G 279 -4.74 -8.32 17.80
CA PRO G 279 -4.39 -8.23 16.38
C PRO G 279 -5.23 -7.18 15.67
N ALA G 280 -4.69 -6.71 14.55
CA ALA G 280 -5.39 -5.70 13.76
C ALA G 280 -6.70 -6.25 13.21
N SER G 281 -7.73 -5.40 13.20
CA SER G 281 -9.05 -5.77 12.71
C SER G 281 -9.45 -5.05 11.44
N GLY G 282 -8.77 -3.96 11.08
CA GLY G 282 -9.07 -3.20 9.89
C GLY G 282 -9.90 -1.96 10.10
N LYS G 283 -10.58 -1.85 11.25
CA LYS G 283 -11.38 -0.69 11.60
C LYS G 283 -10.88 -0.15 12.92
N VAL G 284 -10.38 1.08 12.92
CA VAL G 284 -9.78 1.70 14.09
C VAL G 284 -10.57 2.94 14.45
N LEU G 285 -10.93 3.06 15.73
CA LEU G 285 -11.64 4.23 16.22
C LEU G 285 -10.67 5.40 16.43
N THR G 286 -11.22 6.53 16.83
CA THR G 286 -10.38 7.71 17.08
C THR G 286 -9.50 7.50 18.30
N GLY G 287 -8.36 8.18 18.32
CA GLY G 287 -7.41 8.04 19.40
C GLY G 287 -6.47 6.86 19.27
N GLY G 288 -6.50 6.13 18.16
CA GLY G 288 -5.63 5.00 17.96
C GLY G 288 -6.11 3.71 18.58
N VAL G 289 -7.29 3.70 19.19
CA VAL G 289 -7.81 2.51 19.84
C VAL G 289 -8.77 1.81 18.89
N ASP G 290 -8.95 0.51 19.10
CA ASP G 290 -9.87 -0.29 18.33
C ASP G 290 -11.05 -0.69 19.20
N ALA G 291 -12.23 -0.77 18.58
CA ALA G 291 -13.43 -1.18 19.31
C ALA G 291 -13.29 -2.60 19.86
N ASN G 292 -12.74 -3.52 19.05
CA ASN G 292 -12.47 -4.86 19.53
C ASN G 292 -11.39 -4.88 20.61
N ALA G 293 -10.51 -3.89 20.62
CA ALA G 293 -9.46 -3.84 21.63
C ALA G 293 -10.02 -3.60 23.02
N LEU G 294 -11.11 -2.83 23.12
CA LEU G 294 -11.73 -2.54 24.40
C LEU G 294 -12.72 -3.61 24.86
N HIS G 295 -13.01 -4.59 24.01
CA HIS G 295 -13.99 -5.61 24.37
C HIS G 295 -13.51 -6.48 25.52
N ARG G 296 -12.30 -7.03 25.40
CA ARG G 296 -11.76 -7.96 26.39
C ARG G 296 -11.53 -7.30 27.76
N PRO G 297 -10.95 -6.10 27.85
CA PRO G 297 -10.86 -5.44 29.16
C PRO G 297 -12.21 -5.18 29.80
N LYS G 298 -13.26 -4.96 29.01
CA LYS G 298 -14.59 -4.86 29.57
C LYS G 298 -15.01 -6.16 30.24
N ARG G 299 -14.67 -7.30 29.64
CA ARG G 299 -14.99 -8.59 30.23
C ARG G 299 -14.31 -8.75 31.59
N PHE G 300 -13.05 -8.36 31.69
CA PHE G 300 -12.36 -8.40 32.98
C PHE G 300 -13.03 -7.48 33.99
N PHE G 301 -13.39 -6.27 33.57
CA PHE G 301 -14.07 -5.34 34.45
C PHE G 301 -15.51 -5.73 34.73
N GLY G 302 -16.15 -6.45 33.82
CA GLY G 302 -17.52 -6.86 33.97
C GLY G 302 -17.74 -8.12 34.78
N ALA G 303 -16.67 -8.79 35.22
CA ALA G 303 -16.80 -10.01 36.00
C ALA G 303 -17.24 -9.73 37.44
N ALA G 304 -17.11 -8.50 37.91
CA ALA G 304 -17.46 -8.17 39.28
C ALA G 304 -18.98 -8.25 39.46
N ARG G 305 -19.42 -8.97 40.47
CA ARG G 305 -20.85 -9.13 40.74
C ARG G 305 -21.04 -9.68 42.13
N ASN G 306 -22.25 -9.49 42.66
CA ASN G 306 -22.66 -10.05 43.94
C ASN G 306 -23.55 -11.26 43.64
N VAL G 307 -22.95 -12.44 43.58
CA VAL G 307 -23.69 -13.63 43.22
C VAL G 307 -24.66 -13.99 44.33
N GLU G 308 -25.93 -14.19 43.97
CA GLU G 308 -26.96 -14.50 44.95
C GLU G 308 -26.71 -15.85 45.62
N GLU G 309 -26.29 -16.85 44.84
CA GLU G 309 -26.13 -18.20 45.37
C GLU G 309 -25.10 -18.26 46.48
N GLY G 310 -23.97 -17.57 46.30
CA GLY G 310 -22.91 -17.59 47.30
C GLY G 310 -21.64 -16.95 46.81
N GLY G 311 -20.91 -16.30 47.71
CA GLY G 311 -19.69 -15.61 47.34
C GLY G 311 -19.95 -14.26 46.72
N SER G 312 -18.88 -13.64 46.26
CA SER G 312 -18.95 -12.32 45.64
C SER G 312 -17.69 -12.10 44.83
N LEU G 313 -17.63 -10.96 44.15
CA LEU G 313 -16.45 -10.60 43.36
C LEU G 313 -16.43 -9.07 43.26
N THR G 314 -15.61 -8.43 44.08
CA THR G 314 -15.52 -6.98 44.12
C THR G 314 -14.26 -6.52 43.38
N ILE G 315 -14.44 -5.62 42.42
CA ILE G 315 -13.34 -5.08 41.63
C ILE G 315 -13.32 -3.57 41.82
N ILE G 316 -12.19 -3.05 42.28
CA ILE G 316 -11.97 -1.62 42.43
C ILE G 316 -10.77 -1.25 41.57
N ALA G 317 -10.99 -0.37 40.60
CA ALA G 317 -9.95 0.03 39.66
C ALA G 317 -9.83 1.53 39.63
N THR G 318 -8.63 2.00 39.30
CA THR G 318 -8.33 3.43 39.24
C THR G 318 -8.06 3.83 37.80
N ALA G 319 -8.77 4.86 37.34
CA ALA G 319 -8.62 5.36 35.98
C ALA G 319 -7.75 6.61 35.97
N LEU G 320 -6.96 6.74 34.90
CA LEU G 320 -6.02 7.84 34.74
C LEU G 320 -6.54 8.82 33.71
N ILE G 321 -6.60 10.09 34.09
CA ILE G 321 -7.04 11.17 33.22
C ILE G 321 -6.01 12.30 33.29
N ASP G 322 -6.21 13.32 32.47
CA ASP G 322 -5.32 14.49 32.39
C ASP G 322 -3.89 14.09 32.08
N THR G 323 -3.72 13.02 31.31
CA THR G 323 -2.40 12.52 30.94
C THR G 323 -1.91 13.09 29.62
N GLY G 324 -2.73 13.89 28.93
CA GLY G 324 -2.30 14.48 27.67
C GLY G 324 -2.21 13.51 26.52
N SER G 325 -2.82 12.34 26.63
CA SER G 325 -2.80 11.35 25.57
C SER G 325 -4.23 10.89 25.28
N LYS G 326 -4.62 10.89 24.01
CA LYS G 326 -5.96 10.47 23.64
C LYS G 326 -6.20 9.00 23.93
N MET G 327 -5.15 8.18 24.00
CA MET G 327 -5.32 6.78 24.33
C MET G 327 -5.92 6.60 25.72
N ASP G 328 -5.43 7.37 26.70
CA ASP G 328 -5.93 7.25 28.06
C ASP G 328 -7.31 7.87 28.23
N GLU G 329 -7.53 9.02 27.58
CA GLU G 329 -8.80 9.72 27.75
C GLU G 329 -9.98 8.94 27.17
N VAL G 330 -9.76 8.25 26.05
CA VAL G 330 -10.84 7.48 25.44
C VAL G 330 -11.25 6.29 26.29
N ILE G 331 -10.38 5.81 27.18
CA ILE G 331 -10.74 4.68 28.04
C ILE G 331 -11.79 5.10 29.07
N TYR G 332 -11.59 6.24 29.73
CA TYR G 332 -12.54 6.68 30.74
C TYR G 332 -13.89 7.00 30.14
N GLU G 333 -13.92 7.61 28.95
CA GLU G 333 -15.19 7.87 28.29
C GLU G 333 -15.92 6.57 27.97
N GLU G 334 -15.19 5.54 27.54
CA GLU G 334 -15.82 4.26 27.24
C GLU G 334 -16.28 3.56 28.51
N PHE G 335 -15.49 3.66 29.58
CA PHE G 335 -15.80 3.01 30.86
C PHE G 335 -16.53 3.93 31.82
N LYS G 336 -17.32 4.87 31.33
CA LYS G 336 -17.90 5.90 32.19
C LYS G 336 -18.98 5.31 33.09
N GLY G 337 -20.04 4.78 32.50
CA GLY G 337 -21.17 4.29 33.27
C GLY G 337 -21.11 2.81 33.59
N THR G 338 -19.94 2.21 33.39
CA THR G 338 -19.81 0.77 33.57
C THR G 338 -19.79 0.36 35.04
N GLY G 339 -19.27 1.20 35.92
CA GLY G 339 -19.09 0.86 37.31
C GLY G 339 -20.19 1.40 38.21
N ASN G 340 -20.53 0.61 39.24
CA ASN G 340 -21.55 1.05 40.19
C ASN G 340 -21.04 2.17 41.08
N MET G 341 -19.82 2.05 41.60
CA MET G 341 -19.22 3.06 42.44
C MET G 341 -18.28 3.92 41.61
N GLU G 342 -18.42 5.24 41.74
CA GLU G 342 -17.60 6.19 40.99
C GLU G 342 -17.07 7.23 41.96
N LEU G 343 -15.75 7.22 42.16
CA LEU G 343 -15.08 8.20 43.01
C LEU G 343 -14.20 9.07 42.12
N HIS G 344 -14.40 10.38 42.20
CA HIS G 344 -13.66 11.33 41.38
C HIS G 344 -12.49 11.93 42.17
N LEU G 345 -11.42 12.25 41.45
CA LEU G 345 -10.23 12.85 42.03
C LEU G 345 -9.85 14.08 41.22
N SER G 346 -9.35 15.09 41.90
CA SER G 346 -8.97 16.36 41.27
C SER G 346 -7.59 16.77 41.75
N ARG G 347 -6.80 17.31 40.81
CA ARG G 347 -5.49 17.84 41.15
C ARG G 347 -5.59 19.14 41.95
N LYS G 348 -6.72 19.84 41.87
CA LYS G 348 -6.89 21.06 42.64
C LYS G 348 -6.85 20.78 44.14
N ILE G 349 -7.46 19.68 44.58
CA ILE G 349 -7.30 19.25 45.96
C ILE G 349 -5.87 18.82 46.23
N ALA G 350 -5.24 18.13 45.26
CA ALA G 350 -3.86 17.67 45.45
C ALA G 350 -2.91 18.84 45.63
N GLU G 351 -3.08 19.92 44.87
CA GLU G 351 -2.29 21.13 45.09
C GLU G 351 -2.55 21.71 46.47
N LYS G 352 -3.82 21.72 46.91
CA LYS G 352 -4.16 22.16 48.25
C LYS G 352 -3.62 21.23 49.34
N ARG G 353 -3.16 20.04 48.97
CA ARG G 353 -2.61 19.07 49.91
C ARG G 353 -3.64 18.67 50.97
N VAL G 354 -4.75 18.12 50.48
CA VAL G 354 -5.82 17.61 51.33
C VAL G 354 -5.91 16.10 51.13
N PHE G 355 -5.84 15.36 52.22
CA PHE G 355 -5.87 13.90 52.19
C PHE G 355 -7.06 13.41 53.01
N PRO G 356 -7.97 12.61 52.44
CA PRO G 356 -7.97 12.07 51.07
C PRO G 356 -8.30 13.12 50.01
N ALA G 357 -8.00 12.83 48.75
CA ALA G 357 -8.21 13.75 47.63
C ALA G 357 -9.31 13.17 46.75
N ILE G 358 -10.56 13.56 47.02
CA ILE G 358 -11.70 13.09 46.24
C ILE G 358 -12.67 14.24 46.03
N ASP G 359 -13.26 14.29 44.83
CA ASP G 359 -14.33 15.24 44.54
C ASP G 359 -15.61 14.71 45.20
N TYR G 360 -15.92 15.23 46.38
CA TYR G 360 -16.97 14.66 47.21
C TYR G 360 -18.36 14.79 46.59
N ASN G 361 -18.66 15.97 46.03
CA ASN G 361 -20.02 16.22 45.55
C ASN G 361 -20.40 15.30 44.39
N ARG G 362 -19.49 15.10 43.44
CA ARG G 362 -19.81 14.35 42.24
C ARG G 362 -19.70 12.84 42.42
N SER G 363 -19.07 12.38 43.48
CA SER G 363 -18.84 10.96 43.69
C SER G 363 -19.97 10.34 44.50
N GLY G 364 -20.34 9.12 44.13
CA GLY G 364 -21.40 8.41 44.83
C GLY G 364 -21.60 7.03 44.24
N THR G 365 -22.56 6.31 44.82
CA THR G 365 -22.90 4.96 44.40
C THR G 365 -24.38 4.87 44.09
N ARG G 366 -24.70 4.06 43.09
CA ARG G 366 -26.09 3.77 42.76
C ARG G 366 -26.58 2.56 43.55
N LYS G 367 -27.88 2.54 43.80
CA LYS G 367 -28.52 1.46 44.57
C LYS G 367 -27.86 1.30 45.95
N GLU G 368 -27.52 2.42 46.57
CA GLU G 368 -26.89 2.41 47.88
C GLU G 368 -27.86 2.05 49.00
N GLU G 369 -29.17 2.04 48.72
CA GLU G 369 -30.16 1.74 49.75
C GLU G 369 -30.02 0.33 50.31
N LEU G 370 -29.50 -0.61 49.52
CA LEU G 370 -29.33 -1.97 50.01
C LEU G 370 -28.23 -2.06 51.06
N LEU G 371 -27.22 -1.18 50.98
CA LEU G 371 -26.12 -1.23 51.93
C LEU G 371 -26.47 -0.51 53.22
N THR G 372 -26.75 0.79 53.14
CA THR G 372 -26.98 1.60 54.32
C THR G 372 -28.39 1.37 54.86
N THR G 373 -28.58 1.75 56.12
CA THR G 373 -29.89 1.65 56.77
C THR G 373 -30.72 2.88 56.44
N GLN G 374 -31.98 2.87 56.89
CA GLN G 374 -32.86 4.00 56.64
C GLN G 374 -32.36 5.25 57.35
N GLU G 375 -32.01 5.14 58.63
CA GLU G 375 -31.52 6.30 59.36
C GLU G 375 -30.17 6.77 58.83
N GLU G 376 -29.28 5.83 58.47
CA GLU G 376 -27.99 6.23 57.92
C GLU G 376 -28.16 6.96 56.58
N LEU G 377 -29.03 6.46 55.71
CA LEU G 377 -29.28 7.11 54.43
C LEU G 377 -29.92 8.48 54.62
N GLN G 378 -30.88 8.60 55.54
CA GLN G 378 -31.49 9.89 55.82
C GLN G 378 -30.46 10.89 56.33
N LYS G 379 -29.59 10.46 57.23
CA LYS G 379 -28.47 11.30 57.64
C LYS G 379 -27.51 11.56 56.48
N MET G 380 -27.28 10.54 55.66
CA MET G 380 -26.41 10.72 54.50
C MET G 380 -26.99 11.73 53.52
N TRP G 381 -28.31 11.65 53.27
CA TRP G 381 -28.92 12.52 52.26
C TRP G 381 -28.86 13.99 52.66
N ILE G 382 -29.13 14.31 53.94
CA ILE G 382 -29.08 15.70 54.36
C ILE G 382 -27.65 16.24 54.28
N LEU G 383 -26.65 15.38 54.47
CA LEU G 383 -25.27 15.80 54.32
C LEU G 383 -24.98 16.21 52.88
N ARG G 384 -25.47 15.45 51.91
CA ARG G 384 -25.23 15.77 50.51
C ARG G 384 -25.86 17.10 50.10
N LYS G 385 -27.08 17.37 50.58
CA LYS G 385 -27.75 18.62 50.24
C LYS G 385 -26.98 19.82 50.77
N ILE G 386 -26.49 19.73 52.00
CA ILE G 386 -25.73 20.85 52.59
C ILE G 386 -24.39 21.00 51.89
N ILE G 387 -23.72 19.88 51.58
CA ILE G 387 -22.40 19.93 50.97
C ILE G 387 -22.43 20.29 49.50
N HIS G 388 -23.59 20.18 48.85
CA HIS G 388 -23.65 20.40 47.40
C HIS G 388 -23.25 21.83 46.99
N PRO G 389 -23.83 22.89 47.58
CA PRO G 389 -23.45 24.24 47.12
C PRO G 389 -22.01 24.61 47.38
N MET G 390 -21.35 23.97 48.35
CA MET G 390 -19.97 24.30 48.67
C MET G 390 -19.03 23.72 47.62
N GLY G 391 -17.89 24.38 47.45
CA GLY G 391 -16.91 23.95 46.48
C GLY G 391 -16.18 22.69 46.92
N GLU G 392 -15.45 22.10 45.97
CA GLU G 392 -14.73 20.86 46.25
C GLU G 392 -13.65 21.06 47.32
N ILE G 393 -12.91 22.17 47.24
CA ILE G 393 -11.84 22.41 48.21
C ILE G 393 -12.42 22.68 49.59
N ASP G 394 -13.45 23.54 49.66
CA ASP G 394 -14.05 23.88 50.95
C ASP G 394 -14.79 22.70 51.57
N ALA G 395 -15.40 21.83 50.76
CA ALA G 395 -16.09 20.68 51.30
C ALA G 395 -15.14 19.73 52.02
N MET G 396 -13.98 19.46 51.42
CA MET G 396 -13.00 18.61 52.06
C MET G 396 -12.45 19.24 53.34
N GLU G 397 -12.12 20.54 53.28
CA GLU G 397 -11.58 21.21 54.46
C GLU G 397 -12.62 21.29 55.58
N PHE G 398 -13.89 21.51 55.24
CA PHE G 398 -14.94 21.50 56.25
C PHE G 398 -15.14 20.09 56.82
N LEU G 399 -14.98 19.07 55.97
CA LEU G 399 -15.27 17.71 56.41
C LEU G 399 -14.18 17.13 57.30
N ILE G 400 -12.90 17.43 57.00
CA ILE G 400 -11.81 16.77 57.71
C ILE G 400 -11.84 17.12 59.19
N ASN G 401 -12.07 18.39 59.52
CA ASN G 401 -12.15 18.79 60.91
C ASN G 401 -13.35 18.15 61.61
N LYS G 402 -14.47 18.02 60.92
CA LYS G 402 -15.67 17.47 61.54
C LYS G 402 -15.47 16.01 61.91
N LEU G 403 -14.86 15.21 61.03
CA LEU G 403 -14.59 13.82 61.35
C LEU G 403 -13.45 13.66 62.35
N ALA G 404 -12.43 14.52 62.28
CA ALA G 404 -11.33 14.45 63.23
C ALA G 404 -11.79 14.76 64.64
N CYS G 405 -12.70 15.72 64.80
CA CYS G 405 -13.23 16.06 66.12
C CYS G 405 -14.08 14.96 66.73
N THR G 406 -14.49 13.96 65.94
CA THR G 406 -15.31 12.87 66.40
C THR G 406 -14.51 11.57 66.41
N LYS G 407 -15.18 10.48 66.76
CA LYS G 407 -14.56 9.16 66.82
C LYS G 407 -15.05 8.25 65.70
N THR G 408 -16.36 8.07 65.58
CA THR G 408 -16.95 7.23 64.56
C THR G 408 -17.84 8.07 63.65
N ASN G 409 -18.15 7.51 62.47
CA ASN G 409 -19.01 8.22 61.53
C ASN G 409 -20.41 8.40 62.08
N ASP G 410 -20.94 7.40 62.79
CA ASP G 410 -22.23 7.56 63.44
C ASP G 410 -22.19 8.66 64.49
N ASP G 411 -21.12 8.70 65.30
CA ASP G 411 -20.93 9.80 66.23
C ASP G 411 -20.64 11.10 65.50
N PHE G 412 -19.99 11.02 64.33
CA PHE G 412 -19.79 12.21 63.52
C PHE G 412 -21.10 12.81 63.06
N PHE G 413 -22.11 11.98 62.81
CA PHE G 413 -23.40 12.51 62.37
C PHE G 413 -24.13 13.21 63.50
N GLU G 414 -23.89 12.78 64.75
CA GLU G 414 -24.56 13.42 65.88
C GLU G 414 -24.15 14.88 66.02
N MET G 415 -22.85 15.16 65.87
CA MET G 415 -22.38 16.54 65.98
C MET G 415 -22.77 17.40 64.79
N MET G 416 -22.95 16.81 63.61
CA MET G 416 -23.45 17.57 62.47
C MET G 416 -24.87 18.06 62.72
N LYS G 417 -25.73 17.19 63.28
CA LYS G 417 -27.07 17.61 63.65
C LYS G 417 -27.04 18.53 64.86
N ARG G 418 -26.15 18.26 65.81
CA ARG G 418 -26.07 19.03 67.03
C ARG G 418 -24.83 19.91 67.04
N MET H 1 -38.73 -34.27 27.69
CA MET H 1 -40.13 -34.21 27.28
C MET H 1 -40.48 -32.85 26.71
N ASN H 2 -39.89 -31.80 27.28
CA ASN H 2 -40.12 -30.43 26.83
C ASN H 2 -38.82 -29.65 26.93
N LEU H 3 -38.28 -29.25 25.78
CA LEU H 3 -37.00 -28.53 25.77
C LEU H 3 -37.11 -27.18 26.46
N THR H 4 -38.18 -26.42 26.16
CA THR H 4 -38.32 -25.10 26.77
C THR H 4 -38.54 -25.18 28.27
N GLU H 5 -39.16 -26.26 28.75
CA GLU H 5 -39.31 -26.43 30.19
C GLU H 5 -37.96 -26.59 30.87
N LEU H 6 -37.05 -27.34 30.24
CA LEU H 6 -35.71 -27.49 30.79
C LEU H 6 -34.93 -26.17 30.72
N LYS H 7 -35.18 -25.36 29.69
CA LYS H 7 -34.47 -24.10 29.57
C LYS H 7 -34.79 -23.16 30.73
N ASN H 8 -36.06 -23.07 31.12
CA ASN H 8 -36.45 -22.23 32.25
C ASN H 8 -36.24 -22.92 33.59
N THR H 9 -35.91 -24.21 33.59
CA THR H 9 -35.63 -24.91 34.83
C THR H 9 -34.37 -24.36 35.47
N PRO H 10 -34.37 -24.05 36.76
CA PRO H 10 -33.16 -23.52 37.40
C PRO H 10 -32.00 -24.50 37.32
N VAL H 11 -30.79 -23.95 37.23
CA VAL H 11 -29.59 -24.77 37.08
C VAL H 11 -29.38 -25.69 38.28
N SER H 12 -29.86 -25.29 39.47
CA SER H 12 -29.80 -26.19 40.61
C SER H 12 -30.66 -27.43 40.39
N GLU H 13 -31.87 -27.24 39.84
CA GLU H 13 -32.71 -28.38 39.52
C GLU H 13 -32.19 -29.15 38.30
N LEU H 14 -31.47 -28.46 37.41
CA LEU H 14 -30.95 -29.12 36.22
C LEU H 14 -29.99 -30.24 36.58
N ILE H 15 -29.11 -30.02 37.56
CA ILE H 15 -28.20 -31.08 38.00
C ILE H 15 -28.98 -32.23 38.60
N THR H 16 -29.97 -31.94 39.44
CA THR H 16 -30.78 -32.99 40.04
C THR H 16 -31.56 -33.77 39.00
N LEU H 17 -32.14 -33.09 38.00
CA LEU H 17 -32.83 -33.79 36.93
C LEU H 17 -31.87 -34.61 36.09
N GLY H 18 -30.61 -34.18 35.98
CA GLY H 18 -29.62 -34.96 35.25
C GLY H 18 -29.21 -36.24 35.95
N GLU H 19 -29.39 -36.31 37.27
CA GLU H 19 -29.09 -37.53 38.01
C GLU H 19 -30.20 -38.57 37.92
N ASN H 20 -31.38 -38.18 37.43
CA ASN H 20 -32.46 -39.16 37.25
C ASN H 20 -32.07 -40.22 36.23
N MET H 21 -31.47 -39.80 35.11
CA MET H 21 -30.97 -40.75 34.14
C MET H 21 -29.73 -41.47 34.68
N GLY H 22 -28.84 -40.74 35.33
CA GLY H 22 -27.64 -41.33 35.89
C GLY H 22 -26.37 -40.61 35.50
N LEU H 23 -26.50 -39.51 34.76
CA LEU H 23 -25.36 -38.75 34.30
C LEU H 23 -24.79 -37.91 35.44
N GLU H 24 -23.47 -37.83 35.50
CA GLU H 24 -22.75 -37.12 36.55
C GLU H 24 -21.78 -36.12 35.90
N ASN H 25 -21.29 -35.20 36.74
CA ASN H 25 -20.28 -34.20 36.34
C ASN H 25 -20.85 -33.20 35.34
N LEU H 26 -22.11 -32.82 35.54
CA LEU H 26 -22.73 -31.77 34.75
C LEU H 26 -22.52 -30.37 35.34
N ALA H 27 -21.88 -30.28 36.50
CA ALA H 27 -21.72 -28.99 37.16
C ALA H 27 -20.68 -28.12 36.47
N ARG H 28 -19.58 -28.71 36.02
CA ARG H 28 -18.49 -27.96 35.39
C ARG H 28 -18.78 -27.71 33.90
N MET H 29 -19.96 -27.14 33.61
CA MET H 29 -20.35 -26.89 32.24
C MET H 29 -21.30 -25.70 32.20
N ARG H 30 -21.52 -25.19 31.00
CA ARG H 30 -22.46 -24.09 30.80
C ARG H 30 -23.89 -24.58 31.02
N LYS H 31 -24.80 -23.62 31.24
CA LYS H 31 -26.20 -23.97 31.38
C LYS H 31 -26.78 -24.53 30.09
N GLN H 32 -26.32 -24.03 28.95
CA GLN H 32 -26.82 -24.52 27.66
C GLN H 32 -26.40 -25.98 27.43
N ASP H 33 -25.16 -26.32 27.76
CA ASP H 33 -24.69 -27.69 27.53
C ASP H 33 -25.37 -28.70 28.45
N ILE H 34 -25.76 -28.28 29.65
CA ILE H 34 -26.47 -29.18 30.56
C ILE H 34 -27.78 -29.63 29.93
N ILE H 35 -28.53 -28.69 29.37
CA ILE H 35 -29.76 -29.04 28.67
C ILE H 35 -29.47 -29.88 27.44
N PHE H 36 -28.40 -29.56 26.71
CA PHE H 36 -28.01 -30.38 25.57
C PHE H 36 -27.62 -31.79 26.00
N ALA H 37 -26.90 -31.91 27.11
CA ALA H 37 -26.48 -33.22 27.58
C ALA H 37 -27.67 -34.07 28.03
N ILE H 38 -28.57 -33.49 28.82
CA ILE H 38 -29.72 -34.25 29.29
C ILE H 38 -30.69 -34.56 28.16
N LEU H 39 -30.72 -33.74 27.10
CA LEU H 39 -31.56 -34.05 25.95
C LEU H 39 -31.12 -35.33 25.26
N LYS H 40 -29.81 -35.55 25.14
CA LYS H 40 -29.31 -36.78 24.55
C LYS H 40 -29.70 -38.00 25.36
N GLN H 41 -29.92 -37.85 26.67
CA GLN H 41 -30.44 -38.96 27.46
C GLN H 41 -31.81 -39.39 26.98
N HIS H 42 -32.69 -38.41 26.72
CA HIS H 42 -34.01 -38.70 26.18
C HIS H 42 -34.00 -38.95 24.68
N ALA H 43 -32.92 -38.54 23.98
CA ALA H 43 -32.84 -38.80 22.55
C ALA H 43 -32.80 -40.30 22.28
N LYS H 44 -32.02 -41.06 23.06
CA LYS H 44 -31.98 -42.50 22.91
C LYS H 44 -33.25 -43.17 23.42
N SER H 45 -33.94 -42.56 24.38
CA SER H 45 -35.19 -43.12 24.88
C SER H 45 -36.28 -43.13 23.81
N GLY H 46 -36.20 -42.23 22.83
CA GLY H 46 -37.19 -42.16 21.78
C GLY H 46 -38.44 -41.38 22.13
N GLU H 47 -38.53 -40.84 23.34
CA GLU H 47 -39.70 -40.06 23.73
C GLU H 47 -39.70 -38.72 23.00
N ASP H 48 -40.87 -38.34 22.48
CA ASP H 48 -41.00 -37.07 21.79
C ASP H 48 -40.78 -35.92 22.76
N ILE H 49 -40.04 -34.90 22.30
CA ILE H 49 -39.68 -33.75 23.11
C ILE H 49 -40.22 -32.49 22.45
N PHE H 50 -40.90 -31.66 23.21
CA PHE H 50 -41.44 -30.41 22.70
C PHE H 50 -40.46 -29.26 22.94
N GLY H 51 -40.59 -28.24 22.12
CA GLY H 51 -39.72 -27.07 22.23
C GLY H 51 -40.12 -26.03 21.22
N ASP H 52 -39.51 -24.86 21.35
CA ASP H 52 -39.82 -23.73 20.48
C ASP H 52 -38.66 -22.75 20.50
N GLY H 53 -38.75 -21.75 19.64
CA GLY H 53 -37.72 -20.74 19.57
C GLY H 53 -38.10 -19.66 18.58
N VAL H 54 -37.14 -18.78 18.31
CA VAL H 54 -37.31 -17.68 17.38
C VAL H 54 -36.40 -17.94 16.19
N LEU H 55 -36.99 -18.04 15.00
CA LEU H 55 -36.22 -18.39 13.82
C LEU H 55 -35.27 -17.25 13.43
N GLU H 56 -34.05 -17.62 13.06
CA GLU H 56 -33.04 -16.69 12.58
C GLU H 56 -32.43 -17.31 11.32
N ILE H 57 -32.99 -16.97 10.16
CA ILE H 57 -32.51 -17.52 8.91
C ILE H 57 -31.11 -16.98 8.62
N LEU H 58 -30.16 -17.89 8.42
CA LEU H 58 -28.80 -17.50 8.10
C LEU H 58 -28.69 -17.13 6.62
N GLN H 59 -27.55 -16.54 6.24
CA GLN H 59 -27.35 -16.13 4.86
C GLN H 59 -27.22 -17.33 3.91
N ASP H 60 -26.87 -18.51 4.44
CA ASP H 60 -26.75 -19.68 3.58
C ASP H 60 -28.11 -20.22 3.17
N GLY H 61 -29.09 -20.20 4.07
CA GLY H 61 -30.41 -20.69 3.75
C GLY H 61 -31.08 -21.42 4.90
N PHE H 62 -30.27 -21.88 5.86
CA PHE H 62 -30.79 -22.55 7.03
C PHE H 62 -31.00 -21.53 8.16
N GLY H 63 -31.28 -22.01 9.36
CA GLY H 63 -31.49 -21.11 10.48
C GLY H 63 -31.49 -21.86 11.79
N PHE H 64 -31.69 -21.10 12.86
CA PHE H 64 -31.75 -21.66 14.21
C PHE H 64 -32.90 -21.01 14.95
N LEU H 65 -33.52 -21.79 15.85
CA LEU H 65 -34.60 -21.30 16.69
C LEU H 65 -34.00 -20.90 18.03
N ARG H 66 -33.48 -19.68 18.08
CA ARG H 66 -32.86 -19.18 19.31
C ARG H 66 -33.90 -19.05 20.42
N SER H 67 -33.44 -19.17 21.65
CA SER H 67 -34.31 -19.13 22.82
C SER H 67 -34.30 -17.74 23.44
N ALA H 68 -35.49 -17.25 23.78
CA ALA H 68 -35.59 -15.95 24.44
C ALA H 68 -34.94 -15.97 25.82
N ASP H 69 -35.08 -17.07 26.55
CA ASP H 69 -34.43 -17.18 27.86
C ASP H 69 -32.91 -17.15 27.74
N SER H 70 -32.36 -17.49 26.57
CA SER H 70 -30.93 -17.44 26.32
C SER H 70 -30.49 -16.09 25.76
N SER H 71 -31.39 -15.12 25.69
CA SER H 71 -31.09 -13.80 25.13
C SER H 71 -30.61 -13.90 23.69
N TYR H 72 -31.15 -14.89 22.97
CA TYR H 72 -30.83 -15.13 21.56
C TYR H 72 -29.33 -15.29 21.35
N LEU H 73 -28.67 -15.98 22.29
CA LEU H 73 -27.26 -16.30 22.17
C LEU H 73 -27.10 -17.60 21.40
N ALA H 74 -26.09 -17.64 20.55
CA ALA H 74 -25.84 -18.83 19.74
C ALA H 74 -25.32 -19.97 20.62
N GLY H 75 -26.23 -20.79 21.12
CA GLY H 75 -25.87 -21.87 22.00
C GLY H 75 -26.04 -23.23 21.37
N PRO H 76 -25.55 -24.28 22.04
CA PRO H 76 -25.68 -25.64 21.49
C PRO H 76 -27.12 -26.11 21.36
N ASP H 77 -28.06 -25.49 22.06
CA ASP H 77 -29.46 -25.94 22.04
C ASP H 77 -30.26 -25.34 20.89
N ASP H 78 -29.63 -24.56 20.02
CA ASP H 78 -30.34 -23.94 18.91
C ASP H 78 -30.72 -25.01 17.89
N ILE H 79 -32.03 -25.17 17.68
CA ILE H 79 -32.54 -26.21 16.79
C ILE H 79 -32.26 -25.82 15.35
N TYR H 80 -31.71 -26.77 14.59
CA TYR H 80 -31.43 -26.52 13.18
C TYR H 80 -32.68 -26.75 12.34
N VAL H 81 -32.86 -25.92 11.31
CA VAL H 81 -33.97 -26.05 10.38
C VAL H 81 -33.40 -26.11 8.97
N SER H 82 -33.87 -27.07 8.18
CA SER H 82 -33.38 -27.24 6.83
C SER H 82 -33.88 -26.09 5.95
N PRO H 83 -33.08 -25.67 4.96
CA PRO H 83 -33.54 -24.65 4.01
C PRO H 83 -34.77 -25.08 3.22
N CYS H 84 -34.99 -26.38 3.06
CA CYS H 84 -36.20 -26.84 2.39
C CYS H 84 -37.44 -26.66 3.27
N GLN H 85 -37.25 -26.64 4.59
CA GLN H 85 -38.38 -26.55 5.50
C GLN H 85 -39.06 -25.19 5.42
N ILE H 86 -38.29 -24.11 5.21
CA ILE H 86 -38.87 -22.79 5.04
C ILE H 86 -39.48 -22.61 3.65
N ARG H 87 -39.36 -23.61 2.77
CA ARG H 87 -40.04 -23.59 1.48
C ARG H 87 -41.43 -24.18 1.53
N ARG H 88 -41.63 -25.25 2.32
CA ARG H 88 -42.98 -25.78 2.50
C ARG H 88 -43.88 -24.78 3.19
N PHE H 89 -43.38 -24.16 4.26
CA PHE H 89 -44.06 -23.05 4.92
C PHE H 89 -43.19 -21.81 4.78
N ASN H 90 -43.73 -20.77 4.15
CA ASN H 90 -42.96 -19.55 3.91
C ASN H 90 -42.67 -18.86 5.24
N LEU H 91 -41.42 -18.94 5.69
CA LEU H 91 -41.01 -18.38 6.96
C LEU H 91 -39.87 -17.39 6.75
N ARG H 92 -39.85 -16.37 7.60
CA ARG H 92 -38.74 -15.42 7.62
C ARG H 92 -38.23 -15.28 9.05
N THR H 93 -37.26 -14.40 9.26
CA THR H 93 -36.69 -14.20 10.58
C THR H 93 -37.75 -13.71 11.56
N GLY H 94 -37.68 -14.17 12.80
CA GLY H 94 -38.59 -13.76 13.83
C GLY H 94 -39.84 -14.58 13.98
N ASP H 95 -40.07 -15.56 13.10
CA ASP H 95 -41.23 -16.41 13.22
C ASP H 95 -41.10 -17.31 14.44
N THR H 96 -42.17 -17.39 15.24
CA THR H 96 -42.20 -18.26 16.41
C THR H 96 -42.60 -19.66 15.97
N ILE H 97 -41.69 -20.62 16.10
CA ILE H 97 -41.87 -21.99 15.63
C ILE H 97 -41.85 -22.91 16.84
N SER H 98 -42.90 -23.73 16.98
CA SER H 98 -43.00 -24.69 18.06
C SER H 98 -43.35 -26.06 17.48
N GLY H 99 -42.69 -27.10 17.98
CA GLY H 99 -42.97 -28.44 17.52
C GLY H 99 -42.02 -29.43 18.16
N LYS H 100 -42.21 -30.70 17.79
CA LYS H 100 -41.36 -31.77 18.28
C LYS H 100 -39.98 -31.71 17.65
N ILE H 101 -38.98 -32.16 18.40
CA ILE H 101 -37.59 -32.12 17.98
C ILE H 101 -37.06 -33.54 17.90
N ARG H 102 -36.46 -33.88 16.76
CA ARG H 102 -35.87 -35.19 16.60
C ARG H 102 -34.42 -35.18 17.10
N PRO H 103 -33.91 -36.33 17.54
CA PRO H 103 -32.51 -36.41 17.93
C PRO H 103 -31.61 -36.17 16.74
N PRO H 104 -30.42 -35.58 16.95
CA PRO H 104 -29.50 -35.36 15.84
C PRO H 104 -28.99 -36.69 15.28
N LYS H 105 -28.69 -36.67 13.99
CA LYS H 105 -28.11 -37.84 13.33
C LYS H 105 -26.59 -37.83 13.53
N GLU H 106 -25.89 -38.73 12.84
CA GLU H 106 -24.44 -38.80 12.96
C GLU H 106 -23.80 -37.56 12.36
N GLY H 107 -22.90 -36.93 13.12
CA GLY H 107 -22.24 -35.73 12.67
C GLY H 107 -23.04 -34.46 12.79
N GLU H 108 -24.24 -34.52 13.36
CA GLU H 108 -25.10 -33.35 13.52
C GLU H 108 -24.89 -32.77 14.91
N ARG H 109 -24.17 -31.65 14.97
CA ARG H 109 -23.88 -31.00 16.25
C ARG H 109 -25.10 -30.27 16.83
N TYR H 110 -26.18 -30.15 16.07
CA TYR H 110 -27.39 -29.49 16.53
C TYR H 110 -28.59 -30.39 16.26
N PHE H 111 -29.62 -30.23 17.08
CA PHE H 111 -30.86 -30.96 16.87
C PHE H 111 -31.57 -30.46 15.62
N ALA H 112 -32.69 -31.11 15.29
CA ALA H 112 -33.46 -30.72 14.11
C ALA H 112 -34.95 -30.82 14.43
N LEU H 113 -35.73 -29.99 13.73
CA LEU H 113 -37.18 -29.95 13.92
C LEU H 113 -37.83 -30.96 12.98
N LEU H 114 -38.51 -31.95 13.55
CA LEU H 114 -39.17 -32.97 12.75
C LEU H 114 -40.51 -32.49 12.18
N LYS H 115 -41.26 -31.69 12.94
CA LYS H 115 -42.57 -31.22 12.50
C LYS H 115 -42.79 -29.80 12.98
N VAL H 116 -43.42 -29.00 12.12
CA VAL H 116 -43.76 -27.61 12.46
C VAL H 116 -45.20 -27.62 12.94
N ASN H 117 -45.37 -27.78 14.26
CA ASN H 117 -46.71 -27.88 14.84
C ASN H 117 -47.46 -26.56 14.78
N GLU H 118 -46.77 -25.45 15.05
CA GLU H 118 -47.43 -24.15 15.15
C GLU H 118 -46.45 -23.06 14.77
N VAL H 119 -46.95 -22.04 14.07
CA VAL H 119 -46.15 -20.88 13.68
C VAL H 119 -46.89 -19.63 14.14
N ASN H 120 -46.21 -18.81 14.94
CA ASN H 120 -46.76 -17.53 15.41
C ASN H 120 -48.11 -17.72 16.09
N PHE H 121 -48.20 -18.75 16.94
CA PHE H 121 -49.45 -19.07 17.66
C PHE H 121 -50.60 -19.30 16.70
N ASP H 122 -50.33 -19.95 15.57
CA ASP H 122 -51.36 -20.23 14.59
C ASP H 122 -50.91 -21.39 13.71
N LYS H 123 -51.83 -21.88 12.90
CA LYS H 123 -51.53 -23.00 12.02
C LYS H 123 -50.48 -22.60 10.98
N PRO H 124 -49.59 -23.51 10.60
CA PRO H 124 -48.57 -23.16 9.59
C PRO H 124 -49.17 -22.73 8.26
N GLU H 125 -50.29 -23.30 7.85
CA GLU H 125 -50.95 -22.86 6.62
C GLU H 125 -51.49 -21.44 6.76
N ASN H 126 -52.01 -21.08 7.94
CA ASN H 126 -52.46 -19.72 8.18
C ASN H 126 -51.30 -18.73 8.28
N ALA H 127 -50.08 -19.21 8.51
CA ALA H 127 -48.93 -18.32 8.58
C ALA H 127 -48.59 -17.74 7.21
N ARG H 128 -48.81 -18.50 6.14
CA ARG H 128 -48.50 -18.05 4.80
C ARG H 128 -49.57 -17.14 4.21
N ASN H 129 -50.68 -16.93 4.92
CA ASN H 129 -51.77 -16.11 4.44
C ASN H 129 -51.76 -14.71 5.03
N LYS H 130 -50.65 -14.30 5.65
CA LYS H 130 -50.55 -13.00 6.29
C LYS H 130 -49.71 -12.06 5.43
N ILE H 131 -50.15 -10.80 5.34
CA ILE H 131 -49.46 -9.82 4.52
C ILE H 131 -48.15 -9.42 5.18
N LEU H 132 -47.21 -8.96 4.37
CA LEU H 132 -45.92 -8.52 4.88
C LEU H 132 -46.08 -7.22 5.67
N PHE H 133 -45.06 -6.92 6.48
CA PHE H 133 -45.12 -5.75 7.34
C PHE H 133 -45.07 -4.46 6.54
N GLU H 134 -44.13 -4.36 5.60
CA GLU H 134 -43.97 -3.12 4.85
C GLU H 134 -45.17 -2.79 3.98
N ASN H 135 -45.92 -3.81 3.55
CA ASN H 135 -47.13 -3.56 2.76
C ASN H 135 -48.26 -2.98 3.58
N LEU H 136 -48.18 -3.04 4.91
CA LEU H 136 -49.22 -2.46 5.75
C LEU H 136 -49.16 -0.94 5.69
N THR H 137 -50.33 -0.31 5.79
CA THR H 137 -50.43 1.13 5.74
C THR H 137 -50.26 1.72 7.14
N PRO H 138 -49.22 2.50 7.38
CA PRO H 138 -49.08 3.13 8.70
C PRO H 138 -50.15 4.18 8.92
N LEU H 139 -50.33 4.52 10.20
CA LEU H 139 -51.37 5.48 10.59
C LEU H 139 -51.00 6.07 11.93
N HIS H 140 -51.61 7.22 12.23
CA HIS H 140 -51.40 7.85 13.52
C HIS H 140 -52.05 7.03 14.63
N ALA H 141 -51.37 6.98 15.78
CA ALA H 141 -51.90 6.24 16.92
C ALA H 141 -53.15 6.91 17.45
N ASN H 142 -54.16 6.09 17.74
CA ASN H 142 -55.42 6.61 18.28
C ASN H 142 -55.96 5.83 19.46
N SER H 143 -55.47 4.64 19.75
CA SER H 143 -55.93 3.85 20.89
C SER H 143 -55.00 4.14 22.07
N ARG H 144 -55.52 4.90 23.03
CA ARG H 144 -54.72 5.32 24.17
C ARG H 144 -54.35 4.13 25.05
N LEU H 145 -53.10 4.12 25.52
CA LEU H 145 -52.64 3.12 26.49
C LEU H 145 -52.71 3.75 27.87
N ARG H 146 -53.71 3.35 28.66
CA ARG H 146 -53.93 3.93 29.98
C ARG H 146 -52.81 3.46 30.90
N MET H 147 -51.82 4.32 31.12
CA MET H 147 -50.66 3.97 31.93
C MET H 147 -50.92 4.08 33.43
N GLU H 148 -52.02 4.69 33.84
CA GLU H 148 -52.28 4.87 35.26
C GLU H 148 -52.61 3.55 35.92
N ARG H 149 -51.96 3.28 37.06
CA ARG H 149 -52.24 2.06 37.80
C ARG H 149 -53.66 2.06 38.34
N GLY H 150 -54.12 3.20 38.85
CA GLY H 150 -55.45 3.32 39.41
C GLY H 150 -55.58 2.92 40.86
N ASN H 151 -54.49 2.47 41.50
CA ASN H 151 -54.53 2.11 42.90
C ASN H 151 -54.17 3.24 43.84
N GLY H 152 -53.74 4.39 43.31
CA GLY H 152 -53.37 5.51 44.15
C GLY H 152 -52.11 5.30 44.96
N SER H 153 -51.26 4.36 44.57
CA SER H 153 -50.04 4.07 45.30
C SER H 153 -48.96 5.10 44.97
N THR H 154 -47.82 4.99 45.66
CA THR H 154 -46.72 5.91 45.43
C THR H 154 -46.14 5.74 44.03
N GLU H 155 -45.93 4.50 43.60
CA GLU H 155 -45.40 4.27 42.27
C GLU H 155 -46.41 4.61 41.18
N ASP H 156 -47.71 4.59 41.50
CA ASP H 156 -48.72 5.00 40.53
C ASP H 156 -48.58 6.48 40.19
N LEU H 157 -48.09 7.29 41.13
CA LEU H 157 -47.92 8.71 40.88
C LEU H 157 -46.98 8.98 39.71
N THR H 158 -45.93 8.17 39.58
CA THR H 158 -45.04 8.31 38.42
C THR H 158 -45.80 8.05 37.12
N ALA H 159 -46.65 7.02 37.10
CA ALA H 159 -47.50 6.78 35.94
C ALA H 159 -48.54 7.88 35.75
N ARG H 160 -48.98 8.53 36.84
CA ARG H 160 -49.91 9.64 36.70
C ARG H 160 -49.24 10.84 36.03
N VAL H 161 -47.96 11.08 36.31
CA VAL H 161 -47.27 12.19 35.69
C VAL H 161 -47.07 11.94 34.19
N LEU H 162 -46.69 10.72 33.83
CA LEU H 162 -46.41 10.41 32.43
C LEU H 162 -47.65 10.57 31.57
N ASP H 163 -48.80 10.08 32.04
CA ASP H 163 -50.03 10.23 31.27
C ASP H 163 -50.44 11.70 31.15
N LEU H 164 -50.17 12.50 32.18
CA LEU H 164 -50.47 13.92 32.12
C LEU H 164 -49.49 14.67 31.23
N ALA H 165 -48.26 14.17 31.10
CA ALA H 165 -47.24 14.90 30.35
C ALA H 165 -47.29 14.58 28.87
N SER H 166 -47.34 13.30 28.52
CA SER H 166 -47.33 12.88 27.12
C SER H 166 -48.01 11.52 27.01
N PRO H 167 -49.29 11.50 26.62
CA PRO H 167 -49.99 10.22 26.47
C PRO H 167 -49.33 9.33 25.42
N ILE H 168 -49.42 8.02 25.64
CA ILE H 168 -48.85 7.02 24.74
C ILE H 168 -49.99 6.18 24.19
N GLY H 169 -50.03 6.03 22.86
CA GLY H 169 -51.01 5.20 22.20
C GLY H 169 -50.34 4.03 21.48
N ARG H 170 -51.19 3.10 21.04
CA ARG H 170 -50.69 1.92 20.33
C ARG H 170 -50.09 2.35 19.00
N GLY H 171 -48.78 2.17 18.86
CA GLY H 171 -48.07 2.61 17.68
C GLY H 171 -47.32 3.92 17.84
N GLN H 172 -47.31 4.49 19.04
CA GLN H 172 -46.67 5.78 19.28
C GLN H 172 -45.16 5.56 19.36
N ARG H 173 -44.44 6.06 18.36
CA ARG H 173 -42.98 5.93 18.30
C ARG H 173 -42.37 6.91 19.29
N GLY H 174 -42.30 6.48 20.55
CA GLY H 174 -41.81 7.34 21.60
C GLY H 174 -40.30 7.49 21.61
N LEU H 175 -39.83 8.42 22.43
CA LEU H 175 -38.40 8.65 22.61
C LEU H 175 -38.21 9.38 23.93
N ILE H 176 -37.43 8.78 24.83
CA ILE H 176 -37.21 9.34 26.16
C ILE H 176 -35.79 9.89 26.20
N VAL H 177 -35.67 11.18 26.50
CA VAL H 177 -34.39 11.85 26.60
C VAL H 177 -34.04 11.98 28.09
N ALA H 178 -32.87 11.47 28.47
CA ALA H 178 -32.50 11.42 29.87
C ALA H 178 -31.01 11.69 30.07
N PRO H 179 -30.66 12.66 30.91
CA PRO H 179 -29.26 12.84 31.29
C PRO H 179 -28.83 11.75 32.25
N PRO H 180 -27.53 11.54 32.44
CA PRO H 180 -27.08 10.48 33.35
C PRO H 180 -27.57 10.69 34.77
N LYS H 181 -27.86 9.58 35.45
CA LYS H 181 -28.32 9.58 36.83
C LYS H 181 -29.58 10.42 37.01
N ALA H 182 -30.54 10.25 36.08
CA ALA H 182 -31.82 10.93 36.16
C ALA H 182 -32.95 10.00 36.57
N GLY H 183 -32.62 8.86 37.15
CA GLY H 183 -33.64 7.87 37.49
C GLY H 183 -34.32 7.28 36.28
N LYS H 184 -33.55 7.03 35.21
CA LYS H 184 -34.14 6.50 33.98
C LYS H 184 -34.65 5.09 34.18
N THR H 185 -33.84 4.21 34.77
CA THR H 185 -34.24 2.82 34.95
C THR H 185 -35.45 2.68 35.85
N MET H 186 -35.62 3.58 36.83
CA MET H 186 -36.81 3.55 37.66
C MET H 186 -38.06 3.84 36.84
N LEU H 187 -37.98 4.77 35.89
CA LEU H 187 -39.13 5.06 35.05
C LEU H 187 -39.50 3.87 34.17
N LEU H 188 -38.50 3.23 33.56
CA LEU H 188 -38.77 2.08 32.70
C LEU H 188 -39.38 0.93 33.49
N GLN H 189 -38.87 0.66 34.70
CA GLN H 189 -39.47 -0.36 35.54
C GLN H 189 -40.90 0.00 35.91
N ASN H 190 -41.16 1.28 36.20
CA ASN H 190 -42.52 1.72 36.50
C ASN H 190 -43.43 1.57 35.29
N ILE H 191 -42.93 1.88 34.09
CA ILE H 191 -43.74 1.76 32.89
C ILE H 191 -44.09 0.30 32.63
N ALA H 192 -43.10 -0.59 32.74
CA ALA H 192 -43.33 -1.99 32.42
C ALA H 192 -44.36 -2.64 33.33
N GLN H 193 -44.32 -2.30 34.63
CA GLN H 193 -45.32 -2.86 35.55
C GLN H 193 -46.72 -2.39 35.18
N SER H 194 -46.88 -1.12 34.81
CA SER H 194 -48.19 -0.59 34.47
C SER H 194 -48.75 -1.19 33.19
N ILE H 195 -47.90 -1.41 32.19
CA ILE H 195 -48.37 -1.95 30.92
C ILE H 195 -48.91 -3.37 31.11
N ALA H 196 -48.15 -4.21 31.82
CA ALA H 196 -48.62 -5.57 32.09
C ALA H 196 -49.82 -5.58 33.03
N TYR H 197 -49.98 -4.55 33.86
CA TYR H 197 -51.11 -4.48 34.77
C TYR H 197 -52.36 -4.01 34.06
N ASN H 198 -52.28 -2.88 33.36
CA ASN H 198 -53.46 -2.31 32.71
C ASN H 198 -53.85 -3.08 31.45
N HIS H 199 -52.88 -3.47 30.63
CA HIS H 199 -53.14 -4.11 29.35
C HIS H 199 -52.38 -5.42 29.27
N PRO H 200 -52.89 -6.49 29.88
CA PRO H 200 -52.21 -7.79 29.76
C PRO H 200 -52.24 -8.37 28.35
N ASP H 201 -53.17 -7.93 27.50
CA ASP H 201 -53.31 -8.52 26.19
C ASP H 201 -52.16 -8.19 25.25
N CYS H 202 -51.67 -6.96 25.27
CA CYS H 202 -50.62 -6.55 24.36
C CYS H 202 -49.30 -7.22 24.71
N VAL H 203 -48.59 -7.68 23.69
CA VAL H 203 -47.29 -8.31 23.89
C VAL H 203 -46.28 -7.26 24.29
N LEU H 204 -45.56 -7.51 25.39
CA LEU H 204 -44.57 -6.57 25.91
C LEU H 204 -43.18 -7.18 25.79
N MET H 205 -42.26 -6.44 25.18
CA MET H 205 -40.88 -6.85 25.06
C MET H 205 -39.99 -5.72 25.56
N VAL H 206 -38.95 -6.07 26.32
CA VAL H 206 -38.01 -5.11 26.86
C VAL H 206 -36.62 -5.46 26.31
N LEU H 207 -35.99 -4.50 25.66
CA LEU H 207 -34.67 -4.67 25.09
C LEU H 207 -33.69 -3.76 25.80
N LEU H 208 -32.61 -4.34 26.34
CA LEU H 208 -31.57 -3.60 27.03
C LEU H 208 -30.26 -3.80 26.29
N ILE H 209 -29.67 -2.70 25.83
CA ILE H 209 -28.42 -2.74 25.07
C ILE H 209 -27.33 -2.07 25.90
N ASP H 210 -26.20 -2.74 26.03
CA ASP H 210 -25.04 -2.23 26.77
C ASP H 210 -25.44 -1.91 28.21
N GLU H 211 -26.02 -2.90 28.87
CA GLU H 211 -26.49 -2.78 30.25
C GLU H 211 -25.66 -3.65 31.16
N ARG H 212 -25.45 -3.17 32.39
CA ARG H 212 -24.68 -3.92 33.36
C ARG H 212 -25.41 -5.20 33.75
N PRO H 213 -24.67 -6.28 34.00
CA PRO H 213 -25.31 -7.56 34.34
C PRO H 213 -26.17 -7.50 35.59
N GLU H 214 -25.88 -6.60 36.52
CA GLU H 214 -26.71 -6.47 37.71
C GLU H 214 -28.12 -6.01 37.37
N GLU H 215 -28.24 -5.08 36.41
CA GLU H 215 -29.55 -4.55 36.04
C GLU H 215 -30.37 -5.54 35.22
N VAL H 216 -29.73 -6.38 34.39
CA VAL H 216 -30.47 -7.30 33.55
C VAL H 216 -31.26 -8.29 34.40
N THR H 217 -30.63 -8.87 35.41
CA THR H 217 -31.33 -9.80 36.30
C THR H 217 -32.32 -9.08 37.21
N GLU H 218 -32.07 -7.82 37.55
CA GLU H 218 -33.05 -7.05 38.29
C GLU H 218 -34.31 -6.83 37.47
N MET H 219 -34.15 -6.51 36.18
CA MET H 219 -35.30 -6.29 35.32
C MET H 219 -36.10 -7.57 35.12
N GLN H 220 -35.43 -8.70 34.93
CA GLN H 220 -36.10 -9.95 34.66
C GLN H 220 -36.94 -10.45 35.83
N ARG H 221 -36.72 -9.92 37.04
CA ARG H 221 -37.51 -10.27 38.21
C ARG H 221 -38.66 -9.31 38.45
N LEU H 222 -38.85 -8.32 37.59
CA LEU H 222 -39.93 -7.35 37.72
C LEU H 222 -40.88 -7.36 36.53
N VAL H 223 -40.35 -7.37 35.31
CA VAL H 223 -41.16 -7.27 34.11
C VAL H 223 -41.91 -8.57 33.89
N LYS H 224 -43.22 -8.48 33.69
CA LYS H 224 -44.04 -9.65 33.37
C LYS H 224 -44.15 -9.87 31.87
N GLY H 225 -42.99 -9.95 31.22
CA GLY H 225 -42.95 -10.15 29.79
C GLY H 225 -41.55 -10.53 29.36
N GLU H 226 -41.40 -10.75 28.06
CA GLU H 226 -40.11 -11.16 27.50
C GLU H 226 -39.09 -10.04 27.70
N VAL H 227 -37.95 -10.37 28.29
CA VAL H 227 -36.87 -9.43 28.50
C VAL H 227 -35.59 -10.05 27.95
N VAL H 228 -34.97 -9.35 27.00
CA VAL H 228 -33.70 -9.77 26.43
C VAL H 228 -32.71 -8.63 26.58
N ALA H 229 -31.43 -8.97 26.68
CA ALA H 229 -30.41 -7.97 26.92
C ALA H 229 -29.06 -8.50 26.50
N SER H 230 -28.11 -7.57 26.33
CA SER H 230 -26.73 -7.91 25.99
C SER H 230 -25.81 -7.05 26.84
N THR H 231 -25.08 -7.68 27.74
CA THR H 231 -24.18 -6.96 28.63
C THR H 231 -23.00 -6.38 27.84
N PHE H 232 -22.31 -5.43 28.46
CA PHE H 232 -21.20 -4.76 27.77
C PHE H 232 -20.04 -5.68 27.48
N ASP H 233 -19.88 -6.77 28.24
CA ASP H 233 -18.82 -7.73 27.95
C ASP H 233 -19.04 -8.46 26.63
N GLU H 234 -20.26 -8.48 26.13
CA GLU H 234 -20.52 -9.07 24.83
C GLU H 234 -19.95 -8.18 23.73
N PRO H 235 -19.58 -8.76 22.60
CA PRO H 235 -19.01 -7.96 21.50
C PRO H 235 -20.08 -7.04 20.89
N ALA H 236 -19.59 -6.09 20.08
CA ALA H 236 -20.48 -5.15 19.43
C ALA H 236 -21.45 -5.86 18.48
N SER H 237 -20.97 -6.87 17.75
CA SER H 237 -21.85 -7.62 16.87
C SER H 237 -22.96 -8.34 17.62
N ARG H 238 -22.74 -8.67 18.89
CA ARG H 238 -23.81 -9.24 19.70
C ARG H 238 -24.84 -8.19 20.10
N HIS H 239 -24.42 -6.93 20.24
CA HIS H 239 -25.37 -5.87 20.56
C HIS H 239 -26.40 -5.69 19.46
N VAL H 240 -25.97 -5.75 18.19
CA VAL H 240 -26.89 -5.58 17.07
C VAL H 240 -27.58 -6.87 16.69
N GLN H 241 -27.02 -8.03 17.03
CA GLN H 241 -27.68 -9.29 16.72
C GLN H 241 -28.97 -9.44 17.49
N VAL H 242 -28.97 -9.12 18.79
CA VAL H 242 -30.18 -9.21 19.58
C VAL H 242 -31.20 -8.16 19.13
N ALA H 243 -30.73 -6.96 18.78
CA ALA H 243 -31.65 -5.92 18.31
C ALA H 243 -32.38 -6.33 17.04
N GLU H 244 -31.66 -6.94 16.08
CA GLU H 244 -32.32 -7.43 14.88
C GLU H 244 -33.35 -8.51 15.20
N MET H 245 -33.01 -9.41 16.12
CA MET H 245 -33.94 -10.48 16.48
C MET H 245 -35.16 -9.95 17.21
N VAL H 246 -35.09 -8.77 17.83
CA VAL H 246 -36.23 -8.24 18.56
C VAL H 246 -37.24 -7.61 17.60
N ILE H 247 -36.75 -6.77 16.69
CA ILE H 247 -37.68 -6.08 15.78
C ILE H 247 -38.30 -7.06 14.80
N GLU H 248 -37.52 -8.01 14.30
CA GLU H 248 -38.06 -9.01 13.38
C GLU H 248 -39.14 -9.85 14.04
N LYS H 249 -38.91 -10.28 15.28
CA LYS H 249 -39.94 -10.99 16.02
C LYS H 249 -41.15 -10.09 16.29
N ALA H 250 -40.91 -8.79 16.52
CA ALA H 250 -42.02 -7.88 16.74
C ALA H 250 -42.85 -7.69 15.48
N LYS H 251 -42.20 -7.59 14.31
CA LYS H 251 -42.95 -7.40 13.07
C LYS H 251 -43.88 -8.55 12.78
N ARG H 252 -43.46 -9.78 13.08
CA ARG H 252 -44.32 -10.94 12.83
C ARG H 252 -45.60 -10.87 13.66
N LEU H 253 -45.51 -10.43 14.91
CA LEU H 253 -46.70 -10.30 15.74
C LEU H 253 -47.64 -9.21 15.25
N VAL H 254 -47.12 -8.20 14.56
CA VAL H 254 -47.99 -7.17 13.98
C VAL H 254 -48.83 -7.75 12.87
N GLU H 255 -48.25 -8.63 12.05
CA GLU H 255 -49.00 -9.24 10.95
C GLU H 255 -50.18 -10.05 11.46
N HIS H 256 -50.07 -10.63 12.65
CA HIS H 256 -51.15 -11.39 13.25
C HIS H 256 -52.03 -10.51 14.15
N LYS H 257 -52.00 -9.20 13.95
CA LYS H 257 -52.87 -8.27 14.66
C LYS H 257 -52.68 -8.35 16.18
N LYS H 258 -51.43 -8.21 16.61
CA LYS H 258 -51.08 -8.18 18.02
C LYS H 258 -50.28 -6.93 18.32
N ASP H 259 -50.68 -6.21 19.37
CA ASP H 259 -50.01 -4.98 19.76
C ASP H 259 -48.73 -5.32 20.51
N VAL H 260 -47.59 -5.06 19.90
CA VAL H 260 -46.29 -5.36 20.49
C VAL H 260 -45.66 -4.05 20.96
N ILE H 261 -45.18 -4.03 22.19
CA ILE H 261 -44.55 -2.87 22.79
C ILE H 261 -43.10 -3.20 23.08
N ILE H 262 -42.19 -2.36 22.59
CA ILE H 262 -40.76 -2.55 22.76
C ILE H 262 -40.21 -1.39 23.57
N LEU H 263 -39.78 -1.67 24.79
CA LEU H 263 -39.09 -0.68 25.62
C LEU H 263 -37.59 -0.86 25.42
N LEU H 264 -36.95 0.16 24.86
CA LEU H 264 -35.54 0.08 24.50
C LEU H 264 -34.71 0.94 25.44
N ASP H 265 -33.55 0.41 25.83
CA ASP H 265 -32.61 1.13 26.70
C ASP H 265 -31.21 0.66 26.32
N SER H 266 -30.51 1.46 25.52
CA SER H 266 -30.97 2.74 25.00
C SER H 266 -30.65 2.88 23.53
N ILE H 267 -31.34 3.79 22.84
CA ILE H 267 -31.09 3.99 21.42
C ILE H 267 -29.68 4.52 21.16
N THR H 268 -29.08 5.24 22.11
CA THR H 268 -27.72 5.71 21.92
C THR H 268 -26.74 4.55 21.88
N ARG H 269 -26.88 3.59 22.80
CA ARG H 269 -26.00 2.44 22.83
C ARG H 269 -26.15 1.60 21.56
N LEU H 270 -27.38 1.40 21.09
CA LEU H 270 -27.59 0.64 19.86
C LEU H 270 -26.96 1.35 18.67
N ALA H 271 -27.07 2.67 18.60
CA ALA H 271 -26.47 3.42 17.51
C ALA H 271 -24.95 3.29 17.53
N ARG H 272 -24.34 3.38 18.71
CA ARG H 272 -22.90 3.23 18.82
C ARG H 272 -22.45 1.83 18.41
N ALA H 273 -23.22 0.80 18.79
CA ALA H 273 -22.89 -0.55 18.38
C ALA H 273 -22.97 -0.70 16.87
N TYR H 274 -23.99 -0.11 16.25
CA TYR H 274 -24.12 -0.19 14.79
C TYR H 274 -22.98 0.54 14.09
N ASN H 275 -22.50 1.64 14.67
CA ASN H 275 -21.39 2.37 14.08
C ASN H 275 -20.14 1.49 13.98
N THR H 276 -19.87 0.70 15.01
CA THR H 276 -18.71 -0.18 14.99
C THR H 276 -18.88 -1.31 13.97
N VAL H 277 -20.04 -1.94 13.95
CA VAL H 277 -20.23 -3.16 13.16
C VAL H 277 -20.13 -2.86 11.67
N VAL H 278 -20.86 -1.84 11.20
CA VAL H 278 -20.95 -1.56 9.78
C VAL H 278 -19.63 -1.05 9.25
N PRO H 279 -19.29 -1.32 7.99
CA PRO H 279 -18.05 -0.78 7.43
C PRO H 279 -18.13 0.73 7.24
N ALA H 280 -16.97 1.37 7.28
CA ALA H 280 -16.89 2.80 7.04
C ALA H 280 -17.26 3.12 5.60
N SER H 281 -18.04 4.17 5.41
CA SER H 281 -18.50 4.59 4.10
C SER H 281 -17.60 5.63 3.45
N GLY H 282 -16.54 6.06 4.14
CA GLY H 282 -15.66 7.09 3.63
C GLY H 282 -16.12 8.51 3.87
N LYS H 283 -17.36 8.69 4.32
CA LYS H 283 -17.90 10.01 4.64
C LYS H 283 -18.19 10.03 6.14
N VAL H 284 -17.22 10.50 6.92
CA VAL H 284 -17.30 10.48 8.38
C VAL H 284 -17.81 11.83 8.86
N LEU H 285 -18.86 11.81 9.66
CA LEU H 285 -19.43 13.04 10.22
C LEU H 285 -18.67 13.40 11.50
N THR H 286 -19.14 14.44 12.17
CA THR H 286 -18.50 14.87 13.42
C THR H 286 -18.72 13.84 14.52
N GLY H 287 -17.76 13.77 15.43
CA GLY H 287 -17.84 12.84 16.54
C GLY H 287 -17.50 11.41 16.20
N GLY H 288 -17.03 11.15 14.98
CA GLY H 288 -16.70 9.79 14.57
C GLY H 288 -17.87 8.96 14.09
N VAL H 289 -19.07 9.55 14.00
CA VAL H 289 -20.24 8.81 13.57
C VAL H 289 -20.24 8.73 12.05
N ASP H 290 -20.25 7.51 11.53
CA ASP H 290 -20.33 7.32 10.08
C ASP H 290 -21.72 7.69 9.59
N ALA H 291 -21.78 8.37 8.44
CA ALA H 291 -23.06 8.79 7.89
C ALA H 291 -23.93 7.60 7.52
N ASN H 292 -23.35 6.58 6.90
CA ASN H 292 -24.09 5.39 6.51
C ASN H 292 -24.39 4.48 7.69
N ALA H 293 -23.75 4.69 8.84
CA ALA H 293 -23.97 3.83 9.99
C ALA H 293 -25.37 4.00 10.56
N LEU H 294 -25.90 5.23 10.54
CA LEU H 294 -27.17 5.53 11.19
C LEU H 294 -28.38 5.10 10.38
N HIS H 295 -28.20 4.61 9.15
CA HIS H 295 -29.34 4.14 8.38
C HIS H 295 -29.98 2.91 9.00
N ARG H 296 -29.18 2.04 9.63
CA ARG H 296 -29.74 0.82 10.21
C ARG H 296 -30.54 1.09 11.47
N PRO H 297 -30.02 1.80 12.49
CA PRO H 297 -30.85 2.05 13.68
C PRO H 297 -32.11 2.84 13.40
N LYS H 298 -32.09 3.73 12.41
CA LYS H 298 -33.30 4.47 12.07
C LYS H 298 -34.39 3.53 11.58
N ARG H 299 -34.04 2.53 10.78
CA ARG H 299 -35.01 1.54 10.35
C ARG H 299 -35.61 0.79 11.53
N PHE H 300 -34.78 0.42 12.51
CA PHE H 300 -35.29 -0.20 13.72
C PHE H 300 -36.23 0.74 14.46
N PHE H 301 -35.85 2.01 14.57
CA PHE H 301 -36.69 2.98 15.28
C PHE H 301 -37.87 3.41 14.43
N GLY H 302 -37.76 3.34 13.11
CA GLY H 302 -38.82 3.77 12.22
C GLY H 302 -39.91 2.77 11.96
N ALA H 303 -39.80 1.56 12.53
CA ALA H 303 -40.82 0.54 12.31
C ALA H 303 -42.08 0.77 13.13
N ALA H 304 -42.01 1.58 14.19
CA ALA H 304 -43.17 1.79 15.05
C ALA H 304 -44.29 2.45 14.26
N ARG H 305 -45.49 1.91 14.37
CA ARG H 305 -46.64 2.42 13.62
C ARG H 305 -47.91 1.83 14.21
N ASN H 306 -49.03 2.43 13.84
CA ASN H 306 -50.36 1.93 14.18
C ASN H 306 -50.99 1.45 12.88
N VAL H 307 -50.78 0.17 12.57
CA VAL H 307 -51.23 -0.37 11.29
C VAL H 307 -52.74 -0.31 11.21
N GLU H 308 -53.25 0.17 10.06
CA GLU H 308 -54.68 0.31 9.89
C GLU H 308 -55.39 -1.04 9.82
N GLU H 309 -54.72 -2.06 9.28
CA GLU H 309 -55.34 -3.37 9.15
C GLU H 309 -55.60 -4.03 10.50
N GLY H 310 -54.96 -3.57 11.56
CA GLY H 310 -55.11 -4.15 12.88
C GLY H 310 -53.74 -4.31 13.52
N GLY H 311 -53.71 -4.20 14.84
CA GLY H 311 -52.46 -4.28 15.56
C GLY H 311 -51.72 -2.96 15.52
N SER H 312 -50.51 -2.99 16.08
CA SER H 312 -49.68 -1.79 16.17
C SER H 312 -48.25 -2.22 16.48
N LEU H 313 -47.39 -1.24 16.75
CA LEU H 313 -46.02 -1.50 17.16
C LEU H 313 -45.53 -0.26 17.91
N THR H 314 -45.37 -0.38 19.21
CA THR H 314 -44.97 0.74 20.06
C THR H 314 -43.51 0.58 20.46
N ILE H 315 -42.72 1.63 20.25
CA ILE H 315 -41.31 1.64 20.61
C ILE H 315 -41.05 2.85 21.49
N ILE H 316 -40.58 2.59 22.72
CA ILE H 316 -40.19 3.67 23.63
C ILE H 316 -38.70 3.56 23.88
N ALA H 317 -37.91 4.24 23.07
CA ALA H 317 -36.46 4.14 23.11
C ALA H 317 -35.88 5.29 23.92
N THR H 318 -35.07 4.95 24.91
CA THR H 318 -34.41 5.97 25.72
C THR H 318 -33.20 6.54 24.99
N ALA H 319 -33.03 7.85 25.07
CA ALA H 319 -31.90 8.54 24.45
C ALA H 319 -31.01 9.12 25.54
N LEU H 320 -29.70 9.09 25.29
CA LEU H 320 -28.71 9.55 26.25
C LEU H 320 -28.14 10.88 25.81
N ILE H 321 -28.16 11.86 26.71
CA ILE H 321 -27.60 13.17 26.46
C ILE H 321 -26.72 13.56 27.63
N ASP H 322 -25.84 14.53 27.39
CA ASP H 322 -24.91 15.04 28.40
C ASP H 322 -24.05 13.92 28.99
N THR H 323 -23.61 13.01 28.12
CA THR H 323 -22.75 11.91 28.52
C THR H 323 -21.28 12.25 28.46
N GLY H 324 -20.93 13.48 28.07
CA GLY H 324 -19.55 13.88 27.97
C GLY H 324 -18.84 13.48 26.69
N SER H 325 -19.56 12.86 25.75
CA SER H 325 -18.98 12.44 24.49
C SER H 325 -19.77 13.06 23.34
N LYS H 326 -19.03 13.56 22.34
CA LYS H 326 -19.69 14.16 21.18
C LYS H 326 -20.41 13.11 20.34
N MET H 327 -19.95 11.85 20.39
CA MET H 327 -20.60 10.80 19.61
C MET H 327 -22.05 10.60 20.04
N ASP H 328 -22.31 10.65 21.35
CA ASP H 328 -23.69 10.52 21.84
C ASP H 328 -24.53 11.73 21.48
N GLU H 329 -23.91 12.92 21.38
CA GLU H 329 -24.67 14.11 21.01
C GLU H 329 -25.05 14.10 19.53
N VAL H 330 -24.17 13.60 18.67
CA VAL H 330 -24.49 13.51 17.25
C VAL H 330 -25.66 12.58 17.02
N ILE H 331 -25.70 11.45 17.72
CA ILE H 331 -26.79 10.49 17.56
C ILE H 331 -28.13 11.14 17.92
N TYR H 332 -28.16 11.87 19.04
CA TYR H 332 -29.41 12.50 19.45
C TYR H 332 -29.85 13.57 18.46
N GLU H 333 -28.91 14.26 17.82
CA GLU H 333 -29.27 15.28 16.84
C GLU H 333 -29.91 14.67 15.59
N GLU H 334 -29.68 13.39 15.33
CA GLU H 334 -30.29 12.71 14.19
C GLU H 334 -31.59 12.02 14.55
N PHE H 335 -31.99 12.05 15.81
CA PHE H 335 -33.26 11.45 16.26
C PHE H 335 -34.17 12.49 16.91
N LYS H 336 -33.89 13.78 16.73
CA LYS H 336 -34.65 14.81 17.41
C LYS H 336 -36.06 14.93 16.85
N GLY H 337 -36.18 15.25 15.56
CA GLY H 337 -37.48 15.36 14.95
C GLY H 337 -37.92 14.07 14.29
N THR H 338 -37.79 12.96 15.01
CA THR H 338 -38.10 11.64 14.48
C THR H 338 -39.21 10.95 15.25
N GLY H 339 -39.15 10.94 16.57
CA GLY H 339 -40.15 10.24 17.34
C GLY H 339 -41.51 10.90 17.29
N ASN H 340 -42.53 10.07 17.46
CA ASN H 340 -43.90 10.59 17.50
C ASN H 340 -44.16 11.39 18.77
N MET H 341 -43.48 11.05 19.86
CA MET H 341 -43.58 11.79 21.11
C MET H 341 -42.22 11.84 21.76
N GLU H 342 -42.05 12.84 22.64
CA GLU H 342 -40.81 13.01 23.37
C GLU H 342 -41.11 13.15 24.85
N LEU H 343 -40.12 12.79 25.68
CA LEU H 343 -40.23 12.88 27.12
C LEU H 343 -38.85 13.27 27.66
N HIS H 344 -38.67 14.54 27.97
CA HIS H 344 -37.40 15.07 28.42
C HIS H 344 -37.29 14.93 29.93
N LEU H 345 -36.24 14.24 30.38
CA LEU H 345 -35.92 14.18 31.79
C LEU H 345 -34.87 15.23 32.12
N SER H 346 -34.93 15.75 33.34
CA SER H 346 -34.03 16.81 33.78
C SER H 346 -33.21 16.34 34.97
N ARG H 347 -31.89 16.49 34.86
CA ARG H 347 -31.02 16.14 35.98
C ARG H 347 -31.24 17.07 37.16
N LYS H 348 -31.58 18.34 36.90
CA LYS H 348 -31.76 19.30 37.98
C LYS H 348 -32.86 18.88 38.93
N ILE H 349 -33.98 18.40 38.39
CA ILE H 349 -35.05 17.89 39.25
C ILE H 349 -34.61 16.63 39.97
N ALA H 350 -33.77 15.80 39.33
CA ALA H 350 -33.27 14.61 39.99
C ALA H 350 -32.38 14.96 41.18
N GLU H 351 -31.55 16.00 41.06
CA GLU H 351 -30.69 16.40 42.16
C GLU H 351 -31.47 16.87 43.38
N LYS H 352 -32.70 17.35 43.18
CA LYS H 352 -33.57 17.76 44.27
C LYS H 352 -34.34 16.58 44.85
N ARG H 353 -34.03 15.35 44.43
CA ARG H 353 -34.70 14.15 44.92
C ARG H 353 -36.20 14.19 44.67
N VAL H 354 -36.59 14.74 43.51
CA VAL H 354 -37.97 14.79 43.08
C VAL H 354 -38.15 13.82 41.93
N PHE H 355 -39.06 12.87 42.08
CA PHE H 355 -39.25 11.82 41.08
C PHE H 355 -40.72 11.68 40.74
N PRO H 356 -41.05 11.45 39.46
CA PRO H 356 -40.14 11.36 38.31
C PRO H 356 -39.64 12.74 37.87
N ALA H 357 -38.38 12.85 37.46
CA ALA H 357 -37.80 14.12 37.04
C ALA H 357 -38.13 14.33 35.57
N ILE H 358 -39.33 14.82 35.32
CA ILE H 358 -39.86 15.00 33.98
C ILE H 358 -40.02 16.48 33.69
N ASP H 359 -39.38 16.94 32.62
CA ASP H 359 -39.51 18.34 32.18
C ASP H 359 -40.87 18.50 31.53
N TYR H 360 -41.85 19.01 32.29
CA TYR H 360 -43.20 19.13 31.77
C TYR H 360 -43.29 20.16 30.65
N ASN H 361 -42.49 21.23 30.73
CA ASN H 361 -42.56 22.27 29.72
C ASN H 361 -42.08 21.76 28.36
N ARG H 362 -41.05 20.92 28.34
CA ARG H 362 -40.47 20.47 27.08
C ARG H 362 -41.08 19.16 26.58
N SER H 363 -41.41 18.24 27.47
CA SER H 363 -41.96 16.96 27.06
C SER H 363 -43.39 17.12 26.55
N GLY H 364 -43.75 16.25 25.62
CA GLY H 364 -45.09 16.28 25.06
C GLY H 364 -45.21 15.29 23.92
N THR H 365 -46.39 15.28 23.33
CA THR H 365 -46.69 14.41 22.20
C THR H 365 -47.38 15.22 21.11
N ARG H 366 -47.45 14.63 19.92
CA ARG H 366 -48.06 15.28 18.76
C ARG H 366 -49.31 14.52 18.35
N LYS H 367 -50.32 15.27 17.89
CA LYS H 367 -51.62 14.71 17.53
C LYS H 367 -52.23 13.96 18.71
N GLU H 368 -52.10 14.55 19.89
CA GLU H 368 -52.67 13.96 21.10
C GLU H 368 -54.20 14.00 21.10
N GLU H 369 -54.82 14.79 20.23
CA GLU H 369 -56.27 14.83 20.17
C GLU H 369 -56.86 13.51 19.67
N LEU H 370 -56.06 12.70 18.99
CA LEU H 370 -56.55 11.38 18.57
C LEU H 370 -56.62 10.41 19.73
N LEU H 371 -55.74 10.56 20.72
CA LEU H 371 -55.72 9.64 21.86
C LEU H 371 -56.79 10.02 22.88
N THR H 372 -56.69 11.21 23.45
CA THR H 372 -57.61 11.64 24.49
C THR H 372 -58.92 12.13 23.89
N THR H 373 -59.90 12.36 24.77
CA THR H 373 -61.17 12.91 24.35
C THR H 373 -61.07 14.44 24.22
N GLN H 374 -62.09 15.03 23.60
CA GLN H 374 -62.08 16.47 23.38
C GLN H 374 -62.17 17.26 24.68
N GLU H 375 -62.72 16.67 25.74
CA GLU H 375 -62.78 17.35 27.03
C GLU H 375 -61.58 17.06 27.90
N GLU H 376 -61.03 15.83 27.84
CA GLU H 376 -59.82 15.53 28.58
C GLU H 376 -58.64 16.33 28.06
N LEU H 377 -58.53 16.47 26.74
CA LEU H 377 -57.48 17.32 26.17
C LEU H 377 -57.68 18.76 26.58
N GLN H 378 -58.93 19.22 26.64
CA GLN H 378 -59.19 20.58 27.12
C GLN H 378 -58.72 20.75 28.55
N LYS H 379 -58.96 19.74 29.40
CA LYS H 379 -58.42 19.78 30.76
C LYS H 379 -56.90 19.79 30.77
N MET H 380 -56.28 19.03 29.86
CA MET H 380 -54.82 18.99 29.80
C MET H 380 -54.23 20.36 29.47
N TRP H 381 -54.85 21.08 28.52
CA TRP H 381 -54.37 22.40 28.16
C TRP H 381 -54.42 23.38 29.33
N ILE H 382 -55.36 23.18 30.26
CA ILE H 382 -55.39 24.03 31.45
C ILE H 382 -54.10 23.87 32.25
N LEU H 383 -53.64 22.62 32.42
CA LEU H 383 -52.37 22.40 33.09
C LEU H 383 -51.21 22.97 32.29
N ARG H 384 -51.27 22.87 30.95
CA ARG H 384 -50.24 23.46 30.12
C ARG H 384 -50.16 24.97 30.32
N LYS H 385 -51.31 25.64 30.38
CA LYS H 385 -51.35 27.08 30.63
C LYS H 385 -50.89 27.43 32.04
N ILE H 386 -50.83 26.46 32.95
CA ILE H 386 -50.38 26.71 34.32
C ILE H 386 -48.89 26.41 34.47
N ILE H 387 -48.45 25.26 33.96
CA ILE H 387 -47.07 24.85 34.15
C ILE H 387 -46.13 25.73 33.33
N HIS H 388 -46.51 26.06 32.10
CA HIS H 388 -45.60 26.78 31.21
C HIS H 388 -45.10 28.11 31.78
N PRO H 389 -45.93 28.98 32.34
CA PRO H 389 -45.38 30.19 32.98
C PRO H 389 -44.45 29.88 34.15
N MET H 390 -44.66 28.78 34.85
CA MET H 390 -43.82 28.43 35.99
C MET H 390 -42.46 27.90 35.51
N GLY H 391 -41.64 27.47 36.46
CA GLY H 391 -40.34 26.93 36.15
C GLY H 391 -40.41 25.46 35.80
N GLU H 392 -39.25 24.80 35.87
CA GLU H 392 -39.16 23.38 35.56
C GLU H 392 -39.10 22.50 36.80
N ILE H 393 -38.62 23.01 37.92
CA ILE H 393 -38.52 22.25 39.17
C ILE H 393 -39.68 22.54 40.10
N ASP H 394 -39.98 23.83 40.29
CA ASP H 394 -41.10 24.21 41.16
C ASP H 394 -42.42 23.69 40.60
N ALA H 395 -42.63 23.81 39.29
CA ALA H 395 -43.83 23.26 38.69
C ALA H 395 -43.88 21.75 38.83
N MET H 396 -42.75 21.08 38.64
CA MET H 396 -42.69 19.65 38.89
C MET H 396 -42.97 19.34 40.36
N GLU H 397 -42.39 20.13 41.26
CA GLU H 397 -42.71 19.99 42.67
C GLU H 397 -44.18 20.31 42.93
N PHE H 398 -44.71 21.36 42.29
CA PHE H 398 -46.13 21.65 42.36
C PHE H 398 -46.96 20.50 41.81
N LEU H 399 -46.46 19.82 40.78
CA LEU H 399 -47.19 18.69 40.22
C LEU H 399 -47.22 17.51 41.18
N ILE H 400 -46.13 17.25 41.89
CA ILE H 400 -46.04 16.05 42.73
C ILE H 400 -47.05 16.13 43.88
N ASN H 401 -47.06 17.25 44.60
CA ASN H 401 -47.91 17.36 45.78
C ASN H 401 -49.39 17.36 45.40
N LYS H 402 -49.75 18.11 44.36
CA LYS H 402 -51.15 18.15 43.95
C LYS H 402 -51.63 16.79 43.45
N LEU H 403 -50.80 16.08 42.69
CA LEU H 403 -51.18 14.76 42.22
C LEU H 403 -51.30 13.77 43.35
N ALA H 404 -50.43 13.87 44.37
CA ALA H 404 -50.52 12.99 45.52
C ALA H 404 -51.76 13.24 46.35
N CYS H 405 -52.36 14.42 46.24
CA CYS H 405 -53.58 14.72 47.00
C CYS H 405 -54.73 13.81 46.58
N THR H 406 -54.88 13.57 45.29
CA THR H 406 -55.95 12.74 44.77
C THR H 406 -55.42 11.37 44.35
N LYS H 407 -56.35 10.51 43.93
CA LYS H 407 -56.02 9.16 43.50
C LYS H 407 -55.91 9.04 41.98
N THR H 408 -56.87 9.60 41.25
CA THR H 408 -56.88 9.55 39.80
C THR H 408 -56.78 10.97 39.23
N ASN H 409 -56.27 11.06 38.00
CA ASN H 409 -56.00 12.35 37.39
C ASN H 409 -57.28 13.14 37.12
N ASP H 410 -58.37 12.46 36.76
CA ASP H 410 -59.63 13.17 36.55
C ASP H 410 -60.11 13.82 37.85
N ASP H 411 -59.93 13.14 38.98
CA ASP H 411 -60.19 13.78 40.27
C ASP H 411 -59.26 14.96 40.50
N PHE H 412 -57.98 14.81 40.14
CA PHE H 412 -57.05 15.94 40.21
C PHE H 412 -57.49 17.09 39.32
N PHE H 413 -58.12 16.78 38.18
CA PHE H 413 -58.65 17.83 37.32
C PHE H 413 -59.77 18.60 38.01
N GLU H 414 -60.62 17.90 38.78
CA GLU H 414 -61.73 18.57 39.44
C GLU H 414 -61.25 19.59 40.46
N MET H 415 -60.26 19.21 41.28
CA MET H 415 -59.79 20.11 42.33
C MET H 415 -59.01 21.30 41.78
N MET H 416 -58.42 21.17 40.58
CA MET H 416 -57.72 22.30 39.97
C MET H 416 -58.69 23.39 39.51
N LYS H 417 -59.85 23.00 38.98
CA LYS H 417 -60.84 23.95 38.52
C LYS H 417 -61.59 24.61 39.67
N ARG H 418 -61.47 24.09 40.89
CA ARG H 418 -62.16 24.66 42.03
C ARG H 418 -61.17 25.21 43.06
N MET I 1 -54.54 -6.25 -16.89
CA MET I 1 -54.83 -5.53 -18.11
C MET I 1 -54.02 -4.24 -18.20
N ASN I 2 -54.20 -3.35 -17.22
CA ASN I 2 -53.51 -2.08 -17.18
C ASN I 2 -52.63 -2.04 -15.95
N LEU I 3 -51.33 -1.76 -16.14
CA LEU I 3 -50.39 -1.80 -15.04
C LEU I 3 -50.67 -0.71 -14.01
N THR I 4 -51.02 0.50 -14.47
CA THR I 4 -51.29 1.58 -13.53
C THR I 4 -52.52 1.27 -12.68
N GLU I 5 -53.55 0.66 -13.26
CA GLU I 5 -54.72 0.23 -12.49
C GLU I 5 -54.40 -0.91 -11.54
N LEU I 6 -53.24 -1.55 -11.70
CA LEU I 6 -52.84 -2.63 -10.80
C LEU I 6 -52.11 -2.12 -9.57
N LYS I 7 -51.33 -1.05 -9.70
CA LYS I 7 -50.56 -0.55 -8.56
C LYS I 7 -51.46 0.06 -7.50
N ASN I 8 -52.39 0.92 -7.90
CA ASN I 8 -53.26 1.58 -6.94
C ASN I 8 -54.25 0.65 -6.28
N THR I 9 -54.45 -0.55 -6.83
CA THR I 9 -55.32 -1.53 -6.18
C THR I 9 -54.67 -1.97 -4.87
N PRO I 10 -55.41 -1.95 -3.76
CA PRO I 10 -54.80 -2.31 -2.47
C PRO I 10 -54.33 -3.76 -2.47
N VAL I 11 -53.29 -4.00 -1.67
CA VAL I 11 -52.69 -5.33 -1.58
C VAL I 11 -53.65 -6.38 -1.05
N SER I 12 -54.74 -5.96 -0.40
CA SER I 12 -55.76 -6.92 0.01
C SER I 12 -56.47 -7.55 -1.18
N GLU I 13 -56.53 -6.83 -2.30
CA GLU I 13 -57.13 -7.36 -3.51
C GLU I 13 -56.12 -8.03 -4.44
N LEU I 14 -54.86 -7.60 -4.41
CA LEU I 14 -53.84 -8.21 -5.27
C LEU I 14 -53.63 -9.67 -4.93
N ILE I 15 -53.66 -10.03 -3.65
CA ILE I 15 -53.52 -11.43 -3.26
C ILE I 15 -54.69 -12.24 -3.81
N THR I 16 -55.90 -11.67 -3.78
CA THR I 16 -57.06 -12.36 -4.35
C THR I 16 -56.89 -12.56 -5.85
N LEU I 17 -56.40 -11.53 -6.55
CA LEU I 17 -56.21 -11.65 -8.00
C LEU I 17 -55.04 -12.59 -8.32
N GLY I 18 -54.05 -12.68 -7.44
CA GLY I 18 -52.93 -13.58 -7.69
C GLY I 18 -53.34 -15.04 -7.65
N GLU I 19 -54.23 -15.40 -6.72
CA GLU I 19 -54.70 -16.77 -6.60
C GLU I 19 -55.66 -17.18 -7.71
N ASN I 20 -56.23 -16.21 -8.44
CA ASN I 20 -57.20 -16.54 -9.48
C ASN I 20 -56.57 -17.35 -10.59
N MET I 21 -55.37 -16.97 -11.02
CA MET I 21 -54.68 -17.71 -12.08
C MET I 21 -54.15 -19.05 -11.62
N GLY I 22 -54.04 -19.27 -10.31
CA GLY I 22 -53.47 -20.48 -9.77
C GLY I 22 -52.19 -20.28 -8.99
N LEU I 23 -51.68 -19.06 -8.88
CA LEU I 23 -50.50 -18.81 -8.07
C LEU I 23 -50.80 -19.01 -6.59
N GLU I 24 -49.78 -19.44 -5.84
CA GLU I 24 -49.94 -19.74 -4.43
C GLU I 24 -48.74 -19.21 -3.67
N ASN I 25 -48.90 -19.07 -2.35
CA ASN I 25 -47.87 -18.57 -1.45
C ASN I 25 -47.43 -17.16 -1.87
N LEU I 26 -48.39 -16.23 -1.79
CA LEU I 26 -48.18 -14.87 -2.24
C LEU I 26 -48.35 -13.81 -1.16
N ALA I 27 -49.01 -14.12 -0.05
CA ALA I 27 -49.22 -13.13 0.99
C ALA I 27 -47.93 -12.71 1.67
N ARG I 28 -46.93 -13.58 1.70
CA ARG I 28 -45.66 -13.30 2.39
C ARG I 28 -44.63 -12.68 1.45
N MET I 29 -44.98 -11.58 0.79
CA MET I 29 -44.06 -10.89 -0.08
C MET I 29 -44.46 -9.42 -0.20
N ARG I 30 -43.53 -8.61 -0.67
CA ARG I 30 -43.77 -7.19 -0.83
C ARG I 30 -44.74 -6.93 -1.98
N LYS I 31 -45.34 -5.73 -1.97
CA LYS I 31 -46.33 -5.40 -2.99
C LYS I 31 -45.71 -5.30 -4.37
N GLN I 32 -44.44 -4.88 -4.47
CA GLN I 32 -43.77 -4.85 -5.76
C GLN I 32 -43.59 -6.24 -6.34
N ASP I 33 -43.26 -7.22 -5.51
CA ASP I 33 -43.05 -8.58 -5.99
C ASP I 33 -44.36 -9.24 -6.39
N ILE I 34 -45.43 -9.06 -5.61
CA ILE I 34 -46.70 -9.68 -5.96
C ILE I 34 -47.26 -9.09 -7.25
N ILE I 35 -47.06 -7.79 -7.47
CA ILE I 35 -47.49 -7.20 -8.73
C ILE I 35 -46.57 -7.63 -9.88
N PHE I 36 -45.35 -8.08 -9.57
CA PHE I 36 -44.49 -8.63 -10.61
C PHE I 36 -44.95 -10.02 -11.01
N ALA I 37 -45.35 -10.84 -10.04
CA ALA I 37 -45.85 -12.18 -10.33
C ALA I 37 -47.15 -12.13 -11.12
N ILE I 38 -48.06 -11.23 -10.74
CA ILE I 38 -49.31 -11.09 -11.48
C ILE I 38 -49.04 -10.65 -12.91
N LEU I 39 -48.05 -9.79 -13.12
CA LEU I 39 -47.67 -9.43 -14.48
C LEU I 39 -47.18 -10.65 -15.25
N LYS I 40 -46.40 -11.51 -14.61
CA LYS I 40 -45.97 -12.74 -15.26
C LYS I 40 -47.13 -13.69 -15.52
N GLN I 41 -48.23 -13.56 -14.78
CA GLN I 41 -49.41 -14.37 -15.06
C GLN I 41 -49.96 -14.08 -16.45
N HIS I 42 -50.02 -12.80 -16.83
CA HIS I 42 -50.45 -12.44 -18.16
C HIS I 42 -49.35 -12.57 -19.20
N ALA I 43 -48.11 -12.76 -18.77
CA ALA I 43 -47.03 -13.05 -19.71
C ALA I 43 -47.28 -14.35 -20.45
N LYS I 44 -47.74 -15.38 -19.74
CA LYS I 44 -48.06 -16.65 -20.37
C LYS I 44 -49.35 -16.58 -21.18
N SER I 45 -50.32 -15.77 -20.73
CA SER I 45 -51.57 -15.62 -21.48
C SER I 45 -51.36 -14.95 -22.82
N GLY I 46 -50.34 -14.10 -22.95
CA GLY I 46 -50.05 -13.43 -24.19
C GLY I 46 -50.88 -12.21 -24.48
N GLU I 47 -51.78 -11.82 -23.58
CA GLU I 47 -52.60 -10.64 -23.79
C GLU I 47 -51.78 -9.37 -23.62
N ASP I 48 -52.11 -8.36 -24.42
CA ASP I 48 -51.42 -7.08 -24.34
C ASP I 48 -51.74 -6.40 -23.01
N ILE I 49 -50.73 -5.74 -22.44
CA ILE I 49 -50.85 -5.06 -21.16
C ILE I 49 -50.40 -3.61 -21.32
N PHE I 50 -51.19 -2.68 -20.81
CA PHE I 50 -50.88 -1.26 -20.87
C PHE I 50 -50.31 -0.79 -19.53
N GLY I 51 -49.52 0.28 -19.60
CA GLY I 51 -48.90 0.84 -18.41
C GLY I 51 -48.14 2.09 -18.76
N ASP I 52 -47.72 2.80 -17.73
CA ASP I 52 -47.03 4.07 -17.90
C ASP I 52 -46.19 4.34 -16.67
N GLY I 53 -45.26 5.28 -16.80
CA GLY I 53 -44.41 5.65 -15.70
C GLY I 53 -43.60 6.88 -16.03
N VAL I 54 -42.62 7.16 -15.17
CA VAL I 54 -41.72 8.29 -15.32
C VAL I 54 -40.34 7.76 -15.66
N LEU I 55 -39.80 8.21 -16.80
CA LEU I 55 -38.52 7.70 -17.26
C LEU I 55 -37.39 8.19 -16.35
N GLU I 56 -36.48 7.28 -16.00
CA GLU I 56 -35.30 7.59 -15.22
C GLU I 56 -34.09 7.06 -15.97
N ILE I 57 -33.48 7.92 -16.79
CA ILE I 57 -32.35 7.49 -17.61
C ILE I 57 -31.13 7.31 -16.73
N LEU I 58 -30.58 6.10 -16.72
CA LEU I 58 -29.34 5.85 -16.01
C LEU I 58 -28.15 6.32 -16.84
N GLN I 59 -27.01 6.48 -16.17
CA GLN I 59 -25.80 6.94 -16.86
C GLN I 59 -25.27 5.94 -17.86
N ASP I 60 -25.70 4.67 -17.79
CA ASP I 60 -25.21 3.67 -18.73
C ASP I 60 -25.82 3.85 -20.11
N GLY I 61 -27.10 4.24 -20.18
CA GLY I 61 -27.76 4.42 -21.46
C GLY I 61 -29.18 3.92 -21.47
N PHE I 62 -29.54 3.11 -20.48
CA PHE I 62 -30.89 2.56 -20.35
C PHE I 62 -31.59 3.18 -19.15
N GLY I 63 -32.93 3.23 -19.24
CA GLY I 63 -33.74 3.82 -18.20
C GLY I 63 -34.86 2.89 -17.77
N PHE I 64 -35.64 3.38 -16.80
CA PHE I 64 -36.79 2.65 -16.30
C PHE I 64 -37.96 3.62 -16.13
N LEU I 65 -39.17 3.08 -16.22
CA LEU I 65 -40.38 3.85 -15.99
C LEU I 65 -40.82 3.63 -14.55
N ARG I 66 -40.34 4.48 -13.65
CA ARG I 66 -40.66 4.34 -12.24
C ARG I 66 -42.14 4.65 -11.99
N SER I 67 -42.56 4.42 -10.76
CA SER I 67 -43.96 4.59 -10.37
C SER I 67 -44.08 5.69 -9.33
N ALA I 68 -45.05 6.58 -9.52
CA ALA I 68 -45.34 7.60 -8.53
C ALA I 68 -45.98 7.03 -7.28
N ASP I 69 -46.73 5.93 -7.41
CA ASP I 69 -47.32 5.30 -6.23
C ASP I 69 -46.24 4.77 -5.29
N SER I 70 -45.19 4.17 -5.85
CA SER I 70 -44.07 3.66 -5.06
C SER I 70 -43.02 4.72 -4.79
N SER I 71 -43.30 5.98 -5.11
CA SER I 71 -42.38 7.09 -4.89
C SER I 71 -41.07 6.88 -5.63
N TYR I 72 -41.18 6.41 -6.87
CA TYR I 72 -40.03 6.21 -7.75
C TYR I 72 -38.98 5.30 -7.11
N LEU I 73 -39.45 4.23 -6.47
CA LEU I 73 -38.57 3.25 -5.85
C LEU I 73 -38.17 2.20 -6.88
N ALA I 74 -36.90 1.82 -6.85
CA ALA I 74 -36.37 0.82 -7.77
C ALA I 74 -36.99 -0.54 -7.43
N GLY I 75 -37.94 -0.98 -8.23
CA GLY I 75 -38.65 -2.21 -7.98
C GLY I 75 -38.60 -3.17 -9.15
N PRO I 76 -38.95 -4.43 -8.90
CA PRO I 76 -38.92 -5.43 -9.99
C PRO I 76 -39.91 -5.15 -11.11
N ASP I 77 -40.94 -4.35 -10.86
CA ASP I 77 -41.97 -4.07 -11.86
C ASP I 77 -41.64 -2.84 -12.70
N ASP I 78 -40.49 -2.22 -12.49
CA ASP I 78 -40.10 -1.07 -13.29
C ASP I 78 -39.91 -1.48 -14.75
N ILE I 79 -40.48 -0.71 -15.66
CA ILE I 79 -40.47 -1.05 -17.08
C ILE I 79 -39.14 -0.62 -17.68
N TYR I 80 -38.37 -1.58 -18.17
CA TYR I 80 -37.10 -1.28 -18.80
C TYR I 80 -37.32 -0.63 -20.16
N VAL I 81 -36.41 0.27 -20.53
CA VAL I 81 -36.39 0.86 -21.87
C VAL I 81 -34.99 0.71 -22.45
N SER I 82 -34.94 0.38 -23.73
CA SER I 82 -33.66 0.18 -24.39
C SER I 82 -33.07 1.52 -24.83
N PRO I 83 -31.73 1.60 -24.90
CA PRO I 83 -31.12 2.85 -25.40
C PRO I 83 -31.54 3.20 -26.81
N CYS I 84 -31.86 2.21 -27.64
CA CYS I 84 -32.36 2.49 -28.98
C CYS I 84 -33.76 3.10 -28.95
N GLN I 85 -34.54 2.85 -27.90
CA GLN I 85 -35.87 3.45 -27.80
C GLN I 85 -35.79 4.93 -27.44
N ILE I 86 -34.87 5.31 -26.55
CA ILE I 86 -34.75 6.70 -26.14
C ILE I 86 -34.09 7.57 -27.18
N ARG I 87 -33.69 7.01 -28.32
CA ARG I 87 -33.11 7.78 -29.40
C ARG I 87 -34.05 7.99 -30.58
N ARG I 88 -34.95 7.03 -30.84
CA ARG I 88 -35.95 7.21 -31.88
C ARG I 88 -36.83 8.40 -31.58
N PHE I 89 -37.30 8.50 -30.34
CA PHE I 89 -37.90 9.72 -29.81
C PHE I 89 -36.94 10.31 -28.78
N ASN I 90 -36.67 11.60 -28.90
CA ASN I 90 -35.71 12.24 -28.00
C ASN I 90 -36.30 12.28 -26.60
N LEU I 91 -35.91 11.32 -25.77
CA LEU I 91 -36.44 11.16 -24.43
C LEU I 91 -35.37 11.51 -23.40
N ARG I 92 -35.73 12.32 -22.42
CA ARG I 92 -34.85 12.68 -21.32
C ARG I 92 -35.48 12.22 -20.01
N THR I 93 -34.72 12.35 -18.93
CA THR I 93 -35.21 11.94 -17.62
C THR I 93 -36.42 12.76 -17.22
N GLY I 94 -37.40 12.10 -16.59
CA GLY I 94 -38.61 12.76 -16.17
C GLY I 94 -39.74 12.76 -17.17
N ASP I 95 -39.50 12.27 -18.39
CA ASP I 95 -40.56 12.20 -19.38
C ASP I 95 -41.60 11.16 -18.97
N THR I 96 -42.87 11.51 -19.13
CA THR I 96 -43.97 10.59 -18.83
C THR I 96 -44.30 9.80 -20.10
N ILE I 97 -44.05 8.50 -20.07
CA ILE I 97 -44.19 7.63 -21.23
C ILE I 97 -45.28 6.60 -20.96
N SER I 98 -46.14 6.39 -21.94
CA SER I 98 -47.21 5.40 -21.84
C SER I 98 -47.22 4.54 -23.10
N GLY I 99 -47.61 3.28 -22.93
CA GLY I 99 -47.69 2.37 -24.05
C GLY I 99 -47.74 0.93 -23.58
N LYS I 100 -47.86 0.03 -24.55
CA LYS I 100 -47.90 -1.39 -24.27
C LYS I 100 -46.53 -1.91 -23.86
N ILE I 101 -46.53 -2.90 -22.98
CA ILE I 101 -45.31 -3.47 -22.42
C ILE I 101 -45.26 -4.94 -22.80
N ARG I 102 -44.07 -5.40 -23.23
CA ARG I 102 -43.95 -6.81 -23.53
C ARG I 102 -43.31 -7.57 -22.37
N PRO I 103 -43.65 -8.83 -22.20
CA PRO I 103 -43.05 -9.63 -21.12
C PRO I 103 -41.57 -9.82 -21.35
N PRO I 104 -40.79 -10.04 -20.28
CA PRO I 104 -39.35 -10.23 -20.45
C PRO I 104 -39.04 -11.53 -21.18
N LYS I 105 -37.90 -11.52 -21.88
CA LYS I 105 -37.42 -12.69 -22.59
C LYS I 105 -36.42 -13.44 -21.71
N GLU I 106 -35.78 -14.46 -22.27
CA GLU I 106 -34.75 -15.19 -21.55
C GLU I 106 -33.59 -14.27 -21.23
N GLY I 107 -33.12 -14.31 -19.98
CA GLY I 107 -32.07 -13.41 -19.54
C GLY I 107 -32.53 -12.01 -19.22
N GLU I 108 -33.83 -11.73 -19.29
CA GLU I 108 -34.37 -10.42 -19.02
C GLU I 108 -35.14 -10.46 -17.69
N ARG I 109 -34.72 -9.60 -16.75
CA ARG I 109 -35.37 -9.53 -15.45
C ARG I 109 -36.36 -8.38 -15.33
N TYR I 110 -36.55 -7.61 -16.39
CA TYR I 110 -37.47 -6.47 -16.37
C TYR I 110 -38.34 -6.49 -17.62
N PHE I 111 -39.58 -6.05 -17.45
CA PHE I 111 -40.47 -5.87 -18.59
C PHE I 111 -39.95 -4.76 -19.49
N ALA I 112 -40.21 -4.88 -20.78
CA ALA I 112 -39.73 -3.92 -21.77
C ALA I 112 -40.90 -3.26 -22.47
N LEU I 113 -40.80 -1.94 -22.64
CA LEU I 113 -41.83 -1.16 -23.31
C LEU I 113 -41.74 -1.40 -24.81
N LEU I 114 -42.70 -2.14 -25.35
CA LEU I 114 -42.66 -2.48 -26.77
C LEU I 114 -43.06 -1.31 -27.65
N LYS I 115 -44.03 -0.51 -27.22
CA LYS I 115 -44.54 0.59 -28.03
C LYS I 115 -44.69 1.83 -27.16
N VAL I 116 -44.45 2.99 -27.76
CA VAL I 116 -44.59 4.28 -27.09
C VAL I 116 -45.85 4.94 -27.62
N ASN I 117 -46.90 4.94 -26.81
CA ASN I 117 -48.17 5.53 -27.23
C ASN I 117 -48.14 7.05 -27.09
N GLU I 118 -47.83 7.54 -25.90
CA GLU I 118 -47.81 8.97 -25.62
C GLU I 118 -46.56 9.32 -24.83
N VAL I 119 -46.13 10.57 -24.98
CA VAL I 119 -45.03 11.13 -24.20
C VAL I 119 -45.51 12.44 -23.61
N ASN I 120 -45.43 12.55 -22.28
CA ASN I 120 -45.89 13.74 -21.56
C ASN I 120 -47.34 14.07 -21.91
N PHE I 121 -48.18 13.04 -21.99
CA PHE I 121 -49.59 13.18 -22.35
C PHE I 121 -49.75 13.90 -23.69
N ASP I 122 -48.90 13.57 -24.64
CA ASP I 122 -48.96 14.16 -25.97
C ASP I 122 -48.38 13.18 -26.98
N LYS I 123 -48.67 13.43 -28.24
CA LYS I 123 -48.20 12.54 -29.30
C LYS I 123 -46.66 12.58 -29.36
N PRO I 124 -46.02 11.42 -29.55
CA PRO I 124 -44.55 11.42 -29.60
C PRO I 124 -43.97 12.30 -30.71
N GLU I 125 -44.63 12.39 -31.86
CA GLU I 125 -44.13 13.25 -32.93
C GLU I 125 -44.23 14.73 -32.55
N ASN I 126 -45.13 15.08 -31.64
CA ASN I 126 -45.22 16.44 -31.14
C ASN I 126 -44.29 16.69 -29.96
N ALA I 127 -43.71 15.64 -29.38
CA ALA I 127 -42.85 15.80 -28.22
C ALA I 127 -41.47 16.33 -28.59
N ARG I 128 -40.95 15.97 -29.75
CA ARG I 128 -39.61 16.38 -30.15
C ARG I 128 -39.53 17.82 -30.60
N ASN I 129 -40.67 18.50 -30.76
CA ASN I 129 -40.69 19.90 -31.16
C ASN I 129 -40.67 20.86 -29.98
N LYS I 130 -40.68 20.35 -28.75
CA LYS I 130 -40.71 21.21 -27.58
C LYS I 130 -39.29 21.65 -27.20
N ILE I 131 -39.16 22.93 -26.88
CA ILE I 131 -37.86 23.50 -26.52
C ILE I 131 -37.48 23.04 -25.12
N LEU I 132 -36.17 22.96 -24.87
CA LEU I 132 -35.68 22.54 -23.57
C LEU I 132 -36.00 23.60 -22.51
N PHE I 133 -35.97 23.17 -21.25
CA PHE I 133 -36.37 24.05 -20.16
C PHE I 133 -35.39 25.22 -20.00
N GLU I 134 -34.09 24.93 -19.98
CA GLU I 134 -33.10 25.98 -19.71
C GLU I 134 -33.08 27.03 -20.81
N ASN I 135 -33.55 26.72 -22.01
CA ASN I 135 -33.58 27.70 -23.08
C ASN I 135 -34.71 28.71 -22.89
N LEU I 136 -35.69 28.41 -22.05
CA LEU I 136 -36.80 29.32 -21.82
C LEU I 136 -36.35 30.52 -20.99
N THR I 137 -36.89 31.69 -21.30
CA THR I 137 -36.54 32.90 -20.59
C THR I 137 -37.44 33.06 -19.37
N PRO I 138 -36.89 33.07 -18.16
CA PRO I 138 -37.74 33.29 -16.98
C PRO I 138 -38.31 34.69 -16.96
N LEU I 139 -39.49 34.82 -16.35
CA LEU I 139 -40.18 36.09 -16.26
C LEU I 139 -40.83 36.20 -14.88
N HIS I 140 -41.05 37.43 -14.45
CA HIS I 140 -41.60 37.67 -13.13
C HIS I 140 -43.01 37.10 -13.02
N ALA I 141 -43.35 36.62 -11.83
CA ALA I 141 -44.69 36.10 -11.58
C ALA I 141 -45.71 37.22 -11.76
N ASN I 142 -46.73 36.96 -12.60
CA ASN I 142 -47.74 37.96 -12.90
C ASN I 142 -49.17 37.44 -12.84
N SER I 143 -49.37 36.14 -12.67
CA SER I 143 -50.70 35.55 -12.58
C SER I 143 -50.90 35.07 -11.14
N ARG I 144 -51.78 35.75 -10.42
CA ARG I 144 -51.98 35.44 -9.00
C ARG I 144 -52.66 34.09 -8.82
N LEU I 145 -52.18 33.34 -7.83
CA LEU I 145 -52.82 32.09 -7.41
C LEU I 145 -53.72 32.39 -6.22
N ARG I 146 -55.03 32.41 -6.46
CA ARG I 146 -56.01 32.74 -5.42
C ARG I 146 -56.06 31.60 -4.42
N MET I 147 -55.36 31.75 -3.30
CA MET I 147 -55.36 30.74 -2.26
C MET I 147 -56.63 30.76 -1.42
N GLU I 148 -57.45 31.79 -1.56
CA GLU I 148 -58.67 31.91 -0.76
C GLU I 148 -59.72 30.92 -1.23
N ARG I 149 -60.38 30.26 -0.28
CA ARG I 149 -61.48 29.37 -0.62
C ARG I 149 -62.77 30.15 -0.84
N GLY I 150 -63.08 31.06 0.08
CA GLY I 150 -64.28 31.88 -0.03
C GLY I 150 -65.54 31.27 0.50
N ASN I 151 -65.48 30.10 1.13
CA ASN I 151 -66.65 29.45 1.68
C ASN I 151 -66.93 29.84 3.13
N GLY I 152 -66.10 30.67 3.73
CA GLY I 152 -66.33 31.14 5.08
C GLY I 152 -66.03 30.14 6.16
N SER I 153 -65.42 29.00 5.84
CA SER I 153 -65.13 27.98 6.82
C SER I 153 -63.97 28.43 7.73
N THR I 154 -63.80 27.70 8.84
CA THR I 154 -62.77 28.07 9.81
C THR I 154 -61.37 27.80 9.29
N GLU I 155 -61.17 26.72 8.54
CA GLU I 155 -59.85 26.42 7.99
C GLU I 155 -59.45 27.37 6.86
N ASP I 156 -60.41 28.11 6.30
CA ASP I 156 -60.08 29.11 5.29
C ASP I 156 -59.31 30.28 5.88
N LEU I 157 -59.40 30.49 7.20
CA LEU I 157 -58.69 31.60 7.83
C LEU I 157 -57.18 31.46 7.69
N THR I 158 -56.66 30.24 7.59
CA THR I 158 -55.25 30.05 7.34
C THR I 158 -54.88 30.23 5.87
N ALA I 159 -55.87 30.36 4.99
CA ALA I 159 -55.62 30.66 3.58
C ALA I 159 -55.87 32.12 3.24
N ARG I 160 -56.83 32.76 3.89
CA ARG I 160 -57.04 34.19 3.68
C ARG I 160 -55.93 35.03 4.31
N VAL I 161 -55.43 34.61 5.47
CA VAL I 161 -54.30 35.31 6.08
C VAL I 161 -53.08 35.23 5.19
N LEU I 162 -52.85 34.06 4.57
CA LEU I 162 -51.70 33.90 3.69
C LEU I 162 -51.74 34.86 2.52
N ASP I 163 -52.92 35.06 1.91
CA ASP I 163 -53.04 36.02 0.83
C ASP I 163 -52.81 37.45 1.32
N LEU I 164 -53.25 37.76 2.53
CA LEU I 164 -53.07 39.10 3.06
C LEU I 164 -51.61 39.36 3.44
N ALA I 165 -50.85 38.31 3.71
CA ALA I 165 -49.47 38.46 4.16
C ALA I 165 -48.46 38.34 3.02
N SER I 166 -48.67 37.39 2.11
CA SER I 166 -47.72 37.16 1.03
C SER I 166 -48.41 36.50 -0.15
N PRO I 167 -48.88 37.28 -1.12
CA PRO I 167 -49.52 36.67 -2.30
C PRO I 167 -48.57 35.77 -3.06
N ILE I 168 -49.12 34.71 -3.65
CA ILE I 168 -48.36 33.73 -4.41
C ILE I 168 -48.88 33.74 -5.84
N GLY I 169 -47.96 33.83 -6.81
CA GLY I 169 -48.28 33.70 -8.20
C GLY I 169 -47.59 32.50 -8.83
N ARG I 170 -47.97 32.23 -10.07
CA ARG I 170 -47.34 31.14 -10.80
C ARG I 170 -45.89 31.47 -11.09
N GLY I 171 -45.01 30.49 -10.87
CA GLY I 171 -43.59 30.71 -10.99
C GLY I 171 -42.91 31.29 -9.77
N GLN I 172 -43.67 31.53 -8.69
CA GLN I 172 -43.08 32.08 -7.48
C GLN I 172 -42.14 31.07 -6.84
N ARG I 173 -40.97 31.55 -6.42
CA ARG I 173 -39.97 30.73 -5.75
C ARG I 173 -40.13 30.94 -4.24
N GLY I 174 -41.19 30.34 -3.69
CA GLY I 174 -41.54 30.58 -2.32
C GLY I 174 -40.57 29.94 -1.34
N LEU I 175 -40.67 30.35 -0.09
CA LEU I 175 -39.82 29.82 0.98
C LEU I 175 -40.52 30.07 2.30
N ILE I 176 -40.87 28.99 3.00
CA ILE I 176 -41.56 29.08 4.28
C ILE I 176 -40.54 28.79 5.38
N VAL I 177 -40.40 29.73 6.32
CA VAL I 177 -39.51 29.56 7.45
C VAL I 177 -40.34 29.04 8.63
N ALA I 178 -40.02 27.83 9.10
CA ALA I 178 -40.84 27.14 10.09
C ALA I 178 -39.97 26.70 11.26
N PRO I 179 -40.18 27.26 12.45
CA PRO I 179 -39.56 26.68 13.65
C PRO I 179 -40.27 25.40 14.03
N PRO I 180 -39.65 24.55 14.84
CA PRO I 180 -40.28 23.28 15.20
C PRO I 180 -41.57 23.50 16.00
N LYS I 181 -42.51 22.59 15.79
CA LYS I 181 -43.81 22.61 16.49
C LYS I 181 -44.55 23.92 16.26
N ALA I 182 -44.49 24.44 15.05
CA ALA I 182 -45.19 25.66 14.68
C ALA I 182 -46.39 25.41 13.79
N GLY I 183 -46.86 24.16 13.71
CA GLY I 183 -47.96 23.84 12.82
C GLY I 183 -47.61 23.98 11.36
N LYS I 184 -46.37 23.64 10.98
CA LYS I 184 -45.96 23.79 9.60
C LYS I 184 -46.73 22.84 8.68
N THR I 185 -46.78 21.56 9.05
CA THR I 185 -47.44 20.57 8.21
C THR I 185 -48.94 20.77 8.12
N MET I 186 -49.57 21.44 9.09
CA MET I 186 -50.97 21.80 8.95
C MET I 186 -51.16 22.88 7.90
N LEU I 187 -50.18 23.78 7.77
CA LEU I 187 -50.27 24.82 6.74
C LEU I 187 -50.10 24.24 5.34
N LEU I 188 -49.15 23.31 5.17
CA LEU I 188 -48.93 22.72 3.86
C LEU I 188 -50.15 21.93 3.38
N GLN I 189 -50.82 21.23 4.29
CA GLN I 189 -52.05 20.53 3.92
C GLN I 189 -53.12 21.51 3.46
N ASN I 190 -53.25 22.65 4.16
CA ASN I 190 -54.24 23.64 3.79
C ASN I 190 -53.94 24.28 2.44
N ILE I 191 -52.66 24.54 2.15
CA ILE I 191 -52.31 25.11 0.86
C ILE I 191 -52.65 24.16 -0.27
N ALA I 192 -52.32 22.87 -0.10
CA ALA I 192 -52.60 21.90 -1.14
C ALA I 192 -54.10 21.73 -1.39
N GLN I 193 -54.91 21.83 -0.34
CA GLN I 193 -56.36 21.75 -0.51
C GLN I 193 -56.89 22.94 -1.31
N SER I 194 -56.43 24.15 -0.98
CA SER I 194 -56.90 25.34 -1.69
C SER I 194 -56.45 25.33 -3.14
N ILE I 195 -55.21 24.91 -3.41
CA ILE I 195 -54.72 24.88 -4.78
C ILE I 195 -55.51 23.88 -5.61
N ALA I 196 -55.75 22.68 -5.06
CA ALA I 196 -56.51 21.67 -5.78
C ALA I 196 -57.97 22.03 -5.96
N TYR I 197 -58.46 23.03 -5.24
CA TYR I 197 -59.85 23.47 -5.36
C TYR I 197 -59.99 24.71 -6.24
N ASN I 198 -59.15 25.73 -6.03
CA ASN I 198 -59.27 26.97 -6.79
C ASN I 198 -58.72 26.82 -8.20
N HIS I 199 -57.64 26.07 -8.37
CA HIS I 199 -56.95 25.95 -9.66
C HIS I 199 -56.76 24.48 -10.00
N PRO I 200 -57.81 23.80 -10.45
CA PRO I 200 -57.67 22.39 -10.84
C PRO I 200 -56.79 22.18 -12.05
N ASP I 201 -56.58 23.20 -12.88
CA ASP I 201 -55.85 23.01 -14.14
C ASP I 201 -54.37 22.78 -13.91
N CYS I 202 -53.76 23.53 -13.01
CA CYS I 202 -52.31 23.44 -12.80
C CYS I 202 -51.95 22.15 -12.09
N VAL I 203 -50.90 21.48 -12.58
CA VAL I 203 -50.44 20.25 -11.96
C VAL I 203 -49.87 20.55 -10.60
N LEU I 204 -50.27 19.77 -9.60
CA LEU I 204 -49.82 19.93 -8.23
C LEU I 204 -49.03 18.71 -7.79
N MET I 205 -47.84 18.93 -7.26
CA MET I 205 -46.99 17.88 -6.74
C MET I 205 -46.56 18.23 -5.32
N VAL I 206 -46.58 17.24 -4.43
CA VAL I 206 -46.16 17.41 -3.05
C VAL I 206 -44.99 16.48 -2.80
N LEU I 207 -43.86 17.05 -2.38
CA LEU I 207 -42.65 16.28 -2.12
C LEU I 207 -42.29 16.43 -0.66
N LEU I 208 -42.25 15.31 0.05
CA LEU I 208 -41.86 15.28 1.46
C LEU I 208 -40.54 14.54 1.58
N ILE I 209 -39.56 15.18 2.19
CA ILE I 209 -38.21 14.64 2.33
C ILE I 209 -37.95 14.38 3.80
N ASP I 210 -37.56 13.14 4.12
CA ASP I 210 -37.22 12.74 5.48
C ASP I 210 -38.37 13.01 6.45
N GLU I 211 -39.49 12.34 6.19
CA GLU I 211 -40.70 12.51 6.96
C GLU I 211 -41.09 11.20 7.62
N ARG I 212 -41.84 11.30 8.70
CA ARG I 212 -42.31 10.11 9.39
C ARG I 212 -43.29 9.34 8.51
N PRO I 213 -43.27 8.01 8.60
CA PRO I 213 -44.23 7.20 7.81
C PRO I 213 -45.68 7.52 8.12
N GLU I 214 -46.00 7.95 9.35
CA GLU I 214 -47.36 8.33 9.66
C GLU I 214 -47.82 9.53 8.84
N GLU I 215 -46.93 10.51 8.66
CA GLU I 215 -47.30 11.73 7.94
C GLU I 215 -47.45 11.52 6.45
N VAL I 216 -46.71 10.56 5.87
CA VAL I 216 -46.79 10.35 4.42
C VAL I 216 -48.18 9.88 4.03
N THR I 217 -48.73 8.92 4.76
CA THR I 217 -50.06 8.41 4.44
C THR I 217 -51.16 9.41 4.77
N GLU I 218 -50.95 10.26 5.77
CA GLU I 218 -51.92 11.32 6.04
C GLU I 218 -51.99 12.29 4.87
N MET I 219 -50.85 12.64 4.29
CA MET I 219 -50.83 13.55 3.15
C MET I 219 -51.49 12.93 1.93
N GLN I 220 -51.26 11.64 1.69
CA GLN I 220 -51.81 10.97 0.51
C GLN I 220 -53.33 10.88 0.55
N ARG I 221 -53.96 11.08 1.71
CA ARG I 221 -55.40 11.06 1.82
C ARG I 221 -56.00 12.46 1.95
N LEU I 222 -55.20 13.50 1.81
CA LEU I 222 -55.68 14.87 1.93
C LEU I 222 -55.33 15.76 0.74
N VAL I 223 -54.48 15.29 -0.17
CA VAL I 223 -54.02 16.10 -1.30
C VAL I 223 -54.61 15.51 -2.57
N LYS I 224 -55.32 16.34 -3.33
CA LYS I 224 -55.90 15.92 -4.60
C LYS I 224 -54.87 16.12 -5.72
N GLY I 225 -53.82 15.31 -5.65
CA GLY I 225 -52.75 15.40 -6.62
C GLY I 225 -51.70 14.34 -6.32
N GLU I 226 -50.59 14.44 -7.05
CA GLU I 226 -49.50 13.49 -6.90
C GLU I 226 -48.69 13.82 -5.65
N VAL I 227 -48.60 12.87 -4.73
CA VAL I 227 -47.83 13.01 -3.50
C VAL I 227 -46.74 11.94 -3.51
N VAL I 228 -45.50 12.37 -3.40
CA VAL I 228 -44.35 11.48 -3.41
C VAL I 228 -43.43 11.85 -2.26
N ALA I 229 -43.00 10.86 -1.49
CA ALA I 229 -42.24 11.12 -0.28
C ALA I 229 -41.29 9.97 0.01
N SER I 230 -40.28 10.26 0.81
CA SER I 230 -39.32 9.27 1.28
C SER I 230 -39.18 9.40 2.79
N THR I 231 -39.42 8.31 3.50
CA THR I 231 -39.37 8.33 4.95
C THR I 231 -37.92 8.46 5.43
N PHE I 232 -37.78 8.80 6.72
CA PHE I 232 -36.44 9.04 7.26
C PHE I 232 -35.60 7.78 7.30
N ASP I 233 -36.23 6.60 7.41
CA ASP I 233 -35.46 5.36 7.44
C ASP I 233 -34.83 5.03 6.10
N GLU I 234 -35.25 5.70 5.02
CA GLU I 234 -34.61 5.51 3.73
C GLU I 234 -33.20 6.06 3.76
N PRO I 235 -32.29 5.52 2.95
CA PRO I 235 -30.92 6.02 2.92
C PRO I 235 -30.86 7.45 2.38
N ALA I 236 -29.78 8.14 2.72
CA ALA I 236 -29.59 9.51 2.26
C ALA I 236 -29.55 9.60 0.74
N SER I 237 -29.11 8.54 0.06
CA SER I 237 -29.15 8.54 -1.40
C SER I 237 -30.57 8.47 -1.94
N ARG I 238 -31.51 7.92 -1.17
CA ARG I 238 -32.89 7.88 -1.61
C ARG I 238 -33.52 9.26 -1.59
N HIS I 239 -33.13 10.11 -0.63
CA HIS I 239 -33.71 11.45 -0.55
C HIS I 239 -33.36 12.29 -1.77
N VAL I 240 -32.14 12.11 -2.31
CA VAL I 240 -31.75 12.86 -3.49
C VAL I 240 -32.21 12.19 -4.78
N GLN I 241 -32.49 10.89 -4.77
CA GLN I 241 -33.03 10.25 -5.96
C GLN I 241 -34.47 10.68 -6.20
N VAL I 242 -35.30 10.69 -5.14
CA VAL I 242 -36.68 11.12 -5.27
C VAL I 242 -36.82 12.59 -5.61
N ALA I 243 -35.96 13.45 -5.05
CA ALA I 243 -36.02 14.87 -5.32
C ALA I 243 -35.64 15.22 -6.76
N GLU I 244 -34.71 14.48 -7.35
CA GLU I 244 -34.32 14.75 -8.73
C GLU I 244 -35.39 14.29 -9.71
N MET I 245 -36.03 13.14 -9.49
CA MET I 245 -37.08 12.69 -10.37
C MET I 245 -38.33 13.56 -10.28
N VAL I 246 -38.45 14.36 -9.21
CA VAL I 246 -39.61 15.24 -9.08
C VAL I 246 -39.41 16.52 -9.89
N ILE I 247 -38.24 17.14 -9.76
CA ILE I 247 -37.98 18.37 -10.51
C ILE I 247 -37.84 18.08 -12.00
N GLU I 248 -37.25 16.94 -12.36
CA GLU I 248 -37.13 16.60 -13.78
C GLU I 248 -38.50 16.38 -14.41
N LYS I 249 -39.39 15.67 -13.71
CA LYS I 249 -40.74 15.50 -14.21
C LYS I 249 -41.48 16.83 -14.28
N ALA I 250 -41.25 17.72 -13.31
CA ALA I 250 -41.88 19.03 -13.34
C ALA I 250 -41.38 19.87 -14.51
N LYS I 251 -40.09 19.79 -14.82
CA LYS I 251 -39.55 20.58 -15.93
C LYS I 251 -40.17 20.19 -17.26
N ARG I 252 -40.39 18.90 -17.49
CA ARG I 252 -40.98 18.47 -18.75
C ARG I 252 -42.38 19.03 -18.95
N LEU I 253 -43.17 19.12 -17.89
CA LEU I 253 -44.51 19.69 -18.00
C LEU I 253 -44.49 21.19 -18.29
N VAL I 254 -43.44 21.89 -17.87
CA VAL I 254 -43.34 23.32 -18.19
C VAL I 254 -43.19 23.52 -19.69
N GLU I 255 -42.39 22.67 -20.35
CA GLU I 255 -42.20 22.78 -21.79
C GLU I 255 -43.52 22.55 -22.55
N HIS I 256 -44.49 21.89 -21.94
CA HIS I 256 -45.80 21.70 -22.54
C HIS I 256 -46.81 22.76 -22.11
N LYS I 257 -46.33 23.93 -21.70
CA LYS I 257 -47.18 25.07 -21.31
C LYS I 257 -48.14 24.69 -20.19
N LYS I 258 -47.70 23.87 -19.24
CA LYS I 258 -48.51 23.44 -18.12
C LYS I 258 -47.93 24.01 -16.82
N ASP I 259 -48.77 24.69 -16.06
CA ASP I 259 -48.35 25.19 -14.76
C ASP I 259 -48.19 24.03 -13.78
N VAL I 260 -47.02 23.96 -13.15
CA VAL I 260 -46.70 22.90 -12.21
C VAL I 260 -46.34 23.53 -10.87
N ILE I 261 -46.91 23.00 -9.79
CA ILE I 261 -46.68 23.51 -8.44
C ILE I 261 -46.05 22.41 -7.62
N ILE I 262 -44.95 22.71 -6.95
CA ILE I 262 -44.24 21.76 -6.10
C ILE I 262 -44.23 22.30 -4.68
N LEU I 263 -44.77 21.53 -3.75
CA LEU I 263 -44.69 21.84 -2.33
C LEU I 263 -43.63 20.93 -1.72
N LEU I 264 -42.57 21.53 -1.19
CA LEU I 264 -41.43 20.81 -0.68
C LEU I 264 -41.42 20.85 0.84
N ASP I 265 -41.08 19.70 1.46
CA ASP I 265 -40.98 19.59 2.91
C ASP I 265 -39.92 18.56 3.22
N SER I 266 -38.70 19.02 3.50
CA SER I 266 -38.34 20.42 3.55
C SER I 266 -36.98 20.64 2.89
N ILE I 267 -36.70 21.88 2.47
CA ILE I 267 -35.42 22.17 1.83
C ILE I 267 -34.25 21.93 2.79
N THR I 268 -34.49 22.01 4.10
CA THR I 268 -33.42 21.74 5.06
C THR I 268 -33.03 20.27 5.01
N ARG I 269 -34.01 19.37 5.09
CA ARG I 269 -33.70 17.94 5.03
C ARG I 269 -33.17 17.52 3.67
N LEU I 270 -33.54 18.24 2.60
CA LEU I 270 -33.00 17.92 1.29
C LEU I 270 -31.54 18.31 1.18
N ALA I 271 -31.18 19.50 1.69
CA ALA I 271 -29.79 19.94 1.64
C ALA I 271 -28.89 19.05 2.48
N ARG I 272 -29.35 18.64 3.67
CA ARG I 272 -28.56 17.75 4.50
C ARG I 272 -28.36 16.39 3.84
N ALA I 273 -29.36 15.92 3.09
CA ALA I 273 -29.20 14.69 2.34
C ALA I 273 -28.13 14.82 1.28
N TYR I 274 -28.10 15.96 0.57
CA TYR I 274 -27.07 16.18 -0.44
C TYR I 274 -25.69 16.27 0.18
N ASN I 275 -25.59 16.87 1.37
CA ASN I 275 -24.29 17.00 2.04
C ASN I 275 -23.68 15.64 2.32
N THR I 276 -24.49 14.66 2.73
CA THR I 276 -23.98 13.31 2.94
C THR I 276 -23.56 12.65 1.63
N VAL I 277 -24.37 12.81 0.59
CA VAL I 277 -24.15 12.06 -0.64
C VAL I 277 -22.89 12.54 -1.36
N VAL I 278 -22.73 13.84 -1.50
CA VAL I 278 -21.67 14.39 -2.36
C VAL I 278 -20.30 14.10 -1.78
N PRO I 279 -19.28 13.88 -2.60
CA PRO I 279 -17.93 13.72 -2.09
C PRO I 279 -17.38 15.02 -1.53
N ALA I 280 -16.43 14.88 -0.61
CA ALA I 280 -15.81 16.04 0.01
C ALA I 280 -15.01 16.83 -1.01
N SER I 281 -15.13 18.15 -0.98
CA SER I 281 -14.40 19.04 -1.88
C SER I 281 -13.17 19.66 -1.22
N GLY I 282 -12.87 19.29 0.01
CA GLY I 282 -11.74 19.85 0.72
C GLY I 282 -12.04 21.14 1.48
N LYS I 283 -13.17 21.78 1.21
CA LYS I 283 -13.58 22.99 1.91
C LYS I 283 -14.85 22.69 2.69
N VAL I 284 -14.84 22.99 3.99
CA VAL I 284 -15.96 22.70 4.87
C VAL I 284 -16.32 23.97 5.63
N LEU I 285 -17.61 24.31 5.63
CA LEU I 285 -18.11 25.47 6.36
C LEU I 285 -18.31 25.09 7.82
N THR I 286 -18.93 25.98 8.59
CA THR I 286 -19.28 25.64 9.96
C THR I 286 -20.45 24.66 9.98
N GLY I 287 -20.49 23.86 11.04
CA GLY I 287 -21.54 22.85 11.17
C GLY I 287 -21.36 21.63 10.30
N GLY I 288 -20.21 21.47 9.65
CA GLY I 288 -19.96 20.30 8.83
C GLY I 288 -20.55 20.36 7.44
N VAL I 289 -21.12 21.49 7.03
CA VAL I 289 -21.71 21.61 5.70
C VAL I 289 -20.60 21.79 4.68
N ASP I 290 -20.61 20.95 3.65
CA ASP I 290 -19.63 21.08 2.58
C ASP I 290 -19.92 22.31 1.73
N ALA I 291 -18.87 22.88 1.15
CA ALA I 291 -19.02 24.11 0.39
C ALA I 291 -19.83 23.87 -0.88
N ASN I 292 -19.48 22.85 -1.65
CA ASN I 292 -20.16 22.56 -2.91
C ASN I 292 -21.36 21.64 -2.73
N ALA I 293 -21.65 21.21 -1.50
CA ALA I 293 -22.84 20.40 -1.27
C ALA I 293 -24.11 21.19 -1.56
N LEU I 294 -24.13 22.47 -1.18
CA LEU I 294 -25.30 23.31 -1.37
C LEU I 294 -25.55 23.67 -2.84
N HIS I 295 -24.62 23.35 -3.73
CA HIS I 295 -24.80 23.67 -5.14
C HIS I 295 -25.95 22.88 -5.75
N ARG I 296 -26.19 21.66 -5.27
CA ARG I 296 -27.24 20.83 -5.84
C ARG I 296 -28.64 21.27 -5.39
N PRO I 297 -28.89 21.50 -4.10
CA PRO I 297 -30.21 22.00 -3.72
C PRO I 297 -30.55 23.34 -4.35
N LYS I 298 -29.56 24.21 -4.56
CA LYS I 298 -29.83 25.48 -5.20
C LYS I 298 -30.34 25.30 -6.62
N ARG I 299 -29.77 24.34 -7.36
CA ARG I 299 -30.29 24.04 -8.69
C ARG I 299 -31.73 23.57 -8.64
N PHE I 300 -32.07 22.73 -7.65
CA PHE I 300 -33.47 22.33 -7.47
C PHE I 300 -34.33 23.54 -7.11
N PHE I 301 -33.89 24.34 -6.15
CA PHE I 301 -34.68 25.47 -5.69
C PHE I 301 -34.66 26.63 -6.67
N GLY I 302 -33.66 26.72 -7.54
CA GLY I 302 -33.56 27.78 -8.51
C GLY I 302 -34.29 27.53 -9.81
N ALA I 303 -35.03 26.43 -9.92
CA ALA I 303 -35.74 26.13 -11.14
C ALA I 303 -37.13 26.77 -11.20
N ALA I 304 -37.59 27.39 -10.11
CA ALA I 304 -38.90 28.01 -10.08
C ALA I 304 -38.87 29.29 -10.90
N ARG I 305 -39.76 29.40 -11.88
CA ARG I 305 -39.80 30.55 -12.77
C ARG I 305 -41.13 30.56 -13.49
N ASN I 306 -41.53 31.75 -13.93
CA ASN I 306 -42.70 31.92 -14.78
C ASN I 306 -42.19 32.09 -16.21
N VAL I 307 -42.17 30.99 -16.95
CA VAL I 307 -41.58 30.99 -18.28
C VAL I 307 -42.40 31.88 -19.20
N GLU I 308 -41.71 32.75 -19.95
CA GLU I 308 -42.38 33.70 -20.83
C GLU I 308 -43.13 32.97 -21.94
N GLU I 309 -42.53 31.92 -22.49
CA GLU I 309 -43.14 31.19 -23.60
C GLU I 309 -44.49 30.58 -23.19
N GLY I 310 -44.56 30.01 -21.99
CA GLY I 310 -45.79 29.42 -21.52
C GLY I 310 -45.58 28.56 -20.28
N GLY I 311 -46.61 28.49 -19.44
CA GLY I 311 -46.51 27.71 -18.23
C GLY I 311 -45.74 28.43 -17.13
N SER I 312 -45.40 27.65 -16.11
CA SER I 312 -44.69 28.18 -14.96
C SER I 312 -44.16 26.99 -14.16
N LEU I 313 -43.58 27.30 -12.99
CA LEU I 313 -43.12 26.26 -12.07
C LEU I 313 -43.02 26.93 -10.70
N THR I 314 -43.91 26.55 -9.79
CA THR I 314 -43.97 27.15 -8.46
C THR I 314 -43.40 26.18 -7.44
N ILE I 315 -42.45 26.67 -6.64
CA ILE I 315 -41.83 25.88 -5.59
C ILE I 315 -42.06 26.60 -4.27
N ILE I 316 -42.67 25.91 -3.31
CA ILE I 316 -42.89 26.44 -1.98
C ILE I 316 -42.15 25.52 -1.01
N ALA I 317 -40.89 25.83 -0.74
CA ALA I 317 -40.05 25.00 0.09
C ALA I 317 -40.10 25.48 1.54
N THR I 318 -40.03 24.53 2.46
CA THR I 318 -40.04 24.82 3.89
C THR I 318 -38.61 24.80 4.42
N ALA I 319 -38.25 25.82 5.18
CA ALA I 319 -36.94 25.90 5.81
C ALA I 319 -37.11 25.79 7.32
N LEU I 320 -36.26 24.98 7.95
CA LEU I 320 -36.34 24.70 9.37
C LEU I 320 -35.31 25.54 10.11
N ILE I 321 -35.76 26.32 11.08
CA ILE I 321 -34.90 27.15 11.91
C ILE I 321 -35.21 26.88 13.37
N ASP I 322 -34.29 27.27 14.24
CA ASP I 322 -34.43 27.11 15.69
C ASP I 322 -34.64 25.63 16.05
N THR I 323 -34.00 24.75 15.31
CA THR I 323 -34.10 23.31 15.56
C THR I 323 -33.07 22.82 16.55
N GLY I 324 -32.19 23.69 17.04
CA GLY I 324 -31.16 23.30 17.97
C GLY I 324 -29.91 22.73 17.33
N SER I 325 -29.88 22.61 16.00
CA SER I 325 -28.73 22.06 15.29
C SER I 325 -28.06 23.15 14.48
N LYS I 326 -26.73 23.21 14.55
CA LYS I 326 -25.99 24.23 13.82
C LYS I 326 -26.04 23.98 12.31
N MET I 327 -26.09 22.73 11.88
CA MET I 327 -26.09 22.42 10.46
C MET I 327 -27.31 22.99 9.76
N ASP I 328 -28.49 22.89 10.38
CA ASP I 328 -29.70 23.41 9.77
C ASP I 328 -29.73 24.93 9.74
N GLU I 329 -28.87 25.60 10.50
CA GLU I 329 -28.81 27.06 10.47
C GLU I 329 -27.92 27.55 9.34
N VAL I 330 -26.89 26.77 8.98
CA VAL I 330 -26.05 27.14 7.84
C VAL I 330 -26.86 27.08 6.55
N ILE I 331 -27.73 26.09 6.42
CA ILE I 331 -28.53 25.95 5.22
C ILE I 331 -29.44 27.16 5.03
N TYR I 332 -30.12 27.58 6.10
CA TYR I 332 -31.02 28.72 5.99
C TYR I 332 -30.27 30.00 5.68
N GLU I 333 -29.09 30.19 6.26
CA GLU I 333 -28.28 31.35 5.95
C GLU I 333 -27.76 31.33 4.52
N GLU I 334 -27.83 30.19 3.83
CA GLU I 334 -27.43 30.11 2.43
C GLU I 334 -28.61 30.31 1.48
N PHE I 335 -29.82 29.97 1.92
CA PHE I 335 -31.03 30.19 1.13
C PHE I 335 -31.77 31.45 1.55
N LYS I 336 -31.11 32.35 2.26
CA LYS I 336 -31.79 33.51 2.83
C LYS I 336 -32.28 34.46 1.73
N GLY I 337 -31.35 35.04 0.97
CA GLY I 337 -31.72 35.96 -0.08
C GLY I 337 -31.90 35.29 -1.42
N THR I 338 -32.68 34.20 -1.43
CA THR I 338 -32.88 33.41 -2.65
C THR I 338 -34.34 33.35 -3.07
N GLY I 339 -35.25 33.07 -2.13
CA GLY I 339 -36.65 32.92 -2.49
C GLY I 339 -37.28 34.22 -2.94
N ASN I 340 -38.25 34.10 -3.85
CA ASN I 340 -38.97 35.27 -4.32
C ASN I 340 -39.92 35.83 -3.27
N MET I 341 -40.50 34.96 -2.43
CA MET I 341 -41.35 35.37 -1.34
C MET I 341 -40.96 34.61 -0.08
N GLU I 342 -41.24 35.21 1.06
CA GLU I 342 -40.92 34.62 2.35
C GLU I 342 -42.14 34.66 3.25
N LEU I 343 -42.35 33.57 3.98
CA LEU I 343 -43.47 33.44 4.93
C LEU I 343 -42.89 32.90 6.23
N HIS I 344 -42.79 33.75 7.24
CA HIS I 344 -42.16 33.39 8.50
C HIS I 344 -43.21 32.90 9.49
N LEU I 345 -43.04 31.68 9.97
CA LEU I 345 -43.87 31.15 11.05
C LEU I 345 -43.22 31.46 12.39
N SER I 346 -44.06 31.73 13.38
CA SER I 346 -43.59 32.13 14.71
C SER I 346 -43.96 31.07 15.72
N ARG I 347 -42.95 30.60 16.47
CA ARG I 347 -43.21 29.63 17.53
C ARG I 347 -44.03 30.24 18.66
N LYS I 348 -43.80 31.50 18.98
CA LYS I 348 -44.52 32.14 20.08
C LYS I 348 -46.01 32.17 19.85
N ILE I 349 -46.45 32.43 18.61
CA ILE I 349 -47.87 32.43 18.31
C ILE I 349 -48.46 31.03 18.49
N ALA I 350 -47.69 29.99 18.16
CA ALA I 350 -48.16 28.62 18.35
C ALA I 350 -48.38 28.29 19.82
N GLU I 351 -47.60 28.89 20.73
CA GLU I 351 -47.78 28.62 22.14
C GLU I 351 -49.15 29.07 22.64
N LYS I 352 -49.63 30.22 22.17
CA LYS I 352 -50.94 30.72 22.53
C LYS I 352 -52.06 30.03 21.78
N ARG I 353 -51.75 28.96 21.03
CA ARG I 353 -52.75 28.20 20.28
C ARG I 353 -53.52 29.07 19.31
N VAL I 354 -52.84 30.05 18.73
CA VAL I 354 -53.41 30.93 17.72
C VAL I 354 -52.90 30.45 16.36
N PHE I 355 -53.83 30.01 15.51
CA PHE I 355 -53.45 29.46 14.22
C PHE I 355 -54.11 30.23 13.09
N PRO I 356 -53.40 30.45 11.97
CA PRO I 356 -52.03 30.02 11.69
C PRO I 356 -50.99 30.91 12.36
N ALA I 357 -49.89 30.32 12.83
CA ALA I 357 -48.85 31.07 13.52
C ALA I 357 -47.92 31.68 12.47
N ILE I 358 -48.33 32.82 11.93
CA ILE I 358 -47.63 33.49 10.86
C ILE I 358 -47.12 34.83 11.36
N ASP I 359 -45.82 35.06 11.23
CA ASP I 359 -45.22 36.34 11.58
C ASP I 359 -45.51 37.35 10.47
N TYR I 360 -46.57 38.14 10.65
CA TYR I 360 -47.02 39.03 9.58
C TYR I 360 -45.99 40.08 9.23
N ASN I 361 -45.30 40.65 10.23
CA ASN I 361 -44.36 41.73 9.96
C ASN I 361 -43.19 41.25 9.11
N ARG I 362 -42.65 40.07 9.40
CA ARG I 362 -41.49 39.57 8.69
C ARG I 362 -41.84 38.75 7.47
N SER I 363 -43.12 38.56 7.16
CA SER I 363 -43.54 37.79 6.01
C SER I 363 -44.04 38.72 4.91
N GLY I 364 -43.67 38.40 3.68
CA GLY I 364 -44.09 39.19 2.54
C GLY I 364 -43.43 38.69 1.29
N THR I 365 -43.96 39.16 0.16
CA THR I 365 -43.45 38.79 -1.15
C THR I 365 -42.74 39.98 -1.78
N ARG I 366 -42.28 39.79 -3.02
CA ARG I 366 -41.61 40.82 -3.78
C ARG I 366 -42.26 40.95 -5.15
N LYS I 367 -42.24 42.18 -5.67
CA LYS I 367 -42.93 42.50 -6.92
C LYS I 367 -44.41 42.11 -6.83
N GLU I 368 -45.01 42.41 -5.68
CA GLU I 368 -46.41 42.09 -5.45
C GLU I 368 -47.35 42.89 -6.34
N GLU I 369 -46.90 44.03 -6.86
CA GLU I 369 -47.75 44.83 -7.73
C GLU I 369 -48.08 44.10 -9.03
N LEU I 370 -47.27 43.12 -9.43
CA LEU I 370 -47.58 42.36 -10.63
C LEU I 370 -48.76 41.42 -10.41
N LEU I 371 -48.82 40.81 -9.23
CA LEU I 371 -49.89 39.84 -8.95
C LEU I 371 -51.21 40.55 -8.65
N THR I 372 -51.23 41.35 -7.59
CA THR I 372 -52.46 42.01 -7.17
C THR I 372 -52.82 43.14 -8.13
N THR I 373 -54.09 43.55 -8.06
CA THR I 373 -54.55 44.68 -8.84
C THR I 373 -54.09 45.98 -8.19
N GLN I 374 -54.30 47.10 -8.90
CA GLN I 374 -53.83 48.39 -8.40
C GLN I 374 -54.50 48.78 -7.10
N GLU I 375 -55.81 48.55 -6.98
CA GLU I 375 -56.52 48.90 -5.75
C GLU I 375 -56.38 47.85 -4.66
N GLU I 376 -56.17 46.58 -5.02
CA GLU I 376 -55.94 45.55 -4.02
C GLU I 376 -54.65 45.81 -3.25
N LEU I 377 -53.60 46.21 -3.97
CA LEU I 377 -52.35 46.53 -3.30
C LEU I 377 -52.50 47.75 -2.39
N GLN I 378 -53.28 48.75 -2.83
CA GLN I 378 -53.48 49.94 -2.02
C GLN I 378 -54.12 49.60 -0.68
N LYS I 379 -55.13 48.75 -0.68
CA LYS I 379 -55.75 48.33 0.57
C LYS I 379 -54.79 47.50 1.42
N MET I 380 -53.96 46.68 0.78
CA MET I 380 -53.02 45.86 1.53
C MET I 380 -52.02 46.73 2.29
N TRP I 381 -51.54 47.80 1.66
CA TRP I 381 -50.60 48.70 2.33
C TRP I 381 -51.23 49.35 3.55
N ILE I 382 -52.54 49.61 3.51
CA ILE I 382 -53.22 50.18 4.68
C ILE I 382 -53.13 49.22 5.85
N LEU I 383 -53.36 47.93 5.60
CA LEU I 383 -53.26 46.93 6.66
C LEU I 383 -51.84 46.84 7.20
N ARG I 384 -50.82 46.93 6.32
CA ARG I 384 -49.44 46.90 6.78
C ARG I 384 -49.14 48.06 7.71
N LYS I 385 -49.67 49.25 7.41
CA LYS I 385 -49.49 50.40 8.30
C LYS I 385 -50.05 50.15 9.69
N ILE I 386 -51.08 49.30 9.81
CA ILE I 386 -51.68 49.00 11.10
C ILE I 386 -50.93 47.88 11.81
N ILE I 387 -50.58 46.81 11.09
CA ILE I 387 -49.91 45.68 11.71
C ILE I 387 -48.50 46.03 12.15
N HIS I 388 -47.80 46.87 11.37
CA HIS I 388 -46.39 47.13 11.64
C HIS I 388 -46.09 47.61 13.05
N PRO I 389 -46.80 48.58 13.63
CA PRO I 389 -46.53 48.93 15.03
C PRO I 389 -46.87 47.82 16.01
N MET I 390 -47.75 46.90 15.65
CA MET I 390 -48.17 45.84 16.57
C MET I 390 -47.10 44.76 16.68
N GLY I 391 -47.16 44.01 17.77
CA GLY I 391 -46.28 42.88 17.97
C GLY I 391 -46.72 41.68 17.17
N GLU I 392 -45.90 40.63 17.22
CA GLU I 392 -46.17 39.44 16.42
C GLU I 392 -47.41 38.70 16.92
N ILE I 393 -47.50 38.45 18.22
CA ILE I 393 -48.60 37.66 18.74
C ILE I 393 -49.90 38.45 18.69
N ASP I 394 -49.88 39.72 19.12
CA ASP I 394 -51.10 40.51 19.22
C ASP I 394 -51.69 40.79 17.84
N ALA I 395 -50.86 41.10 16.85
CA ALA I 395 -51.38 41.38 15.52
C ALA I 395 -52.09 40.17 14.92
N MET I 396 -51.51 38.98 15.08
CA MET I 396 -52.16 37.78 14.59
C MET I 396 -53.50 37.54 15.28
N GLU I 397 -53.55 37.76 16.60
CA GLU I 397 -54.83 37.69 17.31
C GLU I 397 -55.78 38.76 16.81
N PHE I 398 -55.27 39.98 16.59
CA PHE I 398 -56.10 41.05 16.04
C PHE I 398 -56.57 40.72 14.64
N LEU I 399 -55.69 40.14 13.82
CA LEU I 399 -56.06 39.82 12.45
C LEU I 399 -57.08 38.69 12.38
N ILE I 400 -56.99 37.73 13.30
CA ILE I 400 -57.89 36.56 13.25
C ILE I 400 -59.33 36.97 13.49
N ASN I 401 -59.57 37.74 14.55
CA ASN I 401 -60.94 38.16 14.87
C ASN I 401 -61.51 39.06 13.78
N LYS I 402 -60.70 39.98 13.27
CA LYS I 402 -61.17 40.85 12.18
C LYS I 402 -61.52 40.03 10.94
N LEU I 403 -60.70 39.04 10.62
CA LEU I 403 -60.95 38.21 9.45
C LEU I 403 -62.18 37.32 9.63
N ALA I 404 -62.41 36.85 10.85
CA ALA I 404 -63.55 35.96 11.09
C ALA I 404 -64.88 36.66 10.94
N CYS I 405 -64.93 37.98 11.15
CA CYS I 405 -66.20 38.71 11.04
C CYS I 405 -66.74 38.65 9.62
N THR I 406 -65.88 38.82 8.62
CA THR I 406 -66.27 38.82 7.23
C THR I 406 -66.08 37.42 6.63
N LYS I 407 -66.26 37.31 5.32
CA LYS I 407 -66.15 36.05 4.61
C LYS I 407 -65.05 36.04 3.56
N THR I 408 -64.90 37.12 2.81
CA THR I 408 -63.89 37.23 1.76
C THR I 408 -62.90 38.34 2.11
N ASN I 409 -61.79 38.38 1.37
CA ASN I 409 -60.77 39.38 1.63
C ASN I 409 -61.29 40.79 1.33
N ASP I 410 -61.97 40.97 0.19
CA ASP I 410 -62.50 42.28 -0.14
C ASP I 410 -63.55 42.74 0.86
N ASP I 411 -64.40 41.82 1.33
CA ASP I 411 -65.37 42.18 2.36
C ASP I 411 -64.69 42.64 3.64
N PHE I 412 -63.59 42.00 4.02
CA PHE I 412 -62.83 42.46 5.18
C PHE I 412 -62.25 43.85 4.96
N PHE I 413 -61.80 44.14 3.73
CA PHE I 413 -61.25 45.46 3.43
C PHE I 413 -62.29 46.56 3.54
N GLU I 414 -63.56 46.26 3.26
CA GLU I 414 -64.59 47.27 3.35
C GLU I 414 -64.78 47.78 4.78
N MET I 415 -64.92 46.86 5.73
CA MET I 415 -65.09 47.24 7.12
C MET I 415 -63.81 47.79 7.74
N MET I 416 -62.65 47.38 7.25
CA MET I 416 -61.39 47.90 7.78
C MET I 416 -61.27 49.39 7.54
N LYS I 417 -61.64 49.86 6.34
CA LYS I 417 -61.58 51.29 6.04
C LYS I 417 -62.66 52.08 6.76
N ARG I 418 -63.69 51.41 7.28
CA ARG I 418 -64.78 52.10 7.97
C ARG I 418 -64.97 51.53 9.37
N MET J 1 -24.45 32.90 -40.97
CA MET J 1 -23.41 33.64 -41.64
C MET J 1 -22.47 34.30 -40.63
N ASN J 2 -23.06 34.94 -39.63
CA ASN J 2 -22.33 35.62 -38.58
C ASN J 2 -22.64 34.95 -37.24
N LEU J 3 -21.59 34.49 -36.55
CA LEU J 3 -21.79 33.75 -35.31
C LEU J 3 -22.45 34.62 -34.24
N THR J 4 -22.00 35.87 -34.09
CA THR J 4 -22.60 36.74 -33.09
C THR J 4 -24.04 37.07 -33.42
N GLU J 5 -24.38 37.16 -34.71
CA GLU J 5 -25.78 37.33 -35.11
C GLU J 5 -26.57 36.05 -34.92
N LEU J 6 -25.90 34.90 -34.88
CA LEU J 6 -26.60 33.65 -34.58
C LEU J 6 -26.93 33.52 -33.10
N LYS J 7 -26.06 34.02 -32.22
CA LYS J 7 -26.27 33.88 -30.79
C LYS J 7 -27.45 34.72 -30.30
N ASN J 8 -27.55 35.97 -30.75
CA ASN J 8 -28.65 36.82 -30.33
C ASN J 8 -29.99 36.40 -30.93
N THR J 9 -29.98 35.54 -31.94
CA THR J 9 -31.22 35.05 -32.52
C THR J 9 -31.95 34.18 -31.50
N PRO J 10 -33.25 34.37 -31.31
CA PRO J 10 -33.98 33.51 -30.36
C PRO J 10 -33.97 32.06 -30.80
N VAL J 11 -34.04 31.17 -29.80
CA VAL J 11 -33.93 29.74 -30.05
C VAL J 11 -35.05 29.22 -30.93
N SER J 12 -36.20 29.90 -30.97
CA SER J 12 -37.27 29.50 -31.88
C SER J 12 -36.83 29.65 -33.33
N GLU J 13 -36.17 30.77 -33.66
CA GLU J 13 -35.67 30.96 -35.01
C GLU J 13 -34.52 30.01 -35.33
N LEU J 14 -33.70 29.68 -34.33
CA LEU J 14 -32.61 28.74 -34.56
C LEU J 14 -33.13 27.39 -35.01
N ILE J 15 -34.29 26.96 -34.48
CA ILE J 15 -34.90 25.73 -34.96
C ILE J 15 -35.28 25.86 -36.43
N THR J 16 -35.89 26.99 -36.80
CA THR J 16 -36.22 27.21 -38.21
C THR J 16 -34.98 27.26 -39.08
N LEU J 17 -33.91 27.90 -38.60
CA LEU J 17 -32.65 27.89 -39.34
C LEU J 17 -32.07 26.49 -39.43
N GLY J 18 -32.16 25.71 -38.36
CA GLY J 18 -31.66 24.34 -38.40
C GLY J 18 -32.47 23.43 -39.30
N GLU J 19 -33.79 23.60 -39.32
CA GLU J 19 -34.64 22.76 -40.16
C GLU J 19 -34.51 23.08 -41.64
N ASN J 20 -33.99 24.25 -42.01
CA ASN J 20 -33.81 24.57 -43.42
C ASN J 20 -32.83 23.63 -44.09
N MET J 21 -31.71 23.32 -43.42
CA MET J 21 -30.77 22.35 -43.95
C MET J 21 -31.35 20.94 -43.89
N GLY J 22 -32.06 20.62 -42.81
CA GLY J 22 -32.61 19.29 -42.63
C GLY J 22 -32.17 18.67 -41.31
N LEU J 23 -31.71 19.50 -40.39
CA LEU J 23 -31.32 19.00 -39.07
C LEU J 23 -32.56 18.55 -38.30
N GLU J 24 -32.48 17.37 -37.71
CA GLU J 24 -33.61 16.74 -37.05
C GLU J 24 -33.41 16.72 -35.55
N ASN J 25 -34.47 17.02 -34.82
CA ASN J 25 -34.49 16.93 -33.35
C ASN J 25 -33.48 17.88 -32.72
N LEU J 26 -33.56 19.16 -33.08
CA LEU J 26 -32.75 20.18 -32.45
C LEU J 26 -33.43 20.84 -31.26
N ALA J 27 -34.76 20.70 -31.14
CA ALA J 27 -35.48 21.38 -30.07
C ALA J 27 -35.10 20.84 -28.70
N ARG J 28 -34.77 19.56 -28.60
CA ARG J 28 -34.50 18.93 -27.32
C ARG J 28 -33.02 18.98 -26.93
N MET J 29 -32.45 20.18 -26.95
CA MET J 29 -31.08 20.38 -26.47
C MET J 29 -30.87 21.86 -26.21
N ARG J 30 -29.74 22.18 -25.59
CA ARG J 30 -29.46 23.56 -25.19
C ARG J 30 -29.21 24.43 -26.42
N LYS J 31 -29.35 25.74 -26.22
CA LYS J 31 -29.10 26.69 -27.30
C LYS J 31 -27.66 26.70 -27.75
N GLN J 32 -26.72 26.34 -26.87
CA GLN J 32 -25.32 26.27 -27.27
C GLN J 32 -25.09 25.16 -28.29
N ASP J 33 -25.69 23.99 -28.06
CA ASP J 33 -25.52 22.88 -28.99
C ASP J 33 -26.26 23.12 -30.30
N ILE J 34 -27.38 23.83 -30.26
CA ILE J 34 -28.10 24.16 -31.49
C ILE J 34 -27.22 25.04 -32.38
N ILE J 35 -26.57 26.03 -31.79
CA ILE J 35 -25.66 26.88 -32.56
C ILE J 35 -24.50 26.07 -33.10
N PHE J 36 -23.95 25.17 -32.29
CA PHE J 36 -22.86 24.31 -32.75
C PHE J 36 -23.30 23.43 -33.92
N ALA J 37 -24.50 22.86 -33.84
CA ALA J 37 -25.00 22.04 -34.95
C ALA J 37 -25.23 22.88 -36.20
N ILE J 38 -25.77 24.09 -36.05
CA ILE J 38 -25.99 24.95 -37.20
C ILE J 38 -24.68 25.36 -37.84
N LEU J 39 -23.65 25.61 -37.01
CA LEU J 39 -22.35 25.98 -37.55
C LEU J 39 -21.76 24.86 -38.39
N LYS J 40 -21.88 23.60 -37.94
CA LYS J 40 -21.39 22.48 -38.74
C LYS J 40 -22.16 22.31 -40.04
N GLN J 41 -23.40 22.79 -40.10
CA GLN J 41 -24.14 22.77 -41.36
C GLN J 41 -23.44 23.62 -42.41
N HIS J 42 -22.96 24.80 -42.04
CA HIS J 42 -22.20 25.64 -42.94
C HIS J 42 -20.75 25.19 -43.11
N ALA J 43 -20.28 24.27 -42.26
CA ALA J 43 -18.92 23.78 -42.38
C ALA J 43 -18.74 22.98 -43.67
N LYS J 44 -19.64 22.05 -43.94
CA LYS J 44 -19.58 21.27 -45.16
C LYS J 44 -19.89 22.08 -46.41
N SER J 45 -20.76 23.09 -46.29
CA SER J 45 -21.05 23.94 -47.44
C SER J 45 -19.82 24.71 -47.89
N GLY J 46 -18.89 25.00 -46.98
CA GLY J 46 -17.66 25.68 -47.31
C GLY J 46 -17.74 27.18 -47.33
N GLU J 47 -18.92 27.77 -47.14
CA GLU J 47 -19.03 29.22 -47.13
C GLU J 47 -18.32 29.79 -45.90
N ASP J 48 -17.70 30.96 -46.09
CA ASP J 48 -16.98 31.60 -44.99
C ASP J 48 -17.93 32.00 -43.88
N ILE J 49 -17.46 31.90 -42.64
CA ILE J 49 -18.27 32.22 -41.47
C ILE J 49 -17.58 33.33 -40.70
N PHE J 50 -18.38 34.09 -39.94
CA PHE J 50 -17.88 35.25 -39.21
C PHE J 50 -18.36 35.18 -37.76
N GLY J 51 -17.57 35.76 -36.87
CA GLY J 51 -17.90 35.76 -35.46
C GLY J 51 -16.83 36.49 -34.68
N ASP J 52 -17.02 36.53 -33.36
CA ASP J 52 -16.10 37.21 -32.46
C ASP J 52 -16.20 36.57 -31.08
N GLY J 53 -15.58 37.20 -30.10
CA GLY J 53 -15.62 36.69 -28.75
C GLY J 53 -14.65 37.45 -27.85
N VAL J 54 -14.53 36.96 -26.63
CA VAL J 54 -13.62 37.51 -25.63
C VAL J 54 -12.69 36.41 -25.18
N LEU J 55 -11.39 36.67 -25.21
CA LEU J 55 -10.40 35.65 -24.92
C LEU J 55 -10.48 35.20 -23.46
N GLU J 56 -10.07 33.95 -23.24
CA GLU J 56 -9.91 33.39 -21.90
C GLU J 56 -8.74 32.42 -21.96
N ILE J 57 -7.56 32.90 -21.62
CA ILE J 57 -6.34 32.10 -21.70
C ILE J 57 -6.26 31.19 -20.47
N LEU J 58 -6.24 29.88 -20.71
CA LEU J 58 -6.04 28.93 -19.63
C LEU J 58 -4.56 28.80 -19.33
N GLN J 59 -4.27 28.13 -18.21
CA GLN J 59 -2.87 27.94 -17.80
C GLN J 59 -2.10 27.06 -18.77
N ASP J 60 -2.79 26.22 -19.54
CA ASP J 60 -2.10 25.37 -20.52
C ASP J 60 -1.45 26.21 -21.61
N GLY J 61 -2.13 27.25 -22.09
CA GLY J 61 -1.59 28.10 -23.13
C GLY J 61 -2.59 28.48 -24.19
N PHE J 62 -3.58 27.62 -24.44
CA PHE J 62 -4.62 27.94 -25.40
C PHE J 62 -5.73 28.74 -24.72
N GLY J 63 -6.61 29.30 -25.55
CA GLY J 63 -7.71 30.11 -25.06
C GLY J 63 -8.98 29.83 -25.82
N PHE J 64 -10.05 30.49 -25.37
CA PHE J 64 -11.35 30.39 -26.01
C PHE J 64 -11.98 31.76 -26.11
N LEU J 65 -12.75 31.99 -27.16
CA LEU J 65 -13.42 33.26 -27.38
C LEU J 65 -14.85 33.16 -26.86
N ARG J 66 -14.99 33.24 -25.54
CA ARG J 66 -16.29 33.21 -24.91
C ARG J 66 -17.09 34.45 -25.32
N SER J 67 -18.41 34.29 -25.35
CA SER J 67 -19.30 35.36 -25.78
C SER J 67 -20.11 35.87 -24.60
N ALA J 68 -20.22 37.19 -24.50
CA ALA J 68 -20.97 37.82 -23.42
C ALA J 68 -22.47 37.59 -23.51
N ASP J 69 -22.97 37.11 -24.65
CA ASP J 69 -24.40 36.83 -24.77
C ASP J 69 -24.81 35.63 -23.93
N SER J 70 -23.87 34.73 -23.64
CA SER J 70 -24.11 33.59 -22.77
C SER J 70 -23.44 33.76 -21.41
N SER J 71 -23.10 34.99 -21.03
CA SER J 71 -22.46 35.29 -19.74
C SER J 71 -21.15 34.53 -19.59
N TYR J 72 -20.39 34.44 -20.68
CA TYR J 72 -19.07 33.81 -20.70
C TYR J 72 -19.12 32.38 -20.18
N LEU J 73 -20.18 31.67 -20.54
CA LEU J 73 -20.29 30.26 -20.20
C LEU J 73 -19.42 29.42 -21.12
N ALA J 74 -18.84 28.35 -20.60
CA ALA J 74 -17.95 27.48 -21.36
C ALA J 74 -18.79 26.62 -22.30
N GLY J 75 -19.30 27.25 -23.35
CA GLY J 75 -20.14 26.59 -24.31
C GLY J 75 -19.35 25.78 -25.33
N PRO J 76 -20.01 24.81 -25.96
CA PRO J 76 -19.33 24.03 -27.01
C PRO J 76 -19.00 24.84 -28.26
N ASP J 77 -19.61 26.01 -28.45
CA ASP J 77 -19.36 26.84 -29.63
C ASP J 77 -18.34 27.94 -29.35
N ASP J 78 -17.39 27.69 -28.46
CA ASP J 78 -16.34 28.66 -28.16
C ASP J 78 -15.16 28.46 -29.12
N ILE J 79 -14.76 29.54 -29.77
CA ILE J 79 -13.71 29.46 -30.79
C ILE J 79 -12.38 29.16 -30.12
N TYR J 80 -11.69 28.14 -30.61
CA TYR J 80 -10.35 27.81 -30.11
C TYR J 80 -9.31 28.68 -30.79
N VAL J 81 -8.27 29.04 -30.04
CA VAL J 81 -7.16 29.81 -30.55
C VAL J 81 -5.86 29.10 -30.18
N SER J 82 -4.94 29.01 -31.13
CA SER J 82 -3.71 28.29 -30.92
C SER J 82 -2.80 29.02 -29.93
N PRO J 83 -1.98 28.29 -29.17
CA PRO J 83 -1.01 28.95 -28.29
C PRO J 83 -0.03 29.83 -29.04
N CYS J 84 0.24 29.56 -30.31
CA CYS J 84 1.09 30.44 -31.10
C CYS J 84 0.32 31.59 -31.73
N GLN J 85 -1.01 31.45 -31.88
CA GLN J 85 -1.80 32.56 -32.41
C GLN J 85 -1.84 33.72 -31.43
N ILE J 86 -1.70 33.45 -30.14
CA ILE J 86 -1.66 34.50 -29.13
C ILE J 86 -0.22 34.96 -28.95
N ARG J 87 0.69 34.41 -29.76
CA ARG J 87 2.09 34.81 -29.75
C ARG J 87 2.43 35.74 -30.91
N ARG J 88 1.93 35.45 -32.10
CA ARG J 88 2.16 36.34 -33.24
C ARG J 88 1.58 37.72 -32.98
N PHE J 89 0.36 37.76 -32.45
CA PHE J 89 -0.22 38.98 -31.89
C PHE J 89 -0.14 38.87 -30.38
N ASN J 90 0.37 39.90 -29.73
CA ASN J 90 0.54 39.83 -28.28
C ASN J 90 -0.83 39.91 -27.61
N LEU J 91 -1.41 38.76 -27.35
CA LEU J 91 -2.76 38.66 -26.80
C LEU J 91 -2.72 38.22 -25.34
N ARG J 92 -3.82 38.48 -24.64
CA ARG J 92 -3.96 38.14 -23.23
C ARG J 92 -5.44 38.04 -22.91
N THR J 93 -5.74 37.64 -21.69
CA THR J 93 -7.13 37.44 -21.29
C THR J 93 -7.91 38.74 -21.40
N GLY J 94 -9.14 38.65 -21.92
CA GLY J 94 -10.00 39.79 -22.06
C GLY J 94 -9.93 40.51 -23.39
N ASP J 95 -9.05 40.10 -24.29
CA ASP J 95 -8.96 40.74 -25.60
C ASP J 95 -10.17 40.38 -26.45
N THR J 96 -10.81 41.40 -27.03
CA THR J 96 -11.96 41.19 -27.90
C THR J 96 -11.47 40.91 -29.31
N ILE J 97 -11.58 39.66 -29.74
CA ILE J 97 -11.05 39.20 -31.02
C ILE J 97 -12.22 38.90 -31.95
N SER J 98 -12.14 39.42 -33.18
CA SER J 98 -13.13 39.16 -34.21
C SER J 98 -12.42 38.71 -35.48
N GLY J 99 -13.00 37.72 -36.15
CA GLY J 99 -12.42 37.23 -37.39
C GLY J 99 -13.14 35.99 -37.86
N LYS J 100 -12.74 35.52 -39.04
CA LYS J 100 -13.32 34.32 -39.61
C LYS J 100 -12.89 33.09 -38.82
N ILE J 101 -13.79 32.12 -38.74
CA ILE J 101 -13.60 30.90 -37.96
C ILE J 101 -13.53 29.72 -38.91
N ARG J 102 -12.48 28.91 -38.78
CA ARG J 102 -12.46 27.73 -39.63
C ARG J 102 -13.12 26.55 -38.91
N PRO J 103 -13.80 25.69 -39.64
CA PRO J 103 -14.45 24.53 -39.02
C PRO J 103 -13.42 23.59 -38.42
N PRO J 104 -13.79 22.84 -37.39
CA PRO J 104 -12.85 21.90 -36.78
C PRO J 104 -12.49 20.78 -37.75
N LYS J 105 -11.27 20.28 -37.62
CA LYS J 105 -10.78 19.17 -38.41
C LYS J 105 -10.92 17.88 -37.59
N GLU J 106 -10.44 16.77 -38.16
CA GLU J 106 -10.44 15.51 -37.45
C GLU J 106 -9.53 15.62 -36.22
N GLY J 107 -10.03 15.15 -35.07
CA GLY J 107 -9.33 15.29 -33.83
C GLY J 107 -9.57 16.60 -33.11
N GLU J 108 -10.31 17.53 -33.72
CA GLU J 108 -10.65 18.81 -33.11
C GLU J 108 -12.14 18.85 -32.86
N ARG J 109 -12.53 19.08 -31.61
CA ARG J 109 -13.93 19.20 -31.22
C ARG J 109 -14.41 20.64 -31.17
N TYR J 110 -13.52 21.60 -31.33
CA TYR J 110 -13.85 23.02 -31.22
C TYR J 110 -13.51 23.75 -32.49
N PHE J 111 -14.31 24.76 -32.81
CA PHE J 111 -14.00 25.65 -33.93
C PHE J 111 -12.72 26.41 -33.64
N ALA J 112 -11.98 26.75 -34.70
CA ALA J 112 -10.70 27.42 -34.57
C ALA J 112 -10.70 28.72 -35.36
N LEU J 113 -10.03 29.72 -34.81
CA LEU J 113 -9.91 31.01 -35.47
C LEU J 113 -8.83 30.96 -36.54
N LEU J 114 -9.16 31.39 -37.75
CA LEU J 114 -8.22 31.30 -38.86
C LEU J 114 -7.48 32.61 -39.12
N LYS J 115 -8.16 33.75 -39.02
CA LYS J 115 -7.55 35.04 -39.31
C LYS J 115 -8.08 36.06 -38.32
N VAL J 116 -7.17 36.68 -37.58
CA VAL J 116 -7.52 37.74 -36.64
C VAL J 116 -7.75 39.02 -37.43
N ASN J 117 -8.99 39.49 -37.46
CA ASN J 117 -9.33 40.69 -38.21
C ASN J 117 -9.21 41.95 -37.37
N GLU J 118 -9.81 41.95 -36.17
CA GLU J 118 -9.78 43.12 -35.30
C GLU J 118 -9.63 42.67 -33.86
N VAL J 119 -8.80 43.40 -33.11
CA VAL J 119 -8.61 43.16 -31.69
C VAL J 119 -8.99 44.43 -30.95
N ASN J 120 -9.91 44.32 -29.99
CA ASN J 120 -10.40 45.46 -29.21
C ASN J 120 -10.89 46.58 -30.12
N PHE J 121 -11.59 46.21 -31.18
CA PHE J 121 -12.07 47.16 -32.19
C PHE J 121 -10.91 47.98 -32.76
N ASP J 122 -9.82 47.30 -33.06
CA ASP J 122 -8.63 47.96 -33.60
C ASP J 122 -7.85 46.95 -34.43
N LYS J 123 -6.92 47.46 -35.22
CA LYS J 123 -6.12 46.61 -36.08
C LYS J 123 -5.28 45.65 -35.24
N PRO J 124 -5.10 44.40 -35.68
CA PRO J 124 -4.34 43.45 -34.86
C PRO J 124 -2.89 43.84 -34.63
N GLU J 125 -2.32 44.69 -35.49
CA GLU J 125 -0.95 45.14 -35.32
C GLU J 125 -0.83 46.34 -34.40
N ASN J 126 -1.87 47.18 -34.34
CA ASN J 126 -1.85 48.34 -33.46
C ASN J 126 -2.18 47.99 -32.01
N ALA J 127 -2.71 46.79 -31.76
CA ALA J 127 -3.06 46.39 -30.40
C ALA J 127 -1.84 46.14 -29.53
N ARG J 128 -0.67 45.92 -30.13
CA ARG J 128 0.56 45.68 -29.38
C ARG J 128 1.31 46.97 -29.08
N ASN J 129 0.75 48.12 -29.44
CA ASN J 129 1.34 49.42 -29.14
C ASN J 129 0.63 50.12 -27.98
N LYS J 130 -0.08 49.37 -27.14
CA LYS J 130 -0.82 49.93 -26.02
C LYS J 130 -0.16 49.51 -24.72
N ILE J 131 0.06 50.47 -23.82
CA ILE J 131 0.71 50.20 -22.55
C ILE J 131 -0.21 49.36 -21.68
N LEU J 132 0.39 48.53 -20.84
CA LEU J 132 -0.37 47.66 -19.95
C LEU J 132 -1.16 48.49 -18.94
N PHE J 133 -2.10 47.84 -18.26
CA PHE J 133 -3.01 48.54 -17.37
C PHE J 133 -2.28 49.07 -16.14
N GLU J 134 -1.68 48.17 -15.36
CA GLU J 134 -1.05 48.59 -14.11
C GLU J 134 0.12 49.55 -14.32
N ASN J 135 0.74 49.55 -15.50
CA ASN J 135 1.78 50.52 -15.79
C ASN J 135 1.24 51.94 -15.93
N LEU J 136 -0.06 52.08 -16.16
CA LEU J 136 -0.66 53.41 -16.20
C LEU J 136 -0.70 54.03 -14.80
N THR J 137 -0.55 55.34 -14.75
CA THR J 137 -0.54 56.06 -13.49
C THR J 137 -1.96 56.42 -13.08
N PRO J 138 -2.45 55.93 -11.94
CA PRO J 138 -3.80 56.29 -11.51
C PRO J 138 -3.85 57.74 -11.06
N LEU J 139 -5.08 58.26 -11.00
CA LEU J 139 -5.29 59.66 -10.66
C LEU J 139 -6.69 59.83 -10.11
N HIS J 140 -6.91 60.95 -9.42
CA HIS J 140 -8.22 61.26 -8.88
C HIS J 140 -9.22 61.51 -10.01
N ALA J 141 -10.49 61.20 -9.73
CA ALA J 141 -11.54 61.49 -10.68
C ALA J 141 -11.73 63.00 -10.79
N ASN J 142 -11.79 63.51 -12.02
CA ASN J 142 -11.96 64.94 -12.23
C ASN J 142 -12.92 65.26 -13.36
N SER J 143 -13.67 64.28 -13.86
CA SER J 143 -14.64 64.49 -14.92
C SER J 143 -15.98 63.94 -14.46
N ARG J 144 -16.88 64.85 -14.05
CA ARG J 144 -18.15 64.47 -13.47
C ARG J 144 -19.05 63.80 -14.49
N LEU J 145 -19.72 62.72 -14.08
CA LEU J 145 -20.74 62.07 -14.88
C LEU J 145 -22.08 62.68 -14.52
N ARG J 146 -22.69 63.40 -15.46
CA ARG J 146 -23.95 64.07 -15.18
C ARG J 146 -25.08 63.06 -15.09
N MET J 147 -25.38 62.61 -13.87
CA MET J 147 -26.41 61.59 -13.68
C MET J 147 -27.82 62.13 -13.86
N GLU J 148 -27.99 63.45 -13.84
CA GLU J 148 -29.32 64.03 -13.97
C GLU J 148 -29.81 63.93 -15.40
N ARG J 149 -31.01 63.36 -15.58
CA ARG J 149 -31.59 63.26 -16.91
C ARG J 149 -32.11 64.62 -17.39
N GLY J 150 -32.75 65.37 -16.49
CA GLY J 150 -33.26 66.68 -16.83
C GLY J 150 -34.64 66.71 -17.42
N ASN J 151 -35.27 65.56 -17.67
CA ASN J 151 -36.59 65.53 -18.25
C ASN J 151 -37.70 65.77 -17.24
N GLY J 152 -37.39 65.77 -15.95
CA GLY J 152 -38.40 65.98 -14.93
C GLY J 152 -39.32 64.80 -14.69
N SER J 153 -38.93 63.61 -15.12
CA SER J 153 -39.76 62.42 -14.93
C SER J 153 -39.76 61.99 -13.47
N THR J 154 -40.69 61.09 -13.14
CA THR J 154 -40.80 60.61 -11.77
C THR J 154 -39.55 59.86 -11.34
N GLU J 155 -39.02 59.00 -12.22
CA GLU J 155 -37.80 58.27 -11.91
C GLU J 155 -36.55 59.15 -11.93
N ASP J 156 -36.63 60.35 -12.50
CA ASP J 156 -35.50 61.25 -12.51
C ASP J 156 -35.14 61.73 -11.11
N LEU J 157 -36.09 61.73 -10.18
CA LEU J 157 -35.80 62.14 -8.81
C LEU J 157 -34.77 61.22 -8.16
N THR J 158 -34.74 59.95 -8.53
CA THR J 158 -33.73 59.05 -7.99
C THR J 158 -32.32 59.46 -8.43
N ALA J 159 -32.15 59.83 -9.70
CA ALA J 159 -30.86 60.27 -10.18
C ALA J 159 -30.54 61.69 -9.74
N ARG J 160 -31.55 62.57 -9.69
CA ARG J 160 -31.32 63.94 -9.24
C ARG J 160 -30.87 63.99 -7.80
N VAL J 161 -31.44 63.15 -6.94
CA VAL J 161 -31.01 63.08 -5.55
C VAL J 161 -29.57 62.59 -5.46
N LEU J 162 -29.23 61.57 -6.26
CA LEU J 162 -27.89 61.00 -6.19
C LEU J 162 -26.81 62.00 -6.56
N ASP J 163 -27.06 62.82 -7.59
CA ASP J 163 -26.10 63.88 -7.93
C ASP J 163 -25.94 64.87 -6.79
N LEU J 164 -27.03 65.13 -6.06
CA LEU J 164 -26.96 66.07 -4.93
C LEU J 164 -26.18 65.48 -3.77
N ALA J 165 -26.38 64.19 -3.47
CA ALA J 165 -25.77 63.60 -2.29
C ALA J 165 -24.31 63.25 -2.52
N SER J 166 -24.04 62.34 -3.44
CA SER J 166 -22.68 61.84 -3.68
C SER J 166 -22.35 61.95 -5.17
N PRO J 167 -21.77 63.07 -5.60
CA PRO J 167 -21.38 63.20 -7.00
C PRO J 167 -20.40 62.11 -7.40
N ILE J 168 -20.55 61.62 -8.64
CA ILE J 168 -19.75 60.53 -9.15
C ILE J 168 -19.08 60.98 -10.45
N GLY J 169 -17.77 60.79 -10.53
CA GLY J 169 -17.01 61.07 -11.73
C GLY J 169 -16.48 59.80 -12.37
N ARG J 170 -15.81 59.99 -13.50
CA ARG J 170 -15.21 58.87 -14.21
C ARG J 170 -14.04 58.31 -13.41
N GLY J 171 -14.02 56.99 -13.24
CA GLY J 171 -13.00 56.36 -12.44
C GLY J 171 -13.25 56.39 -10.94
N GLN J 172 -14.41 56.86 -10.51
CA GLN J 172 -14.72 56.97 -9.08
C GLN J 172 -15.08 55.60 -8.54
N ARG J 173 -14.19 55.06 -7.71
CA ARG J 173 -14.43 53.75 -7.10
C ARG J 173 -15.51 53.87 -6.02
N GLY J 174 -16.76 53.64 -6.40
CA GLY J 174 -17.86 53.85 -5.49
C GLY J 174 -18.21 52.61 -4.68
N LEU J 175 -19.13 52.79 -3.75
CA LEU J 175 -19.58 51.70 -2.89
C LEU J 175 -20.92 52.07 -2.30
N ILE J 176 -21.94 51.23 -2.53
CA ILE J 176 -23.29 51.48 -2.06
C ILE J 176 -23.57 50.51 -0.92
N VAL J 177 -23.85 51.06 0.27
CA VAL J 177 -24.18 50.27 1.44
C VAL J 177 -25.69 50.08 1.47
N ALA J 178 -26.14 48.87 1.18
CA ALA J 178 -27.56 48.60 1.02
C ALA J 178 -28.02 47.49 1.96
N PRO J 179 -28.89 47.77 2.93
CA PRO J 179 -29.52 46.71 3.69
C PRO J 179 -30.56 46.00 2.85
N PRO J 180 -30.96 44.79 3.22
CA PRO J 180 -31.94 44.06 2.40
C PRO J 180 -33.29 44.76 2.39
N LYS J 181 -34.01 44.57 1.28
CA LYS J 181 -35.34 45.16 1.08
C LYS J 181 -35.31 46.68 1.24
N ALA J 182 -34.32 47.32 0.63
CA ALA J 182 -34.20 48.77 0.65
C ALA J 182 -34.25 49.37 -0.76
N GLY J 183 -34.82 48.65 -1.72
CA GLY J 183 -34.86 49.13 -3.09
C GLY J 183 -33.49 49.25 -3.73
N LYS J 184 -32.61 48.28 -3.49
CA LYS J 184 -31.26 48.36 -4.04
C LYS J 184 -31.28 48.23 -5.57
N THR J 185 -31.96 47.20 -6.08
CA THR J 185 -31.96 46.96 -7.51
C THR J 185 -32.70 48.02 -8.29
N MET J 186 -33.70 48.68 -7.68
CA MET J 186 -34.35 49.80 -8.34
C MET J 186 -33.41 50.97 -8.52
N LEU J 187 -32.45 51.13 -7.60
CA LEU J 187 -31.46 52.19 -7.74
C LEU J 187 -30.47 51.89 -8.87
N LEU J 188 -30.02 50.64 -8.96
CA LEU J 188 -29.06 50.28 -10.00
C LEU J 188 -29.66 50.43 -11.40
N GLN J 189 -30.92 50.01 -11.58
CA GLN J 189 -31.56 50.17 -12.88
C GLN J 189 -31.70 51.62 -13.27
N ASN J 190 -31.97 52.50 -12.29
CA ASN J 190 -32.05 53.92 -12.59
C ASN J 190 -30.70 54.49 -12.99
N ILE J 191 -29.62 54.02 -12.37
CA ILE J 191 -28.29 54.50 -12.73
C ILE J 191 -27.92 54.05 -14.13
N ALA J 192 -28.16 52.78 -14.44
CA ALA J 192 -27.80 52.24 -15.75
C ALA J 192 -28.59 52.87 -16.88
N GLN J 193 -29.72 53.52 -16.57
CA GLN J 193 -30.47 54.21 -17.61
C GLN J 193 -29.95 55.63 -17.83
N SER J 194 -29.67 56.35 -16.74
CA SER J 194 -29.14 57.70 -16.87
C SER J 194 -27.75 57.71 -17.47
N ILE J 195 -26.92 56.72 -17.13
CA ILE J 195 -25.58 56.65 -17.71
C ILE J 195 -25.66 56.33 -19.21
N ALA J 196 -26.50 55.37 -19.58
CA ALA J 196 -26.64 54.99 -20.98
C ALA J 196 -27.34 56.06 -21.81
N TYR J 197 -27.97 57.05 -21.16
CA TYR J 197 -28.63 58.12 -21.88
C TYR J 197 -27.77 59.37 -21.97
N ASN J 198 -27.15 59.76 -20.86
CA ASN J 198 -26.33 60.97 -20.84
C ASN J 198 -24.98 60.76 -21.51
N HIS J 199 -24.39 59.58 -21.34
CA HIS J 199 -23.05 59.28 -21.84
C HIS J 199 -23.08 57.99 -22.65
N PRO J 200 -23.51 58.05 -23.92
CA PRO J 200 -23.49 56.85 -24.76
C PRO J 200 -22.11 56.32 -25.06
N ASP J 201 -21.07 57.14 -24.90
CA ASP J 201 -19.73 56.73 -25.30
C ASP J 201 -19.11 55.72 -24.35
N CYS J 202 -19.32 55.88 -23.04
CA CYS J 202 -18.68 55.00 -22.07
C CYS J 202 -19.26 53.60 -22.15
N VAL J 203 -18.38 52.60 -22.08
CA VAL J 203 -18.78 51.21 -22.13
C VAL J 203 -19.43 50.85 -20.80
N LEU J 204 -20.75 50.71 -20.81
CA LEU J 204 -21.51 50.40 -19.60
C LEU J 204 -21.67 48.89 -19.48
N MET J 205 -21.04 48.31 -18.47
CA MET J 205 -21.15 46.88 -18.20
C MET J 205 -21.79 46.69 -16.83
N VAL J 206 -22.77 45.80 -16.76
CA VAL J 206 -23.47 45.51 -15.51
C VAL J 206 -23.20 44.05 -15.16
N LEU J 207 -22.65 43.83 -13.97
CA LEU J 207 -22.31 42.49 -13.50
C LEU J 207 -23.13 42.18 -12.26
N LEU J 208 -23.85 41.06 -12.30
CA LEU J 208 -24.66 40.59 -11.18
C LEU J 208 -24.11 39.26 -10.69
N ILE J 209 -23.82 39.18 -9.40
CA ILE J 209 -23.24 37.99 -8.79
C ILE J 209 -24.23 37.42 -7.80
N ASP J 210 -24.45 36.11 -7.88
CA ASP J 210 -25.32 35.39 -6.95
C ASP J 210 -26.75 35.93 -6.99
N GLU J 211 -27.18 36.40 -8.16
CA GLU J 211 -28.50 36.98 -8.31
C GLU J 211 -29.51 35.92 -8.75
N ARG J 212 -30.78 36.18 -8.48
CA ARG J 212 -31.83 35.29 -8.91
C ARG J 212 -31.92 35.27 -10.43
N PRO J 213 -32.27 34.12 -11.02
CA PRO J 213 -32.48 34.10 -12.48
C PRO J 213 -33.59 35.00 -12.94
N GLU J 214 -34.52 35.37 -12.04
CA GLU J 214 -35.59 36.28 -12.40
C GLU J 214 -35.06 37.68 -12.69
N GLU J 215 -34.15 38.17 -11.83
CA GLU J 215 -33.64 39.53 -11.97
C GLU J 215 -32.68 39.69 -13.14
N VAL J 216 -32.07 38.60 -13.62
CA VAL J 216 -31.13 38.71 -14.73
C VAL J 216 -31.84 39.17 -16.00
N THR J 217 -32.97 38.54 -16.33
CA THR J 217 -33.71 38.93 -17.53
C THR J 217 -34.40 40.28 -17.38
N GLU J 218 -34.64 40.73 -16.14
CA GLU J 218 -35.16 42.08 -15.96
C GLU J 218 -34.11 43.13 -16.28
N MET J 219 -32.87 42.89 -15.86
CA MET J 219 -31.79 43.82 -16.16
C MET J 219 -31.46 43.81 -17.65
N GLN J 220 -31.45 42.63 -18.29
CA GLN J 220 -31.10 42.55 -19.70
C GLN J 220 -32.11 43.29 -20.58
N ARG J 221 -33.35 43.41 -20.14
CA ARG J 221 -34.37 44.10 -20.90
C ARG J 221 -34.43 45.60 -20.62
N LEU J 222 -33.62 46.10 -19.68
CA LEU J 222 -33.63 47.51 -19.32
C LEU J 222 -32.32 48.20 -19.67
N VAL J 223 -31.19 47.61 -19.30
CA VAL J 223 -29.90 48.28 -19.46
C VAL J 223 -29.48 48.23 -20.93
N LYS J 224 -29.15 49.40 -21.48
CA LYS J 224 -28.65 49.50 -22.85
C LYS J 224 -27.14 49.32 -22.83
N GLY J 225 -26.73 48.05 -22.72
CA GLY J 225 -25.32 47.74 -22.66
C GLY J 225 -25.12 46.28 -22.28
N GLU J 226 -23.86 45.92 -22.06
CA GLU J 226 -23.52 44.56 -21.70
C GLU J 226 -24.02 44.26 -20.29
N VAL J 227 -24.87 43.25 -20.16
CA VAL J 227 -25.36 42.78 -18.87
C VAL J 227 -25.01 41.30 -18.76
N VAL J 228 -24.04 41.00 -17.90
CA VAL J 228 -23.56 39.64 -17.70
C VAL J 228 -23.74 39.28 -16.24
N ALA J 229 -24.34 38.12 -15.98
CA ALA J 229 -24.71 37.75 -14.63
C ALA J 229 -24.54 36.25 -14.44
N SER J 230 -24.40 35.85 -13.18
CA SER J 230 -24.33 34.44 -12.81
C SER J 230 -25.36 34.20 -11.71
N THR J 231 -26.29 33.28 -11.98
CA THR J 231 -27.35 32.97 -11.03
C THR J 231 -26.81 32.19 -9.83
N PHE J 232 -27.59 32.17 -8.75
CA PHE J 232 -27.11 31.54 -7.52
C PHE J 232 -26.96 30.03 -7.66
N ASP J 233 -27.72 29.39 -8.55
CA ASP J 233 -27.57 27.95 -8.72
C ASP J 233 -26.24 27.58 -9.35
N GLU J 234 -25.57 28.53 -9.99
CA GLU J 234 -24.25 28.27 -10.54
C GLU J 234 -23.24 28.07 -9.42
N PRO J 235 -22.20 27.27 -9.66
CA PRO J 235 -21.21 27.01 -8.61
C PRO J 235 -20.44 28.26 -8.26
N ALA J 236 -19.77 28.20 -7.10
CA ALA J 236 -18.95 29.32 -6.65
C ALA J 236 -17.81 29.61 -7.62
N SER J 237 -17.35 28.63 -8.38
CA SER J 237 -16.31 28.87 -9.37
C SER J 237 -16.80 29.75 -10.50
N ARG J 238 -18.09 29.70 -10.82
CA ARG J 238 -18.62 30.53 -11.90
C ARG J 238 -18.70 31.99 -11.50
N HIS J 239 -18.96 32.27 -10.22
CA HIS J 239 -19.03 33.67 -9.80
C HIS J 239 -17.70 34.38 -9.96
N VAL J 240 -16.60 33.71 -9.60
CA VAL J 240 -15.29 34.32 -9.76
C VAL J 240 -14.82 34.31 -11.21
N GLN J 241 -15.14 33.27 -11.97
CA GLN J 241 -14.77 33.25 -13.39
C GLN J 241 -15.49 34.36 -14.15
N VAL J 242 -16.78 34.56 -13.87
CA VAL J 242 -17.54 35.59 -14.57
C VAL J 242 -17.17 36.98 -14.09
N ALA J 243 -16.51 37.11 -12.94
CA ALA J 243 -16.06 38.41 -12.47
C ALA J 243 -14.65 38.74 -12.95
N GLU J 244 -13.76 37.74 -13.02
CA GLU J 244 -12.44 37.98 -13.59
C GLU J 244 -12.53 38.32 -15.07
N MET J 245 -13.42 37.65 -15.81
CA MET J 245 -13.58 37.94 -17.22
C MET J 245 -14.15 39.33 -17.48
N VAL J 246 -14.80 39.93 -16.48
CA VAL J 246 -15.36 41.26 -16.66
C VAL J 246 -14.33 42.34 -16.39
N ILE J 247 -13.58 42.21 -15.30
CA ILE J 247 -12.57 43.21 -14.98
C ILE J 247 -11.44 43.19 -16.01
N GLU J 248 -11.06 42.00 -16.48
CA GLU J 248 -10.03 41.92 -17.52
C GLU J 248 -10.51 42.55 -18.82
N LYS J 249 -11.77 42.31 -19.20
CA LYS J 249 -12.33 42.95 -20.38
C LYS J 249 -12.40 44.46 -20.22
N ALA J 250 -12.66 44.93 -19.00
CA ALA J 250 -12.69 46.37 -18.76
C ALA J 250 -11.29 46.97 -18.76
N LYS J 251 -10.30 46.22 -18.27
CA LYS J 251 -8.93 46.73 -18.27
C LYS J 251 -8.43 46.98 -19.69
N ARG J 252 -8.72 46.06 -20.61
CA ARG J 252 -8.26 46.22 -21.99
C ARG J 252 -8.85 47.46 -22.64
N LEU J 253 -10.14 47.72 -22.41
CA LEU J 253 -10.76 48.92 -22.97
C LEU J 253 -10.18 50.19 -22.37
N VAL J 254 -9.65 50.13 -21.15
CA VAL J 254 -8.99 51.30 -20.57
C VAL J 254 -7.73 51.63 -21.37
N GLU J 255 -6.96 50.61 -21.75
CA GLU J 255 -5.73 50.83 -22.50
C GLU J 255 -5.98 51.52 -23.84
N HIS J 256 -7.18 51.37 -24.41
CA HIS J 256 -7.54 52.05 -25.65
C HIS J 256 -8.22 53.38 -25.43
N LYS J 257 -7.97 54.03 -24.29
CA LYS J 257 -8.50 55.35 -23.97
C LYS J 257 -10.03 55.38 -24.05
N LYS J 258 -10.66 54.33 -23.55
CA LYS J 258 -12.12 54.23 -23.53
C LYS J 258 -12.60 54.20 -22.09
N ASP J 259 -13.56 55.06 -21.77
CA ASP J 259 -14.17 55.04 -20.45
C ASP J 259 -15.08 53.83 -20.32
N VAL J 260 -14.92 53.10 -19.22
CA VAL J 260 -15.70 51.89 -18.96
C VAL J 260 -16.31 52.01 -17.56
N ILE J 261 -17.58 51.63 -17.45
CA ILE J 261 -18.31 51.70 -16.19
C ILE J 261 -18.81 50.30 -15.84
N ILE J 262 -18.54 49.87 -14.62
CA ILE J 262 -18.98 48.57 -14.13
C ILE J 262 -19.92 48.79 -12.96
N LEU J 263 -21.11 48.19 -13.03
CA LEU J 263 -22.09 48.25 -11.95
C LEU J 263 -22.17 46.86 -11.34
N LEU J 264 -21.47 46.65 -10.23
CA LEU J 264 -21.39 45.35 -9.59
C LEU J 264 -22.54 45.20 -8.59
N ASP J 265 -23.06 43.98 -8.50
CA ASP J 265 -24.12 43.65 -7.55
C ASP J 265 -23.99 42.17 -7.21
N SER J 266 -23.40 41.87 -6.06
CA SER J 266 -22.86 42.84 -5.12
C SER J 266 -21.48 42.40 -4.64
N ILE J 267 -20.69 43.35 -4.13
CA ILE J 267 -19.33 43.03 -3.69
C ILE J 267 -19.33 42.03 -2.54
N THR J 268 -20.41 41.98 -1.75
CA THR J 268 -20.48 40.99 -0.68
C THR J 268 -20.63 39.59 -1.24
N ARG J 269 -21.54 39.40 -2.21
CA ARG J 269 -21.72 38.09 -2.82
C ARG J 269 -20.48 37.65 -3.57
N LEU J 270 -19.75 38.60 -4.17
CA LEU J 270 -18.51 38.26 -4.87
C LEU J 270 -17.44 37.80 -3.89
N ALA J 271 -17.30 38.50 -2.76
CA ALA J 271 -16.29 38.13 -1.79
C ALA J 271 -16.56 36.76 -1.18
N ARG J 272 -17.83 36.47 -0.86
CA ARG J 272 -18.16 35.15 -0.33
C ARG J 272 -17.86 34.05 -1.34
N ALA J 273 -18.06 34.33 -2.63
CA ALA J 273 -17.71 33.37 -3.66
C ALA J 273 -16.22 33.09 -3.68
N TYR J 274 -15.40 34.15 -3.56
CA TYR J 274 -13.96 33.97 -3.50
C TYR J 274 -13.53 33.20 -2.26
N ASN J 275 -14.18 33.47 -1.12
CA ASN J 275 -13.84 32.76 0.11
C ASN J 275 -14.03 31.26 -0.05
N THR J 276 -15.01 30.83 -0.83
CA THR J 276 -15.23 29.40 -1.04
C THR J 276 -14.16 28.81 -1.97
N VAL J 277 -13.84 29.53 -3.05
CA VAL J 277 -12.97 28.96 -4.08
C VAL J 277 -11.55 28.79 -3.56
N VAL J 278 -10.99 29.84 -2.96
CA VAL J 278 -9.58 29.86 -2.59
C VAL J 278 -9.32 28.87 -1.45
N PRO J 279 -8.13 28.25 -1.41
CA PRO J 279 -7.82 27.33 -0.32
C PRO J 279 -7.56 28.07 0.99
N ALA J 280 -7.70 27.33 2.08
CA ALA J 280 -7.45 27.88 3.41
C ALA J 280 -5.96 28.16 3.57
N SER J 281 -5.63 29.33 4.12
CA SER J 281 -4.25 29.73 4.35
C SER J 281 -3.80 29.46 5.78
N GLY J 282 -4.64 28.86 6.62
CA GLY J 282 -4.31 28.56 7.99
C GLY J 282 -4.76 29.61 8.99
N LYS J 283 -5.05 30.82 8.53
CA LYS J 283 -5.56 31.90 9.38
C LYS J 283 -6.98 32.22 8.97
N VAL J 284 -7.90 32.17 9.94
CA VAL J 284 -9.32 32.41 9.70
C VAL J 284 -9.76 33.56 10.58
N LEU J 285 -10.35 34.58 9.95
CA LEU J 285 -10.88 35.73 10.68
C LEU J 285 -12.22 35.37 11.32
N THR J 286 -12.78 36.30 12.07
CA THR J 286 -14.09 36.09 12.67
C THR J 286 -15.16 35.95 11.60
N GLY J 287 -16.18 35.16 11.90
CA GLY J 287 -17.26 34.92 10.97
C GLY J 287 -16.97 33.91 9.89
N GLY J 288 -15.81 33.26 9.91
CA GLY J 288 -15.47 32.26 8.93
C GLY J 288 -14.78 32.78 7.68
N VAL J 289 -14.57 34.09 7.58
CA VAL J 289 -13.92 34.67 6.41
C VAL J 289 -12.43 34.41 6.49
N ASP J 290 -11.87 33.81 5.44
CA ASP J 290 -10.43 33.60 5.40
C ASP J 290 -9.70 34.92 5.25
N ALA J 291 -8.50 35.00 5.84
CA ALA J 291 -7.75 36.24 5.86
C ALA J 291 -7.28 36.64 4.47
N ASN J 292 -6.67 35.70 3.75
CA ASN J 292 -6.12 35.99 2.43
C ASN J 292 -7.14 35.82 1.31
N ALA J 293 -8.35 35.35 1.63
CA ALA J 293 -9.38 35.24 0.61
C ALA J 293 -9.79 36.60 0.08
N LEU J 294 -9.85 37.61 0.94
CA LEU J 294 -10.30 38.94 0.56
C LEU J 294 -9.29 39.68 -0.31
N HIS J 295 -8.09 39.16 -0.47
CA HIS J 295 -7.11 39.82 -1.34
C HIS J 295 -7.59 39.84 -2.79
N ARG J 296 -8.18 38.73 -3.25
CA ARG J 296 -8.63 38.67 -4.65
C ARG J 296 -9.73 39.68 -4.94
N PRO J 297 -10.84 39.75 -4.20
CA PRO J 297 -11.85 40.77 -4.50
C PRO J 297 -11.36 42.19 -4.35
N LYS J 298 -10.42 42.46 -3.43
CA LYS J 298 -9.88 43.80 -3.31
C LYS J 298 -9.17 44.24 -4.57
N ARG J 299 -8.45 43.32 -5.23
CA ARG J 299 -7.85 43.66 -6.52
C ARG J 299 -8.91 43.97 -7.56
N PHE J 300 -10.02 43.24 -7.56
CA PHE J 300 -11.14 43.57 -8.44
C PHE J 300 -11.69 44.95 -8.10
N PHE J 301 -11.90 45.23 -6.82
CA PHE J 301 -12.48 46.51 -6.42
C PHE J 301 -11.46 47.64 -6.52
N GLY J 302 -10.17 47.32 -6.41
CA GLY J 302 -9.13 48.32 -6.45
C GLY J 302 -8.64 48.68 -7.83
N ALA J 303 -9.22 48.11 -8.88
CA ALA J 303 -8.82 48.44 -10.24
C ALA J 303 -9.46 49.70 -10.77
N ALA J 304 -10.44 50.26 -10.06
CA ALA J 304 -11.10 51.48 -10.51
C ALA J 304 -10.15 52.66 -10.36
N ARG J 305 -10.04 53.45 -11.41
CA ARG J 305 -9.11 54.57 -11.42
C ARG J 305 -9.44 55.48 -12.60
N ASN J 306 -8.86 56.67 -12.57
CA ASN J 306 -8.93 57.62 -13.68
C ASN J 306 -7.52 57.74 -14.24
N VAL J 307 -7.22 56.91 -15.24
CA VAL J 307 -5.87 56.85 -15.79
C VAL J 307 -5.49 58.21 -16.37
N GLU J 308 -4.29 58.68 -16.02
CA GLU J 308 -3.84 59.99 -16.47
C GLU J 308 -3.67 60.06 -17.97
N GLU J 309 -3.19 58.97 -18.59
CA GLU J 309 -2.99 58.96 -20.03
C GLU J 309 -4.29 59.15 -20.79
N GLY J 310 -5.36 58.48 -20.34
CA GLY J 310 -6.64 58.59 -21.00
C GLY J 310 -7.59 57.47 -20.57
N GLY J 311 -8.89 57.76 -20.61
CA GLY J 311 -9.87 56.78 -20.18
C GLY J 311 -10.00 56.74 -18.68
N SER J 312 -10.81 55.79 -18.22
CA SER J 312 -11.07 55.63 -16.80
C SER J 312 -11.67 54.24 -16.57
N LEU J 313 -12.03 53.97 -15.31
CA LEU J 313 -12.66 52.71 -14.94
C LEU J 313 -13.48 52.98 -13.69
N THR J 314 -14.79 53.02 -13.84
CA THR J 314 -15.69 53.33 -12.72
C THR J 314 -16.36 52.03 -12.28
N ILE J 315 -16.21 51.70 -11.00
CA ILE J 315 -16.82 50.52 -10.40
C ILE J 315 -17.78 50.99 -9.32
N ILE J 316 -19.04 50.61 -9.43
CA ILE J 316 -20.06 50.91 -8.44
C ILE J 316 -20.56 49.58 -7.89
N ALA J 317 -19.97 49.13 -6.79
CA ALA J 317 -20.27 47.84 -6.20
C ALA J 317 -21.17 48.04 -4.99
N THR J 318 -22.23 47.24 -4.91
CA THR J 318 -23.13 47.30 -3.78
C THR J 318 -22.61 46.46 -2.63
N ALA J 319 -22.78 46.97 -1.41
CA ALA J 319 -22.39 46.25 -0.20
C ALA J 319 -23.65 45.90 0.58
N LEU J 320 -23.74 44.63 1.01
CA LEU J 320 -24.90 44.14 1.73
C LEU J 320 -24.56 44.11 3.23
N ILE J 321 -25.35 44.84 4.01
CA ILE J 321 -25.19 44.88 5.46
C ILE J 321 -26.55 44.60 6.09
N ASP J 322 -26.53 44.32 7.40
CA ASP J 322 -27.74 44.03 8.16
C ASP J 322 -28.50 42.85 7.58
N THR J 323 -27.76 41.86 7.08
CA THR J 323 -28.35 40.64 6.54
C THR J 323 -28.45 39.54 7.58
N GLY J 324 -28.01 39.79 8.81
CA GLY J 324 -28.05 38.79 9.85
C GLY J 324 -26.92 37.79 9.84
N SER J 325 -26.00 37.89 8.89
CA SER J 325 -24.88 36.97 8.78
C SER J 325 -23.59 37.68 9.19
N LYS J 326 -22.82 37.02 10.05
CA LYS J 326 -21.54 37.59 10.47
C LYS J 326 -20.55 37.67 9.32
N MET J 327 -20.63 36.75 8.35
CA MET J 327 -19.74 36.81 7.20
C MET J 327 -19.97 38.08 6.38
N ASP J 328 -21.23 38.45 6.16
CA ASP J 328 -21.52 39.65 5.38
C ASP J 328 -21.05 40.91 6.07
N GLU J 329 -21.12 40.95 7.42
CA GLU J 329 -20.66 42.12 8.15
C GLU J 329 -19.14 42.23 8.14
N VAL J 330 -18.44 41.10 8.20
CA VAL J 330 -16.98 41.14 8.18
C VAL J 330 -16.47 41.69 6.85
N ILE J 331 -17.10 41.28 5.74
CA ILE J 331 -16.67 41.74 4.43
C ILE J 331 -16.79 43.25 4.33
N TYR J 332 -17.92 43.80 4.79
CA TYR J 332 -18.11 45.24 4.71
C TYR J 332 -17.09 46.00 5.53
N GLU J 333 -16.62 45.42 6.65
CA GLU J 333 -15.62 46.09 7.47
C GLU J 333 -14.31 46.26 6.71
N GLU J 334 -13.92 45.27 5.92
CA GLU J 334 -12.66 45.37 5.17
C GLU J 334 -12.75 46.40 4.05
N PHE J 335 -13.89 46.50 3.39
CA PHE J 335 -14.09 47.48 2.33
C PHE J 335 -14.62 48.81 2.86
N LYS J 336 -14.47 49.07 4.15
CA LYS J 336 -15.08 50.26 4.74
C LYS J 336 -14.38 51.53 4.27
N GLY J 337 -13.11 51.69 4.63
CA GLY J 337 -12.35 52.85 4.21
C GLY J 337 -11.60 52.60 2.92
N THR J 338 -12.29 52.04 1.92
CA THR J 338 -11.66 51.66 0.67
C THR J 338 -12.19 52.45 -0.52
N GLY J 339 -13.50 52.49 -0.71
CA GLY J 339 -14.06 53.14 -1.86
C GLY J 339 -13.86 54.64 -1.85
N ASN J 340 -13.84 55.22 -3.04
CA ASN J 340 -13.68 56.66 -3.18
C ASN J 340 -14.92 57.42 -2.73
N MET J 341 -16.10 56.88 -2.99
CA MET J 341 -17.34 57.49 -2.55
C MET J 341 -18.25 56.42 -1.95
N GLU J 342 -19.10 56.84 -1.03
CA GLU J 342 -20.03 55.94 -0.37
C GLU J 342 -21.43 56.52 -0.44
N LEU J 343 -22.42 55.64 -0.59
CA LEU J 343 -23.83 56.03 -0.66
C LEU J 343 -24.62 55.04 0.19
N HIS J 344 -25.18 55.52 1.29
CA HIS J 344 -25.82 54.65 2.26
C HIS J 344 -27.33 54.62 2.01
N LEU J 345 -27.87 53.43 1.77
CA LEU J 345 -29.30 53.23 1.75
C LEU J 345 -29.78 52.89 3.16
N SER J 346 -30.96 53.39 3.50
CA SER J 346 -31.53 53.24 4.83
C SER J 346 -32.79 52.41 4.77
N ARG J 347 -32.84 51.37 5.60
CA ARG J 347 -34.03 50.52 5.67
C ARG J 347 -35.23 51.31 6.19
N LYS J 348 -35.00 52.17 7.18
CA LYS J 348 -36.11 52.91 7.79
C LYS J 348 -36.83 53.80 6.78
N ILE J 349 -36.09 54.47 5.89
CA ILE J 349 -36.72 55.27 4.86
C ILE J 349 -37.49 54.39 3.89
N ALA J 350 -36.98 53.19 3.60
CA ALA J 350 -37.70 52.28 2.71
C ALA J 350 -39.02 51.82 3.30
N GLU J 351 -39.06 51.52 4.60
CA GLU J 351 -40.30 51.10 5.24
C GLU J 351 -41.33 52.21 5.30
N LYS J 352 -40.94 53.47 5.13
CA LYS J 352 -41.86 54.58 5.03
C LYS J 352 -42.39 54.78 3.62
N ARG J 353 -42.07 53.87 2.71
CA ARG J 353 -42.47 53.96 1.30
C ARG J 353 -41.99 55.27 0.68
N VAL J 354 -40.75 55.64 0.99
CA VAL J 354 -40.11 56.82 0.43
C VAL J 354 -38.99 56.35 -0.48
N PHE J 355 -39.05 56.73 -1.75
CA PHE J 355 -38.08 56.29 -2.74
C PHE J 355 -37.50 57.50 -3.46
N PRO J 356 -36.17 57.56 -3.65
CA PRO J 356 -35.16 56.59 -3.21
C PRO J 356 -34.85 56.70 -1.73
N ALA J 357 -34.60 55.57 -1.06
CA ALA J 357 -34.29 55.57 0.37
C ALA J 357 -32.79 55.74 0.54
N ILE J 358 -32.36 56.99 0.57
CA ILE J 358 -30.95 57.35 0.64
C ILE J 358 -30.69 58.06 1.96
N ASP J 359 -29.74 57.56 2.73
CA ASP J 359 -29.31 58.20 3.97
C ASP J 359 -28.39 59.36 3.60
N TYR J 360 -28.95 60.57 3.57
CA TYR J 360 -28.19 61.72 3.09
C TYR J 360 -27.05 62.09 4.03
N ASN J 361 -27.25 61.93 5.34
CA ASN J 361 -26.22 62.37 6.29
C ASN J 361 -24.95 61.55 6.17
N ARG J 362 -25.06 60.23 6.09
CA ARG J 362 -23.90 59.35 6.09
C ARG J 362 -23.39 59.06 4.68
N SER J 363 -23.99 59.63 3.65
CA SER J 363 -23.55 59.43 2.27
C SER J 363 -22.80 60.66 1.78
N GLY J 364 -21.73 60.42 1.04
CA GLY J 364 -20.95 61.50 0.48
C GLY J 364 -19.79 60.94 -0.31
N THR J 365 -19.10 61.85 -0.99
CA THR J 365 -17.94 61.50 -1.80
C THR J 365 -16.72 62.26 -1.28
N ARG J 366 -15.57 61.96 -1.89
CA ARG J 366 -14.30 62.54 -1.48
C ARG J 366 -13.66 63.24 -2.68
N LYS J 367 -13.00 64.37 -2.40
CA LYS J 367 -12.43 65.22 -3.44
C LYS J 367 -13.51 65.67 -4.43
N GLU J 368 -14.67 66.01 -3.89
CA GLU J 368 -15.78 66.46 -4.71
C GLU J 368 -15.50 67.78 -5.43
N GLU J 369 -14.55 68.58 -4.93
CA GLU J 369 -14.22 69.83 -5.60
C GLU J 369 -13.63 69.61 -6.98
N LEU J 370 -13.01 68.45 -7.22
CA LEU J 370 -12.49 68.15 -8.56
C LEU J 370 -13.61 67.97 -9.57
N LEU J 371 -14.71 67.35 -9.14
CA LEU J 371 -15.82 67.08 -10.05
C LEU J 371 -16.70 68.31 -10.25
N THR J 372 -17.30 68.79 -9.15
CA THR J 372 -18.24 69.89 -9.23
C THR J 372 -17.52 71.21 -9.46
N THR J 373 -18.29 72.22 -9.87
CA THR J 373 -17.75 73.56 -10.08
C THR J 373 -17.59 74.27 -8.75
N GLN J 374 -16.95 75.44 -8.78
CA GLN J 374 -16.72 76.19 -7.55
C GLN J 374 -18.03 76.67 -6.93
N GLU J 375 -18.93 77.22 -7.74
CA GLU J 375 -20.20 77.70 -7.21
C GLU J 375 -21.17 76.58 -6.90
N GLU J 376 -21.14 75.50 -7.68
CA GLU J 376 -22.03 74.37 -7.40
C GLU J 376 -21.69 73.73 -6.07
N LEU J 377 -20.41 73.58 -5.76
CA LEU J 377 -20.00 73.01 -4.49
C LEU J 377 -20.44 73.89 -3.32
N GLN J 378 -20.43 75.21 -3.49
CA GLN J 378 -20.90 76.10 -2.44
C GLN J 378 -22.38 75.87 -2.16
N LYS J 379 -23.18 75.70 -3.20
CA LYS J 379 -24.60 75.43 -2.99
C LYS J 379 -24.84 74.12 -2.28
N MET J 380 -24.07 73.08 -2.63
CA MET J 380 -24.23 71.79 -1.97
C MET J 380 -23.90 71.89 -0.49
N TRP J 381 -22.83 72.60 -0.13
CA TRP J 381 -22.49 72.78 1.27
C TRP J 381 -23.56 73.57 2.01
N ILE J 382 -24.25 74.48 1.32
CA ILE J 382 -25.39 75.16 1.92
C ILE J 382 -26.48 74.15 2.26
N LEU J 383 -26.75 73.22 1.34
CA LEU J 383 -27.75 72.18 1.60
C LEU J 383 -27.34 71.28 2.76
N ARG J 384 -26.06 70.96 2.87
CA ARG J 384 -25.60 70.07 3.94
C ARG J 384 -25.90 70.66 5.30
N LYS J 385 -25.74 71.97 5.48
CA LYS J 385 -26.06 72.60 6.75
C LYS J 385 -27.53 72.44 7.10
N ILE J 386 -28.42 72.51 6.12
CA ILE J 386 -29.84 72.33 6.38
C ILE J 386 -30.15 70.89 6.75
N ILE J 387 -29.59 69.94 6.00
CA ILE J 387 -29.91 68.53 6.22
C ILE J 387 -29.27 68.00 7.49
N HIS J 388 -28.11 68.55 7.87
CA HIS J 388 -27.33 67.97 8.96
C HIS J 388 -28.12 67.79 10.26
N PRO J 389 -28.87 68.77 10.76
CA PRO J 389 -29.64 68.52 12.00
C PRO J 389 -30.82 67.58 11.81
N MET J 390 -31.35 67.46 10.59
CA MET J 390 -32.52 66.65 10.37
C MET J 390 -32.20 65.16 10.47
N GLY J 391 -33.23 64.37 10.76
CA GLY J 391 -33.09 62.93 10.79
C GLY J 391 -33.06 62.34 9.40
N GLU J 392 -32.90 61.01 9.36
CA GLU J 392 -32.81 60.33 8.06
C GLU J 392 -34.13 60.32 7.33
N ILE J 393 -35.23 60.00 8.03
CA ILE J 393 -36.52 59.85 7.37
C ILE J 393 -37.04 61.21 6.91
N ASP J 394 -36.99 62.22 7.76
CA ASP J 394 -37.60 63.50 7.43
C ASP J 394 -36.82 64.23 6.34
N ALA J 395 -35.49 64.16 6.38
CA ALA J 395 -34.68 64.89 5.40
C ALA J 395 -34.93 64.37 4.00
N MET J 396 -34.98 63.06 3.80
CA MET J 396 -35.28 62.51 2.49
C MET J 396 -36.69 62.88 2.06
N GLU J 397 -37.65 62.82 2.98
CA GLU J 397 -39.00 63.29 2.67
C GLU J 397 -39.00 64.77 2.34
N PHE J 398 -38.27 65.57 3.10
CA PHE J 398 -38.17 66.99 2.81
C PHE J 398 -37.49 67.24 1.46
N LEU J 399 -36.44 66.48 1.16
CA LEU J 399 -35.71 66.68 -0.08
C LEU J 399 -36.56 66.31 -1.30
N ILE J 400 -37.35 65.24 -1.20
CA ILE J 400 -38.07 64.74 -2.37
C ILE J 400 -39.11 65.76 -2.84
N ASN J 401 -39.90 66.30 -1.92
CA ASN J 401 -40.94 67.24 -2.32
C ASN J 401 -40.35 68.52 -2.88
N LYS J 402 -39.25 69.01 -2.29
CA LYS J 402 -38.60 70.21 -2.82
C LYS J 402 -38.08 69.98 -4.22
N LEU J 403 -37.47 68.82 -4.48
CA LEU J 403 -36.92 68.54 -5.79
C LEU J 403 -38.01 68.34 -6.84
N ALA J 404 -39.20 67.90 -6.43
CA ALA J 404 -40.29 67.69 -7.37
C ALA J 404 -40.83 69.00 -7.95
N CYS J 405 -40.73 70.10 -7.20
CA CYS J 405 -41.26 71.37 -7.68
C CYS J 405 -40.52 71.86 -8.92
N THR J 406 -39.20 71.71 -8.94
CA THR J 406 -38.38 72.24 -10.02
C THR J 406 -38.00 71.12 -11.00
N LYS J 407 -37.76 71.52 -12.25
CA LYS J 407 -37.40 70.56 -13.28
C LYS J 407 -35.96 70.07 -13.12
N THR J 408 -35.04 70.97 -12.83
CA THR J 408 -33.62 70.66 -12.78
C THR J 408 -33.05 70.97 -11.40
N ASN J 409 -31.86 70.41 -11.14
CA ASN J 409 -31.22 70.60 -9.84
C ASN J 409 -30.79 72.05 -9.62
N ASP J 410 -30.18 72.67 -10.63
CA ASP J 410 -29.74 74.05 -10.47
C ASP J 410 -30.93 74.99 -10.28
N ASP J 411 -32.05 74.73 -10.96
CA ASP J 411 -33.26 75.50 -10.71
C ASP J 411 -33.75 75.32 -9.28
N PHE J 412 -33.62 74.11 -8.73
CA PHE J 412 -33.96 73.89 -7.33
C PHE J 412 -33.07 74.72 -6.41
N PHE J 413 -31.80 74.88 -6.76
CA PHE J 413 -30.89 75.67 -5.94
C PHE J 413 -31.36 77.11 -5.82
N GLU J 414 -31.91 77.68 -6.89
CA GLU J 414 -32.43 79.04 -6.83
C GLU J 414 -33.59 79.16 -5.85
N MET J 415 -34.49 78.17 -5.85
CA MET J 415 -35.64 78.21 -4.95
C MET J 415 -35.20 78.20 -3.49
N MET J 416 -34.24 77.35 -3.14
CA MET J 416 -33.74 77.27 -1.78
C MET J 416 -32.68 78.33 -1.49
N LYS J 417 -32.24 79.08 -2.49
CA LYS J 417 -31.25 80.12 -2.25
C LYS J 417 -31.81 81.23 -1.37
N ARG J 418 -33.06 81.62 -1.60
CA ARG J 418 -33.70 82.67 -0.80
C ARG J 418 -35.03 82.20 -0.25
N MET K 1 23.19 51.74 -18.91
CA MET K 1 24.28 52.50 -18.31
C MET K 1 24.03 52.75 -16.83
N ASN K 2 22.87 53.34 -16.53
CA ASN K 2 22.48 53.65 -15.16
C ASN K 2 21.10 53.06 -14.90
N LEU K 3 21.05 51.98 -14.11
CA LEU K 3 19.78 51.31 -13.86
C LEU K 3 18.79 52.22 -13.14
N THR K 4 19.28 52.96 -12.13
CA THR K 4 18.40 53.88 -11.41
C THR K 4 17.90 55.01 -12.30
N GLU K 5 18.66 55.37 -13.34
CA GLU K 5 18.17 56.34 -14.31
C GLU K 5 17.12 55.73 -15.23
N LEU K 6 17.17 54.42 -15.43
CA LEU K 6 16.18 53.75 -16.27
C LEU K 6 14.85 53.60 -15.56
N LYS K 7 14.85 53.33 -14.25
CA LYS K 7 13.61 53.09 -13.54
C LYS K 7 12.74 54.33 -13.50
N ASN K 8 13.33 55.50 -13.23
CA ASN K 8 12.57 56.73 -13.15
C ASN K 8 12.07 57.21 -14.50
N THR K 9 12.59 56.66 -15.59
CA THR K 9 12.10 57.01 -16.91
C THR K 9 10.68 56.50 -17.09
N PRO K 10 9.78 57.30 -17.66
CA PRO K 10 8.41 56.83 -17.90
C PRO K 10 8.38 55.67 -18.88
N VAL K 11 7.37 54.82 -18.71
CA VAL K 11 7.27 53.60 -19.50
C VAL K 11 7.12 53.88 -20.99
N SER K 12 6.55 55.04 -21.36
CA SER K 12 6.44 55.38 -22.77
C SER K 12 7.82 55.56 -23.40
N GLU K 13 8.74 56.23 -22.70
CA GLU K 13 10.09 56.37 -23.19
C GLU K 13 10.85 55.05 -23.19
N LEU K 14 10.51 54.13 -22.28
CA LEU K 14 11.16 52.83 -22.27
C LEU K 14 10.83 52.02 -23.51
N ILE K 15 9.66 52.22 -24.11
CA ILE K 15 9.32 51.53 -25.34
C ILE K 15 10.22 52.00 -26.48
N THR K 16 10.40 53.31 -26.61
CA THR K 16 11.26 53.84 -27.67
C THR K 16 12.70 53.39 -27.49
N LEU K 17 13.21 53.39 -26.25
CA LEU K 17 14.54 52.88 -26.01
C LEU K 17 14.65 51.39 -26.34
N GLY K 18 13.62 50.61 -26.02
CA GLY K 18 13.63 49.21 -26.38
C GLY K 18 13.60 49.00 -27.88
N GLU K 19 12.87 49.85 -28.61
CA GLU K 19 12.80 49.77 -30.06
C GLU K 19 14.12 50.14 -30.73
N ASN K 20 15.01 50.86 -30.03
CA ASN K 20 16.28 51.24 -30.63
C ASN K 20 17.13 50.03 -30.96
N MET K 21 17.22 49.07 -30.02
CA MET K 21 17.96 47.84 -30.31
C MET K 21 17.20 46.95 -31.26
N GLY K 22 15.88 46.92 -31.15
CA GLY K 22 15.07 46.08 -32.01
C GLY K 22 14.08 45.22 -31.24
N LEU K 23 13.93 45.49 -29.94
CA LEU K 23 12.98 44.76 -29.14
C LEU K 23 11.55 45.07 -29.58
N GLU K 24 10.68 44.07 -29.51
CA GLU K 24 9.31 44.20 -29.99
C GLU K 24 8.35 43.63 -28.96
N ASN K 25 7.09 44.07 -29.05
CA ASN K 25 6.01 43.61 -28.18
C ASN K 25 6.31 43.93 -26.72
N LEU K 26 7.02 45.04 -26.48
CA LEU K 26 7.31 45.46 -25.12
C LEU K 26 6.15 46.21 -24.47
N ALA K 27 5.24 46.77 -25.28
CA ALA K 27 4.16 47.58 -24.72
C ALA K 27 3.16 46.77 -23.93
N ARG K 28 3.08 45.46 -24.17
CA ARG K 28 2.15 44.59 -23.46
C ARG K 28 2.81 43.86 -22.30
N MET K 29 3.87 44.42 -21.72
CA MET K 29 4.57 43.83 -20.59
C MET K 29 4.52 44.78 -19.40
N ARG K 30 4.91 44.27 -18.24
CA ARG K 30 4.97 45.08 -17.05
C ARG K 30 6.09 46.12 -17.15
N LYS K 31 6.04 47.12 -16.27
CA LYS K 31 7.08 48.13 -16.23
C LYS K 31 8.43 47.51 -15.87
N GLN K 32 8.43 46.59 -14.91
CA GLN K 32 9.68 45.97 -14.49
C GLN K 32 10.26 45.04 -15.55
N ASP K 33 9.41 44.31 -16.28
CA ASP K 33 9.89 43.39 -17.30
C ASP K 33 10.53 44.12 -18.48
N ILE K 34 10.04 45.32 -18.80
CA ILE K 34 10.66 46.12 -19.85
C ILE K 34 12.09 46.47 -19.47
N ILE K 35 12.31 46.87 -18.22
CA ILE K 35 13.66 47.18 -17.75
C ILE K 35 14.53 45.94 -17.81
N PHE K 36 14.00 44.78 -17.43
CA PHE K 36 14.77 43.55 -17.48
C PHE K 36 15.17 43.21 -18.91
N ALA K 37 14.27 43.39 -19.88
CA ALA K 37 14.61 43.16 -21.27
C ALA K 37 15.60 44.19 -21.78
N ILE K 38 15.42 45.45 -21.41
CA ILE K 38 16.34 46.50 -21.85
C ILE K 38 17.72 46.29 -21.24
N LEU K 39 17.80 45.82 -20.00
CA LEU K 39 19.09 45.54 -19.39
C LEU K 39 19.85 44.44 -20.14
N LYS K 40 19.14 43.55 -20.83
CA LYS K 40 19.81 42.58 -21.69
C LYS K 40 20.33 43.20 -22.97
N GLN K 41 19.73 44.30 -23.43
CA GLN K 41 20.21 44.98 -24.63
C GLN K 41 21.63 45.50 -24.43
N HIS K 42 21.91 46.09 -23.26
CA HIS K 42 23.26 46.49 -22.94
C HIS K 42 24.15 45.32 -22.55
N ALA K 43 23.55 44.20 -22.13
CA ALA K 43 24.35 43.03 -21.76
C ALA K 43 25.07 42.45 -22.97
N LYS K 44 24.37 42.32 -24.11
CA LYS K 44 25.01 41.79 -25.30
C LYS K 44 26.11 42.70 -25.81
N SER K 45 25.87 44.02 -25.78
CA SER K 45 26.88 44.97 -26.23
C SER K 45 28.05 45.07 -25.26
N GLY K 46 27.89 44.62 -24.02
CA GLY K 46 28.97 44.63 -23.06
C GLY K 46 29.26 45.97 -22.42
N GLU K 47 28.44 46.99 -22.67
CA GLU K 47 28.67 48.29 -22.07
C GLU K 47 28.45 48.23 -20.56
N ASP K 48 29.25 49.02 -19.84
CA ASP K 48 29.15 49.05 -18.38
C ASP K 48 27.81 49.62 -17.95
N ILE K 49 27.23 49.03 -16.90
CA ILE K 49 25.94 49.44 -16.36
C ILE K 49 26.06 49.63 -14.86
N PHE K 50 25.43 50.68 -14.34
CA PHE K 50 25.44 50.99 -12.93
C PHE K 50 24.03 50.89 -12.36
N GLY K 51 23.93 50.37 -11.14
CA GLY K 51 22.64 50.26 -10.49
C GLY K 51 22.82 50.11 -8.99
N ASP K 52 21.78 50.54 -8.27
CA ASP K 52 21.81 50.55 -6.81
C ASP K 52 20.46 50.03 -6.31
N GLY K 53 20.25 50.17 -5.01
CA GLY K 53 19.01 49.73 -4.39
C GLY K 53 19.18 49.65 -2.89
N VAL K 54 18.23 48.94 -2.27
CA VAL K 54 18.24 48.69 -0.83
C VAL K 54 18.28 47.18 -0.63
N LEU K 55 19.28 46.70 0.11
CA LEU K 55 19.48 45.28 0.25
C LEU K 55 18.41 44.67 1.15
N GLU K 56 17.81 43.58 0.67
CA GLU K 56 16.90 42.76 1.47
C GLU K 56 17.52 41.38 1.61
N ILE K 57 17.71 40.94 2.85
CA ILE K 57 18.35 39.66 3.13
C ILE K 57 17.27 38.62 3.38
N LEU K 58 17.27 37.57 2.56
CA LEU K 58 16.30 36.50 2.71
C LEU K 58 16.76 35.54 3.81
N GLN K 59 15.84 34.67 4.23
CA GLN K 59 16.14 33.72 5.29
C GLN K 59 17.21 32.71 4.89
N ASP K 60 17.34 32.40 3.59
CA ASP K 60 18.34 31.45 3.14
C ASP K 60 19.75 32.03 3.24
N GLY K 61 19.90 33.35 3.03
CA GLY K 61 21.20 33.97 3.07
C GLY K 61 21.47 34.84 1.87
N PHE K 62 21.00 34.43 0.70
CA PHE K 62 21.14 35.24 -0.50
C PHE K 62 20.09 36.34 -0.50
N GLY K 63 20.49 37.54 -0.92
CA GLY K 63 19.64 38.71 -0.89
C GLY K 63 19.43 39.32 -2.27
N PHE K 64 18.70 40.43 -2.26
CA PHE K 64 18.42 41.17 -3.47
C PHE K 64 18.49 42.67 -3.16
N LEU K 65 18.63 43.46 -4.23
CA LEU K 65 18.66 44.92 -4.12
C LEU K 65 17.32 45.45 -4.60
N ARG K 66 16.38 45.57 -3.67
CA ARG K 66 15.06 46.09 -4.00
C ARG K 66 15.16 47.57 -4.36
N SER K 67 14.25 48.01 -5.22
CA SER K 67 14.23 49.39 -5.68
C SER K 67 13.24 50.20 -4.87
N ALA K 68 13.66 51.40 -4.46
CA ALA K 68 12.79 52.29 -3.73
C ALA K 68 11.73 52.94 -4.62
N ASP K 69 11.95 52.96 -5.93
CA ASP K 69 10.97 53.53 -6.85
C ASP K 69 9.76 52.62 -7.00
N SER K 70 9.97 51.31 -7.03
CA SER K 70 8.90 50.34 -7.14
C SER K 70 8.37 49.91 -5.77
N SER K 71 8.62 50.70 -4.73
CA SER K 71 8.14 50.42 -3.37
C SER K 71 8.62 49.05 -2.88
N TYR K 72 9.86 48.72 -3.20
CA TYR K 72 10.48 47.47 -2.76
C TYR K 72 9.65 46.25 -3.14
N LEU K 73 9.12 46.27 -4.36
CA LEU K 73 8.35 45.14 -4.87
C LEU K 73 9.30 44.14 -5.53
N ALA K 74 9.09 42.86 -5.22
CA ALA K 74 9.95 41.79 -5.73
C ALA K 74 9.71 41.63 -7.23
N GLY K 75 10.61 42.20 -8.03
CA GLY K 75 10.50 42.12 -9.47
C GLY K 75 11.66 41.38 -10.10
N PRO K 76 11.49 40.98 -11.36
CA PRO K 76 12.57 40.26 -12.05
C PRO K 76 13.82 41.09 -12.26
N ASP K 77 13.72 42.42 -12.20
CA ASP K 77 14.86 43.30 -12.43
C ASP K 77 15.68 43.55 -11.17
N ASP K 78 15.31 42.93 -10.04
CA ASP K 78 16.05 43.13 -8.81
C ASP K 78 17.46 42.56 -8.92
N ILE K 79 18.43 43.31 -8.45
CA ILE K 79 19.83 42.91 -8.52
C ILE K 79 20.10 41.85 -7.47
N TYR K 80 20.73 40.75 -7.88
CA TYR K 80 21.07 39.68 -6.97
C TYR K 80 22.43 39.95 -6.32
N VAL K 81 22.57 39.52 -5.07
CA VAL K 81 23.83 39.58 -4.34
C VAL K 81 24.09 38.22 -3.71
N SER K 82 25.30 37.70 -3.91
CA SER K 82 25.67 36.38 -3.43
C SER K 82 25.86 36.39 -1.91
N PRO K 83 25.56 35.27 -1.25
CA PRO K 83 25.83 35.18 0.20
C PRO K 83 27.30 35.37 0.55
N CYS K 84 28.22 35.02 -0.36
CA CYS K 84 29.63 35.29 -0.10
C CYS K 84 29.91 36.78 -0.12
N GLN K 85 29.19 37.54 -0.95
CA GLN K 85 29.44 38.98 -1.03
C GLN K 85 29.10 39.70 0.27
N ILE K 86 28.00 39.29 0.94
CA ILE K 86 27.63 39.93 2.20
C ILE K 86 28.52 39.53 3.36
N ARG K 87 29.52 38.66 3.12
CA ARG K 87 30.46 38.29 4.15
C ARG K 87 31.80 39.02 4.02
N ARG K 88 32.25 39.30 2.80
CA ARG K 88 33.45 40.10 2.62
C ARG K 88 33.24 41.51 3.16
N PHE K 89 32.07 42.10 2.89
CA PHE K 89 31.66 43.36 3.47
C PHE K 89 30.48 43.11 4.38
N ASN K 90 30.58 43.57 5.63
CA ASN K 90 29.54 43.31 6.63
C ASN K 90 28.30 44.10 6.24
N LEU K 91 27.29 43.40 5.72
CA LEU K 91 26.07 44.01 5.26
C LEU K 91 24.87 43.29 5.86
N ARG K 92 23.78 44.04 6.03
CA ARG K 92 22.53 43.48 6.54
C ARG K 92 21.39 44.13 5.76
N THR K 93 20.16 43.84 6.17
CA THR K 93 18.99 44.39 5.50
C THR K 93 18.97 45.90 5.64
N GLY K 94 18.52 46.57 4.58
CA GLY K 94 18.44 48.02 4.58
C GLY K 94 19.70 48.75 4.19
N ASP K 95 20.75 48.04 3.79
CA ASP K 95 21.99 48.68 3.38
C ASP K 95 21.88 49.15 1.94
N THR K 96 22.18 50.43 1.71
CA THR K 96 22.10 51.02 0.37
C THR K 96 23.39 50.71 -0.36
N ILE K 97 23.33 49.80 -1.34
CA ILE K 97 24.49 49.32 -2.07
C ILE K 97 24.41 49.82 -3.51
N SER K 98 25.49 50.43 -3.99
CA SER K 98 25.58 50.91 -5.36
C SER K 98 26.85 50.39 -6.00
N GLY K 99 26.74 49.95 -7.25
CA GLY K 99 27.89 49.44 -7.96
C GLY K 99 27.49 48.97 -9.34
N LYS K 100 28.48 48.44 -10.07
CA LYS K 100 28.27 47.93 -11.41
C LYS K 100 27.49 46.62 -11.37
N ILE K 101 26.73 46.37 -12.43
CA ILE K 101 25.88 45.19 -12.54
C ILE K 101 26.44 44.27 -13.61
N ARG K 102 26.55 42.99 -13.28
CA ARG K 102 26.94 42.09 -14.35
C ARG K 102 25.73 41.36 -14.91
N PRO K 103 25.74 41.04 -16.20
CA PRO K 103 24.61 40.29 -16.76
C PRO K 103 24.52 38.91 -16.15
N PRO K 104 23.31 38.36 -16.01
CA PRO K 104 23.18 37.01 -15.44
C PRO K 104 23.78 35.97 -16.36
N LYS K 105 24.32 34.92 -15.75
CA LYS K 105 24.89 33.80 -16.49
C LYS K 105 23.79 32.78 -16.75
N GLU K 106 24.16 31.64 -17.33
CA GLU K 106 23.20 30.58 -17.56
C GLU K 106 22.74 30.01 -16.22
N GLY K 107 21.43 29.83 -16.07
CA GLY K 107 20.86 29.41 -14.81
C GLY K 107 20.58 30.53 -13.83
N GLU K 108 20.93 31.76 -14.16
CA GLU K 108 20.68 32.92 -13.32
C GLU K 108 19.57 33.75 -13.93
N ARG K 109 18.47 33.91 -13.19
CA ARG K 109 17.35 34.71 -13.64
C ARG K 109 17.42 36.16 -13.18
N TYR K 110 18.43 36.52 -12.40
CA TYR K 110 18.56 37.86 -11.86
C TYR K 110 19.95 38.41 -12.15
N PHE K 111 20.01 39.71 -12.44
CA PHE K 111 21.30 40.38 -12.56
C PHE K 111 22.02 40.39 -11.22
N ALA K 112 23.34 40.35 -11.27
CA ALA K 112 24.16 40.25 -10.07
C ALA K 112 25.08 41.46 -9.95
N LEU K 113 25.44 41.77 -8.71
CA LEU K 113 26.34 42.86 -8.41
C LEU K 113 27.77 42.36 -8.44
N LEU K 114 28.61 42.96 -9.28
CA LEU K 114 29.99 42.50 -9.43
C LEU K 114 30.95 43.18 -8.45
N LYS K 115 30.79 44.49 -8.25
CA LYS K 115 31.69 45.24 -7.37
C LYS K 115 30.87 46.20 -6.52
N VAL K 116 31.16 46.22 -5.22
CA VAL K 116 30.51 47.16 -4.31
C VAL K 116 31.30 48.46 -4.31
N ASN K 117 30.66 49.55 -4.72
CA ASN K 117 31.31 50.85 -4.80
C ASN K 117 31.03 51.71 -3.57
N GLU K 118 29.76 51.91 -3.23
CA GLU K 118 29.40 52.71 -2.06
C GLU K 118 28.34 51.96 -1.27
N VAL K 119 28.44 52.03 0.06
CA VAL K 119 27.46 51.45 0.96
C VAL K 119 26.97 52.56 1.88
N ASN K 120 25.68 52.85 1.82
CA ASN K 120 25.07 53.92 2.62
C ASN K 120 25.80 55.24 2.41
N PHE K 121 26.10 55.56 1.15
CA PHE K 121 26.88 56.74 0.77
C PHE K 121 28.24 56.75 1.48
N ASP K 122 28.89 55.59 1.53
CA ASP K 122 30.19 55.48 2.17
C ASP K 122 30.94 54.29 1.57
N LYS K 123 32.25 54.29 1.80
CA LYS K 123 33.09 53.22 1.28
C LYS K 123 32.76 51.90 1.98
N PRO K 124 32.92 50.77 1.27
CA PRO K 124 32.58 49.47 1.89
C PRO K 124 33.36 49.18 3.16
N GLU K 125 34.64 49.55 3.22
CA GLU K 125 35.41 49.32 4.44
C GLU K 125 35.06 50.31 5.55
N ASN K 126 34.62 51.51 5.20
CA ASN K 126 34.20 52.47 6.22
C ASN K 126 32.90 52.05 6.90
N ALA K 127 31.98 51.43 6.14
CA ALA K 127 30.69 51.04 6.71
C ALA K 127 30.82 49.94 7.76
N ARG K 128 31.89 49.16 7.73
CA ARG K 128 32.07 48.10 8.72
C ARG K 128 32.59 48.61 10.05
N ASN K 129 32.91 49.91 10.15
CA ASN K 129 33.40 50.49 11.39
C ASN K 129 32.30 51.24 12.15
N LYS K 130 31.04 51.04 11.78
CA LYS K 130 29.92 51.75 12.39
C LYS K 130 29.28 50.86 13.46
N ILE K 131 29.03 51.43 14.64
CA ILE K 131 28.42 50.69 15.73
C ILE K 131 26.97 50.38 15.39
N LEU K 132 26.50 49.22 15.83
CA LEU K 132 25.14 48.78 15.52
C LEU K 132 24.11 49.70 16.19
N PHE K 133 22.92 49.73 15.60
CA PHE K 133 21.89 50.67 16.04
C PHE K 133 21.39 50.35 17.44
N GLU K 134 21.08 49.08 17.72
CA GLU K 134 20.51 48.73 19.02
C GLU K 134 21.49 48.93 20.16
N ASN K 135 22.79 48.96 19.88
CA ASN K 135 23.78 49.20 20.92
C ASN K 135 23.84 50.66 21.35
N LEU K 136 23.22 51.57 20.59
CA LEU K 136 23.24 52.98 20.92
C LEU K 136 22.36 53.27 22.13
N THR K 137 22.67 54.38 22.80
CA THR K 137 21.94 54.80 23.99
C THR K 137 20.93 55.87 23.63
N PRO K 138 19.63 55.60 23.75
CA PRO K 138 18.64 56.64 23.44
C PRO K 138 18.75 57.84 24.36
N LEU K 139 18.45 59.01 23.82
CA LEU K 139 18.48 60.25 24.58
C LEU K 139 17.22 61.04 24.24
N HIS K 140 16.79 61.88 25.18
CA HIS K 140 15.56 62.62 25.02
C HIS K 140 15.70 63.64 23.88
N ALA K 141 14.57 63.94 23.23
CA ALA K 141 14.56 64.87 22.12
C ALA K 141 14.89 66.27 22.63
N ASN K 142 15.87 66.92 21.99
CA ASN K 142 16.29 68.25 22.39
C ASN K 142 16.54 69.21 21.24
N SER K 143 16.41 68.78 19.99
CA SER K 143 16.59 69.64 18.83
C SER K 143 15.22 69.87 18.20
N ARG K 144 14.72 71.10 18.31
CA ARG K 144 13.40 71.43 17.83
C ARG K 144 13.35 71.44 16.31
N LEU K 145 12.33 70.80 15.76
CA LEU K 145 12.10 70.78 14.31
C LEU K 145 11.15 71.92 13.97
N ARG K 146 11.68 73.01 13.42
CA ARG K 146 10.87 74.18 13.10
C ARG K 146 9.94 73.84 11.94
N MET K 147 8.65 73.67 12.24
CA MET K 147 7.68 73.28 11.24
C MET K 147 7.07 74.45 10.48
N GLU K 148 7.37 75.69 10.89
CA GLU K 148 6.77 76.85 10.25
C GLU K 148 7.53 77.21 8.98
N ARG K 149 6.80 77.36 7.87
CA ARG K 149 7.42 77.78 6.62
C ARG K 149 7.97 79.20 6.74
N GLY K 150 7.25 80.09 7.42
CA GLY K 150 7.65 81.47 7.55
C GLY K 150 7.10 82.40 6.48
N ASN K 151 6.43 81.86 5.46
CA ASN K 151 5.87 82.69 4.41
C ASN K 151 4.49 83.24 4.76
N GLY K 152 3.87 82.77 5.84
CA GLY K 152 2.57 83.26 6.21
C GLY K 152 1.44 82.85 5.29
N SER K 153 1.63 81.77 4.53
CA SER K 153 0.62 81.32 3.59
C SER K 153 -0.51 80.59 4.33
N THR K 154 -1.58 80.29 3.61
CA THR K 154 -2.71 79.58 4.21
C THR K 154 -2.32 78.19 4.68
N GLU K 155 -1.53 77.47 3.86
CA GLU K 155 -1.08 76.15 4.27
C GLU K 155 -0.11 76.20 5.44
N ASP K 156 0.66 77.28 5.58
CA ASP K 156 1.54 77.42 6.73
C ASP K 156 0.76 77.63 8.02
N LEU K 157 -0.51 78.04 7.94
CA LEU K 157 -1.31 78.23 9.14
C LEU K 157 -1.48 76.93 9.91
N THR K 158 -1.62 75.80 9.20
CA THR K 158 -1.71 74.51 9.88
C THR K 158 -0.44 74.21 10.66
N ALA K 159 0.73 74.49 10.07
CA ALA K 159 1.99 74.24 10.76
C ALA K 159 2.12 75.08 12.02
N ARG K 160 1.68 76.34 11.98
CA ARG K 160 1.75 77.19 13.16
C ARG K 160 0.91 76.62 14.29
N VAL K 161 -0.28 76.11 13.97
CA VAL K 161 -1.11 75.45 14.99
C VAL K 161 -0.39 74.22 15.52
N LEU K 162 0.23 73.44 14.64
CA LEU K 162 0.95 72.25 15.06
C LEU K 162 2.13 72.60 15.96
N ASP K 163 2.87 73.66 15.64
CA ASP K 163 3.96 74.08 16.51
C ASP K 163 3.44 74.54 17.87
N LEU K 164 2.33 75.28 17.88
CA LEU K 164 1.77 75.74 19.14
C LEU K 164 1.14 74.61 19.94
N ALA K 165 0.56 73.61 19.27
CA ALA K 165 -0.11 72.53 19.98
C ALA K 165 0.89 71.59 20.64
N SER K 166 1.77 70.98 19.84
CA SER K 166 2.74 70.05 20.38
C SER K 166 4.06 70.18 19.62
N PRO K 167 5.10 70.70 20.27
CA PRO K 167 6.41 70.76 19.61
C PRO K 167 6.91 69.37 19.27
N ILE K 168 7.56 69.26 18.11
CA ILE K 168 8.10 68.00 17.62
C ILE K 168 9.60 68.18 17.38
N GLY K 169 10.41 67.28 17.94
CA GLY K 169 11.85 67.36 17.82
C GLY K 169 12.41 66.11 17.17
N ARG K 170 13.70 66.20 16.80
CA ARG K 170 14.36 65.07 16.16
C ARG K 170 14.47 63.90 17.13
N GLY K 171 14.02 62.73 16.69
CA GLY K 171 14.00 61.55 17.52
C GLY K 171 12.74 61.40 18.36
N GLN K 172 11.85 62.40 18.35
CA GLN K 172 10.63 62.29 19.13
C GLN K 172 9.67 61.31 18.46
N ARG K 173 9.13 60.38 19.25
CA ARG K 173 8.23 59.35 18.75
C ARG K 173 6.80 59.87 18.89
N GLY K 174 6.35 60.61 17.88
CA GLY K 174 5.03 61.18 17.91
C GLY K 174 3.94 60.21 17.53
N LEU K 175 2.69 60.65 17.70
CA LEU K 175 1.54 59.84 17.35
C LEU K 175 0.35 60.78 17.13
N ILE K 176 -0.45 60.49 16.11
CA ILE K 176 -1.60 61.31 15.75
C ILE K 176 -2.85 60.48 15.90
N VAL K 177 -3.80 60.97 16.68
CA VAL K 177 -5.09 60.32 16.86
C VAL K 177 -6.06 60.91 15.84
N ALA K 178 -6.43 60.13 14.85
CA ALA K 178 -7.21 60.63 13.71
C ALA K 178 -8.54 59.90 13.58
N PRO K 179 -9.66 60.52 13.94
CA PRO K 179 -10.95 59.95 13.59
C PRO K 179 -11.18 60.03 12.08
N PRO K 180 -12.00 59.15 11.52
CA PRO K 180 -12.21 59.17 10.07
C PRO K 180 -12.92 60.45 9.63
N LYS K 181 -12.62 60.86 8.40
CA LYS K 181 -13.16 62.09 7.84
C LYS K 181 -12.80 63.29 8.71
N ALA K 182 -11.50 63.51 8.87
CA ALA K 182 -11.02 64.63 9.65
C ALA K 182 -9.81 65.32 9.00
N GLY K 183 -9.59 65.13 7.71
CA GLY K 183 -8.45 65.73 7.05
C GLY K 183 -7.11 65.21 7.56
N LYS K 184 -7.03 63.92 7.87
CA LYS K 184 -5.78 63.35 8.36
C LYS K 184 -4.70 63.37 7.30
N THR K 185 -5.02 62.87 6.10
CA THR K 185 -4.04 62.83 5.02
C THR K 185 -3.67 64.22 4.52
N MET K 186 -4.55 65.20 4.70
CA MET K 186 -4.19 66.57 4.36
C MET K 186 -3.16 67.12 5.34
N LEU K 187 -3.29 66.78 6.63
CA LEU K 187 -2.33 67.24 7.62
C LEU K 187 -0.94 66.68 7.35
N LEU K 188 -0.85 65.39 7.00
CA LEU K 188 0.45 64.78 6.76
C LEU K 188 1.17 65.41 5.59
N GLN K 189 0.45 65.76 4.52
CA GLN K 189 1.09 66.41 3.39
C GLN K 189 1.66 67.77 3.78
N ASN K 190 1.01 68.48 4.70
CA ASN K 190 1.54 69.75 5.17
C ASN K 190 2.82 69.56 5.97
N ILE K 191 2.92 68.49 6.76
CA ILE K 191 4.13 68.22 7.53
C ILE K 191 5.29 67.92 6.59
N ALA K 192 5.05 67.08 5.59
CA ALA K 192 6.12 66.71 4.66
C ALA K 192 6.62 67.90 3.86
N GLN K 193 5.72 68.83 3.50
CA GLN K 193 6.14 70.02 2.79
C GLN K 193 7.03 70.90 3.67
N SER K 194 6.66 71.08 4.93
CA SER K 194 7.44 71.89 5.84
C SER K 194 8.80 71.26 6.17
N ILE K 195 8.82 69.95 6.38
CA ILE K 195 10.06 69.28 6.76
C ILE K 195 11.08 69.37 5.62
N ALA K 196 10.64 69.08 4.40
CA ALA K 196 11.55 69.13 3.25
C ALA K 196 11.96 70.54 2.89
N TYR K 197 11.26 71.56 3.39
CA TYR K 197 11.61 72.95 3.11
C TYR K 197 12.43 73.56 4.22
N ASN K 198 12.03 73.36 5.48
CA ASN K 198 12.77 73.94 6.59
C ASN K 198 14.07 73.20 6.84
N HIS K 199 14.06 71.87 6.75
CA HIS K 199 15.23 71.04 7.05
C HIS K 199 15.48 70.07 5.90
N PRO K 200 16.04 70.55 4.79
CA PRO K 200 16.35 69.65 3.68
C PRO K 200 17.40 68.61 4.01
N ASP K 201 18.21 68.84 5.04
CA ASP K 201 19.31 67.91 5.35
C ASP K 201 18.79 66.56 5.82
N CYS K 202 17.80 66.56 6.71
CA CYS K 202 17.31 65.30 7.28
C CYS K 202 16.55 64.50 6.23
N VAL K 203 16.78 63.19 6.23
CA VAL K 203 16.14 62.30 5.28
C VAL K 203 14.67 62.14 5.66
N LEU K 204 13.78 62.40 4.71
CA LEU K 204 12.34 62.31 4.94
C LEU K 204 11.80 61.14 4.16
N MET K 205 11.11 60.23 4.85
CA MET K 205 10.48 59.07 4.24
C MET K 205 9.02 59.03 4.63
N VAL K 206 8.16 58.72 3.67
CA VAL K 206 6.72 58.62 3.90
C VAL K 206 6.30 57.19 3.58
N LEU K 207 5.70 56.53 4.56
CA LEU K 207 5.25 55.14 4.40
C LEU K 207 3.74 55.11 4.55
N LEU K 208 3.06 54.62 3.51
CA LEU K 208 1.61 54.50 3.51
C LEU K 208 1.23 53.03 3.44
N ILE K 209 0.31 52.62 4.31
CA ILE K 209 -0.13 51.24 4.39
C ILE K 209 -1.63 51.19 4.13
N ASP K 210 -2.05 50.27 3.25
CA ASP K 210 -3.46 50.08 2.91
C ASP K 210 -4.08 51.37 2.40
N GLU K 211 -3.34 52.10 1.57
CA GLU K 211 -3.81 53.36 1.03
C GLU K 211 -4.37 53.18 -0.38
N ARG K 212 -5.31 54.03 -0.74
CA ARG K 212 -5.93 53.94 -2.05
C ARG K 212 -4.90 54.27 -3.13
N PRO K 213 -4.97 53.59 -4.29
CA PRO K 213 -4.02 53.89 -5.37
C PRO K 213 -4.06 55.33 -5.84
N GLU K 214 -5.22 55.98 -5.81
CA GLU K 214 -5.29 57.39 -6.17
C GLU K 214 -4.62 58.30 -5.15
N GLU K 215 -4.36 57.79 -3.94
CA GLU K 215 -3.67 58.57 -2.92
C GLU K 215 -2.16 58.43 -2.98
N VAL K 216 -1.66 57.31 -3.50
CA VAL K 216 -0.21 57.11 -3.57
C VAL K 216 0.41 58.09 -4.56
N THR K 217 -0.17 58.21 -5.75
CA THR K 217 0.36 59.12 -6.75
C THR K 217 0.21 60.58 -6.35
N GLU K 218 -0.79 60.91 -5.53
CA GLU K 218 -0.89 62.27 -5.02
C GLU K 218 0.26 62.58 -4.08
N MET K 219 0.64 61.61 -3.23
CA MET K 219 1.74 61.83 -2.31
C MET K 219 3.08 61.87 -3.04
N GLN K 220 3.26 60.99 -4.03
CA GLN K 220 4.52 60.95 -4.76
C GLN K 220 4.78 62.23 -5.52
N ARG K 221 3.75 62.84 -6.09
CA ARG K 221 3.89 64.09 -6.83
C ARG K 221 4.02 65.30 -5.92
N LEU K 222 3.81 65.14 -4.62
CA LEU K 222 3.77 66.27 -3.69
C LEU K 222 4.93 66.30 -2.70
N VAL K 223 5.36 65.15 -2.19
CA VAL K 223 6.37 65.10 -1.15
C VAL K 223 7.75 65.14 -1.79
N LYS K 224 8.56 66.11 -1.37
CA LYS K 224 9.94 66.24 -1.84
C LYS K 224 10.81 65.31 -1.00
N GLY K 225 10.91 64.06 -1.44
CA GLY K 225 11.68 63.07 -0.70
C GLY K 225 11.51 61.70 -1.30
N GLU K 226 11.42 60.70 -0.42
CA GLU K 226 11.16 59.33 -0.83
C GLU K 226 9.80 58.91 -0.30
N VAL K 227 8.91 58.50 -1.20
CA VAL K 227 7.57 58.05 -0.85
C VAL K 227 7.44 56.60 -1.24
N VAL K 228 7.14 55.75 -0.27
CA VAL K 228 6.95 54.32 -0.49
C VAL K 228 5.62 53.91 0.12
N ALA K 229 4.81 53.18 -0.64
CA ALA K 229 3.47 52.84 -0.21
C ALA K 229 3.06 51.49 -0.78
N SER K 230 2.07 50.88 -0.13
CA SER K 230 1.47 49.64 -0.59
C SER K 230 -0.03 49.82 -0.62
N THR K 231 -0.63 49.63 -1.80
CA THR K 231 -2.06 49.79 -1.93
C THR K 231 -2.80 48.67 -1.19
N PHE K 232 -4.09 48.91 -0.94
CA PHE K 232 -4.87 47.95 -0.16
C PHE K 232 -5.05 46.62 -0.87
N ASP K 233 -5.01 46.61 -2.20
CA ASP K 233 -5.20 45.36 -2.94
C ASP K 233 -4.03 44.41 -2.76
N GLU K 234 -2.86 44.92 -2.38
CA GLU K 234 -1.72 44.05 -2.14
C GLU K 234 -1.96 43.21 -0.88
N PRO K 235 -1.42 41.99 -0.83
CA PRO K 235 -1.70 41.10 0.30
C PRO K 235 -1.15 41.65 1.61
N ALA K 236 -1.55 41.04 2.73
CA ALA K 236 -1.05 41.45 4.03
C ALA K 236 0.45 41.20 4.16
N SER K 237 0.99 40.23 3.43
CA SER K 237 2.43 40.00 3.44
C SER K 237 3.19 41.20 2.89
N ARG K 238 2.68 41.79 1.81
CA ARG K 238 3.32 42.97 1.23
C ARG K 238 3.20 44.20 2.11
N HIS K 239 2.27 44.21 3.07
CA HIS K 239 2.15 45.36 3.96
C HIS K 239 3.25 45.38 5.01
N VAL K 240 3.69 44.22 5.47
CA VAL K 240 4.77 44.17 6.46
C VAL K 240 6.15 44.13 5.80
N GLN K 241 6.28 43.50 4.64
CA GLN K 241 7.56 43.50 3.94
C GLN K 241 7.96 44.92 3.55
N VAL K 242 7.00 45.71 3.08
CA VAL K 242 7.30 47.10 2.74
C VAL K 242 7.50 47.95 3.98
N ALA K 243 7.08 47.48 5.15
CA ALA K 243 7.26 48.22 6.40
C ALA K 243 8.56 47.86 7.09
N GLU K 244 8.91 46.57 7.13
CA GLU K 244 10.18 46.18 7.72
C GLU K 244 11.36 46.70 6.91
N MET K 245 11.23 46.76 5.59
CA MET K 245 12.30 47.30 4.76
C MET K 245 12.55 48.77 5.06
N VAL K 246 11.50 49.54 5.31
CA VAL K 246 11.66 50.97 5.56
C VAL K 246 12.37 51.21 6.88
N ILE K 247 11.95 50.52 7.94
CA ILE K 247 12.55 50.75 9.24
C ILE K 247 13.99 50.24 9.26
N GLU K 248 14.27 49.11 8.59
CA GLU K 248 15.64 48.63 8.51
C GLU K 248 16.53 49.60 7.74
N LYS K 249 16.03 50.13 6.62
CA LYS K 249 16.78 51.13 5.89
C LYS K 249 16.96 52.40 6.71
N ALA K 250 15.95 52.78 7.49
CA ALA K 250 16.06 53.97 8.32
C ALA K 250 17.12 53.81 9.40
N LYS K 251 17.24 52.61 9.97
CA LYS K 251 18.23 52.39 11.01
C LYS K 251 19.65 52.60 10.50
N ARG K 252 19.95 52.16 9.27
CA ARG K 252 21.29 52.30 8.73
C ARG K 252 21.72 53.76 8.64
N LEU K 253 20.82 54.64 8.22
CA LEU K 253 21.14 56.07 8.19
C LEU K 253 21.40 56.63 9.58
N VAL K 254 20.82 56.03 10.62
CA VAL K 254 21.13 56.46 11.99
C VAL K 254 22.55 56.04 12.36
N GLU K 255 22.94 54.83 11.96
CA GLU K 255 24.30 54.36 12.25
C GLU K 255 25.35 55.22 11.57
N HIS K 256 25.02 55.83 10.43
CA HIS K 256 25.90 56.80 9.78
C HIS K 256 25.67 58.21 10.28
N LYS K 257 24.91 58.38 11.36
CA LYS K 257 24.66 59.67 12.00
C LYS K 257 23.99 60.64 11.04
N LYS K 258 22.81 60.24 10.56
CA LYS K 258 21.96 61.09 9.74
C LYS K 258 20.57 61.16 10.37
N ASP K 259 20.01 62.35 10.41
CA ASP K 259 18.65 62.52 10.93
C ASP K 259 17.64 62.00 9.93
N VAL K 260 16.83 61.03 10.34
CA VAL K 260 15.84 60.40 9.48
C VAL K 260 14.46 60.61 10.10
N ILE K 261 13.50 61.02 9.28
CA ILE K 261 12.14 61.27 9.71
C ILE K 261 11.21 60.38 8.90
N ILE K 262 10.36 59.63 9.59
CA ILE K 262 9.41 58.72 8.95
C ILE K 262 8.00 59.20 9.27
N LEU K 263 7.20 59.39 8.23
CA LEU K 263 5.78 59.68 8.37
C LEU K 263 4.99 58.43 8.04
N LEU K 264 4.23 57.92 9.00
CA LEU K 264 3.53 56.65 8.87
C LEU K 264 2.02 56.89 8.79
N ASP K 265 1.37 56.15 7.90
CA ASP K 265 -0.08 56.25 7.73
C ASP K 265 -0.57 54.92 7.18
N SER K 266 -1.16 54.10 8.04
CA SER K 266 -1.39 54.39 9.45
C SER K 266 -0.91 53.23 10.31
N ILE K 267 -0.61 53.53 11.57
CA ILE K 267 -0.15 52.47 12.47
C ILE K 267 -1.26 51.45 12.72
N THR K 268 -2.52 51.90 12.76
CA THR K 268 -3.63 50.97 12.92
C THR K 268 -3.72 49.99 11.75
N ARG K 269 -3.59 50.49 10.53
CA ARG K 269 -3.61 49.61 9.37
C ARG K 269 -2.38 48.72 9.29
N LEU K 270 -1.25 49.16 9.84
CA LEU K 270 -0.06 48.31 9.86
C LEU K 270 -0.22 47.17 10.86
N ALA K 271 -0.80 47.45 12.03
CA ALA K 271 -0.95 46.42 13.04
C ALA K 271 -1.88 45.31 12.59
N ARG K 272 -2.98 45.65 11.91
CA ARG K 272 -3.89 44.62 11.43
C ARG K 272 -3.22 43.73 10.40
N ALA K 273 -2.30 44.28 9.61
CA ALA K 273 -1.54 43.45 8.68
C ALA K 273 -0.67 42.45 9.42
N TYR K 274 -0.02 42.89 10.51
CA TYR K 274 0.77 41.96 11.31
C TYR K 274 -0.09 40.89 11.96
N ASN K 275 -1.28 41.26 12.43
CA ASN K 275 -2.19 40.29 13.04
C ASN K 275 -2.54 39.17 12.06
N THR K 276 -2.67 39.49 10.78
CA THR K 276 -2.94 38.45 9.78
C THR K 276 -1.69 37.62 9.49
N VAL K 277 -0.53 38.28 9.40
CA VAL K 277 0.68 37.59 8.94
C VAL K 277 1.13 36.55 9.97
N VAL K 278 1.21 36.93 11.23
CA VAL K 278 1.80 36.07 12.26
C VAL K 278 0.88 34.87 12.54
N PRO K 279 1.45 33.71 12.88
CA PRO K 279 0.61 32.58 13.27
C PRO K 279 -0.08 32.84 14.60
N ALA K 280 -1.22 32.18 14.77
CA ALA K 280 -1.99 32.31 16.01
C ALA K 280 -1.18 31.79 17.19
N SER K 281 -1.20 32.54 18.29
CA SER K 281 -0.49 32.18 19.50
C SER K 281 -1.37 31.51 20.54
N GLY K 282 -2.61 31.17 20.17
CA GLY K 282 -3.54 30.56 21.11
C GLY K 282 -4.23 31.58 21.98
N LYS K 283 -3.46 32.36 22.73
CA LYS K 283 -4.01 33.42 23.56
C LYS K 283 -4.38 34.60 22.66
N VAL K 284 -5.68 34.83 22.48
CA VAL K 284 -6.19 35.86 21.58
C VAL K 284 -6.98 36.86 22.40
N LEU K 285 -6.72 38.15 22.18
CA LEU K 285 -7.43 39.21 22.86
C LEU K 285 -8.82 39.39 22.25
N THR K 286 -9.57 40.35 22.80
CA THR K 286 -10.91 40.62 22.30
C THR K 286 -10.86 41.22 20.90
N GLY K 287 -11.93 41.00 20.14
CA GLY K 287 -12.02 41.51 18.80
C GLY K 287 -11.21 40.76 17.76
N GLY K 288 -10.72 39.57 18.08
CA GLY K 288 -9.91 38.82 17.15
C GLY K 288 -8.46 39.26 17.08
N VAL K 289 -8.05 40.19 17.93
CA VAL K 289 -6.68 40.69 17.91
C VAL K 289 -5.79 39.73 18.67
N ASP K 290 -4.73 39.26 18.01
CA ASP K 290 -3.75 38.40 18.67
C ASP K 290 -2.86 39.26 19.56
N ALA K 291 -2.87 38.96 20.87
CA ALA K 291 -2.06 39.74 21.80
C ALA K 291 -0.57 39.60 21.52
N ASN K 292 -0.15 38.45 20.99
CA ASN K 292 1.25 38.28 20.60
C ASN K 292 1.58 39.05 19.33
N ALA K 293 0.60 39.26 18.45
CA ALA K 293 0.85 39.98 17.21
C ALA K 293 1.26 41.43 17.44
N LEU K 294 0.79 42.04 18.53
CA LEU K 294 1.08 43.45 18.79
C LEU K 294 2.54 43.72 19.06
N HIS K 295 3.34 42.68 19.32
CA HIS K 295 4.75 42.89 19.62
C HIS K 295 5.50 43.47 18.42
N ARG K 296 5.21 42.96 17.21
CA ARG K 296 5.94 43.42 16.04
C ARG K 296 5.71 44.91 15.75
N PRO K 297 4.47 45.41 15.66
CA PRO K 297 4.30 46.86 15.47
C PRO K 297 4.88 47.69 16.59
N LYS K 298 4.87 47.19 17.82
CA LYS K 298 5.50 47.91 18.93
C LYS K 298 7.00 48.05 18.71
N ARG K 299 7.64 47.02 18.14
CA ARG K 299 9.04 47.13 17.77
C ARG K 299 9.26 48.23 16.74
N PHE K 300 8.37 48.31 15.74
CA PHE K 300 8.45 49.36 14.75
C PHE K 300 8.29 50.73 15.40
N PHE K 301 7.32 50.87 16.29
CA PHE K 301 7.08 52.14 16.94
C PHE K 301 8.13 52.44 18.01
N GLY K 302 8.72 51.40 18.60
CA GLY K 302 9.73 51.61 19.64
C GLY K 302 11.11 51.92 19.14
N ALA K 303 11.32 51.87 17.82
CA ALA K 303 12.64 52.15 17.26
C ALA K 303 12.94 53.65 17.17
N ALA K 304 11.94 54.50 17.31
CA ALA K 304 12.16 55.95 17.23
C ALA K 304 12.91 56.40 18.48
N ARG K 305 13.99 57.15 18.28
CA ARG K 305 14.81 57.61 19.39
C ARG K 305 15.72 58.72 18.89
N ASN K 306 16.31 59.44 19.85
CA ASN K 306 17.33 60.44 19.57
C ASN K 306 18.65 59.92 20.14
N VAL K 307 19.49 59.37 19.26
CA VAL K 307 20.72 58.73 19.69
C VAL K 307 21.68 59.79 20.21
N GLU K 308 22.27 59.53 21.39
CA GLU K 308 23.22 60.46 21.97
C GLU K 308 24.46 60.61 21.11
N GLU K 309 24.95 59.51 20.54
CA GLU K 309 26.19 59.55 19.76
C GLU K 309 26.04 60.40 18.51
N GLY K 310 24.86 60.44 17.91
CA GLY K 310 24.64 61.24 16.72
C GLY K 310 23.41 60.82 15.94
N GLY K 311 22.76 61.77 15.29
CA GLY K 311 21.56 61.48 14.53
C GLY K 311 20.35 61.29 15.43
N SER K 312 19.28 60.83 14.80
CA SER K 312 18.01 60.60 15.49
C SER K 312 17.14 59.71 14.62
N LEU K 313 15.89 59.53 15.03
CA LEU K 313 14.92 58.78 14.24
C LEU K 313 13.53 59.24 14.66
N THR K 314 12.84 59.95 13.77
CA THR K 314 11.53 60.51 14.05
C THR K 314 10.46 59.70 13.36
N ILE K 315 9.45 59.26 14.12
CA ILE K 315 8.32 58.52 13.59
C ILE K 315 7.06 59.26 14.01
N ILE K 316 6.25 59.64 13.01
CA ILE K 316 4.98 60.32 13.26
C ILE K 316 3.89 59.42 12.67
N ALA K 317 3.37 58.52 13.48
CA ALA K 317 2.34 57.59 13.03
C ALA K 317 0.96 58.16 13.30
N THR K 318 0.00 57.75 12.49
CA THR K 318 -1.39 58.17 12.63
C THR K 318 -2.23 56.99 13.12
N ALA K 319 -3.02 57.25 14.16
CA ALA K 319 -3.88 56.23 14.75
C ALA K 319 -5.32 56.49 14.35
N LEU K 320 -6.00 55.43 13.92
CA LEU K 320 -7.39 55.53 13.46
C LEU K 320 -8.31 55.08 14.60
N ILE K 321 -9.03 56.03 15.18
CA ILE K 321 -10.01 55.75 16.21
C ILE K 321 -11.38 56.19 15.72
N ASP K 322 -12.42 55.76 16.42
CA ASP K 322 -13.80 56.07 16.07
C ASP K 322 -14.15 55.61 14.66
N THR K 323 -13.55 54.49 14.25
CA THR K 323 -13.77 53.94 12.93
C THR K 323 -14.90 52.91 12.88
N GLY K 324 -15.58 52.67 14.00
CA GLY K 324 -16.63 51.68 14.00
C GLY K 324 -16.16 50.26 13.93
N SER K 325 -14.89 50.00 14.28
CA SER K 325 -14.33 48.66 14.27
C SER K 325 -13.77 48.34 15.64
N LYS K 326 -14.11 47.14 16.14
CA LYS K 326 -13.61 46.72 17.44
C LYS K 326 -12.10 46.55 17.43
N MET K 327 -11.55 45.98 16.36
CA MET K 327 -10.11 45.78 16.28
C MET K 327 -9.35 47.10 16.28
N ASP K 328 -9.85 48.11 15.56
CA ASP K 328 -9.18 49.39 15.52
C ASP K 328 -9.12 50.04 16.89
N GLU K 329 -10.12 49.80 17.74
CA GLU K 329 -10.09 50.33 19.10
C GLU K 329 -9.10 49.58 19.97
N VAL K 330 -8.96 48.27 19.78
CA VAL K 330 -8.00 47.49 20.56
C VAL K 330 -6.58 47.93 20.23
N ILE K 331 -6.28 48.16 18.95
CA ILE K 331 -4.94 48.56 18.55
C ILE K 331 -4.54 49.87 19.20
N TYR K 332 -5.45 50.85 19.19
CA TYR K 332 -5.13 52.16 19.73
C TYR K 332 -4.86 52.10 21.24
N GLU K 333 -5.53 51.21 21.95
CA GLU K 333 -5.33 51.10 23.39
C GLU K 333 -3.91 50.65 23.73
N GLU K 334 -3.34 49.72 22.94
CA GLU K 334 -1.99 49.25 23.22
C GLU K 334 -0.97 50.37 23.04
N PHE K 335 -1.17 51.26 22.07
CA PHE K 335 -0.25 52.36 21.81
C PHE K 335 -0.70 53.64 22.51
N LYS K 336 -1.45 53.52 23.61
CA LYS K 336 -1.97 54.70 24.28
C LYS K 336 -0.86 55.48 24.98
N GLY K 337 -0.22 54.86 25.96
CA GLY K 337 0.87 55.51 26.68
C GLY K 337 2.22 55.41 26.04
N THR K 338 2.32 54.71 24.91
CA THR K 338 3.61 54.52 24.26
C THR K 338 4.08 55.79 23.56
N GLY K 339 3.18 56.49 22.88
CA GLY K 339 3.57 57.62 22.09
C GLY K 339 4.18 58.73 22.93
N ASN K 340 5.34 59.22 22.48
CA ASN K 340 5.98 60.35 23.16
C ASN K 340 5.20 61.64 22.96
N MET K 341 4.62 61.83 21.78
CA MET K 341 3.79 62.99 21.48
C MET K 341 2.44 62.54 20.96
N GLU K 342 1.39 63.22 21.39
CA GLU K 342 0.03 62.89 20.98
C GLU K 342 -0.63 64.13 20.40
N LEU K 343 -1.21 63.99 19.21
CA LEU K 343 -1.99 65.05 18.58
C LEU K 343 -3.36 64.49 18.23
N HIS K 344 -4.41 65.19 18.64
CA HIS K 344 -5.77 64.71 18.49
C HIS K 344 -6.52 65.57 17.47
N LEU K 345 -7.35 64.90 16.67
CA LEU K 345 -8.19 65.57 15.67
C LEU K 345 -9.65 65.45 16.09
N SER K 346 -10.40 66.52 15.88
CA SER K 346 -11.81 66.58 16.27
C SER K 346 -12.69 66.40 15.03
N ARG K 347 -13.56 65.40 15.08
CA ARG K 347 -14.50 65.19 13.98
C ARG K 347 -15.47 66.34 13.85
N LYS K 348 -15.93 66.89 14.99
CA LYS K 348 -16.89 67.98 14.95
C LYS K 348 -16.32 69.22 14.28
N ILE K 349 -15.05 69.54 14.54
CA ILE K 349 -14.43 70.70 13.90
C ILE K 349 -14.34 70.49 12.40
N ALA K 350 -14.10 69.25 11.96
CA ALA K 350 -14.10 68.96 10.53
C ALA K 350 -15.46 69.23 9.90
N GLU K 351 -16.55 68.88 10.60
CA GLU K 351 -17.88 69.17 10.11
C GLU K 351 -18.16 70.67 10.02
N LYS K 352 -17.39 71.49 10.74
CA LYS K 352 -17.47 72.94 10.62
C LYS K 352 -16.67 73.47 9.44
N ARG K 353 -16.01 72.60 8.68
CA ARG K 353 -15.14 72.98 7.58
C ARG K 353 -14.05 73.94 8.05
N VAL K 354 -13.50 73.64 9.23
CA VAL K 354 -12.43 74.43 9.83
C VAL K 354 -11.18 73.57 9.86
N PHE K 355 -10.10 74.08 9.26
CA PHE K 355 -8.86 73.32 9.18
C PHE K 355 -7.72 74.16 9.71
N PRO K 356 -6.75 73.54 10.41
CA PRO K 356 -6.69 72.12 10.76
C PRO K 356 -7.59 71.78 11.94
N ALA K 357 -8.19 70.59 11.96
CA ALA K 357 -9.03 70.16 13.07
C ALA K 357 -8.13 69.61 14.15
N ILE K 358 -7.63 70.50 15.01
CA ILE K 358 -6.66 70.15 16.04
C ILE K 358 -7.34 70.30 17.39
N ASP K 359 -7.32 69.22 18.17
CA ASP K 359 -7.85 69.23 19.54
C ASP K 359 -6.73 69.70 20.46
N TYR K 360 -6.63 71.02 20.62
CA TYR K 360 -5.53 71.60 21.38
C TYR K 360 -5.61 71.21 22.86
N ASN K 361 -6.82 71.01 23.39
CA ASN K 361 -6.96 70.71 24.80
C ASN K 361 -6.51 69.30 25.15
N ARG K 362 -6.44 68.39 24.18
CA ARG K 362 -6.06 67.00 24.44
C ARG K 362 -4.82 66.59 23.65
N SER K 363 -3.95 67.53 23.34
CA SER K 363 -2.74 67.25 22.58
C SER K 363 -1.54 67.91 23.25
N GLY K 364 -0.38 67.32 23.05
CA GLY K 364 0.84 67.85 23.62
C GLY K 364 1.88 66.75 23.73
N THR K 365 3.06 67.15 24.22
CA THR K 365 4.17 66.23 24.39
C THR K 365 4.86 66.50 25.72
N ARG K 366 5.42 65.44 26.30
CA ARG K 366 6.17 65.56 27.52
C ARG K 366 7.59 66.04 27.23
N LYS K 367 8.24 66.56 28.27
CA LYS K 367 9.62 67.04 28.17
C LYS K 367 9.76 68.13 27.12
N GLU K 368 8.72 68.95 26.97
CA GLU K 368 8.75 70.02 25.98
C GLU K 368 9.76 71.10 26.30
N GLU K 369 10.19 71.22 27.56
CA GLU K 369 11.20 72.20 27.91
C GLU K 369 12.55 71.91 27.27
N LEU K 370 12.85 70.63 27.01
CA LEU K 370 14.11 70.28 26.35
C LEU K 370 14.14 70.70 24.90
N LEU K 371 12.98 70.93 24.28
CA LEU K 371 12.91 71.36 22.89
C LEU K 371 12.83 72.88 22.78
N THR K 372 11.82 73.47 23.41
CA THR K 372 11.62 74.91 23.34
C THR K 372 12.57 75.63 24.30
N THR K 373 12.54 76.96 24.23
CA THR K 373 13.33 77.79 25.12
C THR K 373 12.52 78.13 26.36
N GLN K 374 13.13 78.88 27.29
CA GLN K 374 12.45 79.24 28.53
C GLN K 374 11.29 80.18 28.26
N GLU K 375 11.53 81.24 27.47
CA GLU K 375 10.47 82.20 27.18
C GLU K 375 9.41 81.63 26.26
N GLU K 376 9.77 80.73 25.33
CA GLU K 376 8.79 80.14 24.44
C GLU K 376 7.79 79.29 25.21
N LEU K 377 8.27 78.49 26.16
CA LEU K 377 7.38 77.62 26.93
C LEU K 377 6.39 78.42 27.78
N GLN K 378 6.87 79.50 28.41
CA GLN K 378 5.99 80.30 29.25
C GLN K 378 4.89 80.96 28.43
N LYS K 379 5.22 81.46 27.24
CA LYS K 379 4.20 82.05 26.37
C LYS K 379 3.17 81.02 25.97
N MET K 380 3.61 79.80 25.66
CA MET K 380 2.66 78.73 25.34
C MET K 380 1.77 78.40 26.53
N TRP K 381 2.33 78.38 27.75
CA TRP K 381 1.54 78.09 28.94
C TRP K 381 0.43 79.10 29.16
N ILE K 382 0.63 80.35 28.72
CA ILE K 382 -0.45 81.34 28.81
C ILE K 382 -1.64 80.91 27.96
N LEU K 383 -1.36 80.44 26.73
CA LEU K 383 -2.44 79.95 25.88
C LEU K 383 -3.08 78.69 26.46
N ARG K 384 -2.27 77.83 27.11
CA ARG K 384 -2.82 76.66 27.75
C ARG K 384 -3.85 77.02 28.81
N LYS K 385 -3.62 78.12 29.54
CA LYS K 385 -4.58 78.61 30.52
C LYS K 385 -5.76 79.32 29.88
N ILE K 386 -5.66 79.67 28.60
CA ILE K 386 -6.73 80.37 27.89
C ILE K 386 -7.62 79.39 27.13
N ILE K 387 -7.02 78.45 26.39
CA ILE K 387 -7.80 77.49 25.62
C ILE K 387 -8.53 76.51 26.51
N HIS K 388 -7.90 76.11 27.63
CA HIS K 388 -8.48 75.06 28.46
C HIS K 388 -9.90 75.36 28.95
N PRO K 389 -10.22 76.55 29.48
CA PRO K 389 -11.63 76.83 29.79
C PRO K 389 -12.54 76.79 28.57
N MET K 390 -12.04 77.19 27.40
CA MET K 390 -12.85 77.22 26.19
C MET K 390 -13.13 75.80 25.70
N GLY K 391 -14.19 75.69 24.89
CA GLY K 391 -14.51 74.42 24.26
C GLY K 391 -13.58 74.10 23.11
N GLU K 392 -13.71 72.87 22.60
CA GLU K 392 -12.83 72.42 21.54
C GLU K 392 -13.14 73.10 20.22
N ILE K 393 -14.42 73.19 19.85
CA ILE K 393 -14.79 73.67 18.52
C ILE K 393 -14.44 75.14 18.37
N ASP K 394 -14.84 75.96 19.34
CA ASP K 394 -14.62 77.40 19.23
C ASP K 394 -13.17 77.80 19.49
N ALA K 395 -12.38 76.93 20.13
CA ALA K 395 -10.98 77.26 20.36
C ALA K 395 -10.22 77.40 19.04
N MET K 396 -10.41 76.45 18.12
CA MET K 396 -9.79 76.56 16.81
C MET K 396 -10.30 77.77 16.04
N GLU K 397 -11.61 78.04 16.14
CA GLU K 397 -12.16 79.25 15.52
C GLU K 397 -11.49 80.49 16.08
N PHE K 398 -11.33 80.55 17.41
CA PHE K 398 -10.63 81.67 18.01
C PHE K 398 -9.14 81.66 17.64
N LEU K 399 -8.52 80.48 17.62
CA LEU K 399 -7.08 80.40 17.38
C LEU K 399 -6.72 80.70 15.93
N ILE K 400 -7.56 80.32 14.97
CA ILE K 400 -7.22 80.48 13.57
C ILE K 400 -7.14 81.96 13.20
N ASN K 401 -8.15 82.74 13.61
CA ASN K 401 -8.17 84.16 13.27
C ASN K 401 -7.02 84.91 13.95
N LYS K 402 -6.70 84.56 15.19
CA LYS K 402 -5.57 85.20 15.87
C LYS K 402 -4.26 84.93 15.15
N LEU K 403 -4.07 83.69 14.69
CA LEU K 403 -2.86 83.34 13.96
C LEU K 403 -2.87 83.82 12.52
N ALA K 404 -4.04 84.24 12.00
CA ALA K 404 -4.13 84.67 10.63
C ALA K 404 -3.51 86.05 10.42
N CYS K 405 -3.74 86.97 11.36
CA CYS K 405 -3.23 88.34 11.21
C CYS K 405 -1.70 88.36 11.27
N THR K 406 -1.12 87.72 12.27
CA THR K 406 0.32 87.67 12.40
C THR K 406 0.91 86.65 11.43
N LYS K 407 2.04 87.00 10.83
CA LYS K 407 2.70 86.08 9.91
C LYS K 407 3.45 84.99 10.65
N THR K 408 4.07 85.32 11.78
CA THR K 408 4.93 84.40 12.51
C THR K 408 4.37 84.17 13.92
N ASN K 409 4.79 83.04 14.51
CA ASN K 409 4.30 82.67 15.84
C ASN K 409 4.75 83.67 16.90
N ASP K 410 6.00 84.11 16.84
CA ASP K 410 6.48 85.08 17.83
C ASP K 410 5.74 86.40 17.71
N ASP K 411 5.36 86.79 16.49
CA ASP K 411 4.51 87.97 16.33
C ASP K 411 3.17 87.78 17.03
N PHE K 412 2.59 86.58 16.92
CA PHE K 412 1.38 86.27 17.66
C PHE K 412 1.62 86.29 19.16
N PHE K 413 2.80 85.85 19.60
CA PHE K 413 3.14 85.89 21.02
C PHE K 413 3.15 87.32 21.54
N GLU K 414 3.43 88.29 20.68
CA GLU K 414 3.38 89.70 21.06
C GLU K 414 1.98 90.30 20.91
N MET K 415 1.01 89.53 20.40
CA MET K 415 -0.35 90.01 20.25
C MET K 415 -1.21 89.68 21.46
N MET K 416 -1.31 88.40 21.82
CA MET K 416 -2.08 88.01 22.99
C MET K 416 -1.44 88.49 24.29
N LYS K 417 -0.14 88.77 24.27
CA LYS K 417 0.52 89.28 25.47
C LYS K 417 -0.03 90.64 25.87
N ARG K 418 -0.29 91.50 24.89
CA ARG K 418 -0.83 92.83 25.16
C ARG K 418 -2.25 92.97 24.62
N MET L 1 40.06 41.01 31.45
CA MET L 1 40.45 40.52 32.76
C MET L 1 39.23 40.14 33.60
N ASN L 2 38.26 41.06 33.66
CA ASN L 2 37.04 40.85 34.41
C ASN L 2 35.84 41.03 33.49
N LEU L 3 34.90 40.08 33.54
CA LEU L 3 33.72 40.16 32.70
C LEU L 3 32.88 41.38 33.05
N THR L 4 32.70 41.65 34.34
CA THR L 4 31.92 42.82 34.75
C THR L 4 32.59 44.12 34.31
N GLU L 5 33.92 44.20 34.41
CA GLU L 5 34.63 45.39 33.95
C GLU L 5 34.48 45.58 32.44
N LEU L 6 34.32 44.48 31.69
CA LEU L 6 34.10 44.61 30.26
C LEU L 6 32.69 45.08 29.96
N LYS L 7 31.71 44.69 30.77
CA LYS L 7 30.33 45.10 30.52
C LYS L 7 30.15 46.60 30.70
N ASN L 8 30.62 47.16 31.81
CA ASN L 8 30.53 48.59 32.04
C ASN L 8 31.42 49.40 31.11
N THR L 9 32.40 48.77 30.48
CA THR L 9 33.22 49.47 29.50
C THR L 9 32.36 49.82 28.28
N PRO L 10 32.37 51.08 27.83
CA PRO L 10 31.55 51.45 26.68
C PRO L 10 31.98 50.71 25.42
N VAL L 11 31.01 50.51 24.53
CA VAL L 11 31.25 49.75 23.30
C VAL L 11 32.28 50.41 22.41
N SER L 12 32.50 51.72 22.55
CA SER L 12 33.53 52.39 21.77
C SER L 12 34.91 51.84 22.11
N GLU L 13 35.18 51.65 23.40
CA GLU L 13 36.44 51.04 23.83
C GLU L 13 36.48 49.55 23.54
N LEU L 14 35.33 48.88 23.55
CA LEU L 14 35.30 47.45 23.21
C LEU L 14 35.74 47.21 21.78
N ILE L 15 35.31 48.06 20.85
CA ILE L 15 35.73 47.91 19.45
C ILE L 15 37.22 48.14 19.32
N THR L 16 37.74 49.18 19.99
CA THR L 16 39.18 49.43 19.95
C THR L 16 39.97 48.30 20.61
N LEU L 17 39.39 47.66 21.62
CA LEU L 17 40.05 46.54 22.26
C LEU L 17 40.20 45.36 21.29
N GLY L 18 39.17 45.08 20.50
CA GLY L 18 39.28 44.01 19.52
C GLY L 18 40.31 44.30 18.44
N GLU L 19 40.32 45.53 17.93
CA GLU L 19 41.31 45.91 16.92
C GLU L 19 42.72 45.95 17.48
N ASN L 20 42.88 46.14 18.78
CA ASN L 20 44.21 46.16 19.38
C ASN L 20 44.90 44.81 19.26
N MET L 21 44.15 43.72 19.47
CA MET L 21 44.73 42.38 19.39
C MET L 21 44.67 41.80 17.99
N GLY L 22 43.69 42.19 17.18
CA GLY L 22 43.59 41.69 15.83
C GLY L 22 42.18 41.33 15.40
N LEU L 23 41.22 41.44 16.31
CA LEU L 23 39.84 41.16 15.98
C LEU L 23 39.32 42.20 14.99
N GLU L 24 38.62 41.75 13.96
CA GLU L 24 38.17 42.60 12.88
C GLU L 24 36.67 42.42 12.64
N ASN L 25 36.03 43.50 12.18
CA ASN L 25 34.62 43.50 11.81
C ASN L 25 33.73 43.16 13.01
N LEU L 26 33.86 43.97 14.05
CA LEU L 26 33.04 43.84 15.25
C LEU L 26 32.08 45.00 15.45
N ALA L 27 32.28 46.12 14.75
CA ALA L 27 31.42 47.29 14.94
C ALA L 27 29.99 46.99 14.53
N ARG L 28 29.79 46.32 13.40
CA ARG L 28 28.46 45.98 12.91
C ARG L 28 27.93 44.70 13.55
N MET L 29 27.95 44.65 14.88
CA MET L 29 27.50 43.49 15.63
C MET L 29 26.84 43.96 16.92
N ARG L 30 26.00 43.07 17.48
CA ARG L 30 25.37 43.36 18.75
C ARG L 30 26.40 43.45 19.86
N LYS L 31 26.12 44.31 20.84
CA LYS L 31 27.07 44.53 21.93
C LYS L 31 27.34 43.25 22.71
N GLN L 32 26.33 42.37 22.82
CA GLN L 32 26.56 41.08 23.47
C GLN L 32 27.48 40.19 22.65
N ASP L 33 27.42 40.29 21.33
CA ASP L 33 28.31 39.51 20.48
C ASP L 33 29.75 40.02 20.54
N ILE L 34 29.94 41.34 20.62
CA ILE L 34 31.29 41.88 20.76
C ILE L 34 31.91 41.44 22.08
N ILE L 35 31.09 41.35 23.13
CA ILE L 35 31.58 40.85 24.42
C ILE L 35 32.04 39.41 24.28
N PHE L 36 31.26 38.58 23.60
CA PHE L 36 31.60 37.17 23.44
C PHE L 36 32.92 37.00 22.70
N ALA L 37 33.15 37.78 21.65
CA ALA L 37 34.40 37.68 20.90
C ALA L 37 35.60 38.05 21.79
N ILE L 38 35.46 39.10 22.60
CA ILE L 38 36.54 39.50 23.50
C ILE L 38 36.76 38.42 24.56
N LEU L 39 35.67 37.83 25.07
CA LEU L 39 35.82 36.73 26.02
C LEU L 39 36.54 35.54 25.38
N LYS L 40 36.23 35.23 24.12
CA LYS L 40 36.97 34.20 23.41
C LYS L 40 38.40 34.64 23.11
N GLN L 41 38.64 35.95 22.96
CA GLN L 41 40.00 36.44 22.77
C GLN L 41 40.87 36.13 23.99
N HIS L 42 40.33 36.34 25.19
CA HIS L 42 41.03 35.95 26.41
C HIS L 42 40.99 34.45 26.63
N ALA L 43 39.95 33.77 26.14
CA ALA L 43 39.86 32.32 26.29
C ALA L 43 40.99 31.61 25.55
N LYS L 44 41.29 32.05 24.32
CA LYS L 44 42.34 31.42 23.54
C LYS L 44 43.73 31.79 24.03
N SER L 45 43.88 32.91 24.71
CA SER L 45 45.18 33.32 25.25
C SER L 45 45.51 32.64 26.58
N GLY L 46 44.55 31.95 27.19
CA GLY L 46 44.78 31.26 28.44
C GLY L 46 44.67 32.12 29.68
N GLU L 47 44.41 33.41 29.53
CA GLU L 47 44.29 34.28 30.69
C GLU L 47 43.03 33.96 31.48
N ASP L 48 43.16 33.91 32.80
CA ASP L 48 42.01 33.69 33.67
C ASP L 48 41.07 34.89 33.60
N ILE L 49 39.77 34.60 33.55
CA ILE L 49 38.75 35.62 33.42
C ILE L 49 37.80 35.51 34.60
N PHE L 50 37.55 36.64 35.27
CA PHE L 50 36.62 36.72 36.38
C PHE L 50 35.34 37.42 35.91
N GLY L 51 34.29 37.26 36.71
CA GLY L 51 33.02 37.88 36.37
C GLY L 51 31.98 37.55 37.42
N ASP L 52 30.76 38.04 37.17
CA ASP L 52 29.65 37.83 38.07
C ASP L 52 28.36 37.77 37.27
N GLY L 53 27.33 37.23 37.91
CA GLY L 53 26.03 37.12 37.28
C GLY L 53 24.99 36.68 38.28
N VAL L 54 23.75 36.56 37.79
CA VAL L 54 22.62 36.14 38.61
C VAL L 54 22.13 34.80 38.08
N LEU L 55 22.08 33.80 38.96
CA LEU L 55 21.70 32.46 38.55
C LEU L 55 20.21 32.39 38.28
N GLU L 56 19.84 32.01 37.06
CA GLU L 56 18.45 31.77 36.69
C GLU L 56 18.31 30.27 36.41
N ILE L 57 17.41 29.63 37.16
CA ILE L 57 17.27 28.17 37.11
C ILE L 57 16.35 27.80 35.96
N LEU L 58 16.87 27.04 35.00
CA LEU L 58 16.06 26.50 33.92
C LEU L 58 15.31 25.27 34.39
N GLN L 59 14.17 25.00 33.73
CA GLN L 59 13.41 23.79 34.02
C GLN L 59 14.16 22.53 33.61
N ASP L 60 15.12 22.65 32.69
CA ASP L 60 15.89 21.48 32.28
C ASP L 60 16.83 21.01 33.38
N GLY L 61 17.38 21.93 34.16
CA GLY L 61 18.26 21.57 35.25
C GLY L 61 19.47 22.45 35.40
N PHE L 62 19.95 23.02 34.29
CA PHE L 62 21.10 23.90 34.32
C PHE L 62 20.65 25.33 34.59
N GLY L 63 21.58 26.28 34.57
CA GLY L 63 21.27 27.67 34.81
C GLY L 63 22.19 28.58 34.02
N PHE L 64 21.91 29.88 34.12
CA PHE L 64 22.73 30.88 33.47
C PHE L 64 22.91 32.08 34.39
N LEU L 65 23.99 32.81 34.19
CA LEU L 65 24.32 34.00 34.97
C LEU L 65 23.91 35.23 34.17
N ARG L 66 22.71 35.74 34.44
CA ARG L 66 22.23 36.92 33.75
C ARG L 66 23.00 38.15 34.21
N SER L 67 23.04 39.16 33.33
CA SER L 67 23.81 40.37 33.55
C SER L 67 22.88 41.53 33.85
N ALA L 68 23.17 42.25 34.95
CA ALA L 68 22.39 43.43 35.28
C ALA L 68 22.62 44.56 34.29
N ASP L 69 23.85 44.67 33.76
CA ASP L 69 24.14 45.71 32.77
C ASP L 69 23.32 45.50 31.50
N SER L 70 22.99 44.26 31.16
CA SER L 70 22.14 43.94 30.02
C SER L 70 20.68 43.80 30.41
N SER L 71 20.31 44.23 31.62
CA SER L 71 18.93 44.12 32.11
C SER L 71 18.45 42.68 32.10
N TYR L 72 19.35 41.76 32.45
CA TYR L 72 19.05 40.32 32.51
C TYR L 72 18.49 39.81 31.20
N LEU L 73 19.06 40.27 30.09
CA LEU L 73 18.68 39.81 28.77
C LEU L 73 19.56 38.64 28.35
N ALA L 74 18.92 37.56 27.89
CA ALA L 74 19.65 36.38 27.47
C ALA L 74 20.54 36.71 26.27
N GLY L 75 21.79 36.27 26.35
CA GLY L 75 22.75 36.53 25.30
C GLY L 75 23.96 35.63 25.39
N PRO L 76 24.89 35.78 24.44
CA PRO L 76 26.10 34.94 24.45
C PRO L 76 26.95 35.10 25.70
N ASP L 77 26.96 36.28 26.31
CA ASP L 77 27.80 36.53 27.48
C ASP L 77 27.30 35.85 28.74
N ASP L 78 26.09 35.29 28.74
CA ASP L 78 25.59 34.59 29.91
C ASP L 78 26.43 33.35 30.17
N ILE L 79 26.71 33.10 31.45
CA ILE L 79 27.61 32.01 31.84
C ILE L 79 26.79 30.76 32.14
N TYR L 80 27.06 29.70 31.38
CA TYR L 80 26.43 28.42 31.64
C TYR L 80 27.03 27.77 32.88
N VAL L 81 26.18 27.07 33.63
CA VAL L 81 26.61 26.32 34.80
C VAL L 81 26.03 24.91 34.72
N SER L 82 26.80 23.95 35.21
CA SER L 82 26.37 22.57 35.17
C SER L 82 25.19 22.36 36.12
N PRO L 83 24.25 21.47 35.76
CA PRO L 83 23.14 21.16 36.67
C PRO L 83 23.60 20.53 37.98
N CYS L 84 24.79 19.93 38.00
CA CYS L 84 25.34 19.37 39.23
C CYS L 84 26.00 20.41 40.11
N GLN L 85 26.25 21.62 39.58
CA GLN L 85 26.81 22.69 40.41
C GLN L 85 25.80 23.20 41.43
N ILE L 86 24.51 23.21 41.08
CA ILE L 86 23.46 23.56 42.05
C ILE L 86 23.19 22.44 43.03
N ARG L 87 23.79 21.26 42.84
CA ARG L 87 23.73 20.19 43.81
C ARG L 87 24.89 20.26 44.79
N ARG L 88 26.09 20.57 44.31
CA ARG L 88 27.23 20.74 45.19
C ARG L 88 27.02 21.89 46.16
N PHE L 89 26.49 23.00 45.67
CA PHE L 89 26.15 24.15 46.51
C PHE L 89 24.65 24.40 46.42
N ASN L 90 24.03 24.69 47.56
CA ASN L 90 22.59 24.93 47.58
C ASN L 90 22.28 26.26 46.91
N LEU L 91 21.98 26.23 45.63
CA LEU L 91 21.77 27.43 44.84
C LEU L 91 20.38 27.40 44.21
N ARG L 92 19.71 28.54 44.22
CA ARG L 92 18.39 28.67 43.61
C ARG L 92 18.37 29.85 42.64
N THR L 93 17.20 30.19 42.13
CA THR L 93 17.09 31.32 41.21
C THR L 93 17.35 32.62 41.96
N GLY L 94 18.02 33.56 41.28
CA GLY L 94 18.34 34.83 41.88
C GLY L 94 19.59 34.85 42.74
N ASP L 95 20.39 33.79 42.70
CA ASP L 95 21.61 33.73 43.50
C ASP L 95 22.77 34.38 42.74
N THR L 96 23.39 35.39 43.37
CA THR L 96 24.53 36.08 42.78
C THR L 96 25.76 35.20 42.93
N ILE L 97 26.32 34.76 41.81
CA ILE L 97 27.46 33.84 41.79
C ILE L 97 28.59 34.48 41.00
N SER L 98 29.79 34.47 41.59
CA SER L 98 30.98 35.01 40.94
C SER L 98 32.12 34.01 41.09
N GLY L 99 33.02 34.02 40.12
CA GLY L 99 34.18 33.14 40.16
C GLY L 99 34.87 33.10 38.82
N LYS L 100 35.86 32.21 38.74
CA LYS L 100 36.60 32.03 37.50
C LYS L 100 35.75 31.33 36.45
N ILE L 101 35.94 31.73 35.20
CA ILE L 101 35.18 31.21 34.07
C ILE L 101 36.14 30.47 33.14
N ARG L 102 35.83 29.21 32.85
CA ARG L 102 36.67 28.44 31.95
C ARG L 102 36.30 28.71 30.50
N PRO L 103 37.26 28.61 29.58
CA PRO L 103 36.94 28.76 28.17
C PRO L 103 36.01 27.65 27.70
N PRO L 104 35.10 27.94 26.77
CA PRO L 104 34.25 26.88 26.23
C PRO L 104 35.08 25.85 25.47
N LYS L 105 34.67 24.59 25.60
CA LYS L 105 35.34 23.50 24.89
C LYS L 105 34.72 23.33 23.51
N GLU L 106 35.08 22.27 22.82
CA GLU L 106 34.51 22.00 21.50
C GLU L 106 33.04 21.64 21.64
N GLY L 107 32.20 22.31 20.86
CA GLY L 107 30.76 22.12 20.95
C GLY L 107 30.09 22.88 22.06
N GLU L 108 30.84 23.65 22.86
CA GLU L 108 30.29 24.44 23.96
C GLU L 108 30.02 25.85 23.46
N ARG L 109 28.74 26.21 23.37
CA ARG L 109 28.34 27.52 22.89
C ARG L 109 28.33 28.59 23.97
N TYR L 110 28.49 28.20 25.24
CA TYR L 110 28.41 29.12 26.35
C TYR L 110 29.60 28.94 27.28
N PHE L 111 30.06 30.04 27.86
CA PHE L 111 31.12 29.98 28.86
C PHE L 111 30.63 29.31 30.12
N ALA L 112 31.55 28.63 30.81
CA ALA L 112 31.22 27.89 32.03
C ALA L 112 32.08 28.38 33.19
N LEU L 113 31.46 28.49 34.35
CA LEU L 113 32.17 28.89 35.56
C LEU L 113 32.88 27.67 36.14
N LEU L 114 34.21 27.66 36.06
CA LEU L 114 34.97 26.50 36.52
C LEU L 114 34.89 26.32 38.02
N LYS L 115 34.91 27.42 38.79
CA LYS L 115 34.88 27.33 40.24
C LYS L 115 33.95 28.40 40.79
N VAL L 116 33.15 28.03 41.78
CA VAL L 116 32.26 28.96 42.46
C VAL L 116 33.04 29.60 43.61
N ASN L 117 33.23 30.93 43.53
CA ASN L 117 34.02 31.65 44.52
C ASN L 117 33.15 32.32 45.58
N GLU L 118 32.18 33.12 45.17
CA GLU L 118 31.31 33.83 46.09
C GLU L 118 29.86 33.64 45.68
N VAL L 119 28.99 33.44 46.68
CA VAL L 119 27.56 33.28 46.46
C VAL L 119 26.85 34.36 47.25
N ASN L 120 26.19 35.28 46.53
CA ASN L 120 25.46 36.39 47.14
C ASN L 120 26.35 37.17 48.11
N PHE L 121 27.54 37.54 47.62
CA PHE L 121 28.54 38.25 48.42
C PHE L 121 28.90 37.47 49.68
N ASP L 122 28.97 36.15 49.55
CA ASP L 122 29.30 35.28 50.67
C ASP L 122 29.89 33.99 50.14
N LYS L 123 30.59 33.27 51.01
CA LYS L 123 31.18 32.01 50.62
C LYS L 123 30.09 30.99 50.29
N PRO L 124 30.33 30.13 49.31
CA PRO L 124 29.30 29.13 48.95
C PRO L 124 28.95 28.19 50.10
N GLU L 125 29.91 27.85 50.95
CA GLU L 125 29.63 26.98 52.08
C GLU L 125 28.73 27.66 53.11
N ASN L 126 28.95 28.95 53.36
CA ASN L 126 28.14 29.67 54.33
C ASN L 126 26.73 29.92 53.82
N ALA L 127 26.56 30.12 52.52
CA ALA L 127 25.24 30.41 51.96
C ALA L 127 24.29 29.22 52.09
N ARG L 128 24.81 27.99 52.13
CA ARG L 128 23.95 26.82 52.23
C ARG L 128 23.32 26.69 53.61
N ASN L 129 23.88 27.35 54.62
CA ASN L 129 23.36 27.25 55.98
C ASN L 129 22.22 28.24 56.25
N LYS L 130 21.94 29.16 55.33
CA LYS L 130 20.92 30.17 55.55
C LYS L 130 19.53 29.55 55.50
N ILE L 131 18.61 30.16 56.23
CA ILE L 131 17.22 29.71 56.29
C ILE L 131 16.47 30.24 55.08
N LEU L 132 15.57 29.42 54.54
CA LEU L 132 14.85 29.79 53.33
C LEU L 132 13.90 30.96 53.59
N PHE L 133 13.49 31.62 52.50
CA PHE L 133 12.69 32.83 52.61
C PHE L 133 11.30 32.55 53.17
N GLU L 134 10.64 31.50 52.68
CA GLU L 134 9.27 31.24 53.08
C GLU L 134 9.14 30.82 54.54
N ASN L 135 10.23 30.38 55.16
CA ASN L 135 10.20 30.00 56.57
C ASN L 135 10.36 31.19 57.50
N LEU L 136 10.68 32.37 56.99
CA LEU L 136 10.89 33.55 57.82
C LEU L 136 9.54 34.12 58.24
N THR L 137 9.41 34.39 59.54
CA THR L 137 8.17 34.94 60.07
C THR L 137 8.07 36.43 59.75
N PRO L 138 6.97 36.87 59.13
CA PRO L 138 6.84 38.29 58.82
C PRO L 138 6.69 39.14 60.06
N LEU L 139 7.15 40.39 59.96
CA LEU L 139 7.07 41.35 61.04
C LEU L 139 6.50 42.66 60.52
N HIS L 140 5.71 43.33 61.35
CA HIS L 140 5.18 44.63 60.98
C HIS L 140 6.30 45.64 60.84
N ALA L 141 6.13 46.57 59.89
CA ALA L 141 7.15 47.57 59.59
C ALA L 141 7.33 48.50 60.78
N ASN L 142 8.46 48.38 61.47
CA ASN L 142 8.76 49.20 62.64
C ASN L 142 10.04 50.00 62.51
N SER L 143 10.98 49.59 61.65
CA SER L 143 12.23 50.31 61.45
C SER L 143 12.01 51.39 60.41
N ARG L 144 11.96 52.65 60.86
CA ARG L 144 11.67 53.77 59.97
C ARG L 144 12.83 54.00 59.00
N LEU L 145 12.49 54.25 57.73
CA LEU L 145 13.46 54.62 56.71
C LEU L 145 13.24 56.08 56.34
N ARG L 146 14.11 56.95 56.84
CA ARG L 146 13.98 58.37 56.58
C ARG L 146 14.15 58.66 55.09
N MET L 147 13.22 59.45 54.54
CA MET L 147 13.26 59.84 53.15
C MET L 147 13.71 61.28 52.93
N GLU L 148 13.55 62.14 53.93
CA GLU L 148 13.96 63.53 53.78
C GLU L 148 15.48 63.62 53.71
N ARG L 149 15.98 64.36 52.71
CA ARG L 149 17.42 64.54 52.57
C ARG L 149 18.00 65.34 53.71
N GLY L 150 17.27 66.36 54.17
CA GLY L 150 17.74 67.22 55.24
C GLY L 150 18.59 68.39 54.81
N ASN L 151 18.92 68.49 53.52
CA ASN L 151 19.74 69.59 53.01
C ASN L 151 18.91 70.77 52.54
N GLY L 152 17.59 70.68 52.59
CA GLY L 152 16.73 71.77 52.16
C GLY L 152 16.85 72.13 50.70
N SER L 153 16.96 71.13 49.83
CA SER L 153 17.10 71.37 48.40
C SER L 153 15.71 71.52 47.77
N THR L 154 15.69 71.72 46.45
CA THR L 154 14.42 71.86 45.74
C THR L 154 13.61 70.57 45.81
N GLU L 155 14.26 69.43 45.64
CA GLU L 155 13.56 68.15 45.72
C GLU L 155 13.26 67.74 47.15
N ASP L 156 13.86 68.41 48.15
CA ASP L 156 13.56 68.08 49.53
C ASP L 156 12.13 68.41 49.92
N LEU L 157 11.48 69.32 49.18
CA LEU L 157 10.08 69.65 49.47
C LEU L 157 9.17 68.48 49.13
N THR L 158 9.54 67.64 48.17
CA THR L 158 8.72 66.48 47.82
C THR L 158 8.83 65.38 48.86
N ALA L 159 10.04 65.16 49.40
CA ALA L 159 10.23 64.08 50.36
C ALA L 159 9.47 64.31 51.65
N ARG L 160 9.42 65.55 52.13
CA ARG L 160 8.71 65.85 53.36
C ARG L 160 7.20 65.72 53.22
N VAL L 161 6.65 65.99 52.04
CA VAL L 161 5.20 65.89 51.84
C VAL L 161 4.76 64.43 51.92
N LEU L 162 5.47 63.54 51.23
CA LEU L 162 5.09 62.13 51.22
C LEU L 162 5.36 61.46 52.57
N ASP L 163 6.42 61.89 53.27
CA ASP L 163 6.67 61.35 54.61
C ASP L 163 5.55 61.72 55.56
N LEU L 164 5.05 62.94 55.48
CA LEU L 164 3.93 63.35 56.32
C LEU L 164 2.67 62.55 56.01
N ALA L 165 2.41 62.26 54.74
CA ALA L 165 1.23 61.48 54.38
C ALA L 165 1.37 60.03 54.82
N SER L 166 2.51 59.40 54.51
CA SER L 166 2.72 58.01 54.87
C SER L 166 4.21 57.69 54.98
N PRO L 167 4.73 57.49 56.19
CA PRO L 167 6.13 57.11 56.34
C PRO L 167 6.40 55.72 55.76
N ILE L 168 7.64 55.52 55.33
CA ILE L 168 8.08 54.27 54.72
C ILE L 168 9.19 53.67 55.56
N GLY L 169 9.05 52.39 55.89
CA GLY L 169 10.04 51.69 56.68
C GLY L 169 10.53 50.44 55.98
N ARG L 170 11.43 49.73 56.67
CA ARG L 170 12.00 48.50 56.14
C ARG L 170 10.93 47.41 56.08
N GLY L 171 10.93 46.65 55.00
CA GLY L 171 9.96 45.58 54.84
C GLY L 171 8.53 46.06 54.82
N GLN L 172 8.25 47.17 54.15
CA GLN L 172 6.93 47.77 54.11
C GLN L 172 6.35 47.64 52.71
N ARG L 173 5.09 47.19 52.62
CA ARG L 173 4.39 47.02 51.37
C ARG L 173 3.48 48.23 51.15
N GLY L 174 3.66 48.92 50.04
CA GLY L 174 2.87 50.09 49.74
C GLY L 174 2.62 50.22 48.24
N LEU L 175 1.52 50.88 47.90
CA LEU L 175 1.14 51.11 46.52
C LEU L 175 0.77 52.58 46.33
N ILE L 176 0.99 53.07 45.11
CA ILE L 176 0.69 54.45 44.76
C ILE L 176 -0.17 54.44 43.51
N VAL L 177 -1.36 55.02 43.60
CA VAL L 177 -2.26 55.14 42.45
C VAL L 177 -1.98 56.46 41.75
N ALA L 178 -1.76 56.40 40.44
CA ALA L 178 -1.37 57.58 39.69
C ALA L 178 -2.17 57.70 38.39
N PRO L 179 -2.92 58.78 38.21
CA PRO L 179 -3.55 59.05 36.92
C PRO L 179 -2.50 59.46 35.90
N PRO L 180 -2.78 59.33 34.60
CA PRO L 180 -1.78 59.70 33.60
C PRO L 180 -1.45 61.18 33.63
N LYS L 181 -0.21 61.50 33.26
CA LYS L 181 0.28 62.88 33.21
C LYS L 181 0.13 63.58 34.56
N ALA L 182 0.45 62.86 35.64
CA ALA L 182 0.40 63.41 36.98
C ALA L 182 1.77 63.53 37.62
N GLY L 183 2.82 63.63 36.81
CA GLY L 183 4.17 63.71 37.32
C GLY L 183 4.64 62.47 38.05
N LYS L 184 4.19 61.29 37.60
CA LYS L 184 4.59 60.05 38.25
C LYS L 184 6.07 59.76 38.08
N THR L 185 6.64 60.11 36.93
CA THR L 185 8.06 59.84 36.68
C THR L 185 8.95 60.60 37.67
N MET L 186 8.65 61.87 37.91
CA MET L 186 9.43 62.65 38.85
C MET L 186 9.27 62.16 40.28
N LEU L 187 8.11 61.60 40.64
CA LEU L 187 7.93 61.04 41.97
C LEU L 187 8.89 59.87 42.22
N LEU L 188 9.05 59.00 41.22
CA LEU L 188 10.01 57.91 41.34
C LEU L 188 11.44 58.44 41.37
N GLN L 189 11.70 59.53 40.65
CA GLN L 189 13.03 60.15 40.68
C GLN L 189 13.36 60.66 42.09
N ASN L 190 12.38 61.27 42.76
CA ASN L 190 12.64 61.89 44.05
C ASN L 190 13.03 60.84 45.10
N ILE L 191 12.32 59.71 45.13
CA ILE L 191 12.61 58.70 46.13
C ILE L 191 13.83 57.87 45.78
N ALA L 192 14.25 57.86 44.51
CA ALA L 192 15.41 57.06 44.12
C ALA L 192 16.70 57.64 44.68
N GLN L 193 16.87 58.97 44.58
CA GLN L 193 18.09 59.60 45.08
C GLN L 193 18.09 59.72 46.59
N SER L 194 16.92 59.93 47.21
CA SER L 194 16.84 60.09 48.65
C SER L 194 17.14 58.78 49.39
N ILE L 195 16.67 57.65 48.86
CA ILE L 195 16.89 56.37 49.53
C ILE L 195 18.38 56.04 49.59
N ALA L 196 19.09 56.20 48.48
CA ALA L 196 20.52 55.95 48.47
C ALA L 196 21.28 56.94 49.34
N TYR L 197 20.90 58.22 49.31
CA TYR L 197 21.59 59.22 50.11
C TYR L 197 21.38 58.98 51.60
N ASN L 198 20.13 58.79 52.02
CA ASN L 198 19.84 58.64 53.45
C ASN L 198 20.27 57.28 53.98
N HIS L 199 20.06 56.22 53.21
CA HIS L 199 20.37 54.86 53.65
C HIS L 199 21.19 54.16 52.57
N PRO L 200 22.48 54.49 52.46
CA PRO L 200 23.33 53.80 51.48
C PRO L 200 23.51 52.31 51.77
N ASP L 201 23.31 51.88 53.01
CA ASP L 201 23.56 50.48 53.36
C ASP L 201 22.56 49.55 52.68
N CYS L 202 21.28 49.90 52.70
CA CYS L 202 20.25 49.05 52.12
C CYS L 202 20.33 49.10 50.59
N VAL L 203 19.87 48.02 49.96
CA VAL L 203 19.93 47.88 48.52
C VAL L 203 18.65 48.45 47.92
N LEU L 204 18.80 49.34 46.94
CA LEU L 204 17.68 49.94 46.24
C LEU L 204 17.56 49.32 44.85
N MET L 205 16.38 48.80 44.54
CA MET L 205 16.10 48.17 43.26
C MET L 205 15.02 48.93 42.52
N VAL L 206 15.27 49.21 41.24
CA VAL L 206 14.31 49.90 40.38
C VAL L 206 13.98 48.95 39.24
N LEU L 207 12.69 48.67 39.06
CA LEU L 207 12.21 47.74 38.03
C LEU L 207 11.16 48.45 37.19
N LEU L 208 11.60 49.07 36.09
CA LEU L 208 10.68 49.69 35.15
C LEU L 208 10.15 48.62 34.20
N ILE L 209 8.84 48.41 34.21
CA ILE L 209 8.19 47.40 33.38
C ILE L 209 7.27 48.09 32.40
N ASP L 210 7.35 47.72 31.13
CA ASP L 210 6.53 48.30 30.07
C ASP L 210 6.71 49.81 29.99
N GLU L 211 7.95 50.27 30.12
CA GLU L 211 8.29 51.67 30.04
C GLU L 211 8.93 52.00 28.69
N ARG L 212 8.88 53.27 28.33
CA ARG L 212 9.50 53.72 27.09
C ARG L 212 11.01 53.51 27.16
N PRO L 213 11.65 53.16 26.04
CA PRO L 213 13.10 53.02 26.04
C PRO L 213 13.84 54.32 26.35
N GLU L 214 13.18 55.47 26.13
CA GLU L 214 13.83 56.74 26.45
C GLU L 214 13.95 56.93 27.96
N GLU L 215 12.92 56.52 28.71
CA GLU L 215 12.95 56.69 30.17
C GLU L 215 13.86 55.68 30.85
N VAL L 216 14.16 54.56 30.20
CA VAL L 216 15.03 53.56 30.80
C VAL L 216 16.43 54.12 31.04
N THR L 217 16.98 54.80 30.03
CA THR L 217 18.29 55.42 30.18
C THR L 217 18.25 56.62 31.11
N GLU L 218 17.09 57.25 31.27
CA GLU L 218 16.97 58.34 32.22
C GLU L 218 17.19 57.87 33.65
N MET L 219 16.68 56.68 34.00
CA MET L 219 16.88 56.15 35.35
C MET L 219 18.33 55.81 35.60
N GLN L 220 19.05 55.32 34.59
CA GLN L 220 20.43 54.92 34.78
C GLN L 220 21.31 56.11 35.16
N ARG L 221 20.99 57.30 34.67
CA ARG L 221 21.77 58.49 34.98
C ARG L 221 21.33 59.18 36.26
N LEU L 222 20.24 58.73 36.89
CA LEU L 222 19.71 59.37 38.09
C LEU L 222 19.64 58.45 39.30
N VAL L 223 19.84 57.14 39.13
CA VAL L 223 19.76 56.19 40.23
C VAL L 223 21.10 55.50 40.38
N LYS L 224 21.62 55.49 41.61
CA LYS L 224 22.90 54.84 41.91
C LYS L 224 22.60 53.45 42.47
N GLY L 225 22.29 52.52 41.56
CA GLY L 225 22.01 51.16 41.94
C GLY L 225 21.68 50.32 40.73
N GLU L 226 21.44 49.05 40.98
CA GLU L 226 21.10 48.10 39.91
C GLU L 226 19.68 48.40 39.43
N VAL L 227 19.56 49.06 38.29
CA VAL L 227 18.29 49.40 37.68
C VAL L 227 18.11 48.51 36.46
N VAL L 228 17.13 47.62 36.53
CA VAL L 228 16.81 46.69 35.44
C VAL L 228 15.43 47.03 34.91
N ALA L 229 15.32 47.16 33.59
CA ALA L 229 14.07 47.61 32.99
C ALA L 229 13.81 46.83 31.71
N SER L 230 12.54 46.89 31.28
CA SER L 230 12.12 46.29 30.02
C SER L 230 11.22 47.26 29.28
N THR L 231 11.46 47.41 27.99
CA THR L 231 10.69 48.33 27.16
C THR L 231 9.44 47.65 26.61
N PHE L 232 8.53 48.46 26.08
CA PHE L 232 7.26 47.93 25.59
C PHE L 232 7.44 47.07 24.34
N ASP L 233 8.47 47.34 23.53
CA ASP L 233 8.69 46.52 22.35
C ASP L 233 9.08 45.09 22.69
N GLU L 234 9.58 44.86 23.90
CA GLU L 234 9.92 43.51 24.31
C GLU L 234 8.67 42.66 24.46
N PRO L 235 8.75 41.37 24.18
CA PRO L 235 7.58 40.50 24.32
C PRO L 235 7.17 40.36 25.78
N ALA L 236 5.89 39.99 25.96
CA ALA L 236 5.37 39.78 27.30
C ALA L 236 6.13 38.66 28.03
N SER L 237 6.62 37.67 27.29
CA SER L 237 7.43 36.63 27.91
C SER L 237 8.71 37.22 28.51
N ARG L 238 9.34 38.15 27.80
CA ARG L 238 10.49 38.85 28.36
C ARG L 238 10.10 39.79 29.49
N HIS L 239 8.82 40.16 29.59
CA HIS L 239 8.39 41.05 30.66
C HIS L 239 8.30 40.32 31.99
N VAL L 240 7.79 39.09 32.00
CA VAL L 240 7.73 38.33 33.24
C VAL L 240 9.10 37.77 33.62
N GLN L 241 9.93 37.43 32.63
CA GLN L 241 11.28 36.95 32.93
C GLN L 241 12.10 38.04 33.60
N VAL L 242 11.98 39.28 33.12
CA VAL L 242 12.76 40.38 33.70
C VAL L 242 12.25 40.78 35.08
N ALA L 243 11.05 40.35 35.45
CA ALA L 243 10.50 40.67 36.76
C ALA L 243 10.75 39.57 37.78
N GLU L 244 10.71 38.30 37.36
CA GLU L 244 10.96 37.20 38.30
C GLU L 244 12.40 37.19 38.78
N MET L 245 13.35 37.60 37.93
CA MET L 245 14.74 37.67 38.36
C MET L 245 14.97 38.66 39.48
N VAL L 246 14.20 39.76 39.50
CA VAL L 246 14.35 40.75 40.56
C VAL L 246 13.88 40.21 41.89
N ILE L 247 12.69 39.59 41.92
CA ILE L 247 12.15 39.07 43.17
C ILE L 247 12.97 37.88 43.66
N GLU L 248 13.42 37.02 42.75
CA GLU L 248 14.28 35.91 43.15
C GLU L 248 15.60 36.41 43.72
N LYS L 249 16.19 37.43 43.10
CA LYS L 249 17.40 38.03 43.64
C LYS L 249 17.16 38.68 44.99
N ALA L 250 16.03 39.37 45.14
CA ALA L 250 15.72 40.02 46.41
C ALA L 250 15.52 39.01 47.54
N LYS L 251 14.88 37.87 47.25
CA LYS L 251 14.64 36.88 48.30
C LYS L 251 15.96 36.32 48.83
N ARG L 252 16.91 36.03 47.95
CA ARG L 252 18.19 35.52 48.39
C ARG L 252 18.97 36.55 49.21
N LEU L 253 18.90 37.82 48.81
CA LEU L 253 19.54 38.88 49.60
C LEU L 253 18.88 39.02 50.97
N VAL L 254 17.56 38.82 51.04
CA VAL L 254 16.87 38.87 52.33
C VAL L 254 17.38 37.76 53.24
N GLU L 255 17.54 36.54 52.70
CA GLU L 255 18.05 35.43 53.50
C GLU L 255 19.46 35.68 53.99
N HIS L 256 20.22 36.56 53.33
CA HIS L 256 21.55 36.94 53.77
C HIS L 256 21.53 38.08 54.78
N LYS L 257 20.39 38.32 55.42
CA LYS L 257 20.24 39.34 56.45
C LYS L 257 20.61 40.72 55.92
N LYS L 258 19.98 41.11 54.82
CA LYS L 258 20.18 42.41 54.21
C LYS L 258 18.84 43.05 53.89
N ASP L 259 18.83 44.38 53.86
CA ASP L 259 17.63 45.15 53.55
C ASP L 259 17.64 45.56 52.09
N VAL L 260 16.60 45.17 51.37
CA VAL L 260 16.46 45.46 49.95
C VAL L 260 15.17 46.22 49.71
N ILE L 261 15.25 47.27 48.90
CA ILE L 261 14.11 48.11 48.56
C ILE L 261 13.88 48.01 47.06
N ILE L 262 12.64 47.70 46.68
CA ILE L 262 12.29 47.49 45.27
C ILE L 262 11.28 48.56 44.88
N LEU L 263 11.58 49.29 43.80
CA LEU L 263 10.66 50.25 43.20
C LEU L 263 10.21 49.69 41.86
N LEU L 264 8.89 49.55 41.69
CA LEU L 264 8.32 48.94 40.50
C LEU L 264 7.33 49.89 39.86
N ASP L 265 7.46 50.07 38.55
CA ASP L 265 6.59 50.97 37.80
C ASP L 265 6.32 50.33 36.43
N SER L 266 5.09 49.85 36.24
CA SER L 266 4.00 49.89 37.21
C SER L 266 3.38 48.51 37.37
N ILE L 267 2.74 48.28 38.52
CA ILE L 267 2.07 47.01 38.76
C ILE L 267 0.88 46.84 37.82
N THR L 268 0.32 47.93 37.30
CA THR L 268 -0.77 47.83 36.34
C THR L 268 -0.33 47.11 35.08
N ARG L 269 0.86 47.44 34.57
CA ARG L 269 1.39 46.78 33.39
C ARG L 269 1.84 45.36 33.68
N LEU L 270 2.38 45.12 34.88
CA LEU L 270 2.87 43.79 35.23
C LEU L 270 1.73 42.78 35.26
N ALA L 271 0.57 43.17 35.80
CA ALA L 271 -0.58 42.27 35.82
C ALA L 271 -1.04 41.94 34.41
N ARG L 272 -1.09 42.93 33.53
CA ARG L 272 -1.46 42.68 32.14
C ARG L 272 -0.43 41.80 31.46
N ALA L 273 0.87 42.04 31.72
CA ALA L 273 1.91 41.21 31.12
C ALA L 273 1.80 39.76 31.59
N TYR L 274 1.53 39.56 32.88
CA TYR L 274 1.33 38.21 33.38
C TYR L 274 0.09 37.57 32.77
N ASN L 275 -0.96 38.35 32.54
CA ASN L 275 -2.18 37.81 31.96
C ASN L 275 -1.95 37.23 30.57
N THR L 276 -1.18 37.94 29.74
CA THR L 276 -0.93 37.47 28.38
C THR L 276 -0.08 36.20 28.38
N VAL L 277 0.92 36.13 29.26
CA VAL L 277 1.85 35.01 29.24
C VAL L 277 1.14 33.72 29.63
N VAL L 278 0.38 33.75 30.71
CA VAL L 278 -0.25 32.55 31.25
C VAL L 278 -1.33 32.06 30.30
N PRO L 279 -1.55 30.75 30.19
CA PRO L 279 -2.66 30.25 29.36
C PRO L 279 -4.01 30.62 29.97
N ALA L 280 -5.00 30.77 29.08
CA ALA L 280 -6.34 31.12 29.52
C ALA L 280 -7.08 29.87 29.97
N SER L 281 -7.70 29.95 31.15
CA SER L 281 -8.45 28.84 31.72
C SER L 281 -9.92 28.86 31.33
N GLY L 282 -10.36 29.86 30.56
CA GLY L 282 -11.74 29.98 30.15
C GLY L 282 -12.60 30.85 31.05
N LYS L 283 -12.17 31.10 32.28
CA LYS L 283 -12.89 31.98 33.20
C LYS L 283 -12.36 33.40 33.03
N VAL L 284 -13.15 34.25 32.38
CA VAL L 284 -12.76 35.62 32.09
C VAL L 284 -13.55 36.55 33.01
N LEU L 285 -12.84 37.32 33.82
CA LEU L 285 -13.46 38.29 34.69
C LEU L 285 -13.75 39.58 33.91
N THR L 286 -14.29 40.57 34.60
CA THR L 286 -14.55 41.86 33.98
C THR L 286 -13.25 42.53 33.56
N GLY L 287 -13.27 43.17 32.40
CA GLY L 287 -12.10 43.79 31.84
C GLY L 287 -11.18 42.86 31.09
N GLY L 288 -11.54 41.60 30.93
CA GLY L 288 -10.73 40.64 30.22
C GLY L 288 -9.65 39.96 31.03
N VAL L 289 -9.53 40.28 32.33
CA VAL L 289 -8.51 39.69 33.18
C VAL L 289 -8.93 38.28 33.57
N ASP L 290 -8.00 37.51 34.11
CA ASP L 290 -8.26 36.15 34.57
C ASP L 290 -7.92 36.04 36.04
N ALA L 291 -8.72 35.22 36.76
CA ALA L 291 -8.50 35.05 38.19
C ALA L 291 -7.14 34.40 38.46
N ASN L 292 -6.79 33.36 37.70
CA ASN L 292 -5.49 32.71 37.88
C ASN L 292 -4.35 33.59 37.40
N ALA L 293 -4.59 34.45 36.41
CA ALA L 293 -3.54 35.34 35.93
C ALA L 293 -3.10 36.31 37.02
N LEU L 294 -4.05 36.86 37.77
CA LEU L 294 -3.73 37.82 38.83
C LEU L 294 -3.15 37.16 40.07
N HIS L 295 -3.16 35.83 40.13
CA HIS L 295 -2.59 35.13 41.29
C HIS L 295 -1.10 35.39 41.42
N ARG L 296 -0.37 35.35 40.30
CA ARG L 296 1.08 35.53 40.31
C ARG L 296 1.50 36.92 40.81
N PRO L 297 0.93 38.02 40.31
CA PRO L 297 1.30 39.33 40.86
C PRO L 297 0.96 39.49 42.34
N LYS L 298 -0.11 38.86 42.83
CA LYS L 298 -0.44 38.95 44.24
C LYS L 298 0.65 38.35 45.11
N ARG L 299 1.22 37.21 44.70
CA ARG L 299 2.35 36.64 45.43
C ARG L 299 3.55 37.58 45.41
N PHE L 300 3.85 38.18 44.27
CA PHE L 300 4.99 39.08 44.18
C PHE L 300 4.78 40.34 45.01
N PHE L 301 3.59 40.94 44.93
CA PHE L 301 3.33 42.16 45.70
C PHE L 301 3.15 41.85 47.18
N GLY L 302 2.66 40.67 47.51
CA GLY L 302 2.48 40.27 48.89
C GLY L 302 3.71 39.76 49.58
N ALA L 303 4.83 39.64 48.87
CA ALA L 303 6.07 39.15 49.45
C ALA L 303 6.85 40.23 50.20
N ALA L 304 6.43 41.48 50.11
CA ALA L 304 7.11 42.55 50.84
C ALA L 304 6.87 42.38 52.34
N ARG L 305 7.93 42.14 53.09
CA ARG L 305 7.81 41.85 54.50
C ARG L 305 9.11 42.20 55.21
N ASN L 306 9.01 42.36 56.52
CA ASN L 306 10.17 42.57 57.39
C ASN L 306 10.46 41.28 58.14
N VAL L 307 11.69 40.82 58.06
CA VAL L 307 12.09 39.53 58.63
C VAL L 307 12.58 39.75 60.06
N GLU L 308 11.96 39.07 61.01
CA GLU L 308 12.39 39.15 62.40
C GLU L 308 13.79 38.58 62.58
N GLU L 309 14.12 37.50 61.87
CA GLU L 309 15.45 36.91 61.97
C GLU L 309 16.52 37.89 61.50
N GLY L 310 16.26 38.60 60.41
CA GLY L 310 17.21 39.56 59.89
C GLY L 310 16.92 39.96 58.45
N GLY L 311 17.16 41.24 58.14
CA GLY L 311 16.90 41.75 56.81
C GLY L 311 15.44 42.13 56.62
N SER L 312 15.17 42.77 55.47
CA SER L 312 13.83 43.20 55.15
C SER L 312 13.67 43.23 53.64
N LEU L 313 12.41 43.19 53.20
CA LEU L 313 12.06 43.24 51.79
C LEU L 313 10.98 44.30 51.60
N THR L 314 11.37 45.45 51.06
CA THR L 314 10.47 46.57 50.84
C THR L 314 10.15 46.68 49.36
N ILE L 315 8.86 46.67 49.02
CA ILE L 315 8.40 46.76 47.63
C ILE L 315 7.44 47.93 47.54
N ILE L 316 7.73 48.87 46.64
CA ILE L 316 6.85 50.00 46.35
C ILE L 316 6.47 49.90 44.88
N ALA L 317 5.16 49.82 44.62
CA ALA L 317 4.64 49.66 43.27
C ALA L 317 3.74 50.84 42.92
N THR L 318 3.62 51.09 41.62
CA THR L 318 2.80 52.18 41.10
C THR L 318 1.54 51.62 40.46
N ALA L 319 0.40 52.22 40.77
CA ALA L 319 -0.89 51.83 40.22
C ALA L 319 -1.37 52.90 39.24
N LEU L 320 -1.87 52.46 38.09
CA LEU L 320 -2.35 53.34 37.05
C LEU L 320 -3.87 53.33 37.05
N ILE L 321 -4.47 54.52 37.10
CA ILE L 321 -5.92 54.68 37.11
C ILE L 321 -6.30 55.75 36.10
N ASP L 322 -7.58 55.73 35.69
CA ASP L 322 -8.13 56.68 34.73
C ASP L 322 -7.35 56.66 33.43
N THR L 323 -6.93 55.46 33.00
CA THR L 323 -6.23 55.30 31.73
C THR L 323 -7.17 55.09 30.55
N GLY L 324 -8.47 54.94 30.80
CA GLY L 324 -9.43 54.70 29.75
C GLY L 324 -9.53 53.26 29.28
N SER L 325 -8.76 52.35 29.87
CA SER L 325 -8.78 50.94 29.51
C SER L 325 -9.46 50.14 30.61
N LYS L 326 -10.46 49.34 30.24
CA LYS L 326 -11.17 48.52 31.21
C LYS L 326 -10.26 47.47 31.84
N MET L 327 -9.22 47.03 31.13
CA MET L 327 -8.27 46.09 31.70
C MET L 327 -7.53 46.70 32.89
N ASP L 328 -7.16 47.98 32.78
CA ASP L 328 -6.38 48.63 33.84
C ASP L 328 -7.23 48.93 35.07
N GLU L 329 -8.50 49.29 34.89
CA GLU L 329 -9.33 49.70 36.03
C GLU L 329 -9.53 48.55 37.01
N VAL L 330 -9.78 47.34 36.52
CA VAL L 330 -10.02 46.20 37.40
C VAL L 330 -8.79 45.75 38.16
N ILE L 331 -7.59 46.06 37.65
CA ILE L 331 -6.37 45.70 38.36
C ILE L 331 -6.28 46.44 39.69
N TYR L 332 -6.60 47.73 39.69
CA TYR L 332 -6.55 48.52 40.93
C TYR L 332 -7.55 48.01 41.95
N GLU L 333 -8.75 47.62 41.53
CA GLU L 333 -9.74 47.11 42.46
C GLU L 333 -9.27 45.82 43.13
N GLU L 334 -8.64 44.92 42.37
CA GLU L 334 -8.14 43.68 42.95
C GLU L 334 -7.01 43.94 43.94
N PHE L 335 -6.14 44.91 43.66
CA PHE L 335 -4.99 45.21 44.50
C PHE L 335 -5.23 46.40 45.42
N LYS L 336 -6.48 46.86 45.53
CA LYS L 336 -6.76 48.00 46.39
C LYS L 336 -6.48 47.69 47.85
N GLY L 337 -6.87 46.50 48.31
CA GLY L 337 -6.66 46.09 49.68
C GLY L 337 -5.39 45.33 49.95
N THR L 338 -4.60 45.01 48.92
CA THR L 338 -3.38 44.25 49.13
C THR L 338 -2.30 45.11 49.79
N GLY L 339 -2.13 46.34 49.34
CA GLY L 339 -1.10 47.20 49.89
C GLY L 339 -1.48 47.73 51.27
N ASN L 340 -0.48 47.82 52.14
CA ASN L 340 -0.70 48.32 53.49
C ASN L 340 -0.85 49.84 53.51
N MET L 341 -0.10 50.55 52.69
CA MET L 341 -0.13 52.01 52.66
C MET L 341 -0.60 52.47 51.29
N GLU L 342 -1.54 53.42 51.28
CA GLU L 342 -2.14 53.94 50.05
C GLU L 342 -1.74 55.39 49.86
N LEU L 343 -1.22 55.70 48.67
CA LEU L 343 -0.84 57.05 48.29
C LEU L 343 -1.56 57.41 47.01
N HIS L 344 -2.20 58.58 46.98
CA HIS L 344 -3.04 58.99 45.87
C HIS L 344 -2.49 60.26 45.23
N LEU L 345 -2.58 60.33 43.90
CA LEU L 345 -2.16 61.49 43.14
C LEU L 345 -3.36 62.12 42.46
N SER L 346 -3.37 63.44 42.41
CA SER L 346 -4.48 64.20 41.83
C SER L 346 -4.04 64.86 40.54
N ARG L 347 -4.78 64.60 39.46
CA ARG L 347 -4.46 65.21 38.16
C ARG L 347 -4.66 66.72 38.20
N LYS L 348 -5.71 67.18 38.87
CA LYS L 348 -6.02 68.61 38.89
C LYS L 348 -4.91 69.44 39.54
N ILE L 349 -4.21 68.90 40.53
CA ILE L 349 -3.07 69.60 41.09
C ILE L 349 -1.98 69.77 40.03
N ALA L 350 -1.72 68.72 39.25
CA ALA L 350 -0.78 68.83 38.14
C ALA L 350 -1.31 69.70 37.02
N GLU L 351 -2.64 69.83 36.90
CA GLU L 351 -3.21 70.73 35.90
C GLU L 351 -2.81 72.18 36.16
N LYS L 352 -2.84 72.59 37.43
CA LYS L 352 -2.40 73.93 37.82
C LYS L 352 -0.89 74.06 37.90
N ARG L 353 -0.14 73.08 37.38
CA ARG L 353 1.31 73.09 37.40
C ARG L 353 1.86 73.23 38.82
N VAL L 354 1.29 72.46 39.74
CA VAL L 354 1.70 72.44 41.13
C VAL L 354 2.26 71.06 41.45
N PHE L 355 3.49 71.02 41.96
CA PHE L 355 4.15 69.76 42.25
C PHE L 355 4.61 69.72 43.70
N PRO L 356 4.54 68.55 44.35
CA PRO L 356 4.02 67.27 43.85
C PRO L 356 2.49 67.23 43.82
N ALA L 357 1.91 66.53 42.85
CA ALA L 357 0.45 66.43 42.74
C ALA L 357 0.00 65.18 43.50
N ILE L 358 -0.09 65.33 44.81
CA ILE L 358 -0.43 64.23 45.72
C ILE L 358 -1.74 64.58 46.42
N ASP L 359 -2.68 63.64 46.40
CA ASP L 359 -3.95 63.81 47.12
C ASP L 359 -3.70 63.48 48.59
N TYR L 360 -3.44 64.52 49.39
CA TYR L 360 -3.16 64.32 50.80
C TYR L 360 -4.39 63.82 51.55
N ASN L 361 -5.58 64.28 51.17
CA ASN L 361 -6.79 63.82 51.84
C ASN L 361 -7.00 62.33 51.65
N ARG L 362 -6.79 61.83 50.43
CA ARG L 362 -6.95 60.40 50.16
C ARG L 362 -5.74 59.58 50.57
N SER L 363 -4.62 60.22 50.89
CA SER L 363 -3.45 59.48 51.33
C SER L 363 -3.68 58.91 52.72
N GLY L 364 -3.39 57.62 52.90
CA GLY L 364 -3.60 56.97 54.17
C GLY L 364 -2.50 55.96 54.44
N THR L 365 -2.21 55.77 55.71
CA THR L 365 -1.19 54.82 56.16
C THR L 365 -1.74 54.00 57.31
N ARG L 366 -1.17 52.81 57.48
CA ARG L 366 -1.60 51.87 58.52
C ARG L 366 -0.40 51.46 59.36
N LYS L 367 -0.63 51.29 60.66
CA LYS L 367 0.41 50.90 61.62
C LYS L 367 1.56 51.91 61.61
N GLU L 368 1.22 53.20 61.49
CA GLU L 368 2.24 54.24 61.48
C GLU L 368 2.90 54.43 62.84
N GLU L 369 2.26 53.95 63.91
CA GLU L 369 2.83 54.11 65.25
C GLU L 369 4.11 53.33 65.43
N LEU L 370 4.33 52.27 64.64
CA LEU L 370 5.57 51.51 64.73
C LEU L 370 6.74 52.29 64.16
N LEU L 371 6.57 52.92 62.99
CA LEU L 371 7.65 53.68 62.39
C LEU L 371 7.86 55.02 63.12
N THR L 372 6.79 55.70 63.47
CA THR L 372 6.87 57.03 64.04
C THR L 372 6.89 56.97 65.57
N THR L 373 7.35 58.06 66.17
CA THR L 373 7.35 58.20 67.61
C THR L 373 5.98 58.67 68.10
N GLN L 374 5.78 58.63 69.42
CA GLN L 374 4.52 59.07 69.99
C GLN L 374 4.29 60.56 69.77
N GLU L 375 5.33 61.38 69.97
CA GLU L 375 5.19 62.81 69.79
C GLU L 375 4.91 63.17 68.33
N GLU L 376 5.59 62.51 67.40
CA GLU L 376 5.36 62.78 65.98
C GLU L 376 3.98 62.30 65.54
N LEU L 377 3.51 61.19 66.09
CA LEU L 377 2.17 60.70 65.76
C LEU L 377 1.11 61.70 66.20
N GLN L 378 1.27 62.30 67.38
CA GLN L 378 0.33 63.30 67.84
C GLN L 378 0.38 64.56 66.98
N LYS L 379 1.58 64.99 66.59
CA LYS L 379 1.72 66.20 65.79
C LYS L 379 1.07 66.05 64.42
N MET L 380 1.28 64.90 63.78
CA MET L 380 0.67 64.66 62.47
C MET L 380 -0.82 64.44 62.56
N TRP L 381 -1.34 64.01 63.71
CA TRP L 381 -2.78 63.89 63.88
C TRP L 381 -3.46 65.25 63.88
N ILE L 382 -2.80 66.27 64.45
CA ILE L 382 -3.35 67.62 64.41
C ILE L 382 -3.42 68.11 62.96
N LEU L 383 -2.39 67.86 62.17
CA LEU L 383 -2.37 68.29 60.78
C LEU L 383 -3.46 67.59 59.97
N ARG L 384 -3.70 66.30 60.24
CA ARG L 384 -4.72 65.56 59.49
C ARG L 384 -6.10 66.17 59.66
N LYS L 385 -6.42 66.67 60.85
CA LYS L 385 -7.70 67.34 61.07
C LYS L 385 -7.73 68.75 60.49
N ILE L 386 -6.57 69.32 60.16
CA ILE L 386 -6.52 70.65 59.57
C ILE L 386 -6.83 70.59 58.08
N ILE L 387 -6.23 69.62 57.37
CA ILE L 387 -6.43 69.51 55.93
C ILE L 387 -7.75 68.83 55.61
N HIS L 388 -8.35 68.13 56.57
CA HIS L 388 -9.58 67.37 56.29
C HIS L 388 -10.75 68.23 55.81
N PRO L 389 -11.10 69.38 56.42
CA PRO L 389 -12.31 70.10 55.99
C PRO L 389 -12.26 70.60 54.56
N MET L 390 -11.22 71.34 54.20
CA MET L 390 -11.15 71.94 52.88
C MET L 390 -10.74 70.90 51.83
N GLY L 391 -10.79 71.33 50.56
CA GLY L 391 -10.49 70.44 49.46
C GLY L 391 -9.01 70.20 49.28
N GLU L 392 -8.70 69.40 48.26
CA GLU L 392 -7.32 68.99 47.99
C GLU L 392 -6.59 69.96 47.07
N ILE L 393 -7.30 70.61 46.15
CA ILE L 393 -6.65 71.52 45.21
C ILE L 393 -5.99 72.69 45.94
N ASP L 394 -6.71 73.30 46.88
CA ASP L 394 -6.16 74.38 47.67
C ASP L 394 -5.27 73.89 48.81
N ALA L 395 -5.33 72.60 49.15
CA ALA L 395 -4.49 72.08 50.22
C ALA L 395 -3.03 72.03 49.82
N MET L 396 -2.74 71.59 48.59
CA MET L 396 -1.36 71.53 48.14
C MET L 396 -0.74 72.91 48.01
N GLU L 397 -1.52 73.89 47.53
CA GLU L 397 -1.00 75.26 47.44
C GLU L 397 -0.66 75.83 48.80
N PHE L 398 -1.51 75.59 49.80
CA PHE L 398 -1.22 76.06 51.15
C PHE L 398 -0.04 75.30 51.77
N LEU L 399 0.07 74.01 51.50
CA LEU L 399 1.16 73.24 52.07
C LEU L 399 2.51 73.61 51.48
N ILE L 400 2.55 73.98 50.20
CA ILE L 400 3.82 74.28 49.54
C ILE L 400 4.44 75.54 50.13
N ASN L 401 3.65 76.61 50.26
CA ASN L 401 4.19 77.86 50.80
C ASN L 401 4.52 77.72 52.29
N LYS L 402 3.71 76.96 53.03
CA LYS L 402 4.01 76.74 54.45
C LYS L 402 5.31 75.98 54.64
N LEU L 403 5.55 74.96 53.80
CA LEU L 403 6.75 74.13 53.93
C LEU L 403 7.97 74.78 53.30
N ALA L 404 7.80 75.84 52.50
CA ALA L 404 8.95 76.47 51.85
C ALA L 404 9.88 77.12 52.88
N CYS L 405 9.32 77.81 53.86
CA CYS L 405 10.16 78.49 54.85
C CYS L 405 10.84 77.50 55.77
N THR L 406 10.13 76.46 56.21
CA THR L 406 10.67 75.49 57.15
C THR L 406 11.59 74.53 56.41
N LYS L 407 12.85 74.46 56.86
CA LYS L 407 13.82 73.57 56.23
C LYS L 407 13.61 72.12 56.61
N THR L 408 13.15 71.85 57.82
CA THR L 408 12.96 70.49 58.31
C THR L 408 11.52 70.31 58.77
N ASN L 409 11.13 69.04 58.91
CA ASN L 409 9.75 68.70 59.26
C ASN L 409 9.38 69.21 60.65
N ASP L 410 10.28 69.09 61.63
CA ASP L 410 9.97 69.53 62.99
C ASP L 410 9.78 71.04 63.06
N ASP L 411 10.46 71.79 62.18
CA ASP L 411 10.24 73.23 62.14
C ASP L 411 8.81 73.58 61.74
N PHE L 412 8.25 72.84 60.79
CA PHE L 412 6.85 73.04 60.42
C PHE L 412 5.93 72.74 61.59
N PHE L 413 6.22 71.68 62.36
CA PHE L 413 5.40 71.33 63.51
C PHE L 413 5.42 72.41 64.58
N GLU L 414 6.54 73.13 64.73
CA GLU L 414 6.61 74.20 65.72
C GLU L 414 5.63 75.33 65.39
N MET L 415 5.55 75.70 64.11
CA MET L 415 4.64 76.78 63.71
C MET L 415 3.19 76.32 63.71
N MET L 416 2.93 75.08 63.30
CA MET L 416 1.56 74.57 63.31
C MET L 416 1.01 74.47 64.73
N LYS L 417 1.84 74.01 65.66
CA LYS L 417 1.40 73.89 67.05
C LYS L 417 1.08 75.25 67.65
N ARG L 418 1.91 76.25 67.37
CA ARG L 418 1.68 77.60 67.89
C ARG L 418 1.13 78.52 66.81
OAA ME7 M . 32.07 33.23 -8.63
OAB ME7 M . 33.62 33.83 -4.39
OAC ME7 M . 28.19 32.62 -5.76
OAD ME7 M . 30.66 29.49 -3.63
CAE ME7 M . 34.31 33.66 -7.78
CAF ME7 M . 34.76 33.83 -6.54
CAG ME7 M . 27.85 31.50 -3.63
CAH ME7 M . 28.52 30.53 -3.05
CAI ME7 M . 31.18 33.13 -5.84
CAJ ME7 M . 30.99 31.66 -5.57
CAK ME7 M . 32.84 33.41 -7.71
CAL ME7 M . 33.62 33.71 -5.59
CAM ME7 M . 28.57 31.92 -4.86
CAN ME7 M . 29.79 30.32 -3.80
NAO ME7 M . 32.50 33.41 -6.37
NAP ME7 M . 29.82 31.31 -4.78
MG MG N . 37.02 -23.72 -38.04
OAA ME7 O . -1.03 24.28 -36.44
OAB ME7 O . 1.84 21.05 -35.07
OAC ME7 O . -0.14 26.22 -33.35
OAD ME7 O . 2.87 23.83 -30.91
CAE ME7 O . 0.13 22.55 -37.68
CAF ME7 O . 0.97 21.60 -37.27
CAG ME7 O . 0.76 26.55 -31.12
CAH ME7 O . 1.64 25.85 -30.41
CAI ME7 O . 0.24 23.28 -34.04
CAJ ME7 O . 1.56 23.80 -33.49
CAK ME7 O . -0.28 23.34 -36.48
CAL ME7 O . 1.16 21.73 -35.79
CAM ME7 O . 0.57 25.87 -32.44
CAN ME7 O . 2.08 24.69 -31.22
NAO ME7 O . 0.38 22.80 -35.40
NAP ME7 O . 1.42 24.77 -32.42
MG MG P . 9.95 -38.54 -46.35
OAA ME7 Q . -31.13 -2.55 -31.11
OAB ME7 Q . -32.66 -6.69 -30.01
OAC ME7 Q . -30.35 -2.22 -26.82
OAD ME7 Q . -27.62 -3.73 -30.12
CAE ME7 Q . -32.13 -4.30 -32.46
CAF ME7 Q . -32.59 -5.51 -32.14
CAG ME7 Q . -28.43 -1.22 -27.91
CAH ME7 Q . -27.64 -1.66 -28.87
CAI ME7 Q . -31.43 -4.33 -28.82
CAJ ME7 Q . -29.94 -4.55 -28.58
CAK ME7 Q . -31.61 -3.65 -31.22
CAL ME7 Q . -32.38 -5.72 -30.68
CAM ME7 Q . -29.46 -2.26 -27.63
CAN ME7 Q . -28.09 -3.01 -29.28
NAO ME7 Q . -31.79 -4.56 -30.20
NAP ME7 Q . -29.19 -3.31 -28.50
OAA ME7 R . -31.35 -30.67 2.92
OAB ME7 R . -32.87 -30.45 -1.34
OAC ME7 R . -37.02 -33.23 1.45
OAD ME7 R . -33.35 -32.56 4.04
CAE ME7 R . -30.93 -29.06 1.15
CAF ME7 R . -31.38 -28.99 -0.10
CAG ME7 R . -36.42 -34.07 3.64
CAH ME7 R . -35.35 -33.88 4.39
CAI ME7 R . -33.06 -32.10 1.05
CAJ ME7 R . -34.52 -31.80 1.41
CAK ME7 R . -31.52 -30.28 1.79
CAL ME7 R . -32.28 -30.16 -0.33
CAM ME7 R . -36.26 -33.30 2.37
CAN ME7 R . -34.42 -32.97 3.66
NAO ME7 R . -32.31 -30.88 0.84
NAP ME7 R . -35.04 -32.67 2.45
MG MG S . -42.59 25.27 15.22
MG MG T . -29.56 55.34 0.74
OAA ME7 U . 28.12 14.46 35.60
OAB ME7 U . 29.79 17.32 38.71
OAC ME7 U . 28.51 15.40 32.81
OAD ME7 U . 30.33 19.50 33.49
CAE ME7 U . 27.94 14.49 38.02
CAF ME7 U . 28.44 15.33 38.93
CAG ME7 U . 29.83 16.82 31.36
CAH ME7 U . 30.37 18.02 31.56
CAI ME7 U . 29.74 16.90 35.84
CAJ ME7 U . 28.73 17.47 34.85
CAK ME7 U . 28.36 14.96 36.67
CAL ME7 U . 29.21 16.39 38.22
CAM ME7 U . 29.11 16.42 32.60
CAN ME7 U . 30.02 18.47 32.95
NAO ME7 U . 29.12 16.10 36.87
NAP ME7 U . 29.27 17.46 33.50
#